data_2L31
#
_entry.id   2L31
#
_cell.length_a   1.000
_cell.length_b   1.000
_cell.length_c   1.000
_cell.angle_alpha   90.00
_cell.angle_beta   90.00
_cell.angle_gamma   90.00
#
_symmetry.space_group_name_H-M   'P 1'
#
loop_
_entity.id
_entity.type
_entity.pdbx_description
1 polymer 'Poly [ADP-ribose] polymerase 1'
2 non-polymer 'ZINC ION'
#
_entity_poly.entity_id   1
_entity_poly.type   'polypeptide(L)'
_entity_poly.pdbx_seq_one_letter_code
;GSKAEKTLGDFAAEYAKSNRSTCKGCMEKIEKGQVRLSKKMVDPEKPQLGMIDRWYHPGCFVKNREELGFRPEYSASQLK
GFSLLATEDKEALKKQLPGVKSEGKRKGDEVD
;
_entity_poly.pdbx_strand_id   A
#
# COMPACT_ATOMS: atom_id res chain seq x y z
N GLY A 1 -24.09 -5.68 -3.51
CA GLY A 1 -23.05 -6.35 -2.70
C GLY A 1 -22.53 -5.44 -1.60
N SER A 2 -22.08 -6.04 -0.48
CA SER A 2 -21.55 -5.32 0.70
C SER A 2 -20.21 -4.62 0.43
N LYS A 3 -19.97 -3.50 1.12
CA LYS A 3 -18.71 -2.74 1.06
C LYS A 3 -17.57 -3.45 1.81
N ALA A 4 -16.33 -3.25 1.35
CA ALA A 4 -15.12 -3.81 1.96
C ALA A 4 -14.67 -3.01 3.20
N GLU A 5 -14.03 -3.70 4.16
CA GLU A 5 -13.46 -3.10 5.39
C GLU A 5 -11.92 -3.23 5.47
N LYS A 6 -11.31 -4.16 4.73
CA LYS A 6 -9.85 -4.40 4.72
C LYS A 6 -9.10 -3.46 3.76
N THR A 7 -9.78 -2.94 2.73
CA THR A 7 -9.22 -2.02 1.74
C THR A 7 -10.15 -0.83 1.48
N LEU A 8 -9.60 0.36 1.18
CA LEU A 8 -10.39 1.48 0.64
C LEU A 8 -10.86 1.29 -0.83
N GLY A 9 -10.34 0.28 -1.54
CA GLY A 9 -10.67 -0.03 -2.94
C GLY A 9 -9.86 0.75 -3.98
N ASP A 10 -8.55 0.95 -3.76
CA ASP A 10 -7.70 1.79 -4.61
C ASP A 10 -6.21 1.37 -4.63
N PHE A 11 -5.69 0.72 -3.58
CA PHE A 11 -4.30 0.25 -3.52
C PHE A 11 -4.14 -1.11 -2.81
N ALA A 12 -3.09 -1.85 -3.16
CA ALA A 12 -2.87 -3.26 -2.82
C ALA A 12 -1.45 -3.55 -2.31
N ALA A 13 -1.29 -4.65 -1.56
CA ALA A 13 -0.03 -5.15 -1.02
C ALA A 13 0.09 -6.68 -1.13
N GLU A 14 1.27 -7.18 -1.51
CA GLU A 14 1.58 -8.62 -1.59
C GLU A 14 3.08 -8.87 -1.51
N TYR A 15 3.51 -10.12 -1.34
CA TYR A 15 4.88 -10.51 -1.70
C TYR A 15 5.06 -10.52 -3.22
N ALA A 16 6.21 -10.06 -3.69
CA ALA A 16 6.62 -10.10 -5.08
C ALA A 16 6.82 -11.55 -5.55
N LYS A 17 5.82 -12.10 -6.24
CA LYS A 17 5.86 -13.44 -6.87
C LYS A 17 6.86 -13.51 -8.04
N SER A 18 7.23 -12.36 -8.58
CA SER A 18 8.08 -12.19 -9.77
C SER A 18 8.96 -10.93 -9.69
N ASN A 19 10.06 -10.90 -10.45
CA ASN A 19 10.87 -9.70 -10.71
C ASN A 19 10.33 -8.88 -11.92
N ARG A 20 9.13 -9.24 -12.43
CA ARG A 20 8.46 -8.58 -13.57
C ARG A 20 7.77 -7.27 -13.19
N SER A 21 7.46 -7.08 -11.91
CA SER A 21 7.05 -5.78 -11.35
C SER A 21 8.24 -4.82 -11.26
N THR A 22 8.01 -3.55 -11.58
CA THR A 22 9.00 -2.47 -11.50
C THR A 22 8.41 -1.29 -10.76
N CYS A 23 9.18 -0.68 -9.86
CA CYS A 23 8.75 0.43 -9.05
C CYS A 23 8.69 1.70 -9.88
N LYS A 24 7.49 2.25 -10.06
CA LYS A 24 7.27 3.57 -10.67
C LYS A 24 7.67 4.72 -9.74
N GLY A 25 7.92 4.43 -8.47
CA GLY A 25 8.38 5.41 -7.45
C GLY A 25 9.85 5.81 -7.58
N CYS A 26 10.70 4.95 -8.15
CA CYS A 26 12.12 5.26 -8.42
C CYS A 26 12.69 4.72 -9.75
N MET A 27 11.91 3.99 -10.54
CA MET A 27 12.29 3.33 -11.80
C MET A 27 13.44 2.32 -11.63
N GLU A 28 13.27 1.39 -10.68
CA GLU A 28 14.11 0.19 -10.52
C GLU A 28 13.21 -1.05 -10.34
N LYS A 29 13.69 -2.23 -10.74
CA LYS A 29 12.86 -3.44 -10.68
C LYS A 29 12.66 -3.88 -9.23
N ILE A 30 11.46 -4.37 -8.93
CA ILE A 30 11.09 -4.87 -7.61
C ILE A 30 11.61 -6.30 -7.44
N GLU A 31 12.26 -6.57 -6.29
CA GLU A 31 12.88 -7.86 -6.00
C GLU A 31 11.84 -8.93 -5.65
N LYS A 32 12.03 -10.13 -6.18
CA LYS A 32 11.20 -11.31 -5.86
C LYS A 32 11.38 -11.72 -4.39
N GLY A 33 10.29 -12.20 -3.78
CA GLY A 33 10.27 -12.76 -2.41
C GLY A 33 10.25 -11.74 -1.27
N GLN A 34 10.08 -10.44 -1.57
CA GLN A 34 9.86 -9.37 -0.59
C GLN A 34 8.61 -8.54 -0.96
N VAL A 35 8.13 -7.64 -0.09
CA VAL A 35 6.85 -6.93 -0.29
C VAL A 35 6.86 -5.99 -1.50
N ARG A 36 5.75 -5.97 -2.25
CA ARG A 36 5.43 -4.98 -3.30
C ARG A 36 4.03 -4.41 -3.13
N LEU A 37 3.89 -3.10 -3.33
CA LEU A 37 2.61 -2.37 -3.25
C LEU A 37 2.23 -1.82 -4.63
N SER A 38 0.93 -1.58 -4.86
CA SER A 38 0.45 -0.89 -6.06
C SER A 38 -0.76 0.01 -5.80
N LYS A 39 -0.98 1.00 -6.66
CA LYS A 39 -2.22 1.80 -6.74
C LYS A 39 -2.91 1.58 -8.08
N LYS A 40 -4.25 1.56 -8.10
CA LYS A 40 -5.06 1.64 -9.32
C LYS A 40 -5.22 3.10 -9.72
N MET A 41 -4.73 3.46 -10.90
CA MET A 41 -4.93 4.78 -11.52
C MET A 41 -4.54 4.76 -13.00
N VAL A 42 -5.13 5.63 -13.83
CA VAL A 42 -4.64 5.86 -15.20
C VAL A 42 -3.20 6.37 -15.17
N ASP A 43 -2.33 5.75 -15.96
CA ASP A 43 -0.91 6.09 -16.02
C ASP A 43 -0.72 7.50 -16.64
N PRO A 44 -0.15 8.47 -15.92
CA PRO A 44 -0.05 9.86 -16.41
C PRO A 44 1.01 10.04 -17.53
N GLU A 45 1.90 9.07 -17.72
CA GLU A 45 2.94 9.07 -18.76
C GLU A 45 2.47 8.32 -20.02
N LYS A 46 1.41 7.49 -19.91
CA LYS A 46 0.71 6.81 -21.01
C LYS A 46 -0.78 6.60 -20.71
N PRO A 47 -1.63 7.66 -20.73
CA PRO A 47 -3.04 7.54 -20.36
C PRO A 47 -3.85 6.61 -21.29
N GLN A 48 -3.34 6.35 -22.51
CA GLN A 48 -3.98 5.53 -23.54
C GLN A 48 -4.22 4.06 -23.10
N LEU A 49 -3.42 3.50 -22.18
CA LEU A 49 -3.65 2.15 -21.63
C LEU A 49 -4.63 2.10 -20.44
N GLY A 50 -5.07 3.26 -19.93
CA GLY A 50 -6.09 3.37 -18.89
C GLY A 50 -5.57 3.05 -17.48
N MET A 51 -6.50 2.78 -16.57
CA MET A 51 -6.22 2.49 -15.17
C MET A 51 -5.40 1.20 -15.01
N ILE A 52 -4.23 1.32 -14.39
CA ILE A 52 -3.31 0.21 -14.15
C ILE A 52 -3.04 0.03 -12.67
N ASP A 53 -2.63 -1.19 -12.29
CA ASP A 53 -2.12 -1.50 -10.97
C ASP A 53 -0.61 -1.15 -10.93
N ARG A 54 -0.29 0.13 -10.75
CA ARG A 54 1.07 0.68 -10.87
C ARG A 54 1.90 0.31 -9.64
N TRP A 55 3.00 -0.40 -9.80
CA TRP A 55 3.79 -0.98 -8.69
C TRP A 55 4.84 0.00 -8.13
N TYR A 56 5.17 -0.19 -6.84
CA TYR A 56 6.07 0.61 -5.99
C TYR A 56 6.75 -0.26 -4.92
N HIS A 57 7.96 0.14 -4.48
CA HIS A 57 8.65 -0.46 -3.31
C HIS A 57 7.99 -0.07 -1.97
N PRO A 58 8.22 -0.81 -0.86
CA PRO A 58 7.81 -0.44 0.50
C PRO A 58 8.30 0.92 1.01
N GLY A 59 9.47 1.39 0.57
CA GLY A 59 9.95 2.74 0.87
C GLY A 59 9.32 3.80 -0.05
N CYS A 60 9.27 3.52 -1.36
CA CYS A 60 8.88 4.47 -2.38
C CYS A 60 7.39 4.81 -2.36
N PHE A 61 6.51 3.83 -2.13
CA PHE A 61 5.08 4.10 -2.06
C PHE A 61 4.75 5.09 -0.93
N VAL A 62 5.46 5.04 0.20
CA VAL A 62 5.41 6.06 1.27
C VAL A 62 5.99 7.41 0.81
N LYS A 63 7.09 7.42 0.05
CA LYS A 63 7.73 8.63 -0.49
C LYS A 63 6.81 9.44 -1.41
N ASN A 64 5.99 8.77 -2.23
CA ASN A 64 5.00 9.37 -3.13
C ASN A 64 3.55 9.21 -2.63
N ARG A 65 3.31 8.84 -1.36
CA ARG A 65 1.96 8.67 -0.79
C ARG A 65 1.02 9.85 -1.05
N GLU A 66 1.58 11.06 -1.03
CA GLU A 66 0.86 12.32 -1.23
C GLU A 66 0.58 12.62 -2.72
N GLU A 67 1.40 12.07 -3.63
CA GLU A 67 1.12 12.01 -5.07
C GLU A 67 0.09 10.91 -5.39
N LEU A 68 0.19 9.75 -4.72
CA LEU A 68 -0.76 8.64 -4.80
C LEU A 68 -2.12 8.95 -4.13
N GLY A 69 -2.19 9.94 -3.22
CA GLY A 69 -3.44 10.44 -2.64
C GLY A 69 -3.86 9.81 -1.31
N PHE A 70 -2.92 9.21 -0.58
CA PHE A 70 -3.13 8.70 0.79
C PHE A 70 -3.54 9.81 1.78
N ARG A 71 -4.43 9.46 2.71
CA ARG A 71 -4.80 10.24 3.92
C ARG A 71 -4.73 9.34 5.17
N PRO A 72 -4.50 9.90 6.37
CA PRO A 72 -4.36 9.12 7.61
C PRO A 72 -5.54 8.21 7.95
N GLU A 73 -6.75 8.55 7.51
CA GLU A 73 -7.96 7.73 7.70
C GLU A 73 -7.92 6.38 6.96
N TYR A 74 -7.05 6.23 5.95
CA TYR A 74 -6.90 5.01 5.14
C TYR A 74 -5.45 4.79 4.64
N SER A 75 -4.51 4.69 5.57
CA SER A 75 -3.09 4.38 5.34
C SER A 75 -2.83 2.91 5.00
N ALA A 76 -1.63 2.38 5.25
CA ALA A 76 -1.24 1.01 4.87
C ALA A 76 -2.18 -0.11 5.37
N SER A 77 -2.93 0.12 6.45
CA SER A 77 -3.97 -0.78 6.98
C SER A 77 -5.23 -0.87 6.10
N GLN A 78 -5.28 -0.15 4.97
CA GLN A 78 -6.31 -0.19 3.94
C GLN A 78 -5.76 -0.60 2.55
N LEU A 79 -4.61 -1.27 2.49
CA LEU A 79 -4.11 -1.98 1.30
C LEU A 79 -4.71 -3.40 1.20
N LYS A 80 -5.08 -3.85 -0.01
CA LYS A 80 -5.54 -5.23 -0.27
C LYS A 80 -4.51 -6.23 0.23
N GLY A 81 -4.96 -7.32 0.86
CA GLY A 81 -4.12 -8.45 1.26
C GLY A 81 -3.04 -8.15 2.31
N PHE A 82 -3.03 -6.95 2.92
CA PHE A 82 -2.02 -6.52 3.90
C PHE A 82 -1.95 -7.50 5.08
N SER A 83 -3.10 -8.04 5.50
CA SER A 83 -3.21 -8.96 6.63
C SER A 83 -2.53 -10.31 6.43
N LEU A 84 -2.28 -10.72 5.17
CA LEU A 84 -1.63 -11.98 4.80
C LEU A 84 -0.09 -11.89 4.77
N LEU A 85 0.49 -10.68 4.86
CA LEU A 85 1.94 -10.50 5.02
C LEU A 85 2.42 -11.01 6.40
N ALA A 86 3.73 -11.17 6.57
CA ALA A 86 4.36 -11.46 7.86
C ALA A 86 4.16 -10.30 8.85
N THR A 87 4.08 -10.59 10.14
CA THR A 87 3.86 -9.61 11.21
C THR A 87 4.91 -8.49 11.18
N GLU A 88 6.17 -8.82 10.93
CA GLU A 88 7.25 -7.82 10.84
C GLU A 88 7.09 -6.86 9.65
N ASP A 89 6.50 -7.30 8.53
CA ASP A 89 6.19 -6.44 7.39
C ASP A 89 4.92 -5.61 7.63
N LYS A 90 3.89 -6.20 8.25
CA LYS A 90 2.65 -5.50 8.65
C LYS A 90 2.94 -4.37 9.63
N GLU A 91 3.84 -4.59 10.59
CA GLU A 91 4.34 -3.55 11.48
C GLU A 91 5.17 -2.52 10.71
N ALA A 92 6.12 -2.92 9.88
CA ALA A 92 7.00 -1.99 9.15
C ALA A 92 6.27 -1.07 8.15
N LEU A 93 5.19 -1.55 7.50
CA LEU A 93 4.35 -0.72 6.62
C LEU A 93 3.59 0.35 7.42
N LYS A 94 2.98 -0.03 8.56
CA LYS A 94 2.33 0.92 9.48
C LYS A 94 3.35 1.87 10.11
N LYS A 95 4.54 1.41 10.48
CA LYS A 95 5.58 2.26 11.12
C LYS A 95 6.04 3.42 10.24
N GLN A 96 5.91 3.28 8.92
CA GLN A 96 6.21 4.32 7.92
C GLN A 96 4.94 5.08 7.49
N LEU A 97 3.78 4.42 7.43
CA LEU A 97 2.49 4.99 7.00
C LEU A 97 1.30 4.39 7.79
N PRO A 98 1.03 4.85 9.03
CA PRO A 98 0.04 4.26 9.93
C PRO A 98 -1.35 4.86 9.77
N GLY A 99 -2.39 4.02 9.95
CA GLY A 99 -3.79 4.38 9.80
C GLY A 99 -4.47 4.71 11.13
N VAL A 100 -5.35 5.70 11.06
CA VAL A 100 -6.18 6.20 12.18
C VAL A 100 -7.28 5.21 12.55
N LYS A 101 -7.36 4.94 13.85
CA LYS A 101 -8.33 4.01 14.45
C LYS A 101 -9.59 4.69 15.02
N SER A 102 -9.53 5.99 15.27
CA SER A 102 -10.57 6.81 15.93
C SER A 102 -11.93 6.86 15.20
N GLU A 103 -11.96 6.42 13.94
CA GLU A 103 -13.19 6.12 13.18
C GLU A 103 -14.04 4.99 13.81
N GLY A 104 -13.45 4.16 14.67
CA GLY A 104 -14.05 2.96 15.26
C GLY A 104 -13.74 1.68 14.48
N LYS A 105 -12.51 1.55 13.95
CA LYS A 105 -12.06 0.36 13.18
C LYS A 105 -11.99 -0.89 14.07
N ARG A 106 -11.46 -0.73 15.29
CA ARG A 106 -11.45 -1.75 16.35
C ARG A 106 -11.40 -1.08 17.75
N LYS A 107 -12.57 -0.86 18.36
CA LYS A 107 -12.70 -0.35 19.74
C LYS A 107 -12.40 -1.41 20.80
N GLY A 108 -12.42 -2.69 20.40
CA GLY A 108 -12.55 -3.83 21.31
C GLY A 108 -14.00 -4.10 21.71
N ASP A 109 -14.94 -3.66 20.88
CA ASP A 109 -16.40 -3.74 21.07
C ASP A 109 -17.09 -3.89 19.70
N GLU A 110 -16.70 -4.94 18.99
CA GLU A 110 -17.15 -5.27 17.62
C GLU A 110 -17.79 -6.68 17.54
N VAL A 111 -17.20 -7.64 18.25
CA VAL A 111 -17.51 -9.09 18.21
C VAL A 111 -17.39 -9.74 19.61
N ASP A 112 -17.28 -8.93 20.66
CA ASP A 112 -16.61 -9.24 21.93
C ASP A 112 -17.57 -9.55 23.10
N GLY A 1 -20.61 -8.74 6.63
CA GLY A 1 -21.26 -9.13 5.35
C GLY A 1 -20.30 -8.97 4.18
N SER A 2 -20.37 -9.87 3.20
CA SER A 2 -19.44 -9.95 2.04
C SER A 2 -19.55 -8.80 1.03
N LYS A 3 -20.59 -7.95 1.14
CA LYS A 3 -20.79 -6.73 0.33
C LYS A 3 -19.70 -5.66 0.56
N ALA A 4 -19.06 -5.67 1.73
CA ALA A 4 -17.99 -4.74 2.12
C ALA A 4 -16.64 -5.43 2.38
N GLU A 5 -15.55 -4.67 2.29
CA GLU A 5 -14.16 -5.12 2.52
C GLU A 5 -13.36 -4.10 3.35
N LYS A 6 -12.23 -4.53 3.94
CA LYS A 6 -11.38 -3.69 4.81
C LYS A 6 -10.67 -2.56 4.06
N THR A 7 -10.20 -2.83 2.84
CA THR A 7 -9.47 -1.90 1.96
C THR A 7 -10.32 -0.67 1.58
N LEU A 8 -9.68 0.48 1.33
CA LEU A 8 -10.37 1.64 0.73
C LEU A 8 -10.87 1.41 -0.73
N GLY A 9 -10.36 0.39 -1.43
CA GLY A 9 -10.70 0.07 -2.82
C GLY A 9 -9.90 0.87 -3.87
N ASP A 10 -8.58 1.01 -3.70
CA ASP A 10 -7.72 1.79 -4.61
C ASP A 10 -6.25 1.31 -4.67
N PHE A 11 -5.70 0.74 -3.60
CA PHE A 11 -4.31 0.26 -3.53
C PHE A 11 -4.16 -1.10 -2.82
N ALA A 12 -3.10 -1.84 -3.14
CA ALA A 12 -2.87 -3.25 -2.80
C ALA A 12 -1.44 -3.53 -2.31
N ALA A 13 -1.25 -4.62 -1.56
CA ALA A 13 0.03 -5.07 -0.98
C ALA A 13 0.16 -6.61 -1.01
N GLU A 14 1.32 -7.14 -1.42
CA GLU A 14 1.62 -8.57 -1.46
C GLU A 14 3.15 -8.74 -1.53
N TYR A 15 3.65 -9.97 -1.52
CA TYR A 15 5.07 -10.23 -1.81
C TYR A 15 5.34 -10.30 -3.31
N ALA A 16 6.55 -9.89 -3.70
CA ALA A 16 7.06 -9.96 -5.06
C ALA A 16 7.30 -11.42 -5.46
N LYS A 17 6.32 -12.06 -6.11
CA LYS A 17 6.39 -13.48 -6.51
C LYS A 17 7.46 -13.77 -7.56
N SER A 18 7.78 -12.77 -8.39
CA SER A 18 8.82 -12.80 -9.43
C SER A 18 9.47 -11.42 -9.58
N ASN A 19 10.71 -11.37 -10.09
CA ASN A 19 11.47 -10.13 -10.35
C ASN A 19 11.02 -9.38 -11.63
N ARG A 20 9.73 -9.50 -12.00
CA ARG A 20 9.13 -8.95 -13.23
C ARG A 20 8.38 -7.63 -12.99
N SER A 21 7.95 -7.35 -11.77
CA SER A 21 7.42 -6.03 -11.37
C SER A 21 8.52 -4.96 -11.40
N THR A 22 8.16 -3.73 -11.73
CA THR A 22 9.06 -2.56 -11.70
C THR A 22 8.39 -1.42 -10.95
N CYS A 23 9.15 -0.79 -10.07
CA CYS A 23 8.70 0.32 -9.25
C CYS A 23 8.55 1.57 -10.10
N LYS A 24 7.31 2.04 -10.22
CA LYS A 24 6.95 3.30 -10.87
C LYS A 24 7.25 4.51 -9.97
N GLY A 25 7.67 4.27 -8.72
CA GLY A 25 8.12 5.29 -7.76
C GLY A 25 9.58 5.73 -7.90
N CYS A 26 10.46 4.88 -8.43
CA CYS A 26 11.87 5.23 -8.70
C CYS A 26 12.48 4.68 -10.03
N MET A 27 11.70 3.95 -10.83
CA MET A 27 12.11 3.33 -12.10
C MET A 27 13.24 2.29 -11.94
N GLU A 28 13.10 1.37 -10.98
CA GLU A 28 13.99 0.22 -10.80
C GLU A 28 13.17 -1.06 -10.56
N LYS A 29 13.70 -2.23 -10.95
CA LYS A 29 12.96 -3.49 -10.87
C LYS A 29 12.78 -3.94 -9.41
N ILE A 30 11.58 -4.42 -9.10
CA ILE A 30 11.20 -4.86 -7.75
C ILE A 30 11.77 -6.26 -7.49
N GLU A 31 12.47 -6.43 -6.36
CA GLU A 31 13.19 -7.66 -6.00
C GLU A 31 12.22 -8.75 -5.57
N LYS A 32 12.45 -9.99 -6.00
CA LYS A 32 11.68 -11.17 -5.59
C LYS A 32 11.79 -11.40 -4.07
N GLY A 33 10.69 -11.83 -3.44
CA GLY A 33 10.66 -12.23 -2.03
C GLY A 33 10.67 -11.10 -1.00
N GLN A 34 10.50 -9.84 -1.41
CA GLN A 34 10.21 -8.70 -0.51
C GLN A 34 8.85 -8.07 -0.90
N VAL A 35 8.31 -7.15 -0.10
CA VAL A 35 6.96 -6.58 -0.31
C VAL A 35 6.89 -5.81 -1.63
N ARG A 36 5.73 -5.81 -2.30
CA ARG A 36 5.38 -4.91 -3.41
C ARG A 36 3.98 -4.33 -3.18
N LEU A 37 3.84 -3.02 -3.40
CA LEU A 37 2.56 -2.31 -3.31
C LEU A 37 2.12 -1.84 -4.70
N SER A 38 0.81 -1.72 -4.92
CA SER A 38 0.22 -1.21 -6.17
C SER A 38 -0.86 -0.16 -5.88
N LYS A 39 -1.04 0.81 -6.77
CA LYS A 39 -2.24 1.66 -6.84
C LYS A 39 -2.92 1.50 -8.19
N LYS A 40 -4.26 1.38 -8.19
CA LYS A 40 -5.10 1.40 -9.38
C LYS A 40 -5.44 2.85 -9.73
N MET A 41 -4.94 3.35 -10.85
CA MET A 41 -5.27 4.70 -11.36
C MET A 41 -4.93 4.86 -12.84
N VAL A 42 -5.66 5.72 -13.56
CA VAL A 42 -5.27 6.18 -14.90
C VAL A 42 -3.90 6.85 -14.87
N ASP A 43 -2.98 6.40 -15.73
CA ASP A 43 -1.60 6.89 -15.76
C ASP A 43 -1.51 8.30 -16.39
N PRO A 44 -0.80 9.25 -15.75
CA PRO A 44 -0.79 10.65 -16.18
C PRO A 44 -0.04 10.92 -17.50
N GLU A 45 0.81 9.98 -17.96
CA GLU A 45 1.50 10.07 -19.26
C GLU A 45 0.79 9.22 -20.35
N LYS A 46 -0.13 8.34 -19.94
CA LYS A 46 -0.80 7.33 -20.79
C LYS A 46 -2.30 7.17 -20.46
N PRO A 47 -3.11 8.25 -20.42
CA PRO A 47 -4.54 8.13 -20.12
C PRO A 47 -5.33 7.34 -21.17
N GLN A 48 -4.75 7.11 -22.35
CA GLN A 48 -5.31 6.21 -23.39
C GLN A 48 -5.44 4.75 -22.92
N LEU A 49 -4.62 4.30 -21.95
CA LEU A 49 -4.81 2.99 -21.30
C LEU A 49 -6.08 2.92 -20.42
N GLY A 50 -6.51 4.04 -19.86
CA GLY A 50 -7.26 4.04 -18.61
C GLY A 50 -6.36 3.61 -17.44
N MET A 51 -6.97 2.97 -16.46
CA MET A 51 -6.43 2.62 -15.15
C MET A 51 -5.42 1.48 -15.23
N ILE A 52 -4.29 1.62 -14.53
CA ILE A 52 -3.28 0.55 -14.39
C ILE A 52 -3.02 0.20 -12.93
N ASP A 53 -2.50 -1.01 -12.73
CA ASP A 53 -2.02 -1.53 -11.46
C ASP A 53 -0.53 -1.16 -11.32
N ARG A 54 -0.28 0.04 -10.81
CA ARG A 54 1.03 0.73 -10.81
C ARG A 54 1.85 0.28 -9.61
N TRP A 55 2.92 -0.49 -9.80
CA TRP A 55 3.71 -1.07 -8.70
C TRP A 55 4.77 -0.11 -8.13
N TYR A 56 5.13 -0.34 -6.86
CA TYR A 56 6.07 0.40 -6.02
C TYR A 56 6.81 -0.51 -5.03
N HIS A 57 8.03 -0.12 -4.65
CA HIS A 57 8.76 -0.67 -3.48
C HIS A 57 8.08 -0.25 -2.14
N PRO A 58 8.31 -0.95 -1.02
CA PRO A 58 7.84 -0.56 0.31
C PRO A 58 8.40 0.75 0.85
N GLY A 59 9.56 1.21 0.36
CA GLY A 59 10.07 2.56 0.65
C GLY A 59 9.42 3.63 -0.23
N CYS A 60 9.32 3.37 -1.54
CA CYS A 60 8.92 4.38 -2.53
C CYS A 60 7.44 4.76 -2.45
N PHE A 61 6.55 3.81 -2.18
CA PHE A 61 5.13 4.14 -2.05
C PHE A 61 4.88 5.12 -0.89
N VAL A 62 5.67 5.03 0.19
CA VAL A 62 5.69 6.03 1.29
C VAL A 62 6.32 7.36 0.85
N LYS A 63 7.33 7.35 -0.02
CA LYS A 63 7.97 8.56 -0.59
C LYS A 63 7.00 9.38 -1.46
N ASN A 64 6.13 8.71 -2.24
CA ASN A 64 5.10 9.32 -3.10
C ASN A 64 3.69 9.18 -2.51
N ARG A 65 3.51 8.92 -1.20
CA ARG A 65 2.19 8.73 -0.56
C ARG A 65 1.19 9.84 -0.89
N GLU A 66 1.66 11.08 -0.98
CA GLU A 66 0.85 12.26 -1.29
C GLU A 66 0.51 12.38 -2.80
N GLU A 67 1.37 11.83 -3.67
CA GLU A 67 1.08 11.65 -5.10
C GLU A 67 0.11 10.47 -5.32
N LEU A 68 0.23 9.41 -4.53
CA LEU A 68 -0.70 8.27 -4.46
C LEU A 68 -2.01 8.60 -3.70
N GLY A 69 -2.09 9.75 -3.01
CA GLY A 69 -3.32 10.28 -2.40
C GLY A 69 -3.68 9.70 -1.03
N PHE A 70 -2.72 9.11 -0.31
CA PHE A 70 -2.88 8.59 1.05
C PHE A 70 -3.25 9.69 2.08
N ARG A 71 -4.11 9.31 3.04
CA ARG A 71 -4.47 10.07 4.24
C ARG A 71 -4.40 9.18 5.48
N PRO A 72 -4.35 9.76 6.71
CA PRO A 72 -4.46 9.01 7.96
C PRO A 72 -5.74 8.15 8.06
N GLU A 73 -6.85 8.57 7.45
CA GLU A 73 -8.10 7.81 7.47
C GLU A 73 -8.07 6.51 6.63
N TYR A 74 -7.08 6.34 5.74
CA TYR A 74 -6.87 5.14 4.94
C TYR A 74 -5.39 4.85 4.61
N SER A 75 -4.54 4.86 5.64
CA SER A 75 -3.13 4.48 5.58
C SER A 75 -2.93 2.97 5.37
N ALA A 76 -1.68 2.51 5.27
CA ALA A 76 -1.24 1.19 4.78
C ALA A 76 -2.01 -0.05 5.28
N SER A 77 -2.68 -0.02 6.43
CA SER A 77 -3.56 -1.11 6.88
C SER A 77 -4.74 -1.36 5.92
N GLN A 78 -5.14 -0.37 5.12
CA GLN A 78 -6.24 -0.39 4.17
C GLN A 78 -5.78 -0.72 2.73
N LEU A 79 -4.60 -1.33 2.54
CA LEU A 79 -4.15 -1.95 1.28
C LEU A 79 -4.71 -3.37 1.12
N LYS A 80 -5.17 -3.75 -0.09
CA LYS A 80 -5.67 -5.11 -0.39
C LYS A 80 -4.60 -6.15 -0.05
N GLY A 81 -4.95 -7.18 0.71
CA GLY A 81 -4.02 -8.26 1.08
C GLY A 81 -2.95 -7.90 2.12
N PHE A 82 -2.98 -6.69 2.73
CA PHE A 82 -2.08 -6.30 3.82
C PHE A 82 -2.08 -7.34 4.94
N SER A 83 -3.28 -7.80 5.34
CA SER A 83 -3.49 -8.77 6.42
C SER A 83 -2.83 -10.14 6.17
N LEU A 84 -2.55 -10.47 4.90
CA LEU A 84 -1.95 -11.75 4.46
C LEU A 84 -0.41 -11.73 4.42
N LEU A 85 0.22 -10.57 4.62
CA LEU A 85 1.68 -10.45 4.80
C LEU A 85 2.12 -11.01 6.16
N ALA A 86 3.43 -11.15 6.38
CA ALA A 86 4.02 -11.48 7.69
C ALA A 86 3.80 -10.33 8.70
N THR A 87 3.68 -10.68 9.99
CA THR A 87 3.46 -9.72 11.08
C THR A 87 4.51 -8.61 11.11
N GLU A 88 5.79 -8.93 10.85
CA GLU A 88 6.87 -7.94 10.81
C GLU A 88 6.72 -6.92 9.67
N ASP A 89 6.14 -7.31 8.52
CA ASP A 89 5.84 -6.39 7.43
C ASP A 89 4.55 -5.60 7.67
N LYS A 90 3.53 -6.22 8.29
CA LYS A 90 2.29 -5.54 8.72
C LYS A 90 2.58 -4.44 9.75
N GLU A 91 3.51 -4.68 10.67
CA GLU A 91 4.02 -3.65 11.58
C GLU A 91 4.84 -2.59 10.82
N ALA A 92 5.81 -2.99 9.98
CA ALA A 92 6.70 -2.05 9.29
C ALA A 92 5.97 -1.11 8.30
N LEU A 93 4.90 -1.56 7.63
CA LEU A 93 4.10 -0.72 6.75
C LEU A 93 3.34 0.36 7.53
N LYS A 94 2.74 0.01 8.68
CA LYS A 94 2.14 0.99 9.60
C LYS A 94 3.21 1.91 10.20
N LYS A 95 4.36 1.39 10.59
CA LYS A 95 5.43 2.18 11.25
C LYS A 95 6.03 3.27 10.34
N GLN A 96 5.97 3.08 9.03
CA GLN A 96 6.37 4.07 8.01
C GLN A 96 5.19 4.95 7.56
N LEU A 97 3.96 4.40 7.54
CA LEU A 97 2.73 5.10 7.16
C LEU A 97 1.52 4.65 8.02
N PRO A 98 1.34 5.22 9.22
CA PRO A 98 0.30 4.80 10.16
C PRO A 98 -0.97 5.65 10.04
N GLY A 99 -2.15 5.02 10.23
CA GLY A 99 -3.44 5.69 10.17
C GLY A 99 -3.86 6.41 11.46
N VAL A 100 -5.09 6.91 11.42
CA VAL A 100 -5.73 7.70 12.47
C VAL A 100 -6.13 6.82 13.67
N LYS A 101 -5.83 7.31 14.88
CA LYS A 101 -6.17 6.67 16.16
C LYS A 101 -7.40 7.26 16.87
N SER A 102 -7.98 8.33 16.31
CA SER A 102 -9.21 9.03 16.71
C SER A 102 -9.26 9.67 18.11
N GLU A 103 -8.33 9.35 19.02
CA GLU A 103 -8.17 10.00 20.33
C GLU A 103 -6.69 10.03 20.75
N GLY A 104 -6.27 11.11 21.39
CA GLY A 104 -4.88 11.34 21.83
C GLY A 104 -4.41 10.47 23.00
N LYS A 105 -5.32 9.72 23.64
CA LYS A 105 -5.07 8.86 24.81
C LYS A 105 -4.45 7.52 24.43
N ARG A 106 -4.69 7.03 23.21
CA ARG A 106 -4.17 5.74 22.74
C ARG A 106 -2.68 5.85 22.38
N LYS A 107 -1.86 5.00 23.00
CA LYS A 107 -0.49 4.63 22.56
C LYS A 107 -0.22 3.14 22.88
N GLY A 108 0.69 2.53 22.12
CA GLY A 108 1.02 1.10 22.25
C GLY A 108 1.99 0.63 21.17
N ASP A 109 3.21 1.20 21.16
CA ASP A 109 4.23 1.04 20.10
C ASP A 109 3.77 1.49 18.69
N GLU A 110 2.76 2.37 18.66
CA GLU A 110 2.14 3.00 17.49
C GLU A 110 1.80 4.47 17.81
N VAL A 111 2.01 5.37 16.84
CA VAL A 111 1.55 6.78 16.85
C VAL A 111 1.89 7.52 18.17
N ASP A 112 3.18 7.55 18.50
CA ASP A 112 3.77 8.28 19.65
C ASP A 112 4.15 9.74 19.31
N GLY A 1 -13.63 -15.59 0.56
CA GLY A 1 -13.49 -14.14 0.82
C GLY A 1 -12.72 -13.45 -0.30
N SER A 2 -12.12 -12.29 0.00
CA SER A 2 -11.32 -11.47 -0.93
C SER A 2 -10.17 -10.73 -0.22
N LYS A 3 -9.27 -10.11 -1.00
CA LYS A 3 -8.13 -9.32 -0.48
C LYS A 3 -8.53 -7.95 0.08
N ALA A 4 -9.71 -7.43 -0.27
CA ALA A 4 -10.15 -6.07 0.08
C ALA A 4 -11.03 -6.02 1.34
N GLU A 5 -10.49 -6.51 2.46
CA GLU A 5 -11.22 -6.66 3.73
C GLU A 5 -11.54 -5.32 4.43
N LYS A 6 -10.57 -4.39 4.46
CA LYS A 6 -10.68 -3.05 5.10
C LYS A 6 -10.17 -1.90 4.21
N THR A 7 -9.92 -2.17 2.93
CA THR A 7 -9.26 -1.26 1.97
C THR A 7 -10.12 -0.05 1.61
N LEU A 8 -9.48 1.09 1.29
CA LEU A 8 -10.16 2.25 0.69
C LEU A 8 -10.63 2.05 -0.78
N GLY A 9 -10.16 1.01 -1.47
CA GLY A 9 -10.51 0.66 -2.85
C GLY A 9 -9.64 1.29 -3.95
N ASP A 10 -8.37 1.65 -3.68
CA ASP A 10 -7.49 2.30 -4.68
C ASP A 10 -6.01 1.84 -4.65
N PHE A 11 -5.56 1.12 -3.63
CA PHE A 11 -4.18 0.60 -3.56
C PHE A 11 -4.07 -0.77 -2.87
N ALA A 12 -3.02 -1.53 -3.21
CA ALA A 12 -2.82 -2.95 -2.85
C ALA A 12 -1.40 -3.25 -2.36
N ALA A 13 -1.25 -4.37 -1.65
CA ALA A 13 -0.01 -4.89 -1.06
C ALA A 13 0.07 -6.42 -1.20
N GLU A 14 1.25 -6.96 -1.57
CA GLU A 14 1.48 -8.38 -1.85
C GLU A 14 2.98 -8.65 -1.75
N TYR A 15 3.42 -9.91 -1.69
CA TYR A 15 4.82 -10.23 -1.92
C TYR A 15 5.17 -10.27 -3.41
N ALA A 16 6.39 -9.85 -3.74
CA ALA A 16 6.92 -9.86 -5.11
C ALA A 16 7.17 -11.29 -5.60
N LYS A 17 6.40 -11.73 -6.61
CA LYS A 17 6.41 -13.10 -7.16
C LYS A 17 7.59 -13.37 -8.11
N SER A 18 8.18 -12.31 -8.67
CA SER A 18 9.37 -12.36 -9.54
C SER A 18 10.15 -11.04 -9.50
N ASN A 19 11.40 -11.05 -9.94
CA ASN A 19 12.24 -9.85 -10.11
C ASN A 19 11.82 -8.98 -11.32
N ARG A 20 10.72 -9.32 -12.02
CA ARG A 20 10.26 -8.65 -13.25
C ARG A 20 9.40 -7.41 -13.00
N SER A 21 8.76 -7.30 -11.83
CA SER A 21 8.05 -6.10 -11.38
C SER A 21 9.00 -4.88 -11.31
N THR A 22 8.49 -3.66 -11.47
CA THR A 22 9.33 -2.44 -11.45
C THR A 22 8.62 -1.31 -10.71
N CYS A 23 9.38 -0.61 -9.87
CA CYS A 23 8.93 0.49 -9.06
C CYS A 23 8.80 1.74 -9.92
N LYS A 24 7.57 2.22 -10.05
CA LYS A 24 7.27 3.52 -10.67
C LYS A 24 7.66 4.70 -9.77
N GLY A 25 7.97 4.44 -8.50
CA GLY A 25 8.42 5.43 -7.53
C GLY A 25 9.88 5.89 -7.75
N CYS A 26 10.77 4.97 -8.15
CA CYS A 26 12.19 5.28 -8.39
C CYS A 26 12.81 4.73 -9.71
N MET A 27 12.02 4.08 -10.58
CA MET A 27 12.46 3.44 -11.84
C MET A 27 13.55 2.38 -11.62
N GLU A 28 13.35 1.48 -10.65
CA GLU A 28 14.20 0.31 -10.41
C GLU A 28 13.37 -0.95 -10.23
N LYS A 29 13.95 -2.10 -10.56
CA LYS A 29 13.19 -3.36 -10.56
C LYS A 29 12.98 -3.87 -9.14
N ILE A 30 11.75 -4.27 -8.85
CA ILE A 30 11.30 -4.78 -7.55
C ILE A 30 11.77 -6.23 -7.39
N GLU A 31 12.47 -6.51 -6.29
CA GLU A 31 13.07 -7.82 -6.04
C GLU A 31 12.04 -8.86 -5.58
N LYS A 32 12.20 -10.10 -6.04
CA LYS A 32 11.41 -11.25 -5.60
C LYS A 32 11.55 -11.47 -4.09
N GLY A 33 10.45 -11.88 -3.44
CA GLY A 33 10.42 -12.30 -2.05
C GLY A 33 10.48 -11.18 -1.00
N GLN A 34 10.38 -9.91 -1.40
CA GLN A 34 10.09 -8.79 -0.49
C GLN A 34 8.73 -8.16 -0.86
N VAL A 35 8.17 -7.30 -0.02
CA VAL A 35 6.83 -6.72 -0.25
C VAL A 35 6.82 -5.82 -1.49
N ARG A 36 5.72 -5.79 -2.23
CA ARG A 36 5.42 -4.84 -3.31
C ARG A 36 4.04 -4.21 -3.09
N LEU A 37 3.93 -2.91 -3.29
CA LEU A 37 2.66 -2.17 -3.20
C LEU A 37 2.28 -1.63 -4.57
N SER A 38 0.99 -1.38 -4.82
CA SER A 38 0.53 -0.73 -6.05
C SER A 38 -0.65 0.21 -5.85
N LYS A 39 -0.81 1.17 -6.77
CA LYS A 39 -2.02 1.98 -6.93
C LYS A 39 -2.78 1.55 -8.18
N LYS A 40 -4.09 1.35 -8.04
CA LYS A 40 -5.02 1.02 -9.13
C LYS A 40 -5.66 2.31 -9.64
N MET A 41 -5.40 2.69 -10.89
CA MET A 41 -5.91 3.93 -11.49
C MET A 41 -5.91 3.91 -13.02
N VAL A 42 -6.86 4.60 -13.67
CA VAL A 42 -6.80 4.90 -15.12
C VAL A 42 -5.52 5.69 -15.43
N ASP A 43 -4.76 5.22 -16.43
CA ASP A 43 -3.54 5.91 -16.90
C ASP A 43 -3.90 7.17 -17.73
N PRO A 44 -3.28 8.34 -17.47
CA PRO A 44 -3.66 9.60 -18.11
C PRO A 44 -3.20 9.75 -19.58
N GLU A 45 -2.26 8.91 -20.05
CA GLU A 45 -1.82 8.86 -21.46
C GLU A 45 -2.40 7.65 -22.21
N LYS A 46 -3.00 6.70 -21.48
CA LYS A 46 -3.66 5.48 -21.98
C LYS A 46 -5.06 5.25 -21.34
N PRO A 47 -5.96 6.24 -21.33
CA PRO A 47 -7.30 6.09 -20.76
C PRO A 47 -8.14 4.99 -21.43
N GLN A 48 -7.80 4.59 -22.66
CA GLN A 48 -8.42 3.48 -23.40
C GLN A 48 -8.26 2.11 -22.69
N LEU A 49 -7.23 1.95 -21.82
CA LEU A 49 -7.07 0.76 -20.99
C LEU A 49 -8.10 0.66 -19.85
N GLY A 50 -8.62 1.80 -19.40
CA GLY A 50 -9.08 1.93 -18.02
C GLY A 50 -7.91 1.80 -17.04
N MET A 51 -8.18 1.17 -15.89
CA MET A 51 -7.36 1.12 -14.69
C MET A 51 -6.20 0.13 -14.83
N ILE A 52 -5.00 0.57 -14.41
CA ILE A 52 -3.78 -0.22 -14.33
C ILE A 52 -3.23 -0.27 -12.90
N ASP A 53 -2.31 -1.19 -12.63
CA ASP A 53 -1.67 -1.42 -11.34
C ASP A 53 -0.22 -0.88 -11.36
N ARG A 54 -0.04 0.35 -10.89
CA ARG A 54 1.27 1.03 -10.76
C ARG A 54 2.02 0.47 -9.56
N TRP A 55 3.10 -0.29 -9.75
CA TRP A 55 3.86 -0.92 -8.64
C TRP A 55 4.97 -0.02 -8.06
N TYR A 56 5.32 -0.26 -6.79
CA TYR A 56 6.26 0.48 -5.95
C TYR A 56 6.98 -0.44 -4.92
N HIS A 57 8.18 -0.06 -4.49
CA HIS A 57 8.88 -0.64 -3.32
C HIS A 57 8.17 -0.22 -2.00
N PRO A 58 8.39 -0.92 -0.87
CA PRO A 58 7.96 -0.51 0.47
C PRO A 58 8.53 0.83 0.95
N GLY A 59 9.71 1.21 0.46
CA GLY A 59 10.33 2.51 0.76
C GLY A 59 9.83 3.66 -0.13
N CYS A 60 9.34 3.36 -1.34
CA CYS A 60 8.97 4.37 -2.35
C CYS A 60 7.49 4.72 -2.36
N PHE A 61 6.60 3.77 -2.11
CA PHE A 61 5.17 4.06 -2.00
C PHE A 61 4.89 5.12 -0.92
N VAL A 62 5.68 5.10 0.18
CA VAL A 62 5.73 6.13 1.21
C VAL A 62 6.23 7.49 0.69
N LYS A 63 7.26 7.53 -0.16
CA LYS A 63 7.81 8.78 -0.73
C LYS A 63 6.85 9.50 -1.67
N ASN A 64 6.03 8.77 -2.43
CA ASN A 64 4.97 9.30 -3.29
C ASN A 64 3.58 9.20 -2.66
N ARG A 65 3.42 8.86 -1.37
CA ARG A 65 2.12 8.67 -0.70
C ARG A 65 1.13 9.81 -0.93
N GLU A 66 1.63 11.04 -0.97
CA GLU A 66 0.85 12.26 -1.16
C GLU A 66 0.47 12.50 -2.64
N GLU A 67 1.24 11.93 -3.58
CA GLU A 67 0.88 11.80 -5.00
C GLU A 67 -0.09 10.63 -5.24
N LEU A 68 0.09 9.49 -4.52
CA LEU A 68 -0.83 8.35 -4.53
C LEU A 68 -2.18 8.66 -3.86
N GLY A 69 -2.23 9.60 -2.91
CA GLY A 69 -3.47 10.12 -2.30
C GLY A 69 -3.75 9.62 -0.88
N PHE A 70 -2.74 9.11 -0.17
CA PHE A 70 -2.84 8.67 1.23
C PHE A 70 -3.17 9.81 2.21
N ARG A 71 -3.99 9.49 3.22
CA ARG A 71 -4.26 10.30 4.43
C ARG A 71 -4.23 9.39 5.68
N PRO A 72 -4.12 9.95 6.90
CA PRO A 72 -4.15 9.18 8.15
C PRO A 72 -5.41 8.31 8.32
N GLU A 73 -6.56 8.73 7.78
CA GLU A 73 -7.82 7.98 7.84
C GLU A 73 -7.86 6.72 6.95
N TYR A 74 -6.90 6.57 6.02
CA TYR A 74 -6.73 5.41 5.15
C TYR A 74 -5.27 5.15 4.75
N SER A 75 -4.42 4.94 5.77
CA SER A 75 -3.00 4.58 5.65
C SER A 75 -2.78 3.11 5.24
N ALA A 76 -1.53 2.62 5.30
CA ALA A 76 -1.12 1.29 4.79
C ALA A 76 -1.94 0.09 5.29
N SER A 77 -2.62 0.20 6.43
CA SER A 77 -3.57 -0.81 6.93
C SER A 77 -4.78 -1.05 6.01
N GLN A 78 -5.03 -0.14 5.04
CA GLN A 78 -6.12 -0.16 4.08
C GLN A 78 -5.63 -0.39 2.64
N LEU A 79 -4.51 -1.11 2.47
CA LEU A 79 -4.08 -1.71 1.20
C LEU A 79 -4.69 -3.10 1.00
N LYS A 80 -5.21 -3.42 -0.20
CA LYS A 80 -5.74 -4.76 -0.54
C LYS A 80 -4.66 -5.82 -0.29
N GLY A 81 -4.98 -6.89 0.44
CA GLY A 81 -4.05 -7.97 0.73
C GLY A 81 -3.00 -7.67 1.79
N PHE A 82 -3.05 -6.50 2.45
CA PHE A 82 -2.19 -6.17 3.61
C PHE A 82 -2.26 -7.27 4.67
N SER A 83 -3.48 -7.69 5.04
CA SER A 83 -3.74 -8.69 6.07
C SER A 83 -3.17 -10.08 5.75
N LEU A 84 -2.95 -10.37 4.46
CA LEU A 84 -2.43 -11.62 3.92
C LEU A 84 -0.89 -11.76 4.03
N LEU A 85 -0.18 -10.67 4.32
CA LEU A 85 1.27 -10.65 4.56
C LEU A 85 1.61 -11.22 5.95
N ALA A 86 2.90 -11.43 6.23
CA ALA A 86 3.40 -11.76 7.56
C ALA A 86 3.22 -10.58 8.55
N THR A 87 3.03 -10.88 9.83
CA THR A 87 2.78 -9.88 10.89
C THR A 87 3.90 -8.84 10.98
N GLU A 88 5.16 -9.24 10.80
CA GLU A 88 6.31 -8.33 10.79
C GLU A 88 6.30 -7.34 9.62
N ASP A 89 5.75 -7.74 8.46
CA ASP A 89 5.60 -6.84 7.31
C ASP A 89 4.37 -5.93 7.46
N LYS A 90 3.28 -6.44 8.02
CA LYS A 90 2.09 -5.64 8.40
C LYS A 90 2.45 -4.54 9.40
N GLU A 91 3.28 -4.86 10.39
CA GLU A 91 3.86 -3.87 11.30
C GLU A 91 4.78 -2.90 10.57
N ALA A 92 5.72 -3.38 9.75
CA ALA A 92 6.68 -2.53 9.04
C ALA A 92 6.04 -1.52 8.07
N LEU A 93 4.92 -1.87 7.42
CA LEU A 93 4.17 -0.96 6.55
C LEU A 93 3.51 0.17 7.36
N LYS A 94 2.89 -0.15 8.51
CA LYS A 94 2.33 0.84 9.45
C LYS A 94 3.45 1.68 10.09
N LYS A 95 4.58 1.09 10.44
CA LYS A 95 5.72 1.79 11.07
C LYS A 95 6.33 2.88 10.18
N GLN A 96 6.17 2.76 8.86
CA GLN A 96 6.62 3.76 7.87
C GLN A 96 5.48 4.70 7.43
N LEU A 97 4.22 4.23 7.43
CA LEU A 97 3.02 5.00 7.11
C LEU A 97 1.81 4.59 8.00
N PRO A 98 1.70 5.11 9.23
CA PRO A 98 0.68 4.71 10.19
C PRO A 98 -0.56 5.63 10.12
N GLY A 99 -1.76 5.05 10.27
CA GLY A 99 -3.03 5.77 10.28
C GLY A 99 -3.59 6.09 11.66
N VAL A 100 -4.86 6.49 11.68
CA VAL A 100 -5.67 6.78 12.87
C VAL A 100 -6.07 5.48 13.57
N LYS A 101 -6.11 5.55 14.90
CA LYS A 101 -6.39 4.44 15.84
C LYS A 101 -7.90 4.15 15.97
N SER A 102 -8.63 4.18 14.85
CA SER A 102 -10.09 4.11 14.79
C SER A 102 -10.71 2.81 15.35
N GLU A 103 -9.91 1.74 15.44
CA GLU A 103 -10.32 0.46 16.06
C GLU A 103 -10.08 0.40 17.58
N GLY A 104 -9.25 1.30 18.14
CA GLY A 104 -8.96 1.39 19.58
C GLY A 104 -8.16 0.22 20.19
N LYS A 105 -7.61 -0.70 19.37
CA LYS A 105 -6.93 -1.93 19.83
C LYS A 105 -5.46 -1.70 20.21
N ARG A 106 -4.79 -0.75 19.54
CA ARG A 106 -3.33 -0.55 19.59
C ARG A 106 -2.91 0.32 20.78
N LYS A 107 -3.03 -0.20 22.01
CA LYS A 107 -2.84 0.57 23.25
C LYS A 107 -1.46 1.23 23.33
N GLY A 108 -0.39 0.45 23.15
CA GLY A 108 0.99 0.94 23.14
C GLY A 108 1.37 1.61 24.47
N ASP A 109 1.64 2.92 24.42
CA ASP A 109 1.94 3.76 25.60
C ASP A 109 0.71 4.16 26.42
N GLU A 110 -0.50 3.98 25.88
CA GLU A 110 -1.75 4.29 26.59
C GLU A 110 -2.21 3.15 27.51
N VAL A 111 -2.90 3.50 28.61
CA VAL A 111 -3.51 2.59 29.61
C VAL A 111 -2.56 1.51 30.19
N ASP A 112 -1.25 1.81 30.22
CA ASP A 112 -0.18 0.95 30.76
C ASP A 112 -0.15 0.90 32.31
N GLY A 1 -9.50 -21.41 4.83
CA GLY A 1 -10.30 -20.29 5.35
C GLY A 1 -10.53 -19.22 4.28
N SER A 2 -11.70 -18.56 4.31
CA SER A 2 -12.09 -17.54 3.33
C SER A 2 -11.26 -16.24 3.44
N LYS A 3 -10.98 -15.60 2.30
CA LYS A 3 -10.26 -14.32 2.20
C LYS A 3 -11.18 -13.13 2.48
N ALA A 4 -10.68 -12.16 3.25
CA ALA A 4 -11.36 -10.89 3.56
C ALA A 4 -10.33 -9.77 3.80
N GLU A 5 -10.73 -8.52 3.54
CA GLU A 5 -9.90 -7.31 3.71
C GLU A 5 -10.75 -6.05 4.01
N LYS A 6 -10.13 -5.05 4.65
CA LYS A 6 -10.77 -3.78 5.07
C LYS A 6 -10.61 -2.63 4.05
N THR A 7 -9.87 -2.88 2.96
CA THR A 7 -9.32 -1.93 1.97
C THR A 7 -10.27 -0.82 1.50
N LEU A 8 -9.71 0.36 1.20
CA LEU A 8 -10.46 1.48 0.57
C LEU A 8 -10.86 1.23 -0.91
N GLY A 9 -10.27 0.24 -1.60
CA GLY A 9 -10.54 -0.09 -3.00
C GLY A 9 -9.69 0.64 -4.05
N ASP A 10 -8.47 1.08 -3.68
CA ASP A 10 -7.62 1.92 -4.54
C ASP A 10 -6.13 1.50 -4.57
N PHE A 11 -5.65 0.71 -3.60
CA PHE A 11 -4.26 0.25 -3.56
C PHE A 11 -4.10 -1.13 -2.89
N ALA A 12 -3.03 -1.85 -3.21
CA ALA A 12 -2.78 -3.25 -2.88
C ALA A 12 -1.33 -3.51 -2.42
N ALA A 13 -1.13 -4.62 -1.70
CA ALA A 13 0.14 -5.08 -1.15
C ALA A 13 0.31 -6.61 -1.29
N GLU A 14 1.49 -7.07 -1.71
CA GLU A 14 1.84 -8.49 -1.86
C GLU A 14 3.32 -8.73 -1.53
N TYR A 15 3.72 -9.98 -1.27
CA TYR A 15 5.06 -10.43 -1.63
C TYR A 15 5.21 -10.51 -3.16
N ALA A 16 6.29 -9.94 -3.68
CA ALA A 16 6.64 -9.99 -5.10
C ALA A 16 6.86 -11.44 -5.56
N LYS A 17 5.93 -11.98 -6.36
CA LYS A 17 5.91 -13.38 -6.81
C LYS A 17 6.85 -13.69 -7.98
N SER A 18 7.30 -12.65 -8.69
CA SER A 18 8.33 -12.70 -9.73
C SER A 18 9.09 -11.37 -9.83
N ASN A 19 10.31 -11.38 -10.36
CA ASN A 19 11.20 -10.21 -10.49
C ASN A 19 10.84 -9.30 -11.69
N ARG A 20 9.57 -9.31 -12.13
CA ARG A 20 9.07 -8.68 -13.36
C ARG A 20 8.31 -7.36 -13.13
N SER A 21 7.80 -7.12 -11.91
CA SER A 21 7.27 -5.80 -11.52
C SER A 21 8.41 -4.77 -11.39
N THR A 22 8.10 -3.49 -11.64
CA THR A 22 9.04 -2.38 -11.57
C THR A 22 8.42 -1.24 -10.77
N CYS A 23 9.20 -0.63 -9.89
CA CYS A 23 8.76 0.46 -9.05
C CYS A 23 8.70 1.75 -9.87
N LYS A 24 7.50 2.32 -10.03
CA LYS A 24 7.28 3.62 -10.65
C LYS A 24 7.65 4.79 -9.73
N GLY A 25 7.94 4.50 -8.46
CA GLY A 25 8.38 5.50 -7.46
C GLY A 25 9.85 5.91 -7.57
N CYS A 26 10.72 5.04 -8.12
CA CYS A 26 12.14 5.36 -8.39
C CYS A 26 12.70 4.82 -9.73
N MET A 27 11.89 4.06 -10.49
CA MET A 27 12.23 3.43 -11.76
C MET A 27 13.39 2.41 -11.67
N GLU A 28 13.24 1.41 -10.79
CA GLU A 28 14.05 0.18 -10.83
C GLU A 28 13.21 -1.06 -10.46
N LYS A 29 13.70 -2.24 -10.83
CA LYS A 29 12.91 -3.48 -10.80
C LYS A 29 12.74 -4.03 -9.39
N ILE A 30 11.52 -4.44 -9.07
CA ILE A 30 11.12 -4.93 -7.75
C ILE A 30 11.58 -6.38 -7.52
N GLU A 31 12.24 -6.63 -6.40
CA GLU A 31 12.87 -7.92 -6.07
C GLU A 31 11.86 -8.98 -5.64
N LYS A 32 12.05 -10.22 -6.13
CA LYS A 32 11.22 -11.39 -5.81
C LYS A 32 11.40 -11.80 -4.34
N GLY A 33 10.30 -12.16 -3.67
CA GLY A 33 10.30 -12.67 -2.30
C GLY A 33 10.36 -11.59 -1.19
N GLN A 34 10.21 -10.31 -1.55
CA GLN A 34 10.03 -9.19 -0.61
C GLN A 34 8.77 -8.38 -0.95
N VAL A 35 8.33 -7.47 -0.06
CA VAL A 35 7.04 -6.77 -0.20
C VAL A 35 7.04 -5.81 -1.40
N ARG A 36 5.91 -5.73 -2.11
CA ARG A 36 5.60 -4.75 -3.16
C ARG A 36 4.18 -4.19 -3.00
N LEU A 37 3.99 -2.90 -3.31
CA LEU A 37 2.70 -2.23 -3.26
C LEU A 37 2.29 -1.69 -4.64
N SER A 38 1.00 -1.49 -4.88
CA SER A 38 0.49 -0.83 -6.08
C SER A 38 -0.71 0.06 -5.82
N LYS A 39 -0.95 1.04 -6.70
CA LYS A 39 -2.19 1.84 -6.77
C LYS A 39 -2.93 1.56 -8.08
N LYS A 40 -4.27 1.52 -8.02
CA LYS A 40 -5.14 1.52 -9.20
C LYS A 40 -5.37 2.97 -9.67
N MET A 41 -4.98 3.27 -10.90
CA MET A 41 -5.19 4.57 -11.56
C MET A 41 -4.94 4.49 -13.07
N VAL A 42 -5.60 5.34 -13.86
CA VAL A 42 -5.21 5.57 -15.26
C VAL A 42 -3.73 5.96 -15.34
N ASP A 43 -2.97 5.29 -16.21
CA ASP A 43 -1.54 5.52 -16.36
C ASP A 43 -1.27 6.93 -16.93
N PRO A 44 -0.46 7.77 -16.26
CA PRO A 44 -0.26 9.16 -16.66
C PRO A 44 0.60 9.32 -17.93
N GLU A 45 1.31 8.27 -18.35
CA GLU A 45 2.16 8.24 -19.55
C GLU A 45 1.47 7.49 -20.71
N LYS A 46 0.38 6.75 -20.41
CA LYS A 46 -0.35 5.85 -21.31
C LYS A 46 -1.86 5.86 -21.00
N PRO A 47 -2.55 7.00 -21.01
CA PRO A 47 -3.97 7.09 -20.67
C PRO A 47 -4.88 6.21 -21.54
N GLN A 48 -4.41 5.78 -22.71
CA GLN A 48 -5.08 4.84 -23.61
C GLN A 48 -5.36 3.46 -22.97
N LEU A 49 -4.57 3.04 -21.97
CA LEU A 49 -4.84 1.82 -21.19
C LEU A 49 -6.13 1.87 -20.36
N GLY A 50 -6.57 3.07 -19.95
CA GLY A 50 -7.35 3.19 -18.72
C GLY A 50 -6.50 2.82 -17.48
N MET A 51 -7.17 2.34 -16.44
CA MET A 51 -6.66 2.08 -15.10
C MET A 51 -5.75 0.87 -15.06
N ILE A 52 -4.60 1.01 -14.40
CA ILE A 52 -3.63 -0.06 -14.15
C ILE A 52 -3.24 -0.12 -12.68
N ASP A 53 -2.70 -1.26 -12.26
CA ASP A 53 -2.14 -1.49 -10.92
C ASP A 53 -0.63 -1.14 -10.95
N ARG A 54 -0.31 0.14 -10.78
CA ARG A 54 1.06 0.68 -10.90
C ARG A 54 1.88 0.31 -9.67
N TRP A 55 3.02 -0.39 -9.84
CA TRP A 55 3.82 -0.93 -8.72
C TRP A 55 4.87 0.05 -8.17
N TYR A 56 5.23 -0.14 -6.90
CA TYR A 56 6.13 0.66 -6.05
C TYR A 56 6.82 -0.21 -4.97
N HIS A 57 8.01 0.20 -4.50
CA HIS A 57 8.69 -0.40 -3.33
C HIS A 57 8.03 0.00 -1.99
N PRO A 58 8.28 -0.74 -0.88
CA PRO A 58 7.86 -0.38 0.49
C PRO A 58 8.35 0.99 1.00
N GLY A 59 9.52 1.45 0.57
CA GLY A 59 10.01 2.81 0.86
C GLY A 59 9.37 3.85 -0.06
N CYS A 60 9.32 3.57 -1.37
CA CYS A 60 8.92 4.53 -2.38
C CYS A 60 7.43 4.87 -2.35
N PHE A 61 6.55 3.90 -2.10
CA PHE A 61 5.12 4.18 -2.00
C PHE A 61 4.80 5.16 -0.86
N VAL A 62 5.56 5.10 0.26
CA VAL A 62 5.51 6.11 1.34
C VAL A 62 6.08 7.46 0.88
N LYS A 63 7.18 7.46 0.10
CA LYS A 63 7.80 8.68 -0.44
C LYS A 63 6.86 9.49 -1.36
N ASN A 64 6.06 8.82 -2.19
CA ASN A 64 5.05 9.41 -3.07
C ASN A 64 3.61 9.24 -2.56
N ARG A 65 3.39 8.88 -1.29
CA ARG A 65 2.05 8.68 -0.71
C ARG A 65 1.09 9.83 -0.96
N GLU A 66 1.60 11.06 -0.95
CA GLU A 66 0.84 12.29 -1.15
C GLU A 66 0.57 12.58 -2.64
N GLU A 67 1.39 12.04 -3.55
CA GLU A 67 1.12 11.97 -4.99
C GLU A 67 0.11 10.85 -5.32
N LEU A 68 0.23 9.69 -4.64
CA LEU A 68 -0.73 8.57 -4.73
C LEU A 68 -2.10 8.90 -4.08
N GLY A 69 -2.16 9.83 -3.12
CA GLY A 69 -3.40 10.35 -2.53
C GLY A 69 -3.78 9.78 -1.15
N PHE A 70 -2.81 9.18 -0.43
CA PHE A 70 -2.98 8.70 0.94
C PHE A 70 -3.31 9.84 1.92
N ARG A 71 -4.19 9.54 2.90
CA ARG A 71 -4.51 10.32 4.09
C ARG A 71 -4.52 9.40 5.33
N PRO A 72 -4.38 9.94 6.57
CA PRO A 72 -4.37 9.15 7.81
C PRO A 72 -5.61 8.28 8.01
N GLU A 73 -6.77 8.69 7.47
CA GLU A 73 -8.01 7.91 7.51
C GLU A 73 -7.97 6.61 6.68
N TYR A 74 -6.98 6.44 5.79
CA TYR A 74 -6.75 5.23 5.00
C TYR A 74 -5.26 5.00 4.65
N SER A 75 -4.40 4.87 5.66
CA SER A 75 -2.99 4.50 5.54
C SER A 75 -2.79 3.00 5.19
N ALA A 76 -1.57 2.46 5.36
CA ALA A 76 -1.19 1.12 4.91
C ALA A 76 -2.11 -0.05 5.33
N SER A 77 -2.88 0.10 6.41
CA SER A 77 -3.91 -0.87 6.83
C SER A 77 -5.04 -1.08 5.80
N GLN A 78 -5.24 -0.10 4.89
CA GLN A 78 -6.26 -0.09 3.84
C GLN A 78 -5.75 -0.58 2.47
N LEU A 79 -4.62 -1.29 2.41
CA LEU A 79 -4.11 -1.99 1.21
C LEU A 79 -4.68 -3.42 1.09
N LYS A 80 -5.11 -3.83 -0.12
CA LYS A 80 -5.53 -5.21 -0.41
C LYS A 80 -4.40 -6.19 -0.09
N GLY A 81 -4.70 -7.28 0.61
CA GLY A 81 -3.72 -8.33 0.91
C GLY A 81 -2.64 -7.98 1.94
N PHE A 82 -2.63 -6.76 2.51
CA PHE A 82 -1.71 -6.36 3.59
C PHE A 82 -1.80 -7.33 4.77
N SER A 83 -3.02 -7.73 5.14
CA SER A 83 -3.31 -8.69 6.23
C SER A 83 -2.69 -10.07 6.02
N LEU A 84 -2.36 -10.45 4.78
CA LEU A 84 -1.80 -11.74 4.39
C LEU A 84 -0.25 -11.75 4.32
N LEU A 85 0.41 -10.61 4.55
CA LEU A 85 1.86 -10.53 4.77
C LEU A 85 2.22 -11.10 6.16
N ALA A 86 3.52 -11.29 6.43
CA ALA A 86 4.00 -11.61 7.78
C ALA A 86 3.78 -10.43 8.76
N THR A 87 3.56 -10.73 10.04
CA THR A 87 3.29 -9.74 11.09
C THR A 87 4.38 -8.67 11.18
N GLU A 88 5.65 -9.05 11.00
CA GLU A 88 6.78 -8.10 10.99
C GLU A 88 6.71 -7.09 9.82
N ASP A 89 6.14 -7.48 8.67
CA ASP A 89 5.91 -6.57 7.55
C ASP A 89 4.68 -5.68 7.80
N LYS A 90 3.59 -6.25 8.35
CA LYS A 90 2.37 -5.50 8.72
C LYS A 90 2.66 -4.40 9.74
N GLU A 91 3.51 -4.67 10.73
CA GLU A 91 4.00 -3.65 11.67
C GLU A 91 4.91 -2.63 10.98
N ALA A 92 5.84 -3.06 10.11
CA ALA A 92 6.78 -2.16 9.45
C ALA A 92 6.12 -1.19 8.44
N LEU A 93 5.10 -1.63 7.69
CA LEU A 93 4.34 -0.78 6.78
C LEU A 93 3.54 0.29 7.55
N LYS A 94 2.95 -0.05 8.70
CA LYS A 94 2.30 0.91 9.60
C LYS A 94 3.32 1.85 10.25
N LYS A 95 4.48 1.35 10.69
CA LYS A 95 5.53 2.19 11.30
C LYS A 95 6.09 3.27 10.37
N GLN A 96 6.00 3.07 9.05
CA GLN A 96 6.40 4.04 8.02
C GLN A 96 5.21 4.90 7.56
N LEU A 97 4.00 4.32 7.49
CA LEU A 97 2.75 4.99 7.11
C LEU A 97 1.56 4.50 7.96
N PRO A 98 1.36 5.07 9.17
CA PRO A 98 0.31 4.65 10.10
C PRO A 98 -0.98 5.45 9.91
N GLY A 99 -2.13 4.87 10.23
CA GLY A 99 -3.45 5.53 10.14
C GLY A 99 -3.93 6.15 11.46
N VAL A 100 -5.22 6.45 11.47
CA VAL A 100 -5.96 7.11 12.57
C VAL A 100 -7.29 6.42 12.83
N LYS A 101 -7.96 6.80 13.93
CA LYS A 101 -9.27 6.26 14.30
C LYS A 101 -10.44 6.84 13.48
N SER A 102 -10.32 6.80 12.16
CA SER A 102 -11.46 6.95 11.22
C SER A 102 -12.57 5.92 11.47
N GLU A 103 -12.21 4.72 11.96
CA GLU A 103 -13.12 3.72 12.54
C GLU A 103 -13.50 4.13 13.98
N GLY A 104 -14.21 5.26 14.13
CA GLY A 104 -14.39 5.99 15.40
C GLY A 104 -15.07 5.22 16.55
N LYS A 105 -15.74 4.11 16.25
CA LYS A 105 -16.36 3.19 17.24
C LYS A 105 -15.36 2.26 17.94
N ARG A 106 -14.12 2.17 17.45
CA ARG A 106 -13.08 1.22 17.93
C ARG A 106 -12.58 1.58 19.34
N LYS A 107 -12.50 0.58 20.22
CA LYS A 107 -11.97 0.69 21.60
C LYS A 107 -11.11 -0.52 21.98
N GLY A 108 -10.17 -0.31 22.91
CA GLY A 108 -9.41 -1.37 23.55
C GLY A 108 -10.27 -2.11 24.56
N ASP A 109 -10.57 -3.38 24.29
CA ASP A 109 -11.36 -4.27 25.16
C ASP A 109 -10.76 -4.45 26.57
N GLU A 110 -9.48 -4.10 26.76
CA GLU A 110 -8.81 -4.11 28.07
C GLU A 110 -9.00 -2.83 28.91
N VAL A 111 -9.58 -1.76 28.33
CA VAL A 111 -9.78 -0.45 28.97
C VAL A 111 -11.20 0.15 28.80
N ASP A 112 -12.05 -0.53 28.03
CA ASP A 112 -13.49 -0.23 27.84
C ASP A 112 -14.32 -0.28 29.15
N GLY A 1 -15.48 3.99 19.38
CA GLY A 1 -14.07 3.96 18.89
C GLY A 1 -13.99 3.69 17.40
N SER A 2 -12.86 3.15 16.94
CA SER A 2 -12.62 2.75 15.53
C SER A 2 -11.65 1.57 15.45
N LYS A 3 -11.44 1.03 14.24
CA LYS A 3 -10.53 -0.10 13.95
C LYS A 3 -9.91 0.03 12.55
N ALA A 4 -8.64 -0.36 12.41
CA ALA A 4 -7.91 -0.36 11.14
C ALA A 4 -7.90 -1.76 10.50
N GLU A 5 -8.90 -2.01 9.64
CA GLU A 5 -9.08 -3.26 8.88
C GLU A 5 -9.72 -3.02 7.50
N LYS A 6 -9.80 -4.07 6.65
CA LYS A 6 -10.25 -4.02 5.25
C LYS A 6 -9.43 -3.05 4.37
N THR A 7 -9.90 -2.77 3.15
CA THR A 7 -9.25 -1.90 2.14
C THR A 7 -10.16 -0.73 1.75
N LEU A 8 -9.60 0.42 1.36
CA LEU A 8 -10.36 1.53 0.75
C LEU A 8 -10.85 1.26 -0.69
N GLY A 9 -10.34 0.22 -1.37
CA GLY A 9 -10.67 -0.14 -2.75
C GLY A 9 -9.90 0.66 -3.82
N ASP A 10 -8.59 0.86 -3.65
CA ASP A 10 -7.76 1.68 -4.55
C ASP A 10 -6.29 1.23 -4.62
N PHE A 11 -5.71 0.65 -3.57
CA PHE A 11 -4.31 0.20 -3.53
C PHE A 11 -4.14 -1.17 -2.84
N ALA A 12 -3.06 -1.89 -3.17
CA ALA A 12 -2.81 -3.30 -2.83
C ALA A 12 -1.37 -3.57 -2.35
N ALA A 13 -1.18 -4.67 -1.61
CA ALA A 13 0.09 -5.13 -1.04
C ALA A 13 0.21 -6.67 -1.10
N GLU A 14 1.37 -7.17 -1.55
CA GLU A 14 1.63 -8.61 -1.69
C GLU A 14 3.16 -8.88 -1.75
N TYR A 15 3.62 -10.09 -1.40
CA TYR A 15 4.99 -10.52 -1.69
C TYR A 15 5.24 -10.60 -3.20
N ALA A 16 6.36 -10.05 -3.65
CA ALA A 16 6.78 -10.09 -5.04
C ALA A 16 7.02 -11.54 -5.52
N LYS A 17 6.09 -12.08 -6.30
CA LYS A 17 6.15 -13.46 -6.85
C LYS A 17 7.15 -13.59 -8.00
N SER A 18 7.62 -12.47 -8.54
CA SER A 18 8.51 -12.33 -9.69
C SER A 18 9.45 -11.13 -9.53
N ASN A 19 10.59 -11.13 -10.24
CA ASN A 19 11.46 -9.96 -10.40
C ASN A 19 11.10 -9.13 -11.66
N ARG A 20 9.89 -9.36 -12.21
CA ARG A 20 9.35 -8.74 -13.43
C ARG A 20 8.60 -7.43 -13.17
N SER A 21 8.09 -7.24 -11.95
CA SER A 21 7.55 -5.95 -11.48
C SER A 21 8.67 -4.90 -11.38
N THR A 22 8.34 -3.65 -11.70
CA THR A 22 9.25 -2.49 -11.59
C THR A 22 8.54 -1.38 -10.85
N CYS A 23 9.23 -0.76 -9.90
CA CYS A 23 8.75 0.35 -9.11
C CYS A 23 8.65 1.59 -9.99
N LYS A 24 7.43 2.08 -10.15
CA LYS A 24 7.09 3.30 -10.85
C LYS A 24 7.33 4.55 -9.99
N GLY A 25 7.73 4.37 -8.73
CA GLY A 25 8.22 5.43 -7.84
C GLY A 25 9.64 5.90 -8.16
N CYS A 26 10.56 4.95 -8.39
CA CYS A 26 12.00 5.24 -8.64
C CYS A 26 12.61 4.67 -9.95
N MET A 27 11.82 3.99 -10.78
CA MET A 27 12.27 3.33 -12.03
C MET A 27 13.35 2.24 -11.80
N GLU A 28 13.13 1.37 -10.81
CA GLU A 28 14.01 0.21 -10.52
C GLU A 28 13.21 -1.06 -10.30
N LYS A 29 13.82 -2.20 -10.61
CA LYS A 29 13.13 -3.50 -10.55
C LYS A 29 12.82 -3.88 -9.11
N ILE A 30 11.60 -4.35 -8.88
CA ILE A 30 11.14 -4.84 -7.58
C ILE A 30 11.63 -6.29 -7.38
N GLU A 31 12.32 -6.54 -6.27
CA GLU A 31 12.98 -7.82 -5.99
C GLU A 31 11.98 -8.90 -5.58
N LYS A 32 12.20 -10.12 -6.08
CA LYS A 32 11.39 -11.31 -5.73
C LYS A 32 11.55 -11.65 -4.25
N GLY A 33 10.46 -12.11 -3.62
CA GLY A 33 10.42 -12.62 -2.24
C GLY A 33 10.42 -11.56 -1.13
N GLN A 34 10.29 -10.26 -1.48
CA GLN A 34 10.04 -9.15 -0.55
C GLN A 34 8.75 -8.40 -0.94
N VAL A 35 8.23 -7.52 -0.07
CA VAL A 35 6.92 -6.85 -0.27
C VAL A 35 6.92 -5.95 -1.50
N ARG A 36 5.80 -5.92 -2.25
CA ARG A 36 5.51 -4.93 -3.29
C ARG A 36 4.09 -4.38 -3.17
N LEU A 37 3.92 -3.08 -3.40
CA LEU A 37 2.64 -2.38 -3.32
C LEU A 37 2.23 -1.86 -4.71
N SER A 38 0.93 -1.64 -4.93
CA SER A 38 0.43 -0.98 -6.14
C SER A 38 -0.80 -0.12 -5.88
N LYS A 39 -1.08 0.83 -6.79
CA LYS A 39 -2.32 1.62 -6.82
C LYS A 39 -3.03 1.44 -8.17
N LYS A 40 -4.35 1.29 -8.15
CA LYS A 40 -5.21 1.31 -9.34
C LYS A 40 -5.52 2.77 -9.67
N MET A 41 -5.02 3.25 -10.80
CA MET A 41 -5.25 4.62 -11.29
C MET A 41 -4.94 4.74 -12.78
N VAL A 42 -5.61 5.66 -13.48
CA VAL A 42 -5.17 6.11 -14.80
C VAL A 42 -3.73 6.63 -14.70
N ASP A 43 -2.84 6.11 -15.54
CA ASP A 43 -1.42 6.47 -15.52
C ASP A 43 -1.23 7.95 -15.93
N PRO A 44 -0.60 8.79 -15.09
CA PRO A 44 -0.47 10.23 -15.34
C PRO A 44 0.49 10.57 -16.49
N GLU A 45 1.33 9.62 -16.93
CA GLU A 45 2.28 9.73 -18.05
C GLU A 45 1.75 9.05 -19.32
N LYS A 46 0.69 8.22 -19.19
CA LYS A 46 0.08 7.37 -20.23
C LYS A 46 -1.45 7.26 -20.05
N PRO A 47 -2.20 8.38 -20.07
CA PRO A 47 -3.66 8.37 -19.83
C PRO A 47 -4.45 7.51 -20.83
N GLN A 48 -3.88 7.23 -22.02
CA GLN A 48 -4.47 6.36 -23.05
C GLN A 48 -4.66 4.90 -22.59
N LEU A 49 -3.94 4.43 -21.56
CA LEU A 49 -4.16 3.12 -20.94
C LEU A 49 -5.54 2.95 -20.29
N GLY A 50 -6.14 4.04 -19.79
CA GLY A 50 -7.04 3.95 -18.64
C GLY A 50 -6.27 3.52 -17.38
N MET A 51 -6.98 2.94 -16.42
CA MET A 51 -6.51 2.54 -15.10
C MET A 51 -5.58 1.34 -15.17
N ILE A 52 -4.46 1.40 -14.43
CA ILE A 52 -3.54 0.28 -14.24
C ILE A 52 -3.21 0.08 -12.77
N ASP A 53 -2.74 -1.13 -12.45
CA ASP A 53 -2.19 -1.48 -11.14
C ASP A 53 -0.68 -1.14 -11.12
N ARG A 54 -0.35 0.13 -10.87
CA ARG A 54 1.01 0.70 -10.96
C ARG A 54 1.81 0.32 -9.71
N TRP A 55 2.94 -0.37 -9.86
CA TRP A 55 3.73 -0.94 -8.75
C TRP A 55 4.78 0.02 -8.16
N TYR A 56 5.14 -0.20 -6.89
CA TYR A 56 6.06 0.59 -6.05
C TYR A 56 6.76 -0.29 -4.99
N HIS A 57 7.96 0.14 -4.55
CA HIS A 57 8.68 -0.46 -3.39
C HIS A 57 8.00 -0.08 -2.05
N PRO A 58 8.25 -0.83 -0.95
CA PRO A 58 7.83 -0.48 0.41
C PRO A 58 8.40 0.85 0.95
N GLY A 59 9.54 1.30 0.45
CA GLY A 59 10.05 2.65 0.72
C GLY A 59 9.41 3.73 -0.18
N CYS A 60 9.32 3.46 -1.49
CA CYS A 60 8.90 4.45 -2.47
C CYS A 60 7.41 4.79 -2.41
N PHE A 61 6.54 3.81 -2.15
CA PHE A 61 5.10 4.10 -2.02
C PHE A 61 4.81 5.08 -0.88
N VAL A 62 5.60 5.04 0.21
CA VAL A 62 5.56 6.05 1.30
C VAL A 62 6.13 7.40 0.83
N LYS A 63 7.20 7.41 0.04
CA LYS A 63 7.86 8.60 -0.51
C LYS A 63 6.97 9.39 -1.50
N ASN A 64 6.11 8.71 -2.26
CA ASN A 64 5.08 9.27 -3.13
C ASN A 64 3.66 9.08 -2.59
N ARG A 65 3.46 8.78 -1.30
CA ARG A 65 2.13 8.59 -0.67
C ARG A 65 1.15 9.72 -0.97
N GLU A 66 1.65 10.94 -1.05
CA GLU A 66 0.86 12.16 -1.30
C GLU A 66 0.53 12.34 -2.79
N GLU A 67 1.34 11.77 -3.69
CA GLU A 67 1.00 11.59 -5.11
C GLU A 67 0.02 10.42 -5.31
N LEU A 68 0.16 9.34 -4.53
CA LEU A 68 -0.79 8.22 -4.45
C LEU A 68 -2.10 8.59 -3.71
N GLY A 69 -2.14 9.70 -2.97
CA GLY A 69 -3.36 10.27 -2.38
C GLY A 69 -3.70 9.76 -0.97
N PHE A 70 -2.75 9.16 -0.26
CA PHE A 70 -2.91 8.69 1.12
C PHE A 70 -3.23 9.84 2.12
N ARG A 71 -4.09 9.52 3.09
CA ARG A 71 -4.45 10.31 4.28
C ARG A 71 -4.50 9.38 5.51
N PRO A 72 -4.41 9.89 6.75
CA PRO A 72 -4.46 9.05 7.96
C PRO A 72 -5.74 8.22 8.09
N GLU A 73 -6.87 8.68 7.54
CA GLU A 73 -8.13 7.91 7.55
C GLU A 73 -8.09 6.63 6.70
N TYR A 74 -7.07 6.47 5.84
CA TYR A 74 -6.80 5.25 5.09
C TYR A 74 -5.28 5.00 4.90
N SER A 75 -4.60 4.73 6.02
CA SER A 75 -3.20 4.31 6.13
C SER A 75 -2.84 3.04 5.33
N ALA A 76 -1.58 2.61 5.46
CA ALA A 76 -1.11 1.31 4.93
C ALA A 76 -1.97 0.09 5.34
N SER A 77 -2.76 0.19 6.42
CA SER A 77 -3.74 -0.86 6.76
C SER A 77 -4.77 -1.12 5.66
N GLN A 78 -5.06 -0.11 4.82
CA GLN A 78 -6.08 -0.10 3.79
C GLN A 78 -5.60 -0.60 2.42
N LEU A 79 -4.51 -1.38 2.36
CA LEU A 79 -4.03 -2.06 1.16
C LEU A 79 -4.62 -3.48 1.04
N LYS A 80 -5.10 -3.87 -0.15
CA LYS A 80 -5.60 -5.24 -0.43
C LYS A 80 -4.52 -6.27 -0.12
N GLY A 81 -4.84 -7.30 0.66
CA GLY A 81 -3.90 -8.37 1.00
C GLY A 81 -2.82 -8.01 2.03
N PHE A 82 -2.86 -6.81 2.64
CA PHE A 82 -1.95 -6.40 3.71
C PHE A 82 -1.92 -7.42 4.85
N SER A 83 -3.09 -7.88 5.29
CA SER A 83 -3.27 -8.87 6.36
C SER A 83 -2.61 -10.23 6.08
N LEU A 84 -2.38 -10.57 4.81
CA LEU A 84 -1.79 -11.85 4.36
C LEU A 84 -0.25 -11.85 4.38
N LEU A 85 0.39 -10.70 4.58
CA LEU A 85 1.83 -10.58 4.81
C LEU A 85 2.22 -11.14 6.20
N ALA A 86 3.52 -11.33 6.45
CA ALA A 86 4.04 -11.56 7.80
C ALA A 86 3.79 -10.36 8.72
N THR A 87 3.54 -10.62 10.00
CA THR A 87 3.19 -9.58 11.00
C THR A 87 4.25 -8.50 11.13
N GLU A 88 5.53 -8.85 11.03
CA GLU A 88 6.63 -7.88 11.04
C GLU A 88 6.58 -6.90 9.85
N ASP A 89 6.06 -7.32 8.69
CA ASP A 89 5.86 -6.43 7.53
C ASP A 89 4.58 -5.60 7.68
N LYS A 90 3.49 -6.16 8.22
CA LYS A 90 2.26 -5.42 8.56
C LYS A 90 2.54 -4.29 9.56
N GLU A 91 3.37 -4.55 10.57
CA GLU A 91 3.84 -3.51 11.49
C GLU A 91 4.74 -2.49 10.78
N ALA A 92 5.74 -2.93 10.01
CA ALA A 92 6.69 -2.04 9.35
C ALA A 92 6.07 -1.11 8.29
N LEU A 93 5.01 -1.54 7.60
CA LEU A 93 4.26 -0.71 6.65
C LEU A 93 3.51 0.41 7.38
N LYS A 94 2.83 0.12 8.50
CA LYS A 94 2.20 1.13 9.37
C LYS A 94 3.25 2.02 10.03
N LYS A 95 4.39 1.48 10.47
CA LYS A 95 5.47 2.27 11.11
C LYS A 95 6.02 3.40 10.21
N GLN A 96 5.92 3.23 8.89
CA GLN A 96 6.34 4.21 7.88
C GLN A 96 5.17 5.06 7.37
N LEU A 97 3.95 4.48 7.29
CA LEU A 97 2.73 5.16 6.85
C LEU A 97 1.52 4.80 7.75
N PRO A 98 1.45 5.34 8.99
CA PRO A 98 0.42 5.01 9.98
C PRO A 98 -0.82 5.91 9.85
N GLY A 99 -1.96 5.48 10.38
CA GLY A 99 -3.14 6.33 10.57
C GLY A 99 -4.22 5.70 11.45
N VAL A 100 -5.45 6.21 11.31
CA VAL A 100 -6.71 5.86 11.99
C VAL A 100 -6.66 5.93 13.53
N LYS A 101 -7.51 6.78 14.12
CA LYS A 101 -7.70 6.90 15.58
C LYS A 101 -8.55 5.76 16.14
N SER A 102 -7.99 4.54 16.05
CA SER A 102 -8.51 3.33 16.71
C SER A 102 -8.47 3.44 18.24
N GLU A 103 -7.56 4.27 18.77
CA GLU A 103 -7.49 4.68 20.19
C GLU A 103 -7.69 6.20 20.31
N GLY A 104 -8.41 6.64 21.35
CA GLY A 104 -8.54 8.06 21.72
C GLY A 104 -7.30 8.67 22.39
N LYS A 105 -6.23 7.87 22.57
CA LYS A 105 -5.00 8.21 23.30
C LYS A 105 -3.95 8.93 22.45
N ARG A 106 -4.16 8.98 21.12
CA ARG A 106 -3.21 9.56 20.14
C ARG A 106 -3.23 11.10 20.08
N LYS A 107 -4.22 11.74 20.73
CA LYS A 107 -4.49 13.19 20.68
C LYS A 107 -3.34 14.05 21.23
N GLY A 108 -3.33 15.32 20.80
CA GLY A 108 -2.37 16.34 21.22
C GLY A 108 -2.42 17.54 20.27
N ASP A 109 -1.55 17.53 19.26
CA ASP A 109 -1.41 18.59 18.25
C ASP A 109 -1.20 18.08 16.80
N GLU A 110 -0.97 16.79 16.60
CA GLU A 110 -0.73 16.21 15.26
C GLU A 110 -1.97 15.59 14.60
N VAL A 111 -3.01 15.30 15.39
CA VAL A 111 -4.27 14.64 14.96
C VAL A 111 -5.54 15.37 15.47
N ASP A 112 -5.40 16.63 15.87
CA ASP A 112 -6.46 17.50 16.43
C ASP A 112 -7.01 18.52 15.41
N GLY A 1 -12.60 -8.28 16.67
CA GLY A 1 -11.45 -7.48 17.16
C GLY A 1 -11.66 -5.98 16.94
N SER A 2 -10.81 -5.15 17.54
CA SER A 2 -10.90 -3.68 17.47
C SER A 2 -10.47 -3.11 16.10
N LYS A 3 -9.41 -3.66 15.49
CA LYS A 3 -8.85 -3.17 14.22
C LYS A 3 -9.72 -3.56 13.01
N ALA A 4 -9.77 -2.68 12.01
CA ALA A 4 -10.51 -2.87 10.77
C ALA A 4 -9.74 -3.74 9.76
N GLU A 5 -10.49 -4.38 8.84
CA GLU A 5 -9.95 -5.26 7.78
C GLU A 5 -10.25 -4.75 6.35
N LYS A 6 -10.80 -3.53 6.24
CA LYS A 6 -11.25 -2.91 4.98
C LYS A 6 -10.12 -2.19 4.23
N THR A 7 -10.25 -2.11 2.91
CA THR A 7 -9.42 -1.29 2.02
C THR A 7 -10.20 -0.04 1.59
N LEU A 8 -9.51 1.07 1.29
CA LEU A 8 -10.17 2.25 0.67
C LEU A 8 -10.62 2.01 -0.80
N GLY A 9 -10.11 0.96 -1.45
CA GLY A 9 -10.45 0.57 -2.83
C GLY A 9 -9.53 1.13 -3.94
N ASP A 10 -8.31 1.59 -3.62
CA ASP A 10 -7.43 2.28 -4.58
C ASP A 10 -5.95 1.83 -4.54
N PHE A 11 -5.49 1.09 -3.53
CA PHE A 11 -4.12 0.55 -3.47
C PHE A 11 -4.02 -0.82 -2.76
N ALA A 12 -2.99 -1.60 -3.09
CA ALA A 12 -2.82 -3.01 -2.75
C ALA A 12 -1.39 -3.34 -2.25
N ALA A 13 -1.26 -4.46 -1.52
CA ALA A 13 0.01 -4.96 -0.98
C ALA A 13 0.16 -6.48 -1.20
N GLU A 14 1.38 -6.95 -1.45
CA GLU A 14 1.73 -8.33 -1.80
C GLU A 14 3.23 -8.58 -1.52
N TYR A 15 3.72 -9.80 -1.72
CA TYR A 15 5.15 -10.06 -1.93
C TYR A 15 5.45 -10.22 -3.42
N ALA A 16 6.64 -9.80 -3.84
CA ALA A 16 7.04 -9.79 -5.23
C ALA A 16 7.13 -11.21 -5.82
N LYS A 17 6.37 -11.43 -6.90
CA LYS A 17 6.14 -12.73 -7.52
C LYS A 17 7.04 -12.99 -8.74
N SER A 18 7.66 -11.95 -9.30
CA SER A 18 8.75 -12.00 -10.26
C SER A 18 9.59 -10.72 -10.20
N ASN A 19 10.87 -10.82 -10.57
CA ASN A 19 11.78 -9.66 -10.76
C ASN A 19 11.56 -8.97 -12.12
N ARG A 20 10.42 -9.24 -12.77
CA ARG A 20 9.94 -8.55 -13.99
C ARG A 20 9.05 -7.34 -13.65
N SER A 21 8.53 -7.26 -12.42
CA SER A 21 7.84 -6.08 -11.89
C SER A 21 8.83 -4.97 -11.49
N THR A 22 8.40 -3.71 -11.62
CA THR A 22 9.28 -2.53 -11.51
C THR A 22 8.56 -1.41 -10.78
N CYS A 23 9.28 -0.74 -9.90
CA CYS A 23 8.78 0.37 -9.11
C CYS A 23 8.68 1.62 -9.98
N LYS A 24 7.45 2.12 -10.16
CA LYS A 24 7.19 3.41 -10.81
C LYS A 24 7.53 4.61 -9.92
N GLY A 25 7.80 4.37 -8.64
CA GLY A 25 8.21 5.39 -7.66
C GLY A 25 9.67 5.86 -7.80
N CYS A 26 10.56 5.01 -8.31
CA CYS A 26 11.96 5.36 -8.59
C CYS A 26 12.55 4.82 -9.92
N MET A 27 11.78 4.03 -10.69
CA MET A 27 12.19 3.36 -11.92
C MET A 27 13.36 2.37 -11.73
N GLU A 28 13.22 1.47 -10.74
CA GLU A 28 14.13 0.33 -10.53
C GLU A 28 13.31 -0.95 -10.28
N LYS A 29 13.86 -2.12 -10.65
CA LYS A 29 13.08 -3.36 -10.58
C LYS A 29 12.82 -3.79 -9.13
N ILE A 30 11.64 -4.34 -8.91
CA ILE A 30 11.22 -4.84 -7.59
C ILE A 30 11.77 -6.27 -7.38
N GLU A 31 12.45 -6.47 -6.24
CA GLU A 31 13.16 -7.71 -5.93
C GLU A 31 12.21 -8.82 -5.48
N LYS A 32 12.42 -10.04 -5.99
CA LYS A 32 11.62 -11.24 -5.70
C LYS A 32 11.58 -11.53 -4.19
N GLY A 33 10.39 -11.87 -3.68
CA GLY A 33 10.18 -12.41 -2.32
C GLY A 33 10.13 -11.38 -1.19
N GLN A 34 10.51 -10.11 -1.43
CA GLN A 34 10.25 -8.99 -0.50
C GLN A 34 8.93 -8.27 -0.86
N VAL A 35 8.41 -7.41 0.03
CA VAL A 35 7.09 -6.77 -0.12
C VAL A 35 7.05 -5.83 -1.34
N ARG A 36 5.89 -5.76 -2.02
CA ARG A 36 5.58 -4.76 -3.05
C ARG A 36 4.16 -4.21 -2.89
N LEU A 37 3.98 -2.93 -3.17
CA LEU A 37 2.69 -2.23 -3.11
C LEU A 37 2.30 -1.71 -4.49
N SER A 38 1.02 -1.52 -4.77
CA SER A 38 0.54 -0.91 -6.01
C SER A 38 -0.67 0.01 -5.83
N LYS A 39 -0.90 0.92 -6.78
CA LYS A 39 -2.09 1.78 -6.88
C LYS A 39 -2.90 1.42 -8.13
N LYS A 40 -4.23 1.35 -8.01
CA LYS A 40 -5.15 1.23 -9.14
C LYS A 40 -5.43 2.62 -9.71
N MET A 41 -4.99 2.88 -10.93
CA MET A 41 -5.25 4.15 -11.66
C MET A 41 -4.93 4.02 -13.15
N VAL A 42 -5.60 4.82 -13.99
CA VAL A 42 -5.22 5.00 -15.40
C VAL A 42 -3.74 5.40 -15.50
N ASP A 43 -2.96 4.67 -16.32
CA ASP A 43 -1.53 4.92 -16.49
C ASP A 43 -1.31 6.27 -17.23
N PRO A 44 -0.52 7.21 -16.67
CA PRO A 44 -0.36 8.55 -17.22
C PRO A 44 0.44 8.60 -18.53
N GLU A 45 1.17 7.54 -18.86
CA GLU A 45 1.98 7.39 -20.08
C GLU A 45 1.29 6.49 -21.13
N LYS A 46 0.23 5.78 -20.71
CA LYS A 46 -0.56 4.81 -21.50
C LYS A 46 -2.05 4.86 -21.16
N PRO A 47 -2.72 6.03 -21.30
CA PRO A 47 -4.15 6.16 -20.97
C PRO A 47 -5.07 5.23 -21.77
N GLN A 48 -4.61 4.72 -22.91
CA GLN A 48 -5.33 3.74 -23.75
C GLN A 48 -5.58 2.39 -23.04
N LEU A 49 -4.77 2.02 -22.03
CA LEU A 49 -5.05 0.84 -21.19
C LEU A 49 -6.30 0.98 -20.30
N GLY A 50 -6.69 2.20 -19.94
CA GLY A 50 -7.39 2.44 -18.69
C GLY A 50 -6.49 2.13 -17.48
N MET A 51 -7.12 1.65 -16.41
CA MET A 51 -6.55 1.47 -15.07
C MET A 51 -5.58 0.29 -15.00
N ILE A 52 -4.43 0.51 -14.35
CA ILE A 52 -3.48 -0.54 -13.99
C ILE A 52 -3.25 -0.59 -12.48
N ASP A 53 -2.72 -1.72 -12.03
CA ASP A 53 -2.12 -1.86 -10.70
C ASP A 53 -0.62 -1.48 -10.80
N ARG A 54 -0.32 -0.18 -10.71
CA ARG A 54 1.04 0.38 -10.88
C ARG A 54 1.87 0.08 -9.64
N TRP A 55 3.01 -0.62 -9.78
CA TRP A 55 3.80 -1.11 -8.64
C TRP A 55 4.86 -0.10 -8.13
N TYR A 56 5.20 -0.22 -6.85
CA TYR A 56 6.09 0.61 -6.04
C TYR A 56 6.80 -0.23 -4.95
N HIS A 57 7.99 0.21 -4.52
CA HIS A 57 8.72 -0.36 -3.36
C HIS A 57 8.07 0.02 -2.01
N PRO A 58 8.36 -0.71 -0.91
CA PRO A 58 8.00 -0.34 0.46
C PRO A 58 8.52 1.03 0.95
N GLY A 59 9.65 1.49 0.44
CA GLY A 59 10.14 2.85 0.70
C GLY A 59 9.45 3.90 -0.18
N CYS A 60 9.32 3.62 -1.48
CA CYS A 60 8.89 4.58 -2.48
C CYS A 60 7.38 4.89 -2.41
N PHE A 61 6.53 3.90 -2.13
CA PHE A 61 5.10 4.15 -1.99
C PHE A 61 4.81 5.17 -0.87
N VAL A 62 5.61 5.15 0.21
CA VAL A 62 5.59 6.18 1.27
C VAL A 62 6.13 7.53 0.75
N LYS A 63 7.20 7.53 -0.05
CA LYS A 63 7.77 8.75 -0.65
C LYS A 63 6.77 9.51 -1.55
N ASN A 64 5.95 8.79 -2.31
CA ASN A 64 4.88 9.33 -3.16
C ASN A 64 3.48 9.17 -2.56
N ARG A 65 3.32 8.87 -1.26
CA ARG A 65 2.01 8.68 -0.59
C ARG A 65 1.00 9.79 -0.88
N GLU A 66 1.47 11.02 -1.00
CA GLU A 66 0.67 12.21 -1.26
C GLU A 66 0.30 12.36 -2.74
N GLU A 67 1.09 11.78 -3.64
CA GLU A 67 0.74 11.57 -5.05
C GLU A 67 -0.23 10.36 -5.22
N LEU A 68 -0.01 9.28 -4.45
CA LEU A 68 -0.88 8.10 -4.42
C LEU A 68 -2.24 8.36 -3.73
N GLY A 69 -2.32 9.37 -2.85
CA GLY A 69 -3.59 9.87 -2.27
C GLY A 69 -3.87 9.43 -0.83
N PHE A 70 -2.86 9.02 -0.07
CA PHE A 70 -2.97 8.63 1.34
C PHE A 70 -3.36 9.79 2.26
N ARG A 71 -4.21 9.49 3.24
CA ARG A 71 -4.53 10.28 4.45
C ARG A 71 -4.54 9.34 5.66
N PRO A 72 -4.42 9.83 6.91
CA PRO A 72 -4.40 8.97 8.11
C PRO A 72 -5.60 8.03 8.22
N GLU A 73 -6.80 8.47 7.82
CA GLU A 73 -8.04 7.67 7.87
C GLU A 73 -8.01 6.39 6.99
N TYR A 74 -7.03 6.29 6.08
CA TYR A 74 -6.73 5.09 5.28
C TYR A 74 -5.22 4.98 4.99
N SER A 75 -4.45 4.79 6.06
CA SER A 75 -3.03 4.41 6.06
C SER A 75 -2.74 3.10 5.30
N ALA A 76 -1.48 2.64 5.37
CA ALA A 76 -1.08 1.30 4.91
C ALA A 76 -1.98 0.15 5.43
N SER A 77 -2.69 0.35 6.55
CA SER A 77 -3.65 -0.61 7.09
C SER A 77 -4.83 -0.88 6.14
N GLN A 78 -5.10 0.01 5.17
CA GLN A 78 -6.16 -0.09 4.18
C GLN A 78 -5.65 -0.37 2.75
N LEU A 79 -4.52 -1.06 2.60
CA LEU A 79 -4.08 -1.68 1.34
C LEU A 79 -4.73 -3.08 1.16
N LYS A 80 -5.17 -3.41 -0.07
CA LYS A 80 -5.73 -4.73 -0.41
C LYS A 80 -4.74 -5.83 -0.05
N GLY A 81 -5.23 -6.86 0.65
CA GLY A 81 -4.42 -8.01 1.07
C GLY A 81 -3.39 -7.72 2.18
N PHE A 82 -3.34 -6.52 2.77
CA PHE A 82 -2.41 -6.17 3.86
C PHE A 82 -2.49 -7.17 5.00
N SER A 83 -3.71 -7.55 5.40
CA SER A 83 -3.98 -8.49 6.50
C SER A 83 -3.38 -9.90 6.28
N LEU A 84 -3.11 -10.27 5.03
CA LEU A 84 -2.57 -11.58 4.63
C LEU A 84 -1.02 -11.60 4.54
N LEU A 85 -0.34 -10.46 4.69
CA LEU A 85 1.12 -10.41 4.85
C LEU A 85 1.55 -11.03 6.21
N ALA A 86 2.85 -11.30 6.38
CA ALA A 86 3.42 -11.70 7.67
C ALA A 86 3.33 -10.55 8.69
N THR A 87 3.19 -10.87 9.98
CA THR A 87 2.97 -9.89 11.06
C THR A 87 4.08 -8.84 11.12
N GLU A 88 5.34 -9.24 10.91
CA GLU A 88 6.48 -8.32 10.90
C GLU A 88 6.42 -7.31 9.74
N ASP A 89 5.85 -7.68 8.59
CA ASP A 89 5.66 -6.78 7.45
C ASP A 89 4.41 -5.90 7.60
N LYS A 90 3.34 -6.43 8.20
CA LYS A 90 2.14 -5.66 8.58
C LYS A 90 2.49 -4.55 9.57
N GLU A 91 3.35 -4.85 10.55
CA GLU A 91 3.92 -3.84 11.45
C GLU A 91 4.83 -2.86 10.70
N ALA A 92 5.76 -3.35 9.87
CA ALA A 92 6.72 -2.49 9.16
C ALA A 92 6.08 -1.49 8.20
N LEU A 93 5.00 -1.86 7.49
CA LEU A 93 4.28 -0.96 6.57
C LEU A 93 3.60 0.18 7.34
N LYS A 94 2.97 -0.11 8.49
CA LYS A 94 2.44 0.91 9.41
C LYS A 94 3.57 1.75 10.01
N LYS A 95 4.69 1.14 10.39
CA LYS A 95 5.85 1.83 10.97
C LYS A 95 6.56 2.79 10.01
N GLN A 96 6.25 2.73 8.71
CA GLN A 96 6.67 3.73 7.71
C GLN A 96 5.52 4.68 7.29
N LEU A 97 4.28 4.19 7.21
CA LEU A 97 3.08 4.98 6.89
C LEU A 97 1.88 4.60 7.80
N PRO A 98 1.83 5.12 9.04
CA PRO A 98 0.79 4.80 10.02
C PRO A 98 -0.41 5.74 9.92
N GLY A 99 -1.57 5.32 10.42
CA GLY A 99 -2.70 6.22 10.69
C GLY A 99 -3.82 5.58 11.51
N VAL A 100 -5.04 6.01 11.23
CA VAL A 100 -6.30 5.56 11.82
C VAL A 100 -6.77 4.26 11.14
N LYS A 101 -7.39 3.37 11.94
CA LYS A 101 -8.02 2.12 11.45
C LYS A 101 -9.19 2.36 10.51
N SER A 102 -10.03 3.33 10.87
CA SER A 102 -11.15 3.93 10.12
C SER A 102 -11.71 5.14 10.90
N GLU A 103 -11.75 5.00 12.23
CA GLU A 103 -12.03 6.06 13.21
C GLU A 103 -11.22 5.77 14.49
N GLY A 104 -10.58 6.81 15.06
CA GLY A 104 -9.43 6.65 15.97
C GLY A 104 -9.70 6.00 17.34
N LYS A 105 -10.96 6.04 17.83
CA LYS A 105 -11.36 5.50 19.14
C LYS A 105 -12.62 4.61 19.13
N ARG A 106 -13.14 4.26 17.96
CA ARG A 106 -14.44 3.57 17.81
C ARG A 106 -14.39 2.13 18.36
N LYS A 107 -15.36 1.75 19.20
CA LYS A 107 -15.56 0.37 19.69
C LYS A 107 -17.04 0.11 20.03
N GLY A 108 -17.48 -1.14 19.86
CA GLY A 108 -18.91 -1.52 19.93
C GLY A 108 -19.77 -0.84 18.87
N ASP A 109 -19.16 -0.43 17.75
CA ASP A 109 -19.71 0.46 16.72
C ASP A 109 -20.25 1.82 17.26
N GLU A 110 -19.60 2.34 18.32
CA GLU A 110 -19.87 3.65 18.92
C GLU A 110 -18.56 4.42 19.18
N VAL A 111 -18.64 5.75 19.33
CA VAL A 111 -17.51 6.64 19.66
C VAL A 111 -17.25 6.67 21.18
N ASP A 112 -17.31 5.50 21.81
CA ASP A 112 -17.24 5.27 23.26
C ASP A 112 -15.84 5.55 23.85
N GLY A 1 -23.59 -9.75 14.77
CA GLY A 1 -22.12 -9.76 14.55
C GLY A 1 -21.54 -8.36 14.67
N SER A 2 -20.27 -8.26 15.07
CA SER A 2 -19.52 -7.00 15.21
C SER A 2 -19.04 -6.42 13.86
N LYS A 3 -18.78 -5.12 13.82
CA LYS A 3 -18.26 -4.39 12.65
C LYS A 3 -16.74 -4.57 12.48
N ALA A 4 -16.25 -4.42 11.24
CA ALA A 4 -14.84 -4.51 10.87
C ALA A 4 -14.48 -3.54 9.73
N GLU A 5 -13.19 -3.21 9.60
CA GLU A 5 -12.65 -2.33 8.56
C GLU A 5 -12.45 -3.07 7.21
N LYS A 6 -12.47 -2.32 6.11
CA LYS A 6 -12.27 -2.83 4.73
C LYS A 6 -11.46 -1.83 3.89
N THR A 7 -10.58 -2.37 3.02
CA THR A 7 -9.67 -1.65 2.11
C THR A 7 -10.32 -0.49 1.39
N LEU A 8 -9.58 0.61 1.15
CA LEU A 8 -10.16 1.80 0.48
C LEU A 8 -10.49 1.58 -1.02
N GLY A 9 -9.98 0.51 -1.63
CA GLY A 9 -10.23 0.14 -3.03
C GLY A 9 -9.33 0.85 -4.06
N ASP A 10 -8.20 1.42 -3.63
CA ASP A 10 -7.33 2.23 -4.50
C ASP A 10 -5.86 1.79 -4.51
N PHE A 11 -5.38 1.07 -3.50
CA PHE A 11 -4.01 0.56 -3.45
C PHE A 11 -3.89 -0.82 -2.77
N ALA A 12 -2.81 -1.56 -3.08
CA ALA A 12 -2.56 -2.98 -2.79
C ALA A 12 -1.16 -3.26 -2.23
N ALA A 13 -0.99 -4.41 -1.56
CA ALA A 13 0.24 -4.89 -0.94
C ALA A 13 0.35 -6.43 -1.04
N GLU A 14 1.51 -6.95 -1.44
CA GLU A 14 1.72 -8.37 -1.76
C GLU A 14 3.23 -8.68 -1.78
N TYR A 15 3.63 -9.93 -1.61
CA TYR A 15 5.02 -10.33 -1.84
C TYR A 15 5.34 -10.51 -3.33
N ALA A 16 6.46 -9.94 -3.78
CA ALA A 16 6.93 -10.00 -5.16
C ALA A 16 7.23 -11.45 -5.59
N LYS A 17 6.31 -12.08 -6.34
CA LYS A 17 6.42 -13.48 -6.81
C LYS A 17 7.52 -13.67 -7.88
N SER A 18 7.87 -12.61 -8.59
CA SER A 18 8.94 -12.56 -9.59
C SER A 18 9.52 -11.15 -9.74
N ASN A 19 10.74 -11.03 -10.25
CA ASN A 19 11.43 -9.76 -10.52
C ASN A 19 10.88 -9.00 -11.75
N ARG A 20 9.72 -9.41 -12.28
CA ARG A 20 9.05 -8.80 -13.45
C ARG A 20 8.35 -7.48 -13.13
N SER A 21 7.85 -7.30 -11.90
CA SER A 21 7.30 -6.03 -11.42
C SER A 21 8.39 -4.95 -11.32
N THR A 22 8.03 -3.70 -11.62
CA THR A 22 8.96 -2.57 -11.65
C THR A 22 8.35 -1.38 -10.92
N CYS A 23 9.16 -0.71 -10.11
CA CYS A 23 8.75 0.42 -9.30
C CYS A 23 8.63 1.69 -10.16
N LYS A 24 7.42 2.21 -10.29
CA LYS A 24 7.16 3.52 -10.91
C LYS A 24 7.55 4.70 -10.00
N GLY A 25 7.86 4.43 -8.74
CA GLY A 25 8.35 5.40 -7.75
C GLY A 25 9.79 5.84 -7.95
N CYS A 26 10.64 5.00 -8.56
CA CYS A 26 12.03 5.35 -8.91
C CYS A 26 12.57 4.78 -10.25
N MET A 27 11.77 3.99 -10.98
CA MET A 27 12.13 3.31 -12.24
C MET A 27 13.29 2.30 -12.08
N GLU A 28 13.16 1.38 -11.13
CA GLU A 28 14.03 0.20 -10.99
C GLU A 28 13.19 -1.05 -10.70
N LYS A 29 13.67 -2.24 -11.09
CA LYS A 29 12.88 -3.48 -10.96
C LYS A 29 12.80 -3.95 -9.51
N ILE A 30 11.60 -4.38 -9.12
CA ILE A 30 11.29 -4.79 -7.75
C ILE A 30 11.86 -6.19 -7.44
N GLU A 31 12.49 -6.33 -6.28
CA GLU A 31 13.15 -7.57 -5.87
C GLU A 31 12.13 -8.66 -5.52
N LYS A 32 12.41 -9.90 -5.96
CA LYS A 32 11.61 -11.09 -5.64
C LYS A 32 11.71 -11.45 -4.14
N GLY A 33 10.62 -11.98 -3.59
CA GLY A 33 10.55 -12.54 -2.23
C GLY A 33 10.45 -11.51 -1.09
N GLN A 34 10.23 -10.23 -1.41
CA GLN A 34 10.00 -9.13 -0.46
C GLN A 34 8.73 -8.35 -0.82
N VAL A 35 8.25 -7.47 0.07
CA VAL A 35 6.98 -6.74 -0.11
C VAL A 35 7.04 -5.80 -1.33
N ARG A 36 5.95 -5.73 -2.10
CA ARG A 36 5.70 -4.71 -3.12
C ARG A 36 4.29 -4.15 -2.99
N LEU A 37 4.11 -2.86 -3.27
CA LEU A 37 2.83 -2.16 -3.20
C LEU A 37 2.41 -1.65 -4.59
N SER A 38 1.12 -1.43 -4.82
CA SER A 38 0.60 -0.80 -6.05
C SER A 38 -0.59 0.12 -5.82
N LYS A 39 -0.89 0.99 -6.80
CA LYS A 39 -2.09 1.84 -6.84
C LYS A 39 -2.88 1.57 -8.13
N LYS A 40 -4.21 1.43 -8.03
CA LYS A 40 -5.15 1.33 -9.15
C LYS A 40 -5.50 2.74 -9.63
N MET A 41 -5.09 3.10 -10.84
CA MET A 41 -5.40 4.39 -11.48
C MET A 41 -5.19 4.35 -12.99
N VAL A 42 -5.96 5.14 -13.77
CA VAL A 42 -5.60 5.43 -15.15
C VAL A 42 -4.21 6.08 -15.18
N ASP A 43 -3.28 5.50 -15.91
CA ASP A 43 -1.90 6.01 -15.99
C ASP A 43 -1.84 7.29 -16.83
N PRO A 44 -1.21 8.37 -16.34
CA PRO A 44 -1.24 9.69 -16.98
C PRO A 44 -0.45 9.76 -18.30
N GLU A 45 0.44 8.81 -18.58
CA GLU A 45 1.17 8.70 -19.86
C GLU A 45 0.52 7.68 -20.81
N LYS A 46 -0.44 6.89 -20.31
CA LYS A 46 -1.16 5.82 -21.04
C LYS A 46 -2.67 5.82 -20.74
N PRO A 47 -3.39 6.93 -20.97
CA PRO A 47 -4.85 6.98 -20.77
C PRO A 47 -5.66 6.06 -21.72
N GLN A 48 -5.00 5.42 -22.71
CA GLN A 48 -5.62 4.46 -23.63
C GLN A 48 -5.78 3.07 -22.98
N LEU A 49 -4.92 2.76 -22.00
CA LEU A 49 -4.87 1.48 -21.30
C LEU A 49 -5.94 1.36 -20.20
N GLY A 50 -6.50 2.48 -19.73
CA GLY A 50 -7.35 2.54 -18.57
C GLY A 50 -6.57 2.34 -17.26
N MET A 51 -7.29 1.95 -16.22
CA MET A 51 -6.79 1.75 -14.86
C MET A 51 -5.81 0.58 -14.80
N ILE A 52 -4.63 0.83 -14.26
CA ILE A 52 -3.62 -0.19 -13.97
C ILE A 52 -3.29 -0.24 -12.49
N ASP A 53 -2.84 -1.39 -12.03
CA ASP A 53 -2.28 -1.59 -10.69
C ASP A 53 -0.77 -1.31 -10.75
N ARG A 54 -0.41 -0.03 -10.66
CA ARG A 54 0.96 0.48 -10.88
C ARG A 54 1.85 0.19 -9.67
N TRP A 55 2.95 -0.54 -9.84
CA TRP A 55 3.78 -1.05 -8.74
C TRP A 55 4.87 -0.06 -8.26
N TYR A 56 5.27 -0.19 -7.00
CA TYR A 56 6.20 0.61 -6.22
C TYR A 56 6.95 -0.24 -5.16
N HIS A 57 8.14 0.20 -4.75
CA HIS A 57 8.91 -0.38 -3.62
C HIS A 57 8.28 -0.03 -2.26
N PRO A 58 8.58 -0.78 -1.18
CA PRO A 58 8.19 -0.46 0.20
C PRO A 58 8.82 0.83 0.76
N GLY A 59 9.93 1.31 0.19
CA GLY A 59 10.45 2.66 0.47
C GLY A 59 9.76 3.75 -0.37
N CYS A 60 9.60 3.51 -1.69
CA CYS A 60 9.17 4.52 -2.64
C CYS A 60 7.68 4.86 -2.54
N PHE A 61 6.81 3.89 -2.28
CA PHE A 61 5.38 4.17 -2.14
C PHE A 61 5.12 5.18 -0.99
N VAL A 62 5.92 5.14 0.07
CA VAL A 62 5.91 6.15 1.15
C VAL A 62 6.44 7.50 0.67
N LYS A 63 7.51 7.52 -0.12
CA LYS A 63 8.10 8.74 -0.70
C LYS A 63 7.09 9.51 -1.58
N ASN A 64 6.20 8.81 -2.29
CA ASN A 64 5.12 9.37 -3.10
C ASN A 64 3.73 9.19 -2.46
N ARG A 65 3.59 8.87 -1.17
CA ARG A 65 2.30 8.62 -0.51
C ARG A 65 1.26 9.72 -0.73
N GLU A 66 1.71 10.97 -0.77
CA GLU A 66 0.88 12.16 -0.97
C GLU A 66 0.53 12.39 -2.45
N GLU A 67 1.31 11.83 -3.38
CA GLU A 67 0.96 11.69 -4.81
C GLU A 67 0.01 10.50 -5.04
N LEU A 68 0.20 9.38 -4.32
CA LEU A 68 -0.70 8.22 -4.30
C LEU A 68 -2.04 8.53 -3.60
N GLY A 69 -2.09 9.52 -2.69
CA GLY A 69 -3.30 10.04 -2.07
C GLY A 69 -3.61 9.51 -0.66
N PHE A 70 -2.60 9.00 0.05
CA PHE A 70 -2.73 8.54 1.45
C PHE A 70 -3.15 9.67 2.40
N ARG A 71 -4.06 9.33 3.33
CA ARG A 71 -4.48 10.11 4.50
C ARG A 71 -4.54 9.20 5.74
N PRO A 72 -4.49 9.74 6.98
CA PRO A 72 -4.55 8.95 8.20
C PRO A 72 -5.80 8.07 8.33
N GLU A 73 -6.92 8.45 7.72
CA GLU A 73 -8.16 7.64 7.74
C GLU A 73 -8.08 6.34 6.90
N TYR A 74 -7.06 6.21 6.03
CA TYR A 74 -6.77 4.99 5.26
C TYR A 74 -5.26 4.81 5.00
N SER A 75 -4.54 4.51 6.09
CA SER A 75 -3.13 4.10 6.11
C SER A 75 -2.85 2.80 5.34
N ALA A 76 -1.61 2.31 5.43
CA ALA A 76 -1.19 0.99 4.94
C ALA A 76 -2.10 -0.17 5.39
N SER A 77 -2.85 -0.03 6.49
CA SER A 77 -3.85 -1.01 6.92
C SER A 77 -4.96 -1.25 5.88
N GLN A 78 -5.17 -0.29 4.97
CA GLN A 78 -6.17 -0.27 3.92
C GLN A 78 -5.57 -0.52 2.52
N LEU A 79 -4.47 -1.25 2.42
CA LEU A 79 -3.94 -1.82 1.17
C LEU A 79 -4.55 -3.23 0.90
N LYS A 80 -5.00 -3.49 -0.33
CA LYS A 80 -5.54 -4.81 -0.77
C LYS A 80 -4.50 -5.91 -0.49
N GLY A 81 -4.87 -6.93 0.27
CA GLY A 81 -3.99 -8.06 0.61
C GLY A 81 -2.98 -7.82 1.74
N PHE A 82 -2.97 -6.65 2.38
CA PHE A 82 -2.09 -6.32 3.52
C PHE A 82 -2.20 -7.36 4.64
N SER A 83 -3.43 -7.77 4.98
CA SER A 83 -3.72 -8.73 6.05
C SER A 83 -3.12 -10.12 5.82
N LEU A 84 -2.80 -10.47 4.57
CA LEU A 84 -2.24 -11.75 4.13
C LEU A 84 -0.70 -11.79 4.19
N LEU A 85 -0.03 -10.66 4.41
CA LEU A 85 1.41 -10.58 4.67
C LEU A 85 1.76 -11.13 6.08
N ALA A 86 3.05 -11.31 6.36
CA ALA A 86 3.54 -11.62 7.70
C ALA A 86 3.36 -10.44 8.67
N THR A 87 3.15 -10.73 9.96
CA THR A 87 2.93 -9.73 11.02
C THR A 87 4.05 -8.67 11.05
N GLU A 88 5.31 -9.09 10.88
CA GLU A 88 6.47 -8.19 10.89
C GLU A 88 6.45 -7.15 9.75
N ASP A 89 5.86 -7.48 8.59
CA ASP A 89 5.65 -6.53 7.49
C ASP A 89 4.40 -5.67 7.72
N LYS A 90 3.34 -6.25 8.30
CA LYS A 90 2.09 -5.55 8.63
C LYS A 90 2.30 -4.44 9.66
N GLU A 91 3.13 -4.65 10.68
CA GLU A 91 3.53 -3.56 11.59
C GLU A 91 4.49 -2.56 10.93
N ALA A 92 5.45 -3.02 10.10
CA ALA A 92 6.45 -2.15 9.50
C ALA A 92 5.86 -1.15 8.48
N LEU A 93 4.90 -1.57 7.66
CA LEU A 93 4.24 -0.68 6.70
C LEU A 93 3.46 0.44 7.42
N LYS A 94 2.72 0.11 8.49
CA LYS A 94 2.04 1.09 9.34
C LYS A 94 3.04 1.97 10.07
N LYS A 95 4.19 1.44 10.52
CA LYS A 95 5.26 2.24 11.16
C LYS A 95 5.86 3.31 10.23
N GLN A 96 5.82 3.10 8.90
CA GLN A 96 6.25 4.10 7.91
C GLN A 96 5.19 5.19 7.63
N LEU A 97 3.90 4.81 7.54
CA LEU A 97 2.78 5.77 7.43
C LEU A 97 1.52 5.27 8.19
N PRO A 98 1.40 5.56 9.51
CA PRO A 98 0.33 5.02 10.35
C PRO A 98 -0.95 5.86 10.26
N GLY A 99 -2.10 5.25 10.59
CA GLY A 99 -3.41 5.90 10.51
C GLY A 99 -3.83 6.69 11.76
N VAL A 100 -5.10 7.10 11.71
CA VAL A 100 -5.84 7.78 12.77
C VAL A 100 -6.19 6.81 13.91
N LYS A 101 -6.63 7.37 15.05
CA LYS A 101 -6.87 6.66 16.31
C LYS A 101 -8.06 5.66 16.32
N SER A 102 -8.56 5.27 15.15
CA SER A 102 -9.24 3.98 14.96
C SER A 102 -8.28 2.80 15.20
N GLU A 103 -6.98 3.01 14.94
CA GLU A 103 -5.87 2.12 15.32
C GLU A 103 -5.28 2.50 16.69
N GLY A 104 -4.78 1.53 17.44
CA GLY A 104 -3.89 1.73 18.60
C GLY A 104 -4.52 2.35 19.86
N LYS A 105 -5.84 2.55 19.92
CA LYS A 105 -6.53 3.17 21.08
C LYS A 105 -6.52 2.23 22.28
N ARG A 106 -6.59 0.92 22.01
CA ARG A 106 -6.57 -0.15 23.03
C ARG A 106 -5.18 -0.35 23.65
N LYS A 107 -4.14 -0.30 22.81
CA LYS A 107 -2.71 -0.36 23.18
C LYS A 107 -1.86 0.36 22.12
N GLY A 108 -1.00 1.28 22.56
CA GLY A 108 -0.21 2.17 21.69
C GLY A 108 -0.48 3.65 21.93
N ASP A 109 -1.66 3.97 22.44
CA ASP A 109 -2.12 5.29 22.86
C ASP A 109 -1.22 5.99 23.87
N GLU A 110 -0.38 5.25 24.59
CA GLU A 110 0.58 5.82 25.54
C GLU A 110 1.73 6.59 24.86
N VAL A 111 1.94 6.39 23.55
CA VAL A 111 3.00 7.01 22.73
C VAL A 111 2.48 7.65 21.43
N ASP A 112 1.16 7.82 21.29
CA ASP A 112 0.47 8.32 20.08
C ASP A 112 -0.33 9.62 20.33
N GLY A 1 -23.62 -9.79 1.78
CA GLY A 1 -23.36 -8.33 1.90
C GLY A 1 -22.07 -7.93 1.19
N SER A 2 -21.45 -6.84 1.63
CA SER A 2 -20.18 -6.32 1.11
C SER A 2 -18.96 -7.15 1.54
N LYS A 3 -17.86 -7.06 0.76
CA LYS A 3 -16.62 -7.83 0.93
C LYS A 3 -15.37 -6.93 0.80
N ALA A 4 -14.26 -7.38 1.39
CA ALA A 4 -12.97 -6.66 1.47
C ALA A 4 -13.04 -5.22 2.02
N GLU A 5 -13.97 -5.01 2.97
CA GLU A 5 -14.26 -3.72 3.61
C GLU A 5 -13.09 -3.11 4.41
N LYS A 6 -12.06 -3.91 4.72
CA LYS A 6 -10.82 -3.45 5.39
C LYS A 6 -9.93 -2.59 4.49
N THR A 7 -10.13 -2.64 3.16
CA THR A 7 -9.40 -1.84 2.14
C THR A 7 -10.29 -0.69 1.63
N LEU A 8 -9.69 0.43 1.23
CA LEU A 8 -10.43 1.51 0.54
C LEU A 8 -10.87 1.18 -0.92
N GLY A 9 -10.27 0.17 -1.55
CA GLY A 9 -10.59 -0.30 -2.92
C GLY A 9 -9.77 0.33 -4.06
N ASP A 10 -8.57 0.88 -3.79
CA ASP A 10 -7.75 1.62 -4.77
C ASP A 10 -6.24 1.28 -4.69
N PHE A 11 -5.77 0.55 -3.66
CA PHE A 11 -4.37 0.09 -3.57
C PHE A 11 -4.23 -1.28 -2.87
N ALA A 12 -3.15 -2.01 -3.17
CA ALA A 12 -2.92 -3.41 -2.78
C ALA A 12 -1.48 -3.69 -2.33
N ALA A 13 -1.28 -4.79 -1.59
CA ALA A 13 -0.01 -5.23 -1.01
C ALA A 13 0.16 -6.76 -1.06
N GLU A 14 1.33 -7.24 -1.48
CA GLU A 14 1.70 -8.68 -1.50
C GLU A 14 3.23 -8.88 -1.43
N TYR A 15 3.70 -10.11 -1.24
CA TYR A 15 5.09 -10.44 -1.58
C TYR A 15 5.31 -10.47 -3.10
N ALA A 16 6.47 -10.00 -3.55
CA ALA A 16 6.90 -10.03 -4.94
C ALA A 16 7.09 -11.48 -5.44
N LYS A 17 6.16 -11.98 -6.26
CA LYS A 17 6.16 -13.38 -6.74
C LYS A 17 7.30 -13.67 -7.74
N SER A 18 7.69 -12.67 -8.53
CA SER A 18 8.73 -12.73 -9.56
C SER A 18 9.42 -11.38 -9.71
N ASN A 19 10.68 -11.36 -10.17
CA ASN A 19 11.49 -10.14 -10.37
C ASN A 19 11.15 -9.36 -11.67
N ARG A 20 9.92 -9.53 -12.18
CA ARG A 20 9.42 -8.93 -13.43
C ARG A 20 8.65 -7.62 -13.21
N SER A 21 8.14 -7.38 -12.00
CA SER A 21 7.56 -6.09 -11.59
C SER A 21 8.66 -5.02 -11.44
N THR A 22 8.32 -3.76 -11.70
CA THR A 22 9.23 -2.61 -11.59
C THR A 22 8.53 -1.47 -10.87
N CYS A 23 9.26 -0.84 -9.96
CA CYS A 23 8.78 0.26 -9.15
C CYS A 23 8.64 1.52 -9.99
N LYS A 24 7.42 2.01 -10.12
CA LYS A 24 7.11 3.33 -10.72
C LYS A 24 7.55 4.49 -9.82
N GLY A 25 7.83 4.22 -8.55
CA GLY A 25 8.27 5.22 -7.57
C GLY A 25 9.72 5.69 -7.76
N CYS A 26 10.63 4.77 -8.14
CA CYS A 26 12.05 5.08 -8.41
C CYS A 26 12.64 4.53 -9.73
N MET A 27 11.83 3.82 -10.53
CA MET A 27 12.23 3.19 -11.80
C MET A 27 13.36 2.15 -11.66
N GLU A 28 13.21 1.24 -10.69
CA GLU A 28 14.10 0.08 -10.49
C GLU A 28 13.28 -1.19 -10.28
N LYS A 29 13.83 -2.36 -10.63
CA LYS A 29 13.10 -3.63 -10.58
C LYS A 29 12.79 -4.02 -9.14
N ILE A 30 11.56 -4.52 -8.92
CA ILE A 30 11.11 -4.99 -7.62
C ILE A 30 11.61 -6.42 -7.38
N GLU A 31 12.36 -6.63 -6.31
CA GLU A 31 13.05 -7.88 -6.00
C GLU A 31 12.09 -8.96 -5.53
N LYS A 32 12.28 -10.19 -6.03
CA LYS A 32 11.49 -11.36 -5.62
C LYS A 32 11.64 -11.63 -4.12
N GLY A 33 10.54 -12.04 -3.48
CA GLY A 33 10.51 -12.46 -2.07
C GLY A 33 10.58 -11.34 -1.02
N GLN A 34 10.49 -10.06 -1.42
CA GLN A 34 10.22 -8.94 -0.50
C GLN A 34 8.88 -8.28 -0.85
N VAL A 35 8.33 -7.40 -0.02
CA VAL A 35 7.00 -6.79 -0.21
C VAL A 35 6.94 -5.97 -1.52
N ARG A 36 5.79 -5.93 -2.18
CA ARG A 36 5.46 -4.99 -3.26
C ARG A 36 4.03 -4.47 -3.12
N LEU A 37 3.84 -3.18 -3.36
CA LEU A 37 2.54 -2.51 -3.30
C LEU A 37 2.14 -2.04 -4.70
N SER A 38 0.83 -1.87 -4.93
CA SER A 38 0.31 -1.22 -6.13
C SER A 38 -0.81 -0.23 -5.85
N LYS A 39 -0.94 0.78 -6.73
CA LYS A 39 -2.06 1.71 -6.81
C LYS A 39 -2.85 1.44 -8.10
N LYS A 40 -4.17 1.47 -8.05
CA LYS A 40 -5.06 1.58 -9.21
C LYS A 40 -5.46 3.05 -9.38
N MET A 41 -5.01 3.70 -10.46
CA MET A 41 -5.37 5.09 -10.79
C MET A 41 -5.09 5.42 -12.26
N VAL A 42 -5.83 6.36 -12.84
CA VAL A 42 -5.44 6.99 -14.11
C VAL A 42 -4.07 7.64 -13.95
N ASP A 43 -3.13 7.30 -14.84
CA ASP A 43 -1.76 7.84 -14.78
C ASP A 43 -1.74 9.34 -15.13
N PRO A 44 -1.12 10.20 -14.32
CA PRO A 44 -1.17 11.65 -14.49
C PRO A 44 -0.41 12.18 -15.71
N GLU A 45 0.49 11.39 -16.31
CA GLU A 45 1.20 11.73 -17.56
C GLU A 45 0.61 11.04 -18.79
N LYS A 46 -0.33 10.10 -18.58
CA LYS A 46 -0.99 9.28 -19.62
C LYS A 46 -2.50 9.14 -19.33
N PRO A 47 -3.27 10.24 -19.24
CA PRO A 47 -4.72 10.19 -19.01
C PRO A 47 -5.53 9.51 -20.13
N GLN A 48 -4.89 9.18 -21.28
CA GLN A 48 -5.52 8.46 -22.39
C GLN A 48 -5.60 6.94 -22.12
N LEU A 49 -4.71 6.42 -21.27
CA LEU A 49 -4.56 5.00 -20.96
C LEU A 49 -5.64 4.47 -20.00
N GLY A 50 -6.27 5.35 -19.23
CA GLY A 50 -7.13 4.98 -18.11
C GLY A 50 -6.34 4.48 -16.90
N MET A 51 -7.04 3.82 -15.99
CA MET A 51 -6.54 3.33 -14.71
C MET A 51 -5.53 2.20 -14.90
N ILE A 52 -4.37 2.32 -14.26
CA ILE A 52 -3.29 1.32 -14.32
C ILE A 52 -2.92 0.76 -12.95
N ASP A 53 -2.33 -0.43 -12.97
CA ASP A 53 -1.79 -1.12 -11.80
C ASP A 53 -0.31 -0.73 -11.62
N ARG A 54 -0.11 0.42 -10.97
CA ARG A 54 1.20 1.08 -10.77
C ARG A 54 1.90 0.44 -9.55
N TRP A 55 2.98 -0.30 -9.76
CA TRP A 55 3.71 -1.02 -8.68
C TRP A 55 4.85 -0.18 -8.06
N TYR A 56 5.19 -0.48 -6.81
CA TYR A 56 6.16 0.20 -5.95
C TYR A 56 6.87 -0.74 -4.95
N HIS A 57 8.06 -0.34 -4.51
CA HIS A 57 8.75 -0.87 -3.32
C HIS A 57 8.04 -0.43 -2.02
N PRO A 58 8.23 -1.11 -0.87
CA PRO A 58 7.74 -0.68 0.45
C PRO A 58 8.32 0.66 0.95
N GLY A 59 9.49 1.06 0.47
CA GLY A 59 10.05 2.40 0.73
C GLY A 59 9.44 3.50 -0.15
N CYS A 60 9.18 3.20 -1.42
CA CYS A 60 8.80 4.20 -2.44
C CYS A 60 7.31 4.54 -2.45
N PHE A 61 6.42 3.58 -2.20
CA PHE A 61 4.99 3.87 -2.14
C PHE A 61 4.68 4.94 -1.06
N VAL A 62 5.45 4.94 0.04
CA VAL A 62 5.45 6.01 1.07
C VAL A 62 5.99 7.35 0.52
N LYS A 63 7.05 7.35 -0.28
CA LYS A 63 7.63 8.59 -0.86
C LYS A 63 6.69 9.30 -1.84
N ASN A 64 5.87 8.54 -2.58
CA ASN A 64 4.84 9.06 -3.48
C ASN A 64 3.42 8.96 -2.90
N ARG A 65 3.22 8.66 -1.61
CA ARG A 65 1.90 8.53 -0.95
C ARG A 65 0.93 9.67 -1.28
N GLU A 66 1.47 10.88 -1.45
CA GLU A 66 0.73 12.10 -1.76
C GLU A 66 0.38 12.23 -3.26
N GLU A 67 1.18 11.63 -4.15
CA GLU A 67 0.80 11.35 -5.54
C GLU A 67 -0.24 10.21 -5.61
N LEU A 68 -0.08 9.16 -4.78
CA LEU A 68 -1.03 8.05 -4.65
C LEU A 68 -2.33 8.43 -3.92
N GLY A 69 -2.37 9.57 -3.22
CA GLY A 69 -3.57 10.16 -2.62
C GLY A 69 -3.93 9.66 -1.22
N PHE A 70 -2.97 9.06 -0.49
CA PHE A 70 -3.15 8.57 0.88
C PHE A 70 -3.56 9.69 1.87
N ARG A 71 -4.49 9.36 2.79
CA ARG A 71 -4.89 10.16 3.96
C ARG A 71 -4.88 9.28 5.23
N PRO A 72 -4.78 9.88 6.44
CA PRO A 72 -4.67 9.14 7.72
C PRO A 72 -5.82 8.17 8.01
N GLU A 73 -7.02 8.46 7.50
CA GLU A 73 -8.20 7.58 7.66
C GLU A 73 -8.15 6.31 6.78
N TYR A 74 -7.16 6.19 5.89
CA TYR A 74 -6.94 5.03 5.02
C TYR A 74 -5.44 4.77 4.70
N SER A 75 -4.55 4.86 5.69
CA SER A 75 -3.13 4.52 5.57
C SER A 75 -2.89 3.02 5.29
N ALA A 76 -1.64 2.54 5.35
CA ALA A 76 -1.21 1.21 4.86
C ALA A 76 -2.07 -0.01 5.27
N SER A 77 -2.82 0.06 6.38
CA SER A 77 -3.78 -0.97 6.77
C SER A 77 -4.90 -1.19 5.75
N GLN A 78 -5.22 -0.19 4.91
CA GLN A 78 -6.24 -0.18 3.87
C GLN A 78 -5.73 -0.66 2.50
N LEU A 79 -4.61 -1.39 2.43
CA LEU A 79 -4.13 -2.09 1.23
C LEU A 79 -4.70 -3.53 1.16
N LYS A 80 -5.18 -3.96 -0.02
CA LYS A 80 -5.66 -5.34 -0.26
C LYS A 80 -4.55 -6.34 0.04
N GLY A 81 -4.85 -7.37 0.83
CA GLY A 81 -3.88 -8.44 1.15
C GLY A 81 -2.76 -8.05 2.13
N PHE A 82 -2.79 -6.84 2.72
CA PHE A 82 -1.84 -6.40 3.76
C PHE A 82 -1.83 -7.40 4.93
N SER A 83 -3.00 -7.87 5.34
CA SER A 83 -3.20 -8.84 6.42
C SER A 83 -2.53 -10.21 6.18
N LEU A 84 -2.25 -10.56 4.91
CA LEU A 84 -1.65 -11.83 4.50
C LEU A 84 -0.12 -11.82 4.51
N LEU A 85 0.51 -10.66 4.72
CA LEU A 85 1.96 -10.52 4.93
C LEU A 85 2.35 -11.05 6.33
N ALA A 86 3.65 -11.21 6.58
CA ALA A 86 4.19 -11.44 7.92
C ALA A 86 3.94 -10.23 8.85
N THR A 87 3.74 -10.49 10.15
CA THR A 87 3.40 -9.46 11.15
C THR A 87 4.46 -8.36 11.24
N GLU A 88 5.74 -8.70 11.10
CA GLU A 88 6.83 -7.71 11.07
C GLU A 88 6.76 -6.75 9.87
N ASP A 89 6.23 -7.20 8.72
CA ASP A 89 6.01 -6.36 7.54
C ASP A 89 4.73 -5.52 7.69
N LYS A 90 3.65 -6.08 8.26
CA LYS A 90 2.43 -5.34 8.61
C LYS A 90 2.73 -4.19 9.59
N GLU A 91 3.58 -4.44 10.59
CA GLU A 91 4.08 -3.41 11.50
C GLU A 91 4.95 -2.39 10.76
N ALA A 92 5.92 -2.82 9.94
CA ALA A 92 6.82 -1.92 9.23
C ALA A 92 6.12 -0.99 8.24
N LEU A 93 5.10 -1.46 7.51
CA LEU A 93 4.31 -0.65 6.58
C LEU A 93 3.55 0.46 7.31
N LYS A 94 2.92 0.14 8.45
CA LYS A 94 2.30 1.14 9.34
C LYS A 94 3.34 2.08 9.94
N LYS A 95 4.49 1.58 10.37
CA LYS A 95 5.56 2.38 11.00
C LYS A 95 6.17 3.44 10.08
N GLN A 96 6.07 3.25 8.75
CA GLN A 96 6.45 4.24 7.73
C GLN A 96 5.24 5.08 7.25
N LEU A 97 4.03 4.50 7.21
CA LEU A 97 2.78 5.17 6.84
C LEU A 97 1.60 4.73 7.73
N PRO A 98 1.41 5.33 8.92
CA PRO A 98 0.40 4.93 9.89
C PRO A 98 -0.89 5.74 9.75
N GLY A 99 -2.02 5.18 10.18
CA GLY A 99 -3.34 5.84 10.17
C GLY A 99 -4.17 5.61 11.44
N VAL A 100 -5.45 5.95 11.32
CA VAL A 100 -6.47 5.87 12.38
C VAL A 100 -6.76 4.41 12.77
N LYS A 101 -6.81 4.15 14.07
CA LYS A 101 -6.93 2.82 14.70
C LYS A 101 -8.32 2.60 15.31
N SER A 102 -9.37 2.71 14.49
CA SER A 102 -10.77 2.55 14.88
C SER A 102 -11.10 1.18 15.50
N GLU A 103 -10.31 0.15 15.19
CA GLU A 103 -10.43 -1.20 15.78
C GLU A 103 -9.84 -1.30 17.19
N GLY A 104 -8.75 -0.56 17.48
CA GLY A 104 -8.10 -0.52 18.79
C GLY A 104 -7.48 -1.84 19.28
N LYS A 105 -7.13 -2.76 18.35
CA LYS A 105 -6.74 -4.15 18.66
C LYS A 105 -5.26 -4.33 19.02
N ARG A 106 -4.39 -3.41 18.60
CA ARG A 106 -2.92 -3.62 18.59
C ARG A 106 -2.24 -3.40 19.96
N LYS A 107 -2.90 -2.73 20.90
CA LYS A 107 -2.46 -2.51 22.30
C LYS A 107 -3.64 -2.59 23.28
N GLY A 108 -3.40 -3.14 24.46
CA GLY A 108 -4.36 -3.26 25.57
C GLY A 108 -4.33 -2.12 26.60
N ASP A 109 -3.68 -0.99 26.29
CA ASP A 109 -3.40 0.13 27.21
C ASP A 109 -2.60 -0.27 28.48
N GLU A 110 -1.73 -1.29 28.34
CA GLU A 110 -0.83 -1.82 29.37
C GLU A 110 0.58 -2.08 28.78
N VAL A 111 1.54 -2.48 29.63
CA VAL A 111 2.95 -2.75 29.24
C VAL A 111 3.16 -4.07 28.47
N ASP A 112 2.09 -4.84 28.24
CA ASP A 112 2.08 -6.13 27.51
C ASP A 112 2.28 -5.99 25.99
N GLY A 1 -24.46 5.33 5.00
CA GLY A 1 -23.28 5.01 5.82
C GLY A 1 -22.23 4.25 5.02
N SER A 2 -20.96 4.36 5.41
CA SER A 2 -19.82 3.71 4.74
C SER A 2 -19.84 2.17 4.87
N LYS A 3 -19.26 1.47 3.88
CA LYS A 3 -19.19 0.00 3.79
C LYS A 3 -17.74 -0.50 3.76
N ALA A 4 -17.53 -1.70 4.28
CA ALA A 4 -16.23 -2.39 4.46
C ALA A 4 -15.20 -1.66 5.36
N GLU A 5 -14.20 -2.41 5.83
CA GLU A 5 -13.16 -1.97 6.77
C GLU A 5 -11.72 -2.35 6.34
N LYS A 6 -11.57 -3.16 5.29
CA LYS A 6 -10.28 -3.76 4.87
C LYS A 6 -9.42 -2.81 4.04
N THR A 7 -9.97 -2.24 2.96
CA THR A 7 -9.30 -1.36 2.00
C THR A 7 -10.13 -0.13 1.65
N LEU A 8 -9.48 1.01 1.32
CA LEU A 8 -10.16 2.18 0.72
C LEU A 8 -10.63 1.99 -0.74
N GLY A 9 -10.12 0.96 -1.43
CA GLY A 9 -10.44 0.64 -2.83
C GLY A 9 -9.56 1.31 -3.91
N ASP A 10 -8.30 1.66 -3.62
CA ASP A 10 -7.39 2.29 -4.60
C ASP A 10 -5.92 1.82 -4.59
N PHE A 11 -5.48 1.11 -3.54
CA PHE A 11 -4.11 0.57 -3.47
C PHE A 11 -4.03 -0.81 -2.79
N ALA A 12 -2.99 -1.58 -3.11
CA ALA A 12 -2.83 -3.01 -2.79
C ALA A 12 -1.41 -3.34 -2.29
N ALA A 13 -1.26 -4.46 -1.59
CA ALA A 13 0.00 -4.97 -1.05
C ALA A 13 0.17 -6.49 -1.26
N GLU A 14 1.40 -6.94 -1.50
CA GLU A 14 1.76 -8.32 -1.85
C GLU A 14 3.27 -8.55 -1.55
N TYR A 15 3.78 -9.75 -1.75
CA TYR A 15 5.22 -9.97 -1.97
C TYR A 15 5.53 -10.10 -3.47
N ALA A 16 6.71 -9.66 -3.88
CA ALA A 16 7.16 -9.68 -5.26
C ALA A 16 7.33 -11.12 -5.77
N LYS A 17 6.42 -11.58 -6.64
CA LYS A 17 6.39 -12.96 -7.17
C LYS A 17 7.52 -13.25 -8.16
N SER A 18 8.02 -12.23 -8.86
CA SER A 18 9.14 -12.28 -9.78
C SER A 18 10.00 -11.01 -9.69
N ASN A 19 11.26 -11.09 -10.15
CA ASN A 19 12.17 -9.94 -10.23
C ASN A 19 11.88 -9.03 -11.47
N ARG A 20 10.73 -9.23 -12.14
CA ARG A 20 10.32 -8.56 -13.38
C ARG A 20 9.36 -7.38 -13.16
N SER A 21 8.76 -7.26 -11.97
CA SER A 21 8.03 -6.05 -11.56
C SER A 21 8.98 -4.86 -11.40
N THR A 22 8.51 -3.62 -11.59
CA THR A 22 9.34 -2.40 -11.57
C THR A 22 8.61 -1.31 -10.81
N CYS A 23 9.35 -0.62 -9.95
CA CYS A 23 8.84 0.45 -9.12
C CYS A 23 8.71 1.73 -9.94
N LYS A 24 7.48 2.21 -10.09
CA LYS A 24 7.17 3.50 -10.72
C LYS A 24 7.55 4.69 -9.83
N GLY A 25 7.85 4.45 -8.55
CA GLY A 25 8.25 5.49 -7.59
C GLY A 25 9.68 5.99 -7.77
N CYS A 26 10.60 5.12 -8.22
CA CYS A 26 12.00 5.46 -8.52
C CYS A 26 12.56 4.95 -9.87
N MET A 27 11.79 4.15 -10.61
CA MET A 27 12.15 3.52 -11.88
C MET A 27 13.35 2.57 -11.81
N GLU A 28 13.27 1.57 -10.93
CA GLU A 28 14.14 0.39 -10.95
C GLU A 28 13.36 -0.85 -10.51
N LYS A 29 13.91 -2.03 -10.81
CA LYS A 29 13.21 -3.31 -10.67
C LYS A 29 12.93 -3.62 -9.19
N ILE A 30 11.74 -4.15 -8.95
CA ILE A 30 11.34 -4.66 -7.63
C ILE A 30 11.90 -6.06 -7.44
N GLU A 31 12.63 -6.26 -6.33
CA GLU A 31 13.30 -7.53 -6.03
C GLU A 31 12.29 -8.61 -5.61
N LYS A 32 12.48 -9.82 -6.11
CA LYS A 32 11.67 -11.00 -5.75
C LYS A 32 11.75 -11.29 -4.24
N GLY A 33 10.64 -11.73 -3.66
CA GLY A 33 10.57 -12.21 -2.28
C GLY A 33 10.60 -11.14 -1.18
N GLN A 34 10.55 -9.84 -1.51
CA GLN A 34 10.29 -8.76 -0.55
C GLN A 34 8.93 -8.10 -0.86
N VAL A 35 8.39 -7.29 0.05
CA VAL A 35 7.05 -6.68 -0.10
C VAL A 35 7.01 -5.75 -1.33
N ARG A 36 5.87 -5.69 -2.02
CA ARG A 36 5.57 -4.69 -3.06
C ARG A 36 4.15 -4.16 -2.92
N LEU A 37 3.96 -2.88 -3.21
CA LEU A 37 2.68 -2.19 -3.14
C LEU A 37 2.26 -1.71 -4.53
N SER A 38 0.95 -1.60 -4.80
CA SER A 38 0.38 -1.09 -6.04
C SER A 38 -0.62 0.04 -5.78
N LYS A 39 -0.71 1.01 -6.69
CA LYS A 39 -1.90 1.88 -6.84
C LYS A 39 -2.68 1.47 -8.10
N LYS A 40 -3.98 1.22 -7.92
CA LYS A 40 -4.92 0.93 -9.01
C LYS A 40 -5.52 2.24 -9.52
N MET A 41 -5.27 2.59 -10.78
CA MET A 41 -5.75 3.84 -11.39
C MET A 41 -5.73 3.79 -12.92
N VAL A 42 -6.63 4.52 -13.59
CA VAL A 42 -6.54 4.80 -15.04
C VAL A 42 -5.19 5.46 -15.40
N ASP A 43 -4.50 4.93 -16.41
CA ASP A 43 -3.23 5.47 -16.90
C ASP A 43 -3.44 6.82 -17.64
N PRO A 44 -2.66 7.87 -17.32
CA PRO A 44 -2.88 9.22 -17.85
C PRO A 44 -2.45 9.41 -19.31
N GLU A 45 -1.65 8.50 -19.88
CA GLU A 45 -1.24 8.50 -21.30
C GLU A 45 -2.04 7.49 -22.14
N LYS A 46 -2.77 6.58 -21.48
CA LYS A 46 -3.50 5.45 -22.06
C LYS A 46 -4.86 5.24 -21.36
N PRO A 47 -5.74 6.26 -21.29
CA PRO A 47 -7.04 6.14 -20.64
C PRO A 47 -7.94 5.06 -21.28
N GLN A 48 -7.65 4.65 -22.52
CA GLN A 48 -8.33 3.55 -23.23
C GLN A 48 -8.14 2.18 -22.56
N LEU A 49 -7.08 1.96 -21.75
CA LEU A 49 -6.96 0.77 -20.91
C LEU A 49 -8.00 0.68 -19.79
N GLY A 50 -8.50 1.83 -19.31
CA GLY A 50 -8.99 1.94 -17.94
C GLY A 50 -7.83 1.76 -16.94
N MET A 51 -8.15 1.17 -15.80
CA MET A 51 -7.35 1.08 -14.59
C MET A 51 -6.24 0.02 -14.72
N ILE A 52 -5.04 0.39 -14.27
CA ILE A 52 -3.85 -0.48 -14.20
C ILE A 52 -3.27 -0.53 -12.77
N ASP A 53 -2.39 -1.50 -12.53
CA ASP A 53 -1.67 -1.69 -11.26
C ASP A 53 -0.26 -1.12 -11.37
N ARG A 54 -0.08 0.08 -10.81
CA ARG A 54 1.20 0.80 -10.73
C ARG A 54 1.99 0.31 -9.51
N TRP A 55 3.06 -0.47 -9.71
CA TRP A 55 3.85 -1.05 -8.62
C TRP A 55 4.94 -0.10 -8.07
N TYR A 56 5.29 -0.28 -6.79
CA TYR A 56 6.23 0.49 -5.98
C TYR A 56 6.98 -0.40 -4.95
N HIS A 57 8.18 0.03 -4.54
CA HIS A 57 8.93 -0.51 -3.38
C HIS A 57 8.26 -0.06 -2.05
N PRO A 58 8.49 -0.77 -0.92
CA PRO A 58 8.08 -0.33 0.42
C PRO A 58 8.63 1.04 0.86
N GLY A 59 9.82 1.42 0.40
CA GLY A 59 10.45 2.73 0.63
C GLY A 59 10.12 3.81 -0.40
N CYS A 60 9.39 3.49 -1.47
CA CYS A 60 8.96 4.45 -2.49
C CYS A 60 7.48 4.82 -2.39
N PHE A 61 6.60 3.87 -2.07
CA PHE A 61 5.19 4.18 -1.88
C PHE A 61 4.98 5.19 -0.72
N VAL A 62 5.81 5.12 0.32
CA VAL A 62 5.96 6.14 1.39
C VAL A 62 6.49 7.50 0.91
N LYS A 63 7.35 7.50 -0.12
CA LYS A 63 8.02 8.68 -0.70
C LYS A 63 7.13 9.43 -1.70
N ASN A 64 6.17 8.75 -2.35
CA ASN A 64 5.08 9.31 -3.14
C ASN A 64 3.72 9.27 -2.43
N ARG A 65 3.63 8.94 -1.13
CA ARG A 65 2.41 8.87 -0.30
C ARG A 65 1.38 9.93 -0.66
N GLU A 66 1.81 11.20 -0.69
CA GLU A 66 0.94 12.34 -0.99
C GLU A 66 0.52 12.45 -2.46
N GLU A 67 1.35 11.95 -3.38
CA GLU A 67 1.05 11.84 -4.82
C GLU A 67 0.12 10.64 -5.13
N LEU A 68 0.28 9.52 -4.41
CA LEU A 68 -0.63 8.36 -4.45
C LEU A 68 -2.00 8.66 -3.80
N GLY A 69 -2.09 9.71 -2.97
CA GLY A 69 -3.34 10.20 -2.37
C GLY A 69 -3.66 9.66 -0.97
N PHE A 70 -2.67 9.11 -0.26
CA PHE A 70 -2.80 8.67 1.13
C PHE A 70 -3.14 9.83 2.08
N ARG A 71 -4.00 9.55 3.08
CA ARG A 71 -4.31 10.38 4.25
C ARG A 71 -4.27 9.50 5.50
N PRO A 72 -4.11 10.08 6.72
CA PRO A 72 -4.05 9.30 7.96
C PRO A 72 -5.26 8.37 8.17
N GLU A 73 -6.45 8.76 7.72
CA GLU A 73 -7.67 7.94 7.86
C GLU A 73 -7.68 6.66 6.98
N TYR A 74 -6.74 6.55 6.03
CA TYR A 74 -6.51 5.34 5.23
C TYR A 74 -5.01 5.12 4.91
N SER A 75 -4.24 4.92 5.98
CA SER A 75 -2.86 4.41 6.01
C SER A 75 -2.67 3.05 5.31
N ALA A 76 -1.47 2.47 5.42
CA ALA A 76 -1.18 1.10 4.96
C ALA A 76 -2.18 0.03 5.43
N SER A 77 -2.90 0.26 6.54
CA SER A 77 -3.96 -0.63 7.00
C SER A 77 -5.04 -0.85 5.93
N GLN A 78 -5.23 0.14 5.04
CA GLN A 78 -6.24 0.18 4.00
C GLN A 78 -5.72 -0.24 2.61
N LEU A 79 -4.63 -1.00 2.53
CA LEU A 79 -4.15 -1.68 1.30
C LEU A 79 -4.82 -3.06 1.12
N LYS A 80 -5.20 -3.43 -0.13
CA LYS A 80 -5.75 -4.75 -0.46
C LYS A 80 -4.76 -5.85 -0.11
N GLY A 81 -5.25 -6.94 0.49
CA GLY A 81 -4.44 -8.10 0.87
C GLY A 81 -3.43 -7.86 2.00
N PHE A 82 -3.45 -6.69 2.66
CA PHE A 82 -2.51 -6.32 3.72
C PHE A 82 -2.50 -7.35 4.85
N SER A 83 -3.68 -7.80 5.30
CA SER A 83 -3.83 -8.81 6.35
C SER A 83 -3.24 -10.19 5.99
N LEU A 84 -3.08 -10.48 4.69
CA LEU A 84 -2.54 -11.73 4.17
C LEU A 84 -0.99 -11.80 4.21
N LEU A 85 -0.31 -10.68 4.47
CA LEU A 85 1.15 -10.64 4.66
C LEU A 85 1.56 -11.32 5.99
N ALA A 86 2.86 -11.56 6.17
CA ALA A 86 3.42 -11.90 7.46
C ALA A 86 3.23 -10.74 8.46
N THR A 87 2.94 -11.04 9.71
CA THR A 87 2.55 -10.02 10.72
C THR A 87 3.64 -8.99 10.98
N GLU A 88 4.92 -9.37 10.93
CA GLU A 88 6.04 -8.42 10.96
C GLU A 88 5.98 -7.37 9.83
N ASP A 89 5.43 -7.71 8.66
CA ASP A 89 5.20 -6.75 7.57
C ASP A 89 3.90 -5.96 7.73
N LYS A 90 2.83 -6.54 8.30
CA LYS A 90 1.63 -5.78 8.72
C LYS A 90 1.97 -4.70 9.75
N GLU A 91 2.91 -4.95 10.64
CA GLU A 91 3.44 -3.93 11.56
C GLU A 91 4.35 -2.95 10.83
N ALA A 92 5.33 -3.43 10.05
CA ALA A 92 6.31 -2.55 9.39
C ALA A 92 5.69 -1.60 8.36
N LEU A 93 4.65 -2.02 7.63
CA LEU A 93 3.96 -1.16 6.65
C LEU A 93 3.22 -0.01 7.32
N LYS A 94 2.59 -0.23 8.49
CA LYS A 94 2.05 0.84 9.33
C LYS A 94 3.18 1.71 9.89
N LYS A 95 4.28 1.14 10.37
CA LYS A 95 5.43 1.90 10.89
C LYS A 95 6.08 2.84 9.85
N GLN A 96 5.97 2.50 8.57
CA GLN A 96 6.54 3.23 7.43
C GLN A 96 5.52 4.18 6.77
N LEU A 97 4.26 3.77 6.68
CA LEU A 97 3.10 4.55 6.19
C LEU A 97 1.98 4.58 7.27
N PRO A 98 2.19 5.30 8.40
CA PRO A 98 1.25 5.26 9.53
C PRO A 98 0.09 6.26 9.36
N GLY A 99 -1.06 5.96 9.97
CA GLY A 99 -2.17 6.90 10.18
C GLY A 99 -2.98 6.57 11.43
N VAL A 100 -4.31 6.61 11.32
CA VAL A 100 -5.27 6.29 12.40
C VAL A 100 -6.21 5.14 12.00
N LYS A 101 -6.62 4.32 12.97
CA LYS A 101 -7.42 3.08 12.77
C LYS A 101 -8.85 3.31 12.26
N SER A 102 -9.36 4.55 12.33
CA SER A 102 -10.75 4.97 12.09
C SER A 102 -11.80 4.39 13.06
N GLU A 103 -11.75 3.09 13.36
CA GLU A 103 -12.59 2.41 14.34
C GLU A 103 -11.86 1.22 15.00
N GLY A 104 -12.27 0.82 16.21
CA GLY A 104 -11.69 -0.27 17.00
C GLY A 104 -11.99 -1.70 16.50
N LYS A 105 -12.46 -1.88 15.25
CA LYS A 105 -12.83 -3.17 14.64
C LYS A 105 -11.66 -3.86 13.91
N ARG A 106 -10.49 -3.20 13.79
CA ARG A 106 -9.29 -3.72 13.11
C ARG A 106 -8.53 -4.80 13.92
N LYS A 107 -8.66 -4.81 15.26
CA LYS A 107 -8.12 -5.89 16.11
C LYS A 107 -8.76 -7.24 15.75
N GLY A 108 -7.96 -8.31 15.74
CA GLY A 108 -8.36 -9.64 15.24
C GLY A 108 -8.47 -9.74 13.70
N ASP A 109 -8.98 -8.71 13.04
CA ASP A 109 -9.23 -8.65 11.59
C ASP A 109 -7.93 -8.54 10.76
N GLU A 110 -6.89 -7.90 11.29
CA GLU A 110 -5.52 -7.94 10.73
C GLU A 110 -4.52 -8.74 11.59
N VAL A 111 -4.89 -9.07 12.83
CA VAL A 111 -4.04 -9.78 13.82
C VAL A 111 -4.25 -11.30 13.66
N ASP A 112 -3.94 -11.78 12.45
CA ASP A 112 -4.21 -13.15 11.95
C ASP A 112 -3.07 -13.68 11.06
N GLY A 1 -14.68 -17.11 3.42
CA GLY A 1 -14.31 -16.57 4.74
C GLY A 1 -15.14 -15.37 5.12
N SER A 2 -15.42 -15.19 6.41
CA SER A 2 -16.27 -14.11 6.96
C SER A 2 -15.55 -12.78 7.22
N LYS A 3 -14.20 -12.80 7.30
CA LYS A 3 -13.35 -11.61 7.53
C LYS A 3 -13.32 -10.68 6.31
N ALA A 4 -13.15 -9.38 6.55
CA ALA A 4 -13.05 -8.34 5.52
C ALA A 4 -12.05 -7.23 5.89
N GLU A 5 -11.26 -6.78 4.90
CA GLU A 5 -10.31 -5.67 5.02
C GLU A 5 -10.99 -4.30 4.86
N LYS A 6 -10.40 -3.26 5.45
CA LYS A 6 -10.97 -1.89 5.53
C LYS A 6 -10.46 -0.97 4.40
N THR A 7 -9.91 -1.56 3.34
CA THR A 7 -9.25 -0.90 2.19
C THR A 7 -10.12 0.20 1.56
N LEU A 8 -9.47 1.28 1.12
CA LEU A 8 -10.15 2.36 0.37
C LEU A 8 -10.60 1.99 -1.07
N GLY A 9 -10.11 0.86 -1.62
CA GLY A 9 -10.42 0.40 -2.98
C GLY A 9 -9.58 1.04 -4.09
N ASP A 10 -8.34 1.45 -3.81
CA ASP A 10 -7.47 2.14 -4.77
C ASP A 10 -5.99 1.72 -4.73
N PHE A 11 -5.52 1.05 -3.68
CA PHE A 11 -4.15 0.52 -3.60
C PHE A 11 -4.06 -0.84 -2.88
N ALA A 12 -3.03 -1.63 -3.21
CA ALA A 12 -2.86 -3.04 -2.84
C ALA A 12 -1.42 -3.36 -2.39
N ALA A 13 -1.27 -4.46 -1.65
CA ALA A 13 -0.01 -4.96 -1.09
C ALA A 13 0.13 -6.49 -1.26
N GLU A 14 1.34 -6.96 -1.56
CA GLU A 14 1.64 -8.36 -1.90
C GLU A 14 3.13 -8.68 -1.64
N TYR A 15 3.54 -9.94 -1.64
CA TYR A 15 4.94 -10.30 -1.94
C TYR A 15 5.21 -10.30 -3.45
N ALA A 16 6.41 -9.88 -3.85
CA ALA A 16 6.87 -9.89 -5.23
C ALA A 16 7.11 -11.33 -5.73
N LYS A 17 6.25 -11.78 -6.67
CA LYS A 17 6.25 -13.15 -7.22
C LYS A 17 7.35 -13.40 -8.27
N SER A 18 7.87 -12.34 -8.91
CA SER A 18 9.06 -12.40 -9.78
C SER A 18 9.76 -11.03 -9.86
N ASN A 19 11.06 -11.04 -10.17
CA ASN A 19 11.90 -9.85 -10.37
C ASN A 19 11.68 -9.17 -11.73
N ARG A 20 10.44 -9.19 -12.24
CA ARG A 20 10.04 -8.60 -13.53
C ARG A 20 9.20 -7.33 -13.35
N SER A 21 8.39 -7.26 -12.28
CA SER A 21 7.69 -6.05 -11.86
C SER A 21 8.66 -4.93 -11.45
N THR A 22 8.24 -3.67 -11.60
CA THR A 22 9.15 -2.51 -11.54
C THR A 22 8.48 -1.38 -10.79
N CYS A 23 9.25 -0.74 -9.91
CA CYS A 23 8.80 0.38 -9.10
C CYS A 23 8.71 1.64 -9.96
N LYS A 24 7.50 2.17 -10.10
CA LYS A 24 7.25 3.49 -10.71
C LYS A 24 7.61 4.64 -9.77
N GLY A 25 7.93 4.35 -8.51
CA GLY A 25 8.40 5.33 -7.52
C GLY A 25 9.86 5.75 -7.70
N CYS A 26 10.72 4.89 -8.28
CA CYS A 26 12.13 5.21 -8.58
C CYS A 26 12.72 4.65 -9.90
N MET A 27 11.92 3.95 -10.72
CA MET A 27 12.35 3.29 -11.98
C MET A 27 13.43 2.21 -11.77
N GLU A 28 13.23 1.29 -10.82
CA GLU A 28 14.10 0.11 -10.62
C GLU A 28 13.25 -1.15 -10.40
N LYS A 29 13.75 -2.33 -10.81
CA LYS A 29 12.96 -3.55 -10.72
C LYS A 29 12.85 -4.05 -9.29
N ILE A 30 11.63 -4.45 -8.92
CA ILE A 30 11.27 -4.89 -7.57
C ILE A 30 11.86 -6.29 -7.29
N GLU A 31 12.43 -6.49 -6.11
CA GLU A 31 13.11 -7.74 -5.74
C GLU A 31 12.09 -8.84 -5.43
N LYS A 32 12.33 -10.06 -5.92
CA LYS A 32 11.50 -11.24 -5.64
C LYS A 32 11.55 -11.64 -4.15
N GLY A 33 10.42 -12.13 -3.63
CA GLY A 33 10.33 -12.69 -2.26
C GLY A 33 10.29 -11.66 -1.12
N GLN A 34 10.17 -10.37 -1.43
CA GLN A 34 9.93 -9.27 -0.48
C GLN A 34 8.69 -8.46 -0.88
N VAL A 35 8.21 -7.56 -0.02
CA VAL A 35 6.93 -6.84 -0.22
C VAL A 35 6.96 -5.89 -1.43
N ARG A 36 5.83 -5.82 -2.15
CA ARG A 36 5.53 -4.82 -3.19
C ARG A 36 4.13 -4.26 -3.02
N LEU A 37 3.96 -2.96 -3.29
CA LEU A 37 2.68 -2.25 -3.22
C LEU A 37 2.29 -1.74 -4.62
N SER A 38 1.00 -1.54 -4.88
CA SER A 38 0.52 -0.93 -6.12
C SER A 38 -0.63 0.05 -5.89
N LYS A 39 -0.81 1.00 -6.82
CA LYS A 39 -2.03 1.82 -6.95
C LYS A 39 -2.76 1.44 -8.23
N LYS A 40 -4.08 1.25 -8.11
CA LYS A 40 -5.02 1.05 -9.22
C LYS A 40 -5.60 2.40 -9.62
N MET A 41 -5.29 2.88 -10.82
CA MET A 41 -5.79 4.17 -11.33
C MET A 41 -5.70 4.27 -12.86
N VAL A 42 -6.58 5.00 -13.53
CA VAL A 42 -6.41 5.33 -14.96
C VAL A 42 -5.07 6.05 -15.18
N ASP A 43 -4.29 5.59 -16.14
CA ASP A 43 -2.99 6.18 -16.49
C ASP A 43 -3.17 7.59 -17.09
N PRO A 44 -2.55 8.65 -16.53
CA PRO A 44 -2.78 10.02 -16.96
C PRO A 44 -2.07 10.39 -18.27
N GLU A 45 -1.09 9.59 -18.73
CA GLU A 45 -0.44 9.76 -20.03
C GLU A 45 -1.10 8.90 -21.12
N LYS A 46 -1.89 7.89 -20.72
CA LYS A 46 -2.68 6.99 -21.58
C LYS A 46 -4.12 6.81 -21.05
N PRO A 47 -4.98 7.85 -21.04
CA PRO A 47 -6.32 7.74 -20.46
C PRO A 47 -7.27 6.77 -21.20
N GLN A 48 -6.87 6.26 -22.37
CA GLN A 48 -7.61 5.28 -23.17
C GLN A 48 -7.42 3.83 -22.65
N LEU A 49 -6.35 3.57 -21.90
CA LEU A 49 -5.99 2.27 -21.36
C LEU A 49 -6.90 1.81 -20.22
N GLY A 50 -7.57 2.74 -19.55
CA GLY A 50 -8.26 2.49 -18.29
C GLY A 50 -7.28 2.30 -17.12
N MET A 51 -7.79 1.74 -16.03
CA MET A 51 -7.13 1.58 -14.74
C MET A 51 -5.95 0.60 -14.84
N ILE A 52 -4.75 1.08 -14.48
CA ILE A 52 -3.52 0.29 -14.43
C ILE A 52 -3.13 -0.06 -13.00
N ASP A 53 -2.34 -1.12 -12.86
CA ASP A 53 -1.75 -1.57 -11.60
C ASP A 53 -0.28 -1.11 -11.53
N ARG A 54 -0.08 0.11 -11.03
CA ARG A 54 1.23 0.77 -10.96
C ARG A 54 1.97 0.31 -9.70
N TRP A 55 3.10 -0.39 -9.83
CA TRP A 55 3.84 -0.97 -8.69
C TRP A 55 4.91 -0.02 -8.11
N TYR A 56 5.26 -0.23 -6.84
CA TYR A 56 6.19 0.55 -6.01
C TYR A 56 6.90 -0.33 -4.96
N HIS A 57 8.09 0.09 -4.52
CA HIS A 57 8.81 -0.49 -3.35
C HIS A 57 8.14 -0.09 -2.02
N PRO A 58 8.39 -0.83 -0.91
CA PRO A 58 8.00 -0.45 0.46
C PRO A 58 8.53 0.91 0.96
N GLY A 59 9.69 1.37 0.46
CA GLY A 59 10.20 2.72 0.74
C GLY A 59 9.52 3.78 -0.14
N CYS A 60 9.42 3.50 -1.45
CA CYS A 60 9.00 4.47 -2.44
C CYS A 60 7.51 4.80 -2.40
N PHE A 61 6.63 3.83 -2.13
CA PHE A 61 5.21 4.10 -2.03
C PHE A 61 4.91 5.11 -0.90
N VAL A 62 5.67 5.07 0.19
CA VAL A 62 5.63 6.09 1.27
C VAL A 62 6.21 7.44 0.80
N LYS A 63 7.28 7.44 -0.01
CA LYS A 63 7.88 8.66 -0.57
C LYS A 63 6.91 9.43 -1.47
N ASN A 64 6.08 8.74 -2.27
CA ASN A 64 5.04 9.30 -3.12
C ASN A 64 3.63 9.15 -2.53
N ARG A 65 3.46 8.84 -1.24
CA ARG A 65 2.14 8.65 -0.58
C ARG A 65 1.15 9.78 -0.86
N GLU A 66 1.65 11.01 -0.96
CA GLU A 66 0.87 12.22 -1.20
C GLU A 66 0.51 12.41 -2.69
N GLU A 67 1.30 11.81 -3.60
CA GLU A 67 0.94 11.62 -5.01
C GLU A 67 -0.04 10.44 -5.19
N LEU A 68 0.14 9.35 -4.44
CA LEU A 68 -0.78 8.20 -4.40
C LEU A 68 -2.11 8.49 -3.68
N GLY A 69 -2.17 9.52 -2.84
CA GLY A 69 -3.41 10.04 -2.23
C GLY A 69 -3.72 9.52 -0.82
N PHE A 70 -2.72 9.03 -0.09
CA PHE A 70 -2.86 8.55 1.30
C PHE A 70 -3.24 9.65 2.29
N ARG A 71 -4.08 9.27 3.27
CA ARG A 71 -4.41 10.00 4.50
C ARG A 71 -4.40 9.01 5.69
N PRO A 72 -4.37 9.47 6.95
CA PRO A 72 -4.48 8.60 8.13
C PRO A 72 -5.78 7.77 8.17
N GLU A 73 -6.88 8.24 7.56
CA GLU A 73 -8.14 7.47 7.47
C GLU A 73 -8.06 6.26 6.51
N TYR A 74 -7.04 6.22 5.63
CA TYR A 74 -6.73 5.09 4.75
C TYR A 74 -5.21 4.95 4.50
N SER A 75 -4.50 4.66 5.59
CA SER A 75 -3.08 4.33 5.69
C SER A 75 -2.68 3.01 5.00
N ALA A 76 -1.46 2.53 5.26
CA ALA A 76 -1.03 1.19 4.84
C ALA A 76 -1.95 0.05 5.35
N SER A 77 -2.70 0.24 6.43
CA SER A 77 -3.69 -0.74 6.91
C SER A 77 -4.91 -0.87 5.98
N GLN A 78 -5.07 0.04 5.02
CA GLN A 78 -6.14 0.09 4.03
C GLN A 78 -5.60 -0.19 2.60
N LEU A 79 -4.54 -1.00 2.50
CA LEU A 79 -4.07 -1.65 1.26
C LEU A 79 -4.70 -3.06 1.12
N LYS A 80 -5.19 -3.42 -0.09
CA LYS A 80 -5.74 -4.76 -0.37
C LYS A 80 -4.68 -5.83 -0.12
N GLY A 81 -5.04 -6.92 0.55
CA GLY A 81 -4.16 -8.03 0.87
C GLY A 81 -3.12 -7.76 1.96
N PHE A 82 -3.12 -6.57 2.58
CA PHE A 82 -2.19 -6.21 3.67
C PHE A 82 -2.26 -7.21 4.82
N SER A 83 -3.47 -7.66 5.18
CA SER A 83 -3.68 -8.60 6.29
C SER A 83 -3.03 -9.97 6.07
N LEU A 84 -2.76 -10.34 4.81
CA LEU A 84 -2.19 -11.62 4.39
C LEU A 84 -0.65 -11.67 4.41
N LEU A 85 0.02 -10.52 4.56
CA LEU A 85 1.47 -10.43 4.77
C LEU A 85 1.87 -10.98 6.16
N ALA A 86 3.17 -11.20 6.38
CA ALA A 86 3.74 -11.52 7.69
C ALA A 86 3.58 -10.35 8.67
N THR A 87 3.41 -10.65 9.96
CA THR A 87 3.19 -9.65 11.02
C THR A 87 4.30 -8.60 11.08
N GLU A 88 5.56 -9.02 10.90
CA GLU A 88 6.70 -8.10 10.88
C GLU A 88 6.67 -7.11 9.70
N ASP A 89 6.12 -7.50 8.55
CA ASP A 89 5.92 -6.59 7.41
C ASP A 89 4.69 -5.68 7.59
N LYS A 90 3.60 -6.22 8.14
CA LYS A 90 2.38 -5.45 8.47
C LYS A 90 2.68 -4.33 9.47
N GLU A 91 3.44 -4.64 10.52
CA GLU A 91 3.87 -3.66 11.51
C GLU A 91 4.88 -2.66 10.92
N ALA A 92 5.80 -3.09 10.06
CA ALA A 92 6.75 -2.19 9.41
C ALA A 92 6.07 -1.19 8.45
N LEU A 93 5.09 -1.64 7.65
CA LEU A 93 4.32 -0.77 6.75
C LEU A 93 3.53 0.28 7.54
N LYS A 94 2.88 -0.12 8.66
CA LYS A 94 2.24 0.79 9.60
C LYS A 94 3.26 1.76 10.23
N LYS A 95 4.43 1.27 10.64
CA LYS A 95 5.47 2.10 11.28
C LYS A 95 6.03 3.19 10.36
N GLN A 96 6.00 2.99 9.04
CA GLN A 96 6.32 4.02 8.04
C GLN A 96 5.12 4.94 7.77
N LEU A 97 3.92 4.38 7.68
CA LEU A 97 2.69 5.08 7.27
C LEU A 97 1.45 4.56 8.04
N PRO A 98 1.23 5.03 9.29
CA PRO A 98 0.19 4.52 10.17
C PRO A 98 -1.12 5.33 10.08
N GLY A 99 -2.27 4.69 10.29
CA GLY A 99 -3.59 5.32 10.27
C GLY A 99 -4.21 5.62 11.64
N VAL A 100 -5.51 5.93 11.59
CA VAL A 100 -6.35 6.25 12.76
C VAL A 100 -6.57 5.04 13.65
N LYS A 101 -6.53 5.29 14.97
CA LYS A 101 -6.61 4.29 16.05
C LYS A 101 -7.54 4.71 17.19
N SER A 102 -8.60 5.47 16.89
CA SER A 102 -9.51 6.09 17.86
C SER A 102 -10.27 5.10 18.77
N GLU A 103 -10.46 3.85 18.32
CA GLU A 103 -11.06 2.77 19.11
C GLU A 103 -10.07 2.11 20.11
N GLY A 104 -8.76 2.34 19.94
CA GLY A 104 -7.68 1.80 20.77
C GLY A 104 -7.47 0.29 20.62
N LYS A 105 -8.41 -0.51 21.13
CA LYS A 105 -8.40 -1.98 21.13
C LYS A 105 -9.01 -2.62 19.86
N ARG A 106 -9.68 -1.81 19.02
CA ARG A 106 -10.45 -2.24 17.82
C ARG A 106 -11.50 -3.32 18.14
N LYS A 107 -12.12 -3.22 19.33
CA LYS A 107 -13.08 -4.20 19.87
C LYS A 107 -14.41 -4.20 19.10
N GLY A 108 -15.10 -5.34 19.09
CA GLY A 108 -16.44 -5.51 18.48
C GLY A 108 -16.44 -5.98 17.01
N ASP A 109 -15.27 -6.28 16.43
CA ASP A 109 -15.12 -6.80 15.06
C ASP A 109 -14.12 -7.98 15.00
N GLU A 110 -14.07 -8.79 16.06
CA GLU A 110 -13.21 -9.98 16.17
C GLU A 110 -13.99 -11.29 15.93
N VAL A 111 -13.31 -12.31 15.39
CA VAL A 111 -13.86 -13.65 15.16
C VAL A 111 -13.72 -14.49 16.45
N ASP A 112 -14.60 -14.22 17.41
CA ASP A 112 -14.62 -14.83 18.76
C ASP A 112 -16.05 -15.18 19.23
N GLY A 1 -20.59 -6.17 -5.07
CA GLY A 1 -19.98 -5.24 -4.09
C GLY A 1 -18.51 -4.96 -4.39
N SER A 2 -17.90 -4.07 -3.62
CA SER A 2 -16.49 -3.67 -3.77
C SER A 2 -15.49 -4.80 -3.43
N LYS A 3 -14.32 -4.80 -4.08
CA LYS A 3 -13.23 -5.75 -3.83
C LYS A 3 -12.47 -5.39 -2.54
N ALA A 4 -12.21 -6.41 -1.71
CA ALA A 4 -11.71 -6.33 -0.32
C ALA A 4 -12.59 -5.51 0.65
N GLU A 5 -12.57 -5.90 1.94
CA GLU A 5 -13.50 -5.36 2.96
C GLU A 5 -12.90 -4.20 3.78
N LYS A 6 -11.58 -4.21 4.02
CA LYS A 6 -10.85 -3.19 4.82
C LYS A 6 -10.23 -2.08 3.96
N THR A 7 -10.00 -2.33 2.67
CA THR A 7 -9.29 -1.42 1.76
C THR A 7 -10.11 -0.17 1.43
N LEU A 8 -9.43 0.97 1.20
CA LEU A 8 -10.08 2.17 0.62
C LEU A 8 -10.49 2.07 -0.87
N GLY A 9 -10.15 0.97 -1.56
CA GLY A 9 -10.58 0.67 -2.95
C GLY A 9 -9.70 1.23 -4.06
N ASP A 10 -8.44 1.58 -3.79
CA ASP A 10 -7.54 2.22 -4.76
C ASP A 10 -6.07 1.75 -4.72
N PHE A 11 -5.61 1.02 -3.70
CA PHE A 11 -4.22 0.54 -3.61
C PHE A 11 -4.07 -0.83 -2.92
N ALA A 12 -2.99 -1.56 -3.22
CA ALA A 12 -2.76 -2.97 -2.91
C ALA A 12 -1.36 -3.27 -2.37
N ALA A 13 -1.21 -4.41 -1.68
CA ALA A 13 0.02 -4.91 -1.08
C ALA A 13 0.13 -6.45 -1.22
N GLU A 14 1.33 -6.96 -1.52
CA GLU A 14 1.60 -8.36 -1.83
C GLU A 14 3.11 -8.61 -1.64
N TYR A 15 3.57 -9.86 -1.66
CA TYR A 15 4.98 -10.15 -1.92
C TYR A 15 5.30 -10.17 -3.41
N ALA A 16 6.53 -9.78 -3.75
CA ALA A 16 7.06 -9.81 -5.10
C ALA A 16 7.30 -11.26 -5.55
N LYS A 17 6.32 -11.86 -6.25
CA LYS A 17 6.34 -13.26 -6.69
C LYS A 17 7.35 -13.53 -7.82
N SER A 18 7.84 -12.48 -8.49
CA SER A 18 8.87 -12.53 -9.53
C SER A 18 9.68 -11.22 -9.56
N ASN A 19 10.93 -11.26 -10.04
CA ASN A 19 11.77 -10.08 -10.20
C ASN A 19 11.48 -9.37 -11.55
N ARG A 20 10.19 -9.12 -11.80
CA ARG A 20 9.65 -8.56 -13.06
C ARG A 20 8.72 -7.37 -12.87
N SER A 21 8.23 -7.14 -11.63
CA SER A 21 7.65 -5.84 -11.24
C SER A 21 8.72 -4.75 -11.25
N THR A 22 8.32 -3.51 -11.53
CA THR A 22 9.21 -2.33 -11.52
C THR A 22 8.49 -1.20 -10.79
N CYS A 23 9.23 -0.51 -9.93
CA CYS A 23 8.77 0.59 -9.12
C CYS A 23 8.64 1.85 -9.98
N LYS A 24 7.42 2.34 -10.15
CA LYS A 24 7.14 3.63 -10.79
C LYS A 24 7.49 4.82 -9.89
N GLY A 25 7.82 4.57 -8.62
CA GLY A 25 8.26 5.59 -7.66
C GLY A 25 9.68 6.10 -7.90
N CYS A 26 10.60 5.20 -8.26
CA CYS A 26 12.01 5.53 -8.55
C CYS A 26 12.57 4.98 -9.89
N MET A 27 11.74 4.31 -10.69
CA MET A 27 12.09 3.70 -11.98
C MET A 27 13.16 2.60 -11.89
N GLU A 28 13.02 1.69 -10.92
CA GLU A 28 13.94 0.55 -10.71
C GLU A 28 13.17 -0.74 -10.42
N LYS A 29 13.81 -1.89 -10.71
CA LYS A 29 13.17 -3.21 -10.61
C LYS A 29 12.87 -3.57 -9.14
N ILE A 30 11.68 -4.10 -8.90
CA ILE A 30 11.26 -4.60 -7.59
C ILE A 30 11.77 -6.04 -7.40
N GLU A 31 12.61 -6.23 -6.37
CA GLU A 31 13.24 -7.51 -6.05
C GLU A 31 12.21 -8.57 -5.63
N LYS A 32 12.43 -9.81 -6.07
CA LYS A 32 11.63 -10.98 -5.67
C LYS A 32 11.75 -11.24 -4.16
N GLY A 33 10.66 -11.70 -3.55
CA GLY A 33 10.63 -12.18 -2.16
C GLY A 33 10.64 -11.08 -1.08
N GLN A 34 10.49 -9.81 -1.44
CA GLN A 34 10.18 -8.71 -0.51
C GLN A 34 8.83 -8.08 -0.89
N VAL A 35 8.26 -7.20 -0.06
CA VAL A 35 6.91 -6.64 -0.27
C VAL A 35 6.88 -5.77 -1.55
N ARG A 36 5.76 -5.78 -2.27
CA ARG A 36 5.44 -4.85 -3.38
C ARG A 36 4.06 -4.23 -3.14
N LEU A 37 3.95 -2.91 -3.32
CA LEU A 37 2.69 -2.17 -3.23
C LEU A 37 2.32 -1.63 -4.61
N SER A 38 1.02 -1.43 -4.87
CA SER A 38 0.55 -0.81 -6.11
C SER A 38 -0.66 0.09 -5.89
N LYS A 39 -0.89 1.00 -6.84
CA LYS A 39 -2.12 1.81 -6.93
C LYS A 39 -2.89 1.39 -8.18
N LYS A 40 -4.19 1.14 -8.04
CA LYS A 40 -5.12 0.94 -9.17
C LYS A 40 -5.56 2.32 -9.65
N MET A 41 -5.15 2.67 -10.86
CA MET A 41 -5.54 3.93 -11.51
C MET A 41 -5.36 3.84 -13.03
N VAL A 42 -6.17 4.57 -13.80
CA VAL A 42 -5.86 4.84 -15.21
C VAL A 42 -4.48 5.51 -15.33
N ASP A 43 -3.61 4.92 -16.16
CA ASP A 43 -2.21 5.32 -16.24
C ASP A 43 -2.09 6.75 -16.81
N PRO A 44 -1.39 7.67 -16.12
CA PRO A 44 -1.34 9.08 -16.49
C PRO A 44 -0.54 9.35 -17.77
N GLU A 45 0.28 8.40 -18.22
CA GLU A 45 1.10 8.48 -19.44
C GLU A 45 0.49 7.65 -20.59
N LYS A 46 -0.50 6.78 -20.28
CA LYS A 46 -1.10 5.77 -21.16
C LYS A 46 -2.59 5.52 -20.83
N PRO A 47 -3.47 6.53 -20.82
CA PRO A 47 -4.87 6.35 -20.41
C PRO A 47 -5.67 5.40 -21.31
N GLN A 48 -5.17 5.08 -22.52
CA GLN A 48 -5.73 4.07 -23.42
C GLN A 48 -5.73 2.65 -22.82
N LEU A 49 -4.88 2.35 -21.82
CA LEU A 49 -4.98 1.11 -21.03
C LEU A 49 -6.28 0.97 -20.23
N GLY A 50 -6.91 2.09 -19.84
CA GLY A 50 -7.70 2.13 -18.63
C GLY A 50 -6.82 1.92 -17.38
N MET A 51 -7.42 1.43 -16.31
CA MET A 51 -6.85 1.26 -14.98
C MET A 51 -5.83 0.12 -14.95
N ILE A 52 -4.68 0.38 -14.30
CA ILE A 52 -3.66 -0.63 -14.00
C ILE A 52 -3.28 -0.61 -12.52
N ASP A 53 -2.72 -1.73 -12.07
CA ASP A 53 -2.07 -1.86 -10.75
C ASP A 53 -0.59 -1.47 -10.89
N ARG A 54 -0.29 -0.16 -10.81
CA ARG A 54 1.05 0.41 -10.98
C ARG A 54 1.90 0.15 -9.74
N TRP A 55 3.03 -0.54 -9.86
CA TRP A 55 3.83 -1.02 -8.71
C TRP A 55 4.89 -0.02 -8.22
N TYR A 56 5.25 -0.15 -6.94
CA TYR A 56 6.18 0.65 -6.13
C TYR A 56 6.90 -0.23 -5.07
N HIS A 57 8.10 0.15 -4.66
CA HIS A 57 8.85 -0.46 -3.52
C HIS A 57 8.19 -0.09 -2.17
N PRO A 58 8.45 -0.84 -1.07
CA PRO A 58 8.06 -0.48 0.29
C PRO A 58 8.61 0.86 0.81
N GLY A 59 9.76 1.30 0.33
CA GLY A 59 10.31 2.62 0.64
C GLY A 59 9.71 3.75 -0.20
N CYS A 60 9.40 3.49 -1.47
CA CYS A 60 8.99 4.51 -2.43
C CYS A 60 7.51 4.84 -2.40
N PHE A 61 6.64 3.85 -2.16
CA PHE A 61 5.21 4.11 -2.00
C PHE A 61 4.94 5.09 -0.83
N VAL A 62 5.79 5.06 0.21
CA VAL A 62 5.84 6.08 1.28
C VAL A 62 6.33 7.45 0.77
N LYS A 63 7.38 7.51 -0.06
CA LYS A 63 7.90 8.78 -0.63
C LYS A 63 6.89 9.50 -1.53
N ASN A 64 6.10 8.75 -2.33
CA ASN A 64 5.02 9.26 -3.16
C ASN A 64 3.63 9.07 -2.54
N ARG A 65 3.50 8.78 -1.24
CA ARG A 65 2.22 8.57 -0.55
C ARG A 65 1.17 9.63 -0.86
N GLU A 66 1.60 10.89 -0.97
CA GLU A 66 0.75 12.05 -1.23
C GLU A 66 0.36 12.18 -2.72
N GLU A 67 1.20 11.65 -3.62
CA GLU A 67 0.86 11.46 -5.05
C GLU A 67 -0.05 10.23 -5.25
N LEU A 68 0.14 9.15 -4.47
CA LEU A 68 -0.77 8.01 -4.40
C LEU A 68 -2.12 8.35 -3.73
N GLY A 69 -2.16 9.37 -2.86
CA GLY A 69 -3.38 9.92 -2.27
C GLY A 69 -3.67 9.51 -0.82
N PHE A 70 -2.67 8.99 -0.10
CA PHE A 70 -2.77 8.68 1.33
C PHE A 70 -3.04 9.92 2.19
N ARG A 71 -3.87 9.71 3.22
CA ARG A 71 -4.13 10.62 4.35
C ARG A 71 -4.13 9.79 5.65
N PRO A 72 -3.88 10.40 6.83
CA PRO A 72 -3.83 9.67 8.11
C PRO A 72 -5.12 8.90 8.43
N GLU A 73 -6.29 9.32 7.94
CA GLU A 73 -7.56 8.64 8.20
C GLU A 73 -7.63 7.22 7.59
N TYR A 74 -6.85 6.96 6.53
CA TYR A 74 -6.75 5.65 5.87
C TYR A 74 -5.29 5.19 5.66
N SER A 75 -4.78 4.57 6.73
CA SER A 75 -3.47 3.97 6.92
C SER A 75 -3.08 2.93 5.86
N ALA A 76 -1.80 2.54 5.85
CA ALA A 76 -1.27 1.39 5.10
C ALA A 76 -2.03 0.08 5.34
N SER A 77 -2.74 -0.04 6.47
CA SER A 77 -3.62 -1.16 6.80
C SER A 77 -4.76 -1.35 5.78
N GLN A 78 -5.09 -0.30 5.02
CA GLN A 78 -6.17 -0.29 4.04
C GLN A 78 -5.69 -0.50 2.59
N LEU A 79 -4.57 -1.20 2.40
CA LEU A 79 -4.12 -1.77 1.12
C LEU A 79 -4.73 -3.18 0.90
N LYS A 80 -5.19 -3.49 -0.33
CA LYS A 80 -5.72 -4.82 -0.70
C LYS A 80 -4.68 -5.89 -0.39
N GLY A 81 -5.07 -6.96 0.31
CA GLY A 81 -4.18 -8.09 0.63
C GLY A 81 -3.14 -7.81 1.73
N PHE A 82 -3.15 -6.63 2.38
CA PHE A 82 -2.26 -6.31 3.51
C PHE A 82 -2.34 -7.38 4.60
N SER A 83 -3.57 -7.80 4.95
CA SER A 83 -3.85 -8.76 6.02
C SER A 83 -3.25 -10.16 5.78
N LEU A 84 -2.95 -10.51 4.53
CA LEU A 84 -2.39 -11.82 4.11
C LEU A 84 -0.85 -11.82 4.09
N LEU A 85 -0.18 -10.68 4.31
CA LEU A 85 1.27 -10.61 4.53
C LEU A 85 1.65 -11.18 5.92
N ALA A 86 2.94 -11.37 6.18
CA ALA A 86 3.45 -11.72 7.50
C ALA A 86 3.24 -10.57 8.51
N THR A 87 3.05 -10.91 9.79
CA THR A 87 2.81 -9.94 10.88
C THR A 87 3.92 -8.88 10.96
N GLU A 88 5.18 -9.26 10.76
CA GLU A 88 6.32 -8.33 10.77
C GLU A 88 6.27 -7.31 9.62
N ASP A 89 5.73 -7.68 8.45
CA ASP A 89 5.53 -6.77 7.32
C ASP A 89 4.28 -5.90 7.49
N LYS A 90 3.20 -6.45 8.05
CA LYS A 90 1.99 -5.70 8.44
C LYS A 90 2.31 -4.61 9.46
N GLU A 91 3.17 -4.92 10.43
CA GLU A 91 3.73 -3.93 11.36
C GLU A 91 4.63 -2.91 10.65
N ALA A 92 5.56 -3.35 9.81
CA ALA A 92 6.53 -2.48 9.14
C ALA A 92 5.88 -1.48 8.15
N LEU A 93 4.79 -1.84 7.49
CA LEU A 93 4.06 -0.94 6.59
C LEU A 93 3.37 0.18 7.36
N LYS A 94 2.73 -0.13 8.51
CA LYS A 94 2.19 0.87 9.44
C LYS A 94 3.32 1.70 10.05
N LYS A 95 4.44 1.09 10.45
CA LYS A 95 5.56 1.80 11.10
C LYS A 95 6.23 2.84 10.20
N GLN A 96 6.17 2.66 8.88
CA GLN A 96 6.67 3.62 7.88
C GLN A 96 5.58 4.58 7.37
N LEU A 97 4.30 4.17 7.39
CA LEU A 97 3.14 4.96 6.98
C LEU A 97 1.92 4.71 7.91
N PRO A 98 1.93 5.27 9.14
CA PRO A 98 0.89 4.99 10.12
C PRO A 98 -0.28 6.00 10.01
N GLY A 99 -1.51 5.52 10.19
CA GLY A 99 -2.71 6.36 10.26
C GLY A 99 -3.19 6.66 11.69
N VAL A 100 -4.41 7.18 11.76
CA VAL A 100 -5.13 7.57 12.99
C VAL A 100 -5.58 6.34 13.76
N LYS A 101 -5.38 6.38 15.08
CA LYS A 101 -5.67 5.29 16.02
C LYS A 101 -6.39 5.75 17.30
N SER A 102 -7.01 6.93 17.28
CA SER A 102 -7.67 7.57 18.43
C SER A 102 -8.93 6.84 18.94
N GLU A 103 -9.53 5.99 18.10
CA GLU A 103 -10.62 5.08 18.48
C GLU A 103 -10.15 3.99 19.48
N GLY A 104 -8.88 3.60 19.41
CA GLY A 104 -8.24 2.61 20.28
C GLY A 104 -7.53 1.49 19.51
N LYS A 105 -8.26 0.77 18.62
CA LYS A 105 -7.79 -0.45 17.93
C LYS A 105 -8.25 -0.59 16.46
N ARG A 106 -9.11 0.30 15.96
CA ARG A 106 -9.92 0.13 14.72
C ARG A 106 -10.76 -1.16 14.78
N LYS A 107 -11.52 -1.32 15.88
CA LYS A 107 -12.37 -2.48 16.18
C LYS A 107 -13.88 -2.20 16.05
N GLY A 108 -14.29 -0.95 15.85
CA GLY A 108 -15.71 -0.58 15.62
C GLY A 108 -16.38 -1.28 14.45
N ASP A 109 -15.60 -1.71 13.46
CA ASP A 109 -16.01 -2.52 12.31
C ASP A 109 -16.31 -3.99 12.66
N GLU A 110 -15.93 -4.45 13.86
CA GLU A 110 -15.91 -5.87 14.23
C GLU A 110 -16.59 -6.20 15.57
N VAL A 111 -16.61 -5.23 16.51
CA VAL A 111 -17.10 -5.40 17.89
C VAL A 111 -18.57 -5.00 18.10
N ASP A 112 -19.18 -4.38 17.09
CA ASP A 112 -20.58 -3.90 17.09
C ASP A 112 -21.63 -5.01 16.87
N GLY A 1 -21.89 4.78 4.41
CA GLY A 1 -20.63 4.04 4.67
C GLY A 1 -20.13 3.32 3.43
N SER A 2 -18.81 3.06 3.36
CA SER A 2 -18.15 2.38 2.23
C SER A 2 -18.58 0.92 2.07
N LYS A 3 -18.59 0.42 0.82
CA LYS A 3 -18.96 -0.97 0.49
C LYS A 3 -17.83 -1.98 0.74
N ALA A 4 -16.58 -1.55 0.70
CA ALA A 4 -15.40 -2.36 1.02
C ALA A 4 -15.23 -2.55 2.55
N GLU A 5 -14.75 -3.73 2.96
CA GLU A 5 -14.65 -4.13 4.38
C GLU A 5 -13.29 -3.87 5.03
N LYS A 6 -12.28 -3.44 4.23
CA LYS A 6 -10.89 -3.23 4.67
C LYS A 6 -10.22 -2.06 3.92
N THR A 7 -10.14 -2.16 2.60
CA THR A 7 -9.38 -1.26 1.72
C THR A 7 -10.15 0.04 1.42
N LEU A 8 -9.43 1.15 1.17
CA LEU A 8 -10.05 2.38 0.61
C LEU A 8 -10.49 2.24 -0.87
N GLY A 9 -10.07 1.16 -1.56
CA GLY A 9 -10.44 0.83 -2.93
C GLY A 9 -9.49 1.34 -4.03
N ASP A 10 -8.24 1.72 -3.71
CA ASP A 10 -7.34 2.39 -4.67
C ASP A 10 -5.88 1.90 -4.66
N PHE A 11 -5.43 1.20 -3.61
CA PHE A 11 -4.07 0.64 -3.54
C PHE A 11 -4.01 -0.75 -2.86
N ALA A 12 -2.99 -1.55 -3.20
CA ALA A 12 -2.84 -2.98 -2.88
C ALA A 12 -1.43 -3.35 -2.39
N ALA A 13 -1.32 -4.47 -1.67
CA ALA A 13 -0.06 -5.01 -1.14
C ALA A 13 0.06 -6.53 -1.36
N GLU A 14 1.27 -7.01 -1.66
CA GLU A 14 1.59 -8.42 -1.96
C GLU A 14 3.10 -8.65 -1.73
N TYR A 15 3.60 -9.87 -1.90
CA TYR A 15 5.03 -10.12 -2.12
C TYR A 15 5.35 -10.20 -3.62
N ALA A 16 6.59 -9.83 -3.99
CA ALA A 16 7.06 -9.75 -5.36
C ALA A 16 7.20 -11.15 -5.97
N LYS A 17 6.21 -11.55 -6.79
CA LYS A 17 6.14 -12.88 -7.44
C LYS A 17 7.15 -13.08 -8.58
N SER A 18 7.67 -11.98 -9.14
CA SER A 18 8.81 -12.00 -10.07
C SER A 18 9.61 -10.69 -10.02
N ASN A 19 10.91 -10.76 -10.31
CA ASN A 19 11.79 -9.61 -10.54
C ASN A 19 11.47 -8.85 -11.85
N ARG A 20 10.50 -9.34 -12.63
CA ARG A 20 9.86 -8.58 -13.73
C ARG A 20 9.05 -7.37 -13.22
N SER A 21 8.67 -7.34 -11.94
CA SER A 21 8.07 -6.18 -11.27
C SER A 21 9.05 -4.99 -11.27
N THR A 22 8.58 -3.77 -11.56
CA THR A 22 9.40 -2.55 -11.54
C THR A 22 8.68 -1.43 -10.80
N CYS A 23 9.43 -0.73 -9.96
CA CYS A 23 8.95 0.38 -9.16
C CYS A 23 8.75 1.60 -10.05
N LYS A 24 7.49 2.00 -10.18
CA LYS A 24 7.06 3.23 -10.85
C LYS A 24 7.35 4.47 -9.98
N GLY A 25 7.76 4.28 -8.72
CA GLY A 25 8.23 5.35 -7.83
C GLY A 25 9.63 5.85 -8.16
N CYS A 26 10.59 4.95 -8.39
CA CYS A 26 12.01 5.29 -8.63
C CYS A 26 12.65 4.74 -9.94
N MET A 27 11.88 4.03 -10.79
CA MET A 27 12.36 3.41 -12.04
C MET A 27 13.47 2.36 -11.83
N GLU A 28 13.31 1.48 -10.85
CA GLU A 28 14.22 0.35 -10.61
C GLU A 28 13.45 -0.95 -10.38
N LYS A 29 14.02 -2.10 -10.78
CA LYS A 29 13.34 -3.39 -10.69
C LYS A 29 13.16 -3.83 -9.24
N ILE A 30 11.97 -4.29 -8.90
CA ILE A 30 11.61 -4.74 -7.55
C ILE A 30 12.16 -6.15 -7.30
N GLU A 31 12.77 -6.37 -6.14
CA GLU A 31 13.39 -7.66 -5.78
C GLU A 31 12.32 -8.72 -5.51
N LYS A 32 12.51 -9.93 -6.07
CA LYS A 32 11.61 -11.07 -5.84
C LYS A 32 11.60 -11.48 -4.37
N GLY A 33 10.44 -11.89 -3.86
CA GLY A 33 10.27 -12.43 -2.51
C GLY A 33 10.29 -11.42 -1.34
N GLN A 34 10.33 -10.11 -1.60
CA GLN A 34 10.04 -9.06 -0.61
C GLN A 34 8.75 -8.32 -1.00
N VAL A 35 8.21 -7.45 -0.14
CA VAL A 35 6.89 -6.82 -0.37
C VAL A 35 6.89 -5.94 -1.65
N ARG A 36 5.78 -5.91 -2.37
CA ARG A 36 5.46 -4.93 -3.42
C ARG A 36 4.07 -4.33 -3.18
N LEU A 37 3.95 -3.01 -3.33
CA LEU A 37 2.68 -2.30 -3.22
C LEU A 37 2.28 -1.73 -4.60
N SER A 38 1.00 -1.49 -4.84
CA SER A 38 0.54 -0.85 -6.08
C SER A 38 -0.65 0.09 -5.89
N LYS A 39 -0.86 0.99 -6.87
CA LYS A 39 -2.04 1.86 -6.99
C LYS A 39 -2.81 1.55 -8.26
N LYS A 40 -4.14 1.47 -8.16
CA LYS A 40 -5.08 1.25 -9.27
C LYS A 40 -5.55 2.60 -9.83
N MET A 41 -5.25 2.88 -11.10
CA MET A 41 -5.68 4.10 -11.81
C MET A 41 -5.60 3.95 -13.33
N VAL A 42 -6.50 4.59 -14.08
CA VAL A 42 -6.35 4.76 -15.53
C VAL A 42 -5.10 5.62 -15.82
N ASP A 43 -4.24 5.18 -16.74
CA ASP A 43 -3.03 5.90 -17.15
C ASP A 43 -3.42 7.17 -17.96
N PRO A 44 -2.91 8.36 -17.62
CA PRO A 44 -3.32 9.62 -18.24
C PRO A 44 -2.80 9.84 -19.66
N GLU A 45 -1.79 9.08 -20.11
CA GLU A 45 -1.28 9.08 -21.49
C GLU A 45 -1.79 7.89 -22.32
N LYS A 46 -2.35 6.88 -21.64
CA LYS A 46 -2.84 5.60 -22.20
C LYS A 46 -4.21 5.18 -21.63
N PRO A 47 -5.25 6.05 -21.64
CA PRO A 47 -6.55 5.71 -21.08
C PRO A 47 -7.24 4.54 -21.80
N GLN A 48 -6.86 4.26 -23.06
CA GLN A 48 -7.36 3.12 -23.85
C GLN A 48 -7.07 1.74 -23.22
N LEU A 49 -6.03 1.58 -22.39
CA LEU A 49 -5.76 0.33 -21.65
C LEU A 49 -6.40 0.28 -20.24
N GLY A 50 -7.08 1.35 -19.80
CA GLY A 50 -7.90 1.36 -18.60
C GLY A 50 -7.09 1.43 -17.30
N MET A 51 -7.76 1.15 -16.18
CA MET A 51 -7.19 1.15 -14.85
C MET A 51 -6.13 0.06 -14.72
N ILE A 52 -4.90 0.46 -14.41
CA ILE A 52 -3.72 -0.39 -14.27
C ILE A 52 -3.17 -0.37 -12.85
N ASP A 53 -2.35 -1.36 -12.50
CA ASP A 53 -1.74 -1.54 -11.18
C ASP A 53 -0.28 -1.05 -11.23
N ARG A 54 -0.08 0.22 -10.87
CA ARG A 54 1.23 0.90 -10.80
C ARG A 54 2.02 0.35 -9.60
N TRP A 55 3.11 -0.40 -9.80
CA TRP A 55 3.87 -1.02 -8.69
C TRP A 55 4.94 -0.10 -8.08
N TYR A 56 5.30 -0.34 -6.82
CA TYR A 56 6.25 0.40 -5.98
C TYR A 56 7.00 -0.53 -5.00
N HIS A 57 8.21 -0.12 -4.59
CA HIS A 57 8.96 -0.68 -3.45
C HIS A 57 8.26 -0.32 -2.12
N PRO A 58 8.50 -1.05 -1.02
CA PRO A 58 8.12 -0.67 0.35
C PRO A 58 8.72 0.66 0.82
N GLY A 59 9.87 1.07 0.28
CA GLY A 59 10.51 2.35 0.58
C GLY A 59 10.00 3.52 -0.27
N CYS A 60 9.46 3.28 -1.46
CA CYS A 60 9.06 4.32 -2.42
C CYS A 60 7.59 4.71 -2.34
N PHE A 61 6.69 3.76 -2.10
CA PHE A 61 5.29 4.07 -1.86
C PHE A 61 5.13 5.03 -0.66
N VAL A 62 6.04 4.91 0.33
CA VAL A 62 6.21 5.85 1.46
C VAL A 62 6.67 7.25 1.02
N LYS A 63 7.53 7.38 0.00
CA LYS A 63 8.01 8.68 -0.53
C LYS A 63 6.96 9.41 -1.38
N ASN A 64 6.16 8.68 -2.17
CA ASN A 64 5.07 9.21 -2.98
C ASN A 64 3.69 9.05 -2.31
N ARG A 65 3.60 8.77 -1.00
CA ARG A 65 2.32 8.51 -0.28
C ARG A 65 1.27 9.58 -0.54
N GLU A 66 1.68 10.85 -0.62
CA GLU A 66 0.80 11.99 -0.88
C GLU A 66 0.37 12.09 -2.36
N GLU A 67 1.19 11.58 -3.29
CA GLU A 67 0.85 11.41 -4.70
C GLU A 67 -0.05 10.17 -4.92
N LEU A 68 0.17 9.09 -4.16
CA LEU A 68 -0.71 7.91 -4.14
C LEU A 68 -2.08 8.20 -3.48
N GLY A 69 -2.14 9.12 -2.51
CA GLY A 69 -3.37 9.60 -1.87
C GLY A 69 -3.57 9.20 -0.40
N PHE A 70 -2.52 8.75 0.29
CA PHE A 70 -2.57 8.38 1.71
C PHE A 70 -2.88 9.59 2.61
N ARG A 71 -3.83 9.40 3.54
CA ARG A 71 -4.17 10.27 4.68
C ARG A 71 -4.39 9.42 5.93
N PRO A 72 -4.39 9.99 7.16
CA PRO A 72 -4.42 9.20 8.41
C PRO A 72 -5.62 8.27 8.57
N GLU A 73 -6.78 8.57 7.97
CA GLU A 73 -7.95 7.68 8.06
C GLU A 73 -7.86 6.41 7.20
N TYR A 74 -6.86 6.31 6.32
CA TYR A 74 -6.56 5.11 5.50
C TYR A 74 -5.04 4.95 5.25
N SER A 75 -4.33 4.61 6.33
CA SER A 75 -2.96 4.08 6.35
C SER A 75 -2.79 2.78 5.54
N ALA A 76 -1.59 2.21 5.58
CA ALA A 76 -1.26 0.89 5.03
C ALA A 76 -2.25 -0.23 5.41
N SER A 77 -2.97 -0.10 6.53
CA SER A 77 -4.01 -1.05 6.95
C SER A 77 -5.16 -1.18 5.94
N GLN A 78 -5.32 -0.19 5.04
CA GLN A 78 -6.32 -0.15 3.98
C GLN A 78 -5.74 -0.35 2.57
N LEU A 79 -4.60 -1.04 2.45
CA LEU A 79 -4.14 -1.69 1.20
C LEU A 79 -4.82 -3.06 1.02
N LYS A 80 -5.22 -3.39 -0.22
CA LYS A 80 -5.80 -4.72 -0.54
C LYS A 80 -4.84 -5.83 -0.13
N GLY A 81 -5.35 -6.84 0.56
CA GLY A 81 -4.58 -8.00 1.01
C GLY A 81 -3.54 -7.73 2.11
N PHE A 82 -3.52 -6.54 2.73
CA PHE A 82 -2.56 -6.17 3.78
C PHE A 82 -2.54 -7.20 4.92
N SER A 83 -3.71 -7.62 5.38
CA SER A 83 -3.88 -8.60 6.47
C SER A 83 -3.27 -9.98 6.17
N LEU A 84 -3.05 -10.32 4.90
CA LEU A 84 -2.49 -11.59 4.43
C LEU A 84 -0.95 -11.59 4.38
N LEU A 85 -0.29 -10.44 4.56
CA LEU A 85 1.17 -10.35 4.72
C LEU A 85 1.63 -10.95 6.08
N ALA A 86 2.93 -11.17 6.23
CA ALA A 86 3.54 -11.53 7.51
C ALA A 86 3.45 -10.35 8.52
N THR A 87 3.34 -10.67 9.81
CA THR A 87 3.14 -9.69 10.90
C THR A 87 4.23 -8.61 10.92
N GLU A 88 5.49 -8.99 10.69
CA GLU A 88 6.62 -8.04 10.65
C GLU A 88 6.51 -7.02 9.50
N ASP A 89 5.94 -7.40 8.36
CA ASP A 89 5.68 -6.47 7.26
C ASP A 89 4.42 -5.62 7.51
N LYS A 90 3.36 -6.21 8.08
CA LYS A 90 2.13 -5.50 8.47
C LYS A 90 2.41 -4.38 9.47
N GLU A 91 3.26 -4.62 10.46
CA GLU A 91 3.72 -3.59 11.39
C GLU A 91 4.60 -2.55 10.69
N ALA A 92 5.56 -2.97 9.86
CA ALA A 92 6.50 -2.06 9.19
C ALA A 92 5.82 -1.06 8.23
N LEU A 93 4.81 -1.50 7.47
CA LEU A 93 4.10 -0.64 6.51
C LEU A 93 3.30 0.47 7.24
N LYS A 94 2.64 0.15 8.35
CA LYS A 94 2.02 1.11 9.26
C LYS A 94 3.07 1.99 9.92
N LYS A 95 4.21 1.46 10.37
CA LYS A 95 5.26 2.25 11.06
C LYS A 95 5.83 3.38 10.19
N GLN A 96 5.80 3.23 8.86
CA GLN A 96 6.24 4.24 7.90
C GLN A 96 5.17 5.30 7.58
N LEU A 97 3.88 4.93 7.57
CA LEU A 97 2.76 5.86 7.38
C LEU A 97 1.50 5.49 8.22
N PRO A 98 1.54 5.66 9.55
CA PRO A 98 0.51 5.15 10.45
C PRO A 98 -0.74 6.05 10.45
N GLY A 99 -1.90 5.51 10.86
CA GLY A 99 -3.19 6.17 10.80
C GLY A 99 -3.50 7.20 11.90
N VAL A 100 -4.80 7.47 12.07
CA VAL A 100 -5.41 8.56 12.87
C VAL A 100 -4.77 8.78 14.25
N LYS A 101 -4.63 10.06 14.60
CA LYS A 101 -3.98 10.55 15.83
C LYS A 101 -4.72 10.22 17.13
N SER A 102 -5.99 9.78 17.05
CA SER A 102 -6.83 9.40 18.20
C SER A 102 -6.27 8.25 19.05
N GLU A 103 -5.31 7.48 18.53
CA GLU A 103 -4.54 6.49 19.29
C GLU A 103 -3.60 7.12 20.35
N GLY A 104 -3.20 8.38 20.18
CA GLY A 104 -2.27 9.09 21.07
C GLY A 104 -0.80 8.68 20.95
N LYS A 105 -0.45 7.81 19.98
CA LYS A 105 0.89 7.22 19.82
C LYS A 105 1.78 7.91 18.77
N ARG A 106 1.23 8.85 17.97
CA ARG A 106 1.95 9.55 16.88
C ARG A 106 3.04 10.50 17.39
N LYS A 107 2.79 11.20 18.50
CA LYS A 107 3.67 12.23 19.12
C LYS A 107 4.11 13.38 18.19
N GLY A 108 3.40 13.59 17.08
CA GLY A 108 3.63 14.70 16.16
C GLY A 108 3.09 16.02 16.71
N ASP A 109 3.93 17.06 16.76
CA ASP A 109 3.56 18.44 17.12
C ASP A 109 2.87 19.19 15.95
N GLU A 110 1.89 18.53 15.32
CA GLU A 110 1.19 18.95 14.11
C GLU A 110 -0.26 18.42 14.11
N VAL A 111 -1.17 19.12 13.40
CA VAL A 111 -2.63 18.84 13.32
C VAL A 111 -3.30 18.52 14.67
N ASP A 112 -2.90 19.24 15.72
CA ASP A 112 -3.25 18.98 17.12
C ASP A 112 -4.47 19.79 17.64
N GLY A 1 -13.13 -18.40 5.69
CA GLY A 1 -11.85 -17.79 6.11
C GLY A 1 -11.98 -16.30 6.35
N SER A 2 -11.22 -15.75 7.30
CA SER A 2 -11.24 -14.33 7.68
C SER A 2 -10.69 -13.40 6.58
N LYS A 3 -11.23 -12.17 6.51
CA LYS A 3 -10.78 -11.12 5.56
C LYS A 3 -9.44 -10.50 5.97
N ALA A 4 -8.67 -10.01 5.00
CA ALA A 4 -7.34 -9.41 5.21
C ALA A 4 -7.38 -7.92 5.66
N GLU A 5 -8.32 -7.59 6.55
CA GLU A 5 -8.76 -6.23 6.93
C GLU A 5 -9.36 -5.39 5.77
N LYS A 6 -10.13 -4.35 6.10
CA LYS A 6 -10.86 -3.52 5.14
C LYS A 6 -9.93 -2.60 4.34
N THR A 7 -10.15 -2.53 3.02
CA THR A 7 -9.43 -1.69 2.05
C THR A 7 -10.30 -0.52 1.59
N LEU A 8 -9.68 0.62 1.22
CA LEU A 8 -10.42 1.74 0.59
C LEU A 8 -10.87 1.49 -0.88
N GLY A 9 -10.33 0.46 -1.56
CA GLY A 9 -10.65 0.11 -2.96
C GLY A 9 -9.80 0.80 -4.05
N ASP A 10 -8.55 1.19 -3.75
CA ASP A 10 -7.67 1.97 -4.63
C ASP A 10 -6.21 1.49 -4.65
N PHE A 11 -5.74 0.76 -3.62
CA PHE A 11 -4.36 0.25 -3.53
C PHE A 11 -4.25 -1.11 -2.84
N ALA A 12 -3.20 -1.87 -3.15
CA ALA A 12 -3.00 -3.28 -2.80
C ALA A 12 -1.56 -3.61 -2.37
N ALA A 13 -1.37 -4.72 -1.65
CA ALA A 13 -0.10 -5.20 -1.13
C ALA A 13 0.03 -6.74 -1.28
N GLU A 14 1.20 -7.21 -1.72
CA GLU A 14 1.48 -8.65 -1.91
C GLU A 14 3.00 -8.92 -1.82
N TYR A 15 3.45 -10.11 -1.43
CA TYR A 15 4.81 -10.55 -1.77
C TYR A 15 5.02 -10.69 -3.28
N ALA A 16 6.16 -10.18 -3.76
CA ALA A 16 6.58 -10.24 -5.15
C ALA A 16 6.88 -11.69 -5.59
N LYS A 17 6.07 -12.24 -6.50
CA LYS A 17 6.16 -13.63 -6.95
C LYS A 17 7.24 -13.87 -8.01
N SER A 18 7.66 -12.81 -8.73
CA SER A 18 8.71 -12.83 -9.75
C SER A 18 9.48 -11.50 -9.78
N ASN A 19 10.78 -11.53 -10.15
CA ASN A 19 11.63 -10.35 -10.33
C ASN A 19 11.40 -9.67 -11.70
N ARG A 20 10.13 -9.55 -12.11
CA ARG A 20 9.68 -8.99 -13.41
C ARG A 20 8.90 -7.68 -13.25
N SER A 21 8.36 -7.41 -12.07
CA SER A 21 7.77 -6.13 -11.70
C SER A 21 8.83 -5.03 -11.53
N THR A 22 8.45 -3.78 -11.77
CA THR A 22 9.32 -2.60 -11.61
C THR A 22 8.57 -1.53 -10.85
N CYS A 23 9.25 -0.92 -9.89
CA CYS A 23 8.75 0.18 -9.09
C CYS A 23 8.61 1.42 -9.98
N LYS A 24 7.36 1.85 -10.14
CA LYS A 24 6.98 3.07 -10.83
C LYS A 24 7.23 4.34 -9.99
N GLY A 25 7.64 4.16 -8.74
CA GLY A 25 8.11 5.25 -7.86
C GLY A 25 9.53 5.73 -8.19
N CYS A 26 10.48 4.79 -8.31
CA CYS A 26 11.91 5.08 -8.52
C CYS A 26 12.56 4.52 -9.82
N MET A 27 11.80 3.81 -10.66
CA MET A 27 12.28 3.17 -11.91
C MET A 27 13.36 2.09 -11.67
N GLU A 28 13.17 1.21 -10.68
CA GLU A 28 14.06 0.07 -10.41
C GLU A 28 13.26 -1.23 -10.21
N LYS A 29 13.83 -2.38 -10.60
CA LYS A 29 13.12 -3.66 -10.57
C LYS A 29 12.83 -4.10 -9.13
N ILE A 30 11.61 -4.58 -8.91
CA ILE A 30 11.17 -5.08 -7.60
C ILE A 30 11.71 -6.50 -7.37
N GLU A 31 12.30 -6.73 -6.19
CA GLU A 31 12.92 -8.01 -5.82
C GLU A 31 11.87 -9.08 -5.52
N LYS A 32 12.13 -10.32 -5.97
CA LYS A 32 11.31 -11.49 -5.63
C LYS A 32 11.41 -11.83 -4.14
N GLY A 33 10.31 -12.33 -3.56
CA GLY A 33 10.26 -12.87 -2.20
C GLY A 33 10.26 -11.81 -1.08
N GLN A 34 10.01 -10.53 -1.41
CA GLN A 34 9.75 -9.44 -0.48
C GLN A 34 8.45 -8.69 -0.87
N VAL A 35 7.90 -7.86 0.02
CA VAL A 35 6.65 -7.13 -0.21
C VAL A 35 6.73 -6.09 -1.34
N ARG A 36 5.67 -6.01 -2.15
CA ARG A 36 5.41 -4.98 -3.17
C ARG A 36 4.00 -4.41 -3.01
N LEU A 37 3.82 -3.11 -3.31
CA LEU A 37 2.53 -2.43 -3.24
C LEU A 37 2.11 -1.91 -4.62
N SER A 38 0.81 -1.72 -4.86
CA SER A 38 0.29 -1.08 -6.07
C SER A 38 -0.84 -0.09 -5.79
N LYS A 39 -1.03 0.87 -6.71
CA LYS A 39 -2.15 1.82 -6.79
C LYS A 39 -2.89 1.61 -8.11
N LYS A 40 -4.23 1.62 -8.09
CA LYS A 40 -5.08 1.72 -9.28
C LYS A 40 -5.33 3.18 -9.60
N MET A 41 -4.82 3.68 -10.73
CA MET A 41 -5.09 5.04 -11.23
C MET A 41 -4.70 5.20 -12.70
N VAL A 42 -5.33 6.15 -13.42
CA VAL A 42 -4.89 6.55 -14.76
C VAL A 42 -3.45 7.07 -14.71
N ASP A 43 -2.57 6.57 -15.59
CA ASP A 43 -1.16 7.01 -15.64
C ASP A 43 -1.04 8.45 -16.21
N PRO A 44 -0.32 9.37 -15.55
CA PRO A 44 -0.25 10.77 -15.96
C PRO A 44 0.59 11.04 -17.21
N GLU A 45 1.43 10.11 -17.64
CA GLU A 45 2.23 10.17 -18.88
C GLU A 45 1.62 9.34 -20.02
N LYS A 46 0.64 8.49 -19.71
CA LYS A 46 -0.12 7.62 -20.62
C LYS A 46 -1.64 7.64 -20.28
N PRO A 47 -2.31 8.81 -20.30
CA PRO A 47 -3.75 8.92 -20.03
C PRO A 47 -4.64 8.23 -21.08
N GLN A 48 -4.06 7.77 -22.20
CA GLN A 48 -4.75 7.05 -23.28
C GLN A 48 -5.09 5.59 -22.89
N LEU A 49 -4.39 5.06 -21.87
CA LEU A 49 -4.43 3.68 -21.42
C LEU A 49 -5.54 3.41 -20.40
N GLY A 50 -6.04 4.45 -19.73
CA GLY A 50 -6.89 4.34 -18.56
C GLY A 50 -6.12 3.91 -17.31
N MET A 51 -6.85 3.43 -16.31
CA MET A 51 -6.37 3.04 -14.99
C MET A 51 -5.45 1.83 -15.07
N ILE A 52 -4.29 1.93 -14.41
CA ILE A 52 -3.33 0.83 -14.31
C ILE A 52 -3.04 0.44 -12.87
N ASP A 53 -2.58 -0.80 -12.69
CA ASP A 53 -2.09 -1.34 -11.42
C ASP A 53 -0.59 -1.01 -11.29
N ARG A 54 -0.30 0.22 -10.85
CA ARG A 54 1.05 0.81 -10.81
C ARG A 54 1.79 0.31 -9.57
N TRP A 55 2.92 -0.40 -9.74
CA TRP A 55 3.66 -1.04 -8.62
C TRP A 55 4.76 -0.14 -8.03
N TYR A 56 5.12 -0.39 -6.77
CA TYR A 56 6.06 0.36 -5.92
C TYR A 56 6.77 -0.55 -4.89
N HIS A 57 7.95 -0.13 -4.45
CA HIS A 57 8.66 -0.66 -3.26
C HIS A 57 7.95 -0.26 -1.93
N PRO A 58 8.20 -0.98 -0.82
CA PRO A 58 7.74 -0.59 0.53
C PRO A 58 8.26 0.77 1.04
N GLY A 59 9.42 1.23 0.55
CA GLY A 59 9.89 2.60 0.80
C GLY A 59 9.23 3.64 -0.11
N CYS A 60 9.15 3.34 -1.41
CA CYS A 60 8.74 4.29 -2.43
C CYS A 60 7.24 4.62 -2.39
N PHE A 61 6.37 3.65 -2.10
CA PHE A 61 4.95 3.93 -1.99
C PHE A 61 4.64 4.94 -0.86
N VAL A 62 5.39 4.91 0.24
CA VAL A 62 5.34 5.94 1.29
C VAL A 62 5.91 7.28 0.80
N LYS A 63 6.99 7.26 0.02
CA LYS A 63 7.68 8.45 -0.53
C LYS A 63 6.82 9.24 -1.54
N ASN A 64 5.95 8.56 -2.29
CA ASN A 64 4.93 9.16 -3.18
C ASN A 64 3.50 9.02 -2.62
N ARG A 65 3.28 8.70 -1.35
CA ARG A 65 1.94 8.53 -0.73
C ARG A 65 0.99 9.69 -1.00
N GLU A 66 1.52 10.90 -1.04
CA GLU A 66 0.79 12.15 -1.26
C GLU A 66 0.47 12.39 -2.75
N GLU A 67 1.25 11.80 -3.65
CA GLU A 67 0.92 11.66 -5.08
C GLU A 67 -0.09 10.51 -5.32
N LEU A 68 0.03 9.40 -4.57
CA LEU A 68 -0.91 8.27 -4.57
C LEU A 68 -2.24 8.57 -3.83
N GLY A 69 -2.31 9.66 -3.05
CA GLY A 69 -3.54 10.19 -2.45
C GLY A 69 -3.91 9.64 -1.07
N PHE A 70 -2.95 9.08 -0.33
CA PHE A 70 -3.12 8.59 1.04
C PHE A 70 -3.50 9.70 2.03
N ARG A 71 -4.44 9.39 2.94
CA ARG A 71 -4.84 10.18 4.12
C ARG A 71 -4.98 9.27 5.35
N PRO A 72 -4.93 9.80 6.60
CA PRO A 72 -4.90 8.98 7.82
C PRO A 72 -6.08 8.01 8.00
N GLU A 73 -7.26 8.35 7.50
CA GLU A 73 -8.44 7.46 7.54
C GLU A 73 -8.31 6.20 6.64
N TYR A 74 -7.27 6.13 5.82
CA TYR A 74 -6.94 4.98 4.95
C TYR A 74 -5.43 4.86 4.62
N SER A 75 -4.59 4.85 5.66
CA SER A 75 -3.15 4.53 5.55
C SER A 75 -2.90 3.04 5.21
N ALA A 76 -1.66 2.54 5.35
CA ALA A 76 -1.25 1.22 4.86
C ALA A 76 -2.13 0.01 5.28
N SER A 77 -2.88 0.11 6.38
CA SER A 77 -3.83 -0.93 6.80
C SER A 77 -4.99 -1.12 5.80
N GLN A 78 -5.26 -0.12 4.95
CA GLN A 78 -6.29 -0.10 3.92
C GLN A 78 -5.76 -0.53 2.53
N LEU A 79 -4.63 -1.24 2.46
CA LEU A 79 -4.16 -1.96 1.26
C LEU A 79 -4.74 -3.38 1.20
N LYS A 80 -5.23 -3.81 0.02
CA LYS A 80 -5.70 -5.19 -0.20
C LYS A 80 -4.61 -6.20 0.15
N GLY A 81 -4.94 -7.22 0.94
CA GLY A 81 -4.00 -8.29 1.30
C GLY A 81 -2.89 -7.89 2.29
N PHE A 82 -2.92 -6.69 2.90
CA PHE A 82 -1.92 -6.24 3.87
C PHE A 82 -1.75 -7.22 5.03
N SER A 83 -2.85 -7.78 5.55
CA SER A 83 -2.80 -8.75 6.67
C SER A 83 -2.17 -10.10 6.27
N LEU A 84 -2.07 -10.42 4.98
CA LEU A 84 -1.44 -11.63 4.45
C LEU A 84 0.09 -11.52 4.31
N LEU A 85 0.67 -10.33 4.54
CA LEU A 85 2.13 -10.12 4.59
C LEU A 85 2.75 -10.73 5.85
N ALA A 86 4.09 -10.73 5.94
CA ALA A 86 4.80 -11.10 7.17
C ALA A 86 4.57 -10.06 8.29
N THR A 87 4.54 -10.48 9.56
CA THR A 87 4.28 -9.61 10.72
C THR A 87 5.25 -8.42 10.79
N GLU A 88 6.53 -8.64 10.48
CA GLU A 88 7.54 -7.56 10.44
C GLU A 88 7.25 -6.51 9.36
N ASP A 89 6.64 -6.88 8.22
CA ASP A 89 6.19 -5.93 7.20
C ASP A 89 4.88 -5.24 7.61
N LYS A 90 3.94 -5.98 8.19
CA LYS A 90 2.68 -5.43 8.73
C LYS A 90 2.95 -4.33 9.75
N GLU A 91 3.94 -4.53 10.62
CA GLU A 91 4.42 -3.50 11.55
C GLU A 91 5.15 -2.37 10.81
N ALA A 92 6.11 -2.67 9.93
CA ALA A 92 6.92 -1.65 9.26
C ALA A 92 6.13 -0.71 8.32
N LEU A 93 5.12 -1.21 7.61
CA LEU A 93 4.25 -0.42 6.75
C LEU A 93 3.39 0.55 7.57
N LYS A 94 2.85 0.13 8.72
CA LYS A 94 2.19 1.03 9.68
C LYS A 94 3.19 2.02 10.28
N LYS A 95 4.38 1.57 10.69
CA LYS A 95 5.39 2.43 11.34
C LYS A 95 5.89 3.58 10.44
N GLN A 96 5.85 3.40 9.12
CA GLN A 96 6.18 4.42 8.12
C GLN A 96 4.94 5.21 7.65
N LEU A 97 3.77 4.57 7.59
CA LEU A 97 2.50 5.15 7.14
C LEU A 97 1.31 4.61 7.98
N PRO A 98 1.09 5.15 9.20
CA PRO A 98 0.05 4.67 10.12
C PRO A 98 -1.27 5.43 9.93
N GLY A 99 -2.41 4.78 10.22
CA GLY A 99 -3.75 5.35 10.04
C GLY A 99 -4.62 5.32 11.30
N VAL A 100 -5.90 5.67 11.10
CA VAL A 100 -6.91 5.89 12.15
C VAL A 100 -8.02 4.86 12.08
N LYS A 101 -8.15 4.06 13.15
CA LYS A 101 -9.29 3.16 13.38
C LYS A 101 -9.61 2.97 14.87
N SER A 102 -9.33 4.00 15.68
CA SER A 102 -9.35 3.95 17.16
C SER A 102 -10.69 3.57 17.79
N GLU A 103 -11.81 3.83 17.10
CA GLU A 103 -13.17 3.48 17.53
C GLU A 103 -13.57 2.02 17.16
N GLY A 104 -12.75 1.33 16.37
CA GLY A 104 -13.05 0.03 15.73
C GLY A 104 -14.04 0.14 14.56
N LYS A 105 -15.16 0.85 14.78
CA LYS A 105 -16.24 1.09 13.80
C LYS A 105 -15.97 2.29 12.87
N ARG A 106 -14.87 3.02 13.07
CA ARG A 106 -14.41 4.13 12.20
C ARG A 106 -14.26 3.64 10.76
N LYS A 107 -14.96 4.31 9.83
CA LYS A 107 -15.12 3.97 8.41
C LYS A 107 -15.70 2.57 8.13
N GLY A 108 -16.42 1.99 9.10
CA GLY A 108 -17.17 0.73 8.95
C GLY A 108 -18.57 0.91 8.35
N ASP A 109 -19.22 2.04 8.63
CA ASP A 109 -20.59 2.36 8.22
C ASP A 109 -20.70 3.05 6.84
N GLU A 110 -19.57 3.24 6.15
CA GLU A 110 -19.46 3.82 4.81
C GLU A 110 -18.46 3.04 3.93
N VAL A 111 -18.48 3.26 2.61
CA VAL A 111 -17.66 2.54 1.62
C VAL A 111 -17.84 1.01 1.76
N ASP A 112 -19.03 0.54 1.38
CA ASP A 112 -19.48 -0.86 1.48
C ASP A 112 -20.37 -1.28 0.29
N GLY A 1 -19.33 -5.98 17.57
CA GLY A 1 -18.38 -5.09 16.88
C GLY A 1 -18.75 -4.86 15.42
N SER A 2 -17.79 -4.42 14.61
CA SER A 2 -17.94 -4.18 13.17
C SER A 2 -16.64 -4.46 12.40
N LYS A 3 -16.74 -4.73 11.09
CA LYS A 3 -15.61 -5.09 10.21
C LYS A 3 -14.84 -3.86 9.72
N ALA A 4 -14.20 -3.15 10.66
CA ALA A 4 -13.32 -2.01 10.39
C ALA A 4 -11.90 -2.46 9.95
N GLU A 5 -11.88 -3.25 8.87
CA GLU A 5 -10.75 -4.07 8.43
C GLU A 5 -10.51 -3.99 6.90
N LYS A 6 -11.31 -3.18 6.19
CA LYS A 6 -11.44 -3.20 4.73
C LYS A 6 -10.45 -2.28 4.01
N THR A 7 -10.19 -2.58 2.74
CA THR A 7 -9.41 -1.73 1.81
C THR A 7 -10.28 -0.56 1.32
N LEU A 8 -9.65 0.58 1.01
CA LEU A 8 -10.35 1.73 0.38
C LEU A 8 -10.79 1.49 -1.10
N GLY A 9 -10.32 0.42 -1.74
CA GLY A 9 -10.63 0.07 -3.14
C GLY A 9 -9.74 0.76 -4.20
N ASP A 10 -8.47 1.07 -3.86
CA ASP A 10 -7.57 1.86 -4.74
C ASP A 10 -6.09 1.46 -4.70
N PHE A 11 -5.62 0.71 -3.68
CA PHE A 11 -4.23 0.24 -3.58
C PHE A 11 -4.10 -1.13 -2.90
N ALA A 12 -3.02 -1.87 -3.20
CA ALA A 12 -2.79 -3.28 -2.83
C ALA A 12 -1.36 -3.56 -2.36
N ALA A 13 -1.17 -4.67 -1.63
CA ALA A 13 0.09 -5.12 -1.04
C ALA A 13 0.25 -6.65 -1.10
N GLU A 14 1.43 -7.15 -1.43
CA GLU A 14 1.74 -8.59 -1.45
C GLU A 14 3.25 -8.81 -1.39
N TYR A 15 3.68 -10.06 -1.25
CA TYR A 15 5.06 -10.43 -1.60
C TYR A 15 5.21 -10.63 -3.11
N ALA A 16 6.29 -10.12 -3.69
CA ALA A 16 6.62 -10.18 -5.11
C ALA A 16 6.89 -11.63 -5.57
N LYS A 17 6.13 -12.10 -6.57
CA LYS A 17 6.23 -13.48 -7.09
C LYS A 17 7.48 -13.71 -7.94
N SER A 18 7.94 -12.69 -8.66
CA SER A 18 9.07 -12.75 -9.61
C SER A 18 9.81 -11.41 -9.71
N ASN A 19 11.08 -11.44 -10.09
CA ASN A 19 11.91 -10.25 -10.38
C ASN A 19 11.61 -9.70 -11.79
N ARG A 20 10.33 -9.56 -12.14
CA ARG A 20 9.83 -9.24 -13.48
C ARG A 20 8.80 -8.10 -13.49
N SER A 21 8.80 -7.29 -12.43
CA SER A 21 8.04 -6.05 -12.29
C SER A 21 8.94 -4.91 -11.81
N THR A 22 8.49 -3.66 -11.94
CA THR A 22 9.31 -2.46 -11.75
C THR A 22 8.54 -1.41 -10.97
N CYS A 23 9.21 -0.83 -9.98
CA CYS A 23 8.70 0.26 -9.17
C CYS A 23 8.60 1.51 -10.02
N LYS A 24 7.36 1.96 -10.21
CA LYS A 24 6.99 3.19 -10.91
C LYS A 24 7.29 4.45 -10.09
N GLY A 25 7.66 4.29 -8.81
CA GLY A 25 8.13 5.38 -7.94
C GLY A 25 9.56 5.85 -8.23
N CYS A 26 10.49 4.91 -8.40
CA CYS A 26 11.92 5.20 -8.65
C CYS A 26 12.51 4.64 -9.97
N MET A 27 11.70 3.92 -10.76
CA MET A 27 12.08 3.28 -12.03
C MET A 27 13.18 2.21 -11.87
N GLU A 28 13.03 1.31 -10.90
CA GLU A 28 13.94 0.18 -10.67
C GLU A 28 13.18 -1.12 -10.44
N LYS A 29 13.81 -2.25 -10.78
CA LYS A 29 13.13 -3.54 -10.76
C LYS A 29 12.88 -4.01 -9.34
N ILE A 30 11.65 -4.47 -9.09
CA ILE A 30 11.22 -4.99 -7.79
C ILE A 30 11.80 -6.39 -7.54
N GLU A 31 12.35 -6.63 -6.34
CA GLU A 31 12.98 -7.89 -5.97
C GLU A 31 11.94 -8.96 -5.62
N LYS A 32 12.23 -10.21 -5.98
CA LYS A 32 11.42 -11.39 -5.63
C LYS A 32 11.44 -11.67 -4.11
N GLY A 33 10.34 -12.17 -3.56
CA GLY A 33 10.24 -12.68 -2.19
C GLY A 33 10.24 -11.61 -1.08
N GLN A 34 10.10 -10.33 -1.44
CA GLN A 34 9.93 -9.20 -0.53
C GLN A 34 8.66 -8.40 -0.89
N VAL A 35 8.21 -7.49 -0.01
CA VAL A 35 6.94 -6.78 -0.18
C VAL A 35 6.96 -5.88 -1.42
N ARG A 36 5.88 -5.89 -2.21
CA ARG A 36 5.58 -4.90 -3.24
C ARG A 36 4.15 -4.36 -3.09
N LEU A 37 3.97 -3.07 -3.32
CA LEU A 37 2.67 -2.39 -3.27
C LEU A 37 2.27 -1.92 -4.67
N SER A 38 0.97 -1.73 -4.91
CA SER A 38 0.47 -1.08 -6.13
C SER A 38 -0.68 -0.13 -5.86
N LYS A 39 -0.88 0.82 -6.78
CA LYS A 39 -2.05 1.70 -6.86
C LYS A 39 -2.81 1.39 -8.14
N LYS A 40 -4.12 1.16 -8.05
CA LYS A 40 -5.03 1.18 -9.21
C LYS A 40 -5.46 2.62 -9.44
N MET A 41 -5.06 3.22 -10.56
CA MET A 41 -5.48 4.56 -10.96
C MET A 41 -5.29 4.79 -12.45
N VAL A 42 -6.08 5.70 -13.05
CA VAL A 42 -5.73 6.29 -14.34
C VAL A 42 -4.32 6.89 -14.27
N ASP A 43 -3.45 6.50 -15.20
CA ASP A 43 -2.04 6.92 -15.20
C ASP A 43 -1.95 8.45 -15.46
N PRO A 44 -1.35 9.24 -14.54
CA PRO A 44 -1.30 10.70 -14.67
C PRO A 44 -0.38 11.19 -15.81
N GLU A 45 0.48 10.33 -16.35
CA GLU A 45 1.37 10.60 -17.48
C GLU A 45 0.82 10.00 -18.80
N LYS A 46 -0.17 9.11 -18.71
CA LYS A 46 -0.77 8.33 -19.81
C LYS A 46 -2.28 8.11 -19.61
N PRO A 47 -3.11 9.16 -19.49
CA PRO A 47 -4.53 9.04 -19.18
C PRO A 47 -5.33 8.24 -20.22
N GLN A 48 -4.82 8.11 -21.46
CA GLN A 48 -5.40 7.31 -22.54
C GLN A 48 -5.51 5.80 -22.20
N LEU A 49 -4.67 5.28 -21.28
CA LEU A 49 -4.78 3.90 -20.78
C LEU A 49 -6.10 3.59 -20.05
N GLY A 50 -6.73 4.58 -19.43
CA GLY A 50 -7.53 4.34 -18.23
C GLY A 50 -6.66 3.84 -17.07
N MET A 51 -7.28 3.10 -16.15
CA MET A 51 -6.71 2.64 -14.89
C MET A 51 -5.69 1.53 -15.08
N ILE A 52 -4.56 1.62 -14.35
CA ILE A 52 -3.54 0.58 -14.29
C ILE A 52 -3.13 0.24 -12.87
N ASP A 53 -2.55 -0.94 -12.70
CA ASP A 53 -1.94 -1.42 -11.45
C ASP A 53 -0.46 -1.00 -11.43
N ARG A 54 -0.21 0.23 -10.96
CA ARG A 54 1.11 0.87 -10.90
C ARG A 54 1.86 0.39 -9.66
N TRP A 55 2.96 -0.36 -9.82
CA TRP A 55 3.70 -0.97 -8.70
C TRP A 55 4.78 -0.04 -8.10
N TYR A 56 5.16 -0.28 -6.85
CA TYR A 56 6.08 0.50 -6.02
C TYR A 56 6.81 -0.39 -4.98
N HIS A 57 8.02 0.04 -4.56
CA HIS A 57 8.73 -0.51 -3.38
C HIS A 57 8.05 -0.09 -2.05
N PRO A 58 8.32 -0.78 -0.93
CA PRO A 58 7.91 -0.39 0.43
C PRO A 58 8.42 0.99 0.89
N GLY A 59 9.57 1.44 0.40
CA GLY A 59 10.07 2.79 0.64
C GLY A 59 9.42 3.83 -0.29
N CYS A 60 9.28 3.50 -1.58
CA CYS A 60 8.85 4.45 -2.60
C CYS A 60 7.37 4.79 -2.55
N PHE A 61 6.50 3.82 -2.26
CA PHE A 61 5.08 4.10 -2.09
C PHE A 61 4.83 5.08 -0.92
N VAL A 62 5.68 5.06 0.11
CA VAL A 62 5.73 6.09 1.17
C VAL A 62 6.26 7.43 0.66
N LYS A 63 7.32 7.46 -0.17
CA LYS A 63 7.88 8.71 -0.73
C LYS A 63 6.89 9.46 -1.64
N ASN A 64 6.08 8.74 -2.43
CA ASN A 64 5.02 9.30 -3.26
C ASN A 64 3.62 9.11 -2.66
N ARG A 65 3.47 8.77 -1.37
CA ARG A 65 2.16 8.57 -0.71
C ARG A 65 1.19 9.72 -0.93
N GLU A 66 1.70 10.95 -0.99
CA GLU A 66 0.92 12.18 -1.16
C GLU A 66 0.54 12.44 -2.63
N GLU A 67 1.33 11.92 -3.58
CA GLU A 67 0.94 11.81 -4.99
C GLU A 67 -0.07 10.66 -5.21
N LEU A 68 0.11 9.54 -4.47
CA LEU A 68 -0.83 8.42 -4.40
C LEU A 68 -2.10 8.72 -3.57
N GLY A 69 -2.15 9.85 -2.85
CA GLY A 69 -3.37 10.37 -2.20
C GLY A 69 -3.68 9.76 -0.82
N PHE A 70 -2.70 9.14 -0.16
CA PHE A 70 -2.84 8.62 1.21
C PHE A 70 -3.15 9.72 2.24
N ARG A 71 -3.99 9.36 3.21
CA ARG A 71 -4.31 10.08 4.44
C ARG A 71 -4.37 9.09 5.62
N PRO A 72 -4.30 9.54 6.89
CA PRO A 72 -4.50 8.66 8.04
C PRO A 72 -5.85 7.95 8.07
N GLU A 73 -6.91 8.50 7.47
CA GLU A 73 -8.22 7.83 7.39
C GLU A 73 -8.23 6.57 6.51
N TYR A 74 -7.17 6.33 5.74
CA TYR A 74 -6.91 5.11 4.97
C TYR A 74 -5.40 4.86 4.76
N SER A 75 -4.68 4.60 5.87
CA SER A 75 -3.27 4.19 5.90
C SER A 75 -2.99 2.84 5.21
N ALA A 76 -1.75 2.37 5.30
CA ALA A 76 -1.31 1.07 4.79
C ALA A 76 -2.18 -0.13 5.21
N SER A 77 -2.94 -0.04 6.32
CA SER A 77 -3.88 -1.09 6.73
C SER A 77 -5.06 -1.27 5.77
N GLN A 78 -5.32 -0.29 4.89
CA GLN A 78 -6.34 -0.32 3.85
C GLN A 78 -5.77 -0.64 2.45
N LEU A 79 -4.62 -1.33 2.37
CA LEU A 79 -4.12 -2.00 1.17
C LEU A 79 -4.68 -3.43 1.04
N LYS A 80 -5.15 -3.83 -0.15
CA LYS A 80 -5.61 -5.20 -0.43
C LYS A 80 -4.50 -6.21 -0.10
N GLY A 81 -4.81 -7.23 0.68
CA GLY A 81 -3.85 -8.30 1.02
C GLY A 81 -2.75 -7.92 2.02
N PHE A 82 -2.76 -6.72 2.61
CA PHE A 82 -1.85 -6.33 3.69
C PHE A 82 -1.91 -7.32 4.86
N SER A 83 -3.13 -7.75 5.20
CA SER A 83 -3.43 -8.68 6.30
C SER A 83 -2.83 -10.08 6.13
N LEU A 84 -2.51 -10.50 4.89
CA LEU A 84 -1.92 -11.80 4.55
C LEU A 84 -0.37 -11.80 4.60
N LEU A 85 0.26 -10.65 4.76
CA LEU A 85 1.72 -10.54 4.98
C LEU A 85 2.11 -11.03 6.39
N ALA A 86 3.41 -11.18 6.65
CA ALA A 86 3.95 -11.45 8.00
C ALA A 86 3.72 -10.26 8.95
N THR A 87 3.57 -10.54 10.24
CA THR A 87 3.35 -9.55 11.30
C THR A 87 4.41 -8.45 11.31
N GLU A 88 5.68 -8.80 11.08
CA GLU A 88 6.79 -7.83 11.04
C GLU A 88 6.68 -6.84 9.85
N ASP A 89 6.14 -7.27 8.70
CA ASP A 89 5.87 -6.39 7.56
C ASP A 89 4.61 -5.55 7.77
N LYS A 90 3.56 -6.14 8.36
CA LYS A 90 2.31 -5.45 8.73
C LYS A 90 2.58 -4.33 9.74
N GLU A 91 3.45 -4.55 10.72
CA GLU A 91 3.92 -3.51 11.62
C GLU A 91 4.75 -2.45 10.87
N ALA A 92 5.76 -2.86 10.11
CA ALA A 92 6.69 -1.92 9.44
C ALA A 92 6.02 -0.98 8.43
N LEU A 93 5.01 -1.46 7.68
CA LEU A 93 4.24 -0.63 6.75
C LEU A 93 3.45 0.47 7.49
N LYS A 94 2.86 0.14 8.65
CA LYS A 94 2.25 1.14 9.54
C LYS A 94 3.31 2.07 10.14
N LYS A 95 4.48 1.57 10.55
CA LYS A 95 5.52 2.42 11.18
C LYS A 95 6.03 3.53 10.26
N GLN A 96 5.96 3.34 8.94
CA GLN A 96 6.32 4.34 7.93
C GLN A 96 5.10 5.15 7.45
N LEU A 97 3.90 4.57 7.48
CA LEU A 97 2.64 5.19 7.04
C LEU A 97 1.45 4.73 7.91
N PRO A 98 1.26 5.30 9.12
CA PRO A 98 0.24 4.86 10.07
C PRO A 98 -1.06 5.69 9.98
N GLY A 99 -2.18 5.12 10.43
CA GLY A 99 -3.46 5.83 10.60
C GLY A 99 -4.55 4.93 11.18
N VAL A 100 -5.81 5.26 10.88
CA VAL A 100 -7.03 4.46 11.13
C VAL A 100 -7.11 3.94 12.57
N LYS A 101 -7.51 4.84 13.47
CA LYS A 101 -7.63 4.60 14.92
C LYS A 101 -8.89 3.80 15.30
N SER A 102 -8.96 2.56 14.81
CA SER A 102 -9.87 1.52 15.33
C SER A 102 -9.42 1.04 16.72
N GLU A 103 -8.10 1.00 16.97
CA GLU A 103 -7.49 0.59 18.25
C GLU A 103 -7.13 1.80 19.17
N GLY A 104 -7.12 3.02 18.64
CA GLY A 104 -6.85 4.27 19.37
C GLY A 104 -5.39 4.54 19.73
N LYS A 105 -4.67 3.51 20.19
CA LYS A 105 -3.28 3.59 20.70
C LYS A 105 -2.20 3.48 19.62
N ARG A 106 -2.56 3.02 18.41
CA ARG A 106 -1.62 2.58 17.36
C ARG A 106 -0.92 3.69 16.53
N LYS A 107 -1.14 4.96 16.88
CA LYS A 107 -0.46 6.14 16.29
C LYS A 107 -0.32 7.25 17.33
N GLY A 108 0.83 7.92 17.36
CA GLY A 108 1.13 9.04 18.26
C GLY A 108 1.56 8.66 19.69
N ASP A 109 1.69 7.36 19.97
CA ASP A 109 2.17 6.80 21.25
C ASP A 109 3.38 5.87 21.04
N GLU A 110 4.05 6.00 19.88
CA GLU A 110 5.15 5.14 19.43
C GLU A 110 6.28 5.95 18.76
N VAL A 111 7.49 5.38 18.70
CA VAL A 111 8.70 5.97 18.07
C VAL A 111 9.04 7.36 18.65
N ASP A 112 8.92 7.50 19.98
CA ASP A 112 9.22 8.72 20.75
C ASP A 112 10.72 8.94 21.00
N GLY A 1 -22.99 -15.27 9.65
CA GLY A 1 -22.06 -14.17 9.99
C GLY A 1 -22.12 -13.05 8.97
N SER A 2 -21.85 -11.81 9.39
CA SER A 2 -21.79 -10.62 8.53
C SER A 2 -20.50 -10.55 7.70
N LYS A 3 -20.54 -9.82 6.56
CA LYS A 3 -19.40 -9.59 5.66
C LYS A 3 -18.86 -8.16 5.80
N ALA A 4 -17.55 -8.01 5.59
CA ALA A 4 -16.81 -6.74 5.64
C ALA A 4 -15.60 -6.76 4.68
N GLU A 5 -15.03 -5.57 4.39
CA GLU A 5 -13.83 -5.39 3.57
C GLU A 5 -12.79 -4.50 4.26
N LYS A 6 -11.50 -4.83 4.11
CA LYS A 6 -10.37 -4.12 4.75
C LYS A 6 -9.98 -2.83 4.01
N THR A 7 -9.99 -2.88 2.68
CA THR A 7 -9.35 -1.91 1.78
C THR A 7 -10.25 -0.70 1.49
N LEU A 8 -9.65 0.47 1.21
CA LEU A 8 -10.38 1.62 0.64
C LEU A 8 -10.83 1.43 -0.85
N GLY A 9 -10.28 0.44 -1.55
CA GLY A 9 -10.59 0.10 -2.96
C GLY A 9 -9.68 0.74 -4.02
N ASP A 10 -8.47 1.21 -3.68
CA ASP A 10 -7.59 1.99 -4.57
C ASP A 10 -6.13 1.55 -4.59
N PHE A 11 -5.65 0.76 -3.63
CA PHE A 11 -4.25 0.30 -3.57
C PHE A 11 -4.08 -1.08 -2.89
N ALA A 12 -3.02 -1.81 -3.23
CA ALA A 12 -2.79 -3.22 -2.90
C ALA A 12 -1.37 -3.50 -2.36
N ALA A 13 -1.20 -4.62 -1.65
CA ALA A 13 0.06 -5.09 -1.06
C ALA A 13 0.24 -6.61 -1.22
N GLU A 14 1.44 -7.05 -1.59
CA GLU A 14 1.81 -8.47 -1.80
C GLU A 14 3.28 -8.71 -1.42
N TYR A 15 3.70 -9.97 -1.34
CA TYR A 15 5.08 -10.33 -1.72
C TYR A 15 5.21 -10.38 -3.25
N ALA A 16 6.32 -9.90 -3.77
CA ALA A 16 6.65 -9.95 -5.18
C ALA A 16 6.79 -11.39 -5.70
N LYS A 17 5.87 -11.80 -6.58
CA LYS A 17 5.71 -13.19 -7.06
C LYS A 17 6.78 -13.61 -8.10
N SER A 18 7.36 -12.64 -8.79
CA SER A 18 8.48 -12.82 -9.74
C SER A 18 9.37 -11.57 -9.77
N ASN A 19 10.63 -11.74 -10.20
CA ASN A 19 11.63 -10.68 -10.29
C ASN A 19 11.43 -9.82 -11.57
N ARG A 20 10.19 -9.38 -11.80
CA ARG A 20 9.69 -8.85 -13.09
C ARG A 20 8.80 -7.61 -12.99
N SER A 21 8.20 -7.32 -11.82
CA SER A 21 7.58 -6.01 -11.55
C SER A 21 8.64 -4.91 -11.39
N THR A 22 8.27 -3.65 -11.62
CA THR A 22 9.18 -2.50 -11.56
C THR A 22 8.51 -1.35 -10.82
N CYS A 23 9.23 -0.74 -9.89
CA CYS A 23 8.75 0.35 -9.08
C CYS A 23 8.67 1.64 -9.91
N LYS A 24 7.47 2.18 -10.07
CA LYS A 24 7.25 3.51 -10.66
C LYS A 24 7.63 4.66 -9.72
N GLY A 25 7.95 4.36 -8.46
CA GLY A 25 8.39 5.36 -7.46
C GLY A 25 9.84 5.81 -7.61
N CYS A 26 10.71 4.95 -8.15
CA CYS A 26 12.12 5.26 -8.43
C CYS A 26 12.67 4.74 -9.79
N MET A 27 11.85 4.02 -10.57
CA MET A 27 12.23 3.37 -11.83
C MET A 27 13.35 2.32 -11.68
N GLU A 28 13.19 1.41 -10.70
CA GLU A 28 14.07 0.25 -10.51
C GLU A 28 13.25 -1.03 -10.32
N LYS A 29 13.81 -2.17 -10.74
CA LYS A 29 13.09 -3.45 -10.73
C LYS A 29 12.89 -3.98 -9.32
N ILE A 30 11.67 -4.44 -9.04
CA ILE A 30 11.27 -4.99 -7.74
C ILE A 30 11.77 -6.44 -7.59
N GLU A 31 12.43 -6.72 -6.47
CA GLU A 31 12.97 -8.04 -6.13
C GLU A 31 11.87 -9.03 -5.74
N LYS A 32 12.01 -10.28 -6.20
CA LYS A 32 11.15 -11.42 -5.81
C LYS A 32 11.26 -11.73 -4.30
N GLY A 33 10.17 -12.21 -3.71
CA GLY A 33 10.13 -12.75 -2.34
C GLY A 33 10.20 -11.71 -1.21
N GLN A 34 10.10 -10.42 -1.54
CA GLN A 34 9.97 -9.30 -0.59
C GLN A 34 8.75 -8.44 -0.96
N VAL A 35 8.35 -7.50 -0.10
CA VAL A 35 7.08 -6.76 -0.25
C VAL A 35 7.06 -5.86 -1.50
N ARG A 36 5.91 -5.79 -2.17
CA ARG A 36 5.57 -4.81 -3.21
C ARG A 36 4.15 -4.26 -3.02
N LEU A 37 3.95 -2.98 -3.30
CA LEU A 37 2.66 -2.30 -3.23
C LEU A 37 2.25 -1.76 -4.61
N SER A 38 0.96 -1.56 -4.85
CA SER A 38 0.47 -0.89 -6.06
C SER A 38 -0.72 0.02 -5.82
N LYS A 39 -0.97 0.96 -6.75
CA LYS A 39 -2.12 1.86 -6.81
C LYS A 39 -2.91 1.56 -8.08
N LYS A 40 -4.25 1.44 -8.00
CA LYS A 40 -5.15 1.44 -9.15
C LYS A 40 -5.44 2.90 -9.53
N MET A 41 -4.98 3.33 -10.70
CA MET A 41 -5.28 4.65 -11.26
C MET A 41 -5.02 4.71 -12.76
N VAL A 42 -5.73 5.57 -13.49
CA VAL A 42 -5.30 5.99 -14.83
C VAL A 42 -3.88 6.56 -14.73
N ASP A 43 -2.97 6.03 -15.55
CA ASP A 43 -1.56 6.42 -15.52
C ASP A 43 -1.41 7.89 -15.99
N PRO A 44 -0.82 8.79 -15.18
CA PRO A 44 -0.73 10.22 -15.49
C PRO A 44 0.25 10.54 -16.65
N GLU A 45 1.11 9.59 -17.02
CA GLU A 45 2.08 9.69 -18.13
C GLU A 45 1.60 8.93 -19.38
N LYS A 46 0.57 8.08 -19.23
CA LYS A 46 -0.01 7.18 -20.25
C LYS A 46 -1.53 7.03 -20.08
N PRO A 47 -2.32 8.12 -20.16
CA PRO A 47 -3.77 8.08 -19.92
C PRO A 47 -4.53 7.16 -20.89
N GLN A 48 -3.95 6.85 -22.07
CA GLN A 48 -4.51 5.94 -23.07
C GLN A 48 -4.67 4.49 -22.55
N LEU A 49 -3.93 4.08 -21.50
CA LEU A 49 -4.14 2.78 -20.82
C LEU A 49 -5.52 2.62 -20.17
N GLY A 50 -6.14 3.71 -19.73
CA GLY A 50 -7.05 3.64 -18.58
C GLY A 50 -6.29 3.27 -17.29
N MET A 51 -7.00 2.72 -16.32
CA MET A 51 -6.53 2.39 -14.98
C MET A 51 -5.57 1.19 -15.01
N ILE A 52 -4.45 1.31 -14.30
CA ILE A 52 -3.50 0.22 -14.08
C ILE A 52 -3.19 0.04 -12.60
N ASP A 53 -2.70 -1.16 -12.25
CA ASP A 53 -2.13 -1.48 -10.94
C ASP A 53 -0.63 -1.11 -10.96
N ARG A 54 -0.31 0.16 -10.76
CA ARG A 54 1.06 0.71 -10.87
C ARG A 54 1.87 0.31 -9.63
N TRP A 55 2.96 -0.45 -9.80
CA TRP A 55 3.77 -1.00 -8.70
C TRP A 55 4.83 -0.04 -8.15
N TYR A 56 5.18 -0.21 -6.87
CA TYR A 56 6.09 0.58 -6.04
C TYR A 56 6.78 -0.30 -4.96
N HIS A 57 7.97 0.11 -4.50
CA HIS A 57 8.66 -0.46 -3.32
C HIS A 57 7.99 -0.06 -1.99
N PRO A 58 8.21 -0.79 -0.88
CA PRO A 58 7.79 -0.42 0.48
C PRO A 58 8.37 0.91 1.01
N GLY A 59 9.53 1.36 0.52
CA GLY A 59 10.04 2.71 0.80
C GLY A 59 9.41 3.78 -0.09
N CYS A 60 9.32 3.50 -1.40
CA CYS A 60 8.93 4.49 -2.41
C CYS A 60 7.44 4.83 -2.39
N PHE A 61 6.55 3.87 -2.14
CA PHE A 61 5.12 4.15 -2.07
C PHE A 61 4.79 5.16 -0.95
N VAL A 62 5.55 5.12 0.17
CA VAL A 62 5.50 6.14 1.24
C VAL A 62 6.07 7.49 0.78
N LYS A 63 7.14 7.49 -0.03
CA LYS A 63 7.74 8.72 -0.59
C LYS A 63 6.79 9.50 -1.51
N ASN A 64 5.97 8.79 -2.31
CA ASN A 64 4.94 9.36 -3.18
C ASN A 64 3.53 9.20 -2.63
N ARG A 65 3.33 8.86 -1.34
CA ARG A 65 2.01 8.68 -0.70
C ARG A 65 1.05 9.84 -0.96
N GLU A 66 1.58 11.06 -1.02
CA GLU A 66 0.82 12.30 -1.23
C GLU A 66 0.48 12.53 -2.71
N GLU A 67 1.26 11.95 -3.64
CA GLU A 67 0.91 11.82 -5.06
C GLU A 67 -0.09 10.67 -5.29
N LEU A 68 0.07 9.56 -4.55
CA LEU A 68 -0.86 8.42 -4.53
C LEU A 68 -2.17 8.70 -3.76
N GLY A 69 -2.24 9.79 -2.98
CA GLY A 69 -3.49 10.32 -2.38
C GLY A 69 -3.83 9.77 -0.98
N PHE A 70 -2.86 9.20 -0.26
CA PHE A 70 -3.02 8.69 1.10
C PHE A 70 -3.36 9.79 2.13
N ARG A 71 -4.28 9.47 3.04
CA ARG A 71 -4.63 10.24 4.26
C ARG A 71 -4.78 9.30 5.47
N PRO A 72 -4.70 9.80 6.72
CA PRO A 72 -4.67 8.98 7.93
C PRO A 72 -5.86 8.03 8.14
N GLU A 73 -7.04 8.33 7.62
CA GLU A 73 -8.22 7.45 7.77
C GLU A 73 -8.18 6.20 6.86
N TYR A 74 -7.18 6.10 5.96
CA TYR A 74 -6.97 4.95 5.05
C TYR A 74 -5.49 4.70 4.66
N SER A 75 -4.59 4.72 5.65
CA SER A 75 -3.16 4.38 5.49
C SER A 75 -2.92 2.88 5.23
N ALA A 76 -1.66 2.43 5.25
CA ALA A 76 -1.19 1.11 4.77
C ALA A 76 -2.01 -0.12 5.20
N SER A 77 -2.70 -0.09 6.34
CA SER A 77 -3.56 -1.19 6.79
C SER A 77 -4.72 -1.48 5.82
N GLN A 78 -5.14 -0.48 5.03
CA GLN A 78 -6.22 -0.56 4.04
C GLN A 78 -5.72 -0.78 2.61
N LEU A 79 -4.55 -1.40 2.43
CA LEU A 79 -4.09 -1.99 1.16
C LEU A 79 -4.66 -3.41 0.98
N LYS A 80 -5.12 -3.76 -0.23
CA LYS A 80 -5.61 -5.11 -0.56
C LYS A 80 -4.58 -6.16 -0.19
N GLY A 81 -4.97 -7.17 0.61
CA GLY A 81 -4.09 -8.27 1.02
C GLY A 81 -3.03 -7.93 2.08
N PHE A 82 -2.97 -6.71 2.63
CA PHE A 82 -2.01 -6.32 3.67
C PHE A 82 -2.05 -7.29 4.86
N SER A 83 -3.26 -7.67 5.29
CA SER A 83 -3.49 -8.54 6.44
C SER A 83 -2.86 -9.94 6.30
N LEU A 84 -2.58 -10.40 5.08
CA LEU A 84 -2.01 -11.71 4.75
C LEU A 84 -0.47 -11.71 4.69
N LEU A 85 0.19 -10.54 4.76
CA LEU A 85 1.66 -10.44 4.92
C LEU A 85 2.08 -10.92 6.33
N ALA A 86 3.38 -11.13 6.54
CA ALA A 86 3.96 -11.42 7.85
C ALA A 86 3.79 -10.23 8.81
N THR A 87 3.66 -10.51 10.12
CA THR A 87 3.40 -9.50 11.16
C THR A 87 4.47 -8.41 11.18
N GLU A 88 5.74 -8.77 11.03
CA GLU A 88 6.86 -7.81 10.97
C GLU A 88 6.80 -6.87 9.75
N ASP A 89 6.26 -7.32 8.62
CA ASP A 89 6.05 -6.47 7.44
C ASP A 89 4.80 -5.60 7.57
N LYS A 90 3.73 -6.13 8.17
CA LYS A 90 2.50 -5.37 8.52
C LYS A 90 2.83 -4.24 9.51
N GLU A 91 3.69 -4.51 10.49
CA GLU A 91 4.25 -3.49 11.38
C GLU A 91 5.10 -2.48 10.59
N ALA A 92 6.05 -2.92 9.78
CA ALA A 92 6.96 -2.02 9.05
C ALA A 92 6.27 -1.09 8.05
N LEU A 93 5.20 -1.54 7.39
CA LEU A 93 4.38 -0.71 6.50
C LEU A 93 3.64 0.38 7.29
N LYS A 94 3.03 0.02 8.42
CA LYS A 94 2.37 0.98 9.33
C LYS A 94 3.40 1.93 9.98
N LYS A 95 4.58 1.46 10.36
CA LYS A 95 5.63 2.26 11.01
C LYS A 95 6.15 3.40 10.13
N GLN A 96 6.04 3.25 8.81
CA GLN A 96 6.41 4.27 7.81
C GLN A 96 5.19 5.08 7.34
N LEU A 97 4.01 4.46 7.24
CA LEU A 97 2.74 5.08 6.86
C LEU A 97 1.56 4.58 7.72
N PRO A 98 1.39 5.11 8.94
CA PRO A 98 0.36 4.68 9.88
C PRO A 98 -0.96 5.44 9.67
N GLY A 99 -2.08 4.84 10.05
CA GLY A 99 -3.41 5.44 10.03
C GLY A 99 -4.09 5.43 11.40
N VAL A 100 -5.27 6.03 11.44
CA VAL A 100 -6.07 6.29 12.64
C VAL A 100 -7.45 5.63 12.56
N LYS A 101 -7.98 5.16 13.70
CA LYS A 101 -9.37 4.68 13.87
C LYS A 101 -10.40 5.82 14.00
N SER A 102 -10.11 6.95 13.34
CA SER A 102 -10.86 8.22 13.38
C SER A 102 -11.30 8.65 14.79
N GLU A 103 -10.36 8.60 15.74
CA GLU A 103 -10.54 8.95 17.17
C GLU A 103 -11.66 8.14 17.89
N GLY A 104 -11.92 6.91 17.45
CA GLY A 104 -12.90 5.97 18.03
C GLY A 104 -12.58 5.41 19.44
N LYS A 105 -11.77 6.15 20.23
CA LYS A 105 -11.39 5.85 21.62
C LYS A 105 -11.39 7.12 22.46
N ARG A 106 -10.32 7.93 22.33
CA ARG A 106 -10.15 9.29 22.89
C ARG A 106 -9.28 10.14 21.95
N LYS A 107 -8.08 9.64 21.62
CA LYS A 107 -7.18 10.14 20.55
C LYS A 107 -6.68 9.02 19.62
N GLY A 108 -6.65 7.77 20.12
CA GLY A 108 -6.48 6.55 19.31
C GLY A 108 -5.09 5.90 19.34
N ASP A 109 -4.11 6.51 20.01
CA ASP A 109 -2.73 6.03 20.18
C ASP A 109 -1.92 5.82 18.88
N GLU A 110 -2.39 6.37 17.76
CA GLU A 110 -1.76 6.31 16.43
C GLU A 110 -1.86 7.68 15.71
N VAL A 111 -0.88 7.99 14.86
CA VAL A 111 -0.74 9.27 14.13
C VAL A 111 -0.77 10.49 15.08
N ASP A 112 -0.01 10.39 16.18
CA ASP A 112 0.13 11.39 17.26
C ASP A 112 1.57 11.47 17.81
N GLY A 1 -6.19 -5.50 21.45
CA GLY A 1 -5.69 -4.40 20.59
C GLY A 1 -6.54 -4.26 19.34
N SER A 2 -6.99 -3.04 19.05
CA SER A 2 -7.87 -2.71 17.91
C SER A 2 -7.10 -2.56 16.58
N LYS A 3 -7.80 -2.82 15.47
CA LYS A 3 -7.33 -2.72 14.08
C LYS A 3 -8.42 -2.15 13.15
N ALA A 4 -8.01 -1.62 12.00
CA ALA A 4 -8.89 -1.41 10.84
C ALA A 4 -8.80 -2.62 9.88
N GLU A 5 -9.92 -3.01 9.27
CA GLU A 5 -10.07 -4.29 8.56
C GLU A 5 -10.51 -4.15 7.09
N LYS A 6 -10.47 -2.92 6.54
CA LYS A 6 -10.99 -2.56 5.21
C LYS A 6 -9.98 -1.75 4.37
N THR A 7 -9.99 -1.99 3.06
CA THR A 7 -9.26 -1.26 2.01
C THR A 7 -10.06 -0.04 1.52
N LEU A 8 -9.39 1.06 1.14
CA LEU A 8 -10.07 2.20 0.49
C LEU A 8 -10.53 1.94 -0.96
N GLY A 9 -9.98 0.92 -1.63
CA GLY A 9 -10.29 0.52 -3.01
C GLY A 9 -9.40 1.11 -4.11
N ASP A 10 -8.23 1.69 -3.79
CA ASP A 10 -7.37 2.39 -4.76
C ASP A 10 -5.89 1.97 -4.74
N PHE A 11 -5.44 1.20 -3.74
CA PHE A 11 -4.09 0.65 -3.69
C PHE A 11 -4.02 -0.72 -2.99
N ALA A 12 -3.01 -1.52 -3.32
CA ALA A 12 -2.86 -2.94 -2.98
C ALA A 12 -1.45 -3.30 -2.49
N ALA A 13 -1.32 -4.40 -1.75
CA ALA A 13 -0.08 -4.93 -1.20
C ALA A 13 0.04 -6.46 -1.37
N GLU A 14 1.23 -6.96 -1.71
CA GLU A 14 1.50 -8.38 -1.94
C GLU A 14 3.01 -8.68 -1.75
N TYR A 15 3.43 -9.94 -1.58
CA TYR A 15 4.81 -10.32 -1.89
C TYR A 15 5.10 -10.26 -3.39
N ALA A 16 6.31 -9.85 -3.76
CA ALA A 16 6.79 -9.77 -5.13
C ALA A 16 6.91 -11.17 -5.77
N LYS A 17 6.00 -11.49 -6.70
CA LYS A 17 5.87 -12.82 -7.33
C LYS A 17 6.96 -13.11 -8.37
N SER A 18 7.51 -12.07 -9.01
CA SER A 18 8.65 -12.16 -9.92
C SER A 18 9.46 -10.87 -9.93
N ASN A 19 10.76 -10.99 -10.21
CA ASN A 19 11.70 -9.85 -10.34
C ASN A 19 11.51 -9.05 -11.64
N ARG A 20 10.52 -9.44 -12.48
CA ARG A 20 9.98 -8.63 -13.58
C ARG A 20 9.18 -7.40 -13.09
N SER A 21 8.75 -7.40 -11.83
CA SER A 21 8.15 -6.22 -11.17
C SER A 21 9.16 -5.06 -11.13
N THR A 22 8.71 -3.82 -11.41
CA THR A 22 9.58 -2.62 -11.43
C THR A 22 8.83 -1.46 -10.81
N CYS A 23 9.53 -0.72 -9.94
CA CYS A 23 9.01 0.38 -9.16
C CYS A 23 8.90 1.63 -10.01
N LYS A 24 7.67 2.12 -10.19
CA LYS A 24 7.38 3.43 -10.78
C LYS A 24 7.72 4.60 -9.86
N GLY A 25 8.00 4.32 -8.59
CA GLY A 25 8.40 5.31 -7.58
C GLY A 25 9.85 5.78 -7.69
N CYS A 26 10.75 4.96 -8.24
CA CYS A 26 12.15 5.32 -8.50
C CYS A 26 12.76 4.80 -9.82
N MET A 27 11.99 4.07 -10.64
CA MET A 27 12.42 3.41 -11.88
C MET A 27 13.57 2.40 -11.66
N GLU A 28 13.39 1.50 -10.69
CA GLU A 28 14.29 0.36 -10.44
C GLU A 28 13.49 -0.92 -10.19
N LYS A 29 14.15 -2.07 -10.40
CA LYS A 29 13.53 -3.39 -10.30
C LYS A 29 13.13 -3.72 -8.86
N ILE A 30 11.93 -4.25 -8.69
CA ILE A 30 11.42 -4.75 -7.41
C ILE A 30 11.87 -6.20 -7.23
N GLU A 31 12.56 -6.48 -6.12
CA GLU A 31 13.13 -7.80 -5.83
C GLU A 31 12.05 -8.82 -5.47
N LYS A 32 12.19 -10.04 -6.01
CA LYS A 32 11.30 -11.17 -5.73
C LYS A 32 11.36 -11.55 -4.24
N GLY A 33 10.22 -11.96 -3.69
CA GLY A 33 10.11 -12.45 -2.31
C GLY A 33 10.21 -11.41 -1.19
N GLN A 34 10.20 -10.11 -1.51
CA GLN A 34 9.95 -9.02 -0.54
C GLN A 34 8.66 -8.29 -0.92
N VAL A 35 8.11 -7.42 -0.06
CA VAL A 35 6.80 -6.78 -0.31
C VAL A 35 6.82 -5.86 -1.55
N ARG A 36 5.73 -5.84 -2.32
CA ARG A 36 5.44 -4.88 -3.39
C ARG A 36 4.05 -4.27 -3.17
N LEU A 37 3.93 -2.97 -3.40
CA LEU A 37 2.66 -2.23 -3.31
C LEU A 37 2.29 -1.68 -4.69
N SER A 38 1.00 -1.50 -4.98
CA SER A 38 0.55 -0.85 -6.21
C SER A 38 -0.62 0.11 -6.03
N LYS A 39 -0.75 1.08 -6.93
CA LYS A 39 -1.94 1.94 -7.09
C LYS A 39 -2.75 1.53 -8.32
N LYS A 40 -4.07 1.40 -8.15
CA LYS A 40 -5.03 1.17 -9.24
C LYS A 40 -5.55 2.52 -9.74
N MET A 41 -5.27 2.86 -11.00
CA MET A 41 -5.72 4.12 -11.62
C MET A 41 -5.70 4.08 -13.15
N VAL A 42 -6.60 4.80 -13.82
CA VAL A 42 -6.47 5.12 -15.25
C VAL A 42 -5.11 5.74 -15.56
N ASP A 43 -4.41 5.23 -16.58
CA ASP A 43 -3.12 5.76 -17.03
C ASP A 43 -3.30 7.14 -17.70
N PRO A 44 -2.59 8.19 -17.25
CA PRO A 44 -2.77 9.55 -17.76
C PRO A 44 -2.28 9.77 -19.20
N GLU A 45 -1.47 8.86 -19.75
CA GLU A 45 -1.01 8.87 -21.15
C GLU A 45 -1.69 7.80 -22.02
N LYS A 46 -2.47 6.90 -21.40
CA LYS A 46 -3.22 5.80 -22.04
C LYS A 46 -4.63 5.62 -21.41
N PRO A 47 -5.48 6.66 -21.41
CA PRO A 47 -6.81 6.58 -20.80
C PRO A 47 -7.73 5.53 -21.44
N GLN A 48 -7.45 5.13 -22.70
CA GLN A 48 -8.18 4.08 -23.42
C GLN A 48 -8.07 2.68 -22.77
N LEU A 49 -7.05 2.42 -21.94
CA LEU A 49 -6.96 1.19 -21.13
C LEU A 49 -8.03 1.09 -20.04
N GLY A 50 -8.53 2.23 -19.54
CA GLY A 50 -9.01 2.30 -18.17
C GLY A 50 -7.85 2.12 -17.18
N MET A 51 -8.12 1.48 -16.06
CA MET A 51 -7.24 1.34 -14.90
C MET A 51 -6.07 0.39 -15.17
N ILE A 52 -4.92 0.74 -14.61
CA ILE A 52 -3.73 -0.12 -14.48
C ILE A 52 -3.23 -0.19 -13.04
N ASP A 53 -2.32 -1.13 -12.77
CA ASP A 53 -1.73 -1.38 -11.45
C ASP A 53 -0.26 -0.93 -11.44
N ARG A 54 -0.01 0.31 -11.01
CA ARG A 54 1.31 0.95 -10.91
C ARG A 54 2.08 0.38 -9.70
N TRP A 55 3.17 -0.36 -9.89
CA TRP A 55 3.94 -0.99 -8.79
C TRP A 55 5.03 -0.08 -8.19
N TYR A 56 5.36 -0.32 -6.91
CA TYR A 56 6.27 0.44 -6.05
C TYR A 56 6.98 -0.47 -5.01
N HIS A 57 8.19 -0.07 -4.59
CA HIS A 57 8.90 -0.63 -3.41
C HIS A 57 8.21 -0.23 -2.08
N PRO A 58 8.46 -0.94 -0.96
CA PRO A 58 8.02 -0.57 0.39
C PRO A 58 8.52 0.79 0.90
N GLY A 59 9.68 1.27 0.45
CA GLY A 59 10.16 2.62 0.75
C GLY A 59 9.49 3.69 -0.13
N CYS A 60 9.40 3.42 -1.44
CA CYS A 60 9.00 4.41 -2.43
C CYS A 60 7.50 4.73 -2.40
N PHE A 61 6.64 3.74 -2.15
CA PHE A 61 5.20 4.00 -2.07
C PHE A 61 4.88 4.98 -0.93
N VAL A 62 5.63 4.94 0.19
CA VAL A 62 5.58 5.97 1.25
C VAL A 62 6.13 7.31 0.77
N LYS A 63 7.23 7.34 0.01
CA LYS A 63 7.82 8.56 -0.56
C LYS A 63 6.85 9.33 -1.47
N ASN A 64 6.01 8.63 -2.24
CA ASN A 64 4.98 9.20 -3.11
C ASN A 64 3.56 9.04 -2.53
N ARG A 65 3.36 8.70 -1.24
CA ARG A 65 2.04 8.51 -0.62
C ARG A 65 1.04 9.62 -0.92
N GLU A 66 1.54 10.85 -1.00
CA GLU A 66 0.79 12.07 -1.27
C GLU A 66 0.40 12.23 -2.76
N GLU A 67 1.20 11.64 -3.65
CA GLU A 67 0.86 11.43 -5.06
C GLU A 67 -0.12 10.27 -5.23
N LEU A 68 0.05 9.19 -4.45
CA LEU A 68 -0.81 8.01 -4.47
C LEU A 68 -2.19 8.24 -3.81
N GLY A 69 -2.31 9.23 -2.93
CA GLY A 69 -3.59 9.72 -2.39
C GLY A 69 -3.88 9.32 -0.94
N PHE A 70 -2.85 8.98 -0.16
CA PHE A 70 -2.98 8.67 1.26
C PHE A 70 -3.42 9.88 2.11
N ARG A 71 -4.29 9.63 3.09
CA ARG A 71 -4.88 10.58 4.05
C ARG A 71 -4.86 9.98 5.47
N PRO A 72 -5.16 10.73 6.55
CA PRO A 72 -5.00 10.27 7.94
C PRO A 72 -5.82 9.02 8.33
N GLU A 73 -6.95 8.78 7.66
CA GLU A 73 -7.82 7.61 7.87
C GLU A 73 -7.46 6.43 6.94
N TYR A 74 -6.44 6.61 6.10
CA TYR A 74 -5.80 5.56 5.30
C TYR A 74 -4.43 5.25 5.91
N SER A 75 -4.42 4.37 6.90
CA SER A 75 -3.22 3.64 7.30
C SER A 75 -2.79 2.67 6.19
N ALA A 76 -1.62 2.05 6.34
CA ALA A 76 -1.16 0.96 5.48
C ALA A 76 -2.15 -0.22 5.42
N SER A 77 -3.00 -0.37 6.45
CA SER A 77 -4.06 -1.39 6.51
C SER A 77 -5.18 -1.16 5.48
N GLN A 78 -5.25 0.00 4.82
CA GLN A 78 -6.17 0.30 3.73
C GLN A 78 -5.62 -0.12 2.34
N LEU A 79 -4.51 -0.86 2.28
CA LEU A 79 -4.03 -1.59 1.10
C LEU A 79 -4.68 -2.99 1.01
N LYS A 80 -5.12 -3.41 -0.19
CA LYS A 80 -5.63 -4.79 -0.43
C LYS A 80 -4.60 -5.81 0.01
N GLY A 81 -5.03 -6.90 0.65
CA GLY A 81 -4.16 -8.04 0.97
C GLY A 81 -3.02 -7.74 1.96
N PHE A 82 -3.02 -6.57 2.62
CA PHE A 82 -2.05 -6.21 3.66
C PHE A 82 -2.03 -7.26 4.78
N SER A 83 -3.22 -7.74 5.17
CA SER A 83 -3.44 -8.77 6.18
C SER A 83 -2.81 -10.13 5.86
N LEU A 84 -2.63 -10.44 4.57
CA LEU A 84 -2.07 -11.69 4.07
C LEU A 84 -0.53 -11.76 4.13
N LEU A 85 0.14 -10.64 4.38
CA LEU A 85 1.59 -10.57 4.60
C LEU A 85 1.97 -11.16 5.99
N ALA A 86 3.27 -11.39 6.22
CA ALA A 86 3.80 -11.71 7.55
C ALA A 86 3.62 -10.53 8.52
N THR A 87 3.41 -10.83 9.80
CA THR A 87 3.17 -9.82 10.85
C THR A 87 4.28 -8.78 10.93
N GLU A 88 5.53 -9.20 10.77
CA GLU A 88 6.71 -8.30 10.77
C GLU A 88 6.65 -7.23 9.67
N ASP A 89 6.03 -7.52 8.52
CA ASP A 89 5.78 -6.53 7.47
C ASP A 89 4.56 -5.67 7.77
N LYS A 90 3.48 -6.24 8.33
CA LYS A 90 2.26 -5.51 8.72
C LYS A 90 2.53 -4.44 9.79
N GLU A 91 3.36 -4.74 10.79
CA GLU A 91 3.79 -3.73 11.77
C GLU A 91 4.76 -2.70 11.17
N ALA A 92 5.66 -3.11 10.26
CA ALA A 92 6.63 -2.20 9.63
C ALA A 92 6.00 -1.22 8.64
N LEU A 93 5.01 -1.67 7.85
CA LEU A 93 4.28 -0.83 6.90
C LEU A 93 3.48 0.26 7.61
N LYS A 94 2.80 -0.07 8.74
CA LYS A 94 2.18 0.92 9.62
C LYS A 94 3.23 1.83 10.24
N LYS A 95 4.36 1.30 10.73
CA LYS A 95 5.42 2.11 11.35
C LYS A 95 6.08 3.12 10.38
N GLN A 96 6.09 2.83 9.07
CA GLN A 96 6.58 3.74 8.04
C GLN A 96 5.47 4.66 7.50
N LEU A 97 4.22 4.18 7.46
CA LEU A 97 3.02 4.89 7.01
C LEU A 97 1.80 4.60 7.91
N PRO A 98 1.69 5.25 9.08
CA PRO A 98 0.62 4.97 10.03
C PRO A 98 -0.57 5.93 9.80
N GLY A 99 -1.80 5.43 9.94
CA GLY A 99 -3.00 6.26 10.05
C GLY A 99 -3.23 6.77 11.47
N VAL A 100 -4.40 7.36 11.68
CA VAL A 100 -4.83 7.96 12.94
C VAL A 100 -5.00 6.92 14.04
N LYS A 101 -4.33 7.18 15.17
CA LYS A 101 -4.15 6.26 16.31
C LYS A 101 -4.64 6.83 17.65
N SER A 102 -5.34 7.98 17.60
CA SER A 102 -5.69 8.83 18.76
C SER A 102 -6.62 8.19 19.80
N GLU A 103 -7.29 7.08 19.47
CA GLU A 103 -8.09 6.30 20.43
C GLU A 103 -7.22 5.51 21.45
N GLY A 104 -5.92 5.36 21.19
CA GLY A 104 -4.94 4.71 22.10
C GLY A 104 -5.02 3.18 22.17
N LYS A 105 -6.17 2.58 21.82
CA LYS A 105 -6.39 1.12 21.76
C LYS A 105 -5.96 0.50 20.42
N ARG A 106 -5.61 1.33 19.42
CA ARG A 106 -5.28 0.97 18.03
C ARG A 106 -3.86 0.40 17.88
N LYS A 107 -3.50 -0.59 18.73
CA LYS A 107 -2.14 -1.16 18.89
C LYS A 107 -2.07 -2.65 18.52
N GLY A 108 -2.94 -3.11 17.63
CA GLY A 108 -2.88 -4.47 17.05
C GLY A 108 -1.53 -4.77 16.41
N ASP A 109 -0.83 -5.77 16.95
CA ASP A 109 0.57 -6.14 16.62
C ASP A 109 1.61 -5.01 16.84
N GLU A 110 1.30 -4.05 17.71
CA GLU A 110 2.21 -2.99 18.20
C GLU A 110 2.39 -3.00 19.73
N VAL A 111 1.48 -3.66 20.45
CA VAL A 111 1.47 -3.75 21.93
C VAL A 111 2.38 -4.86 22.49
N ASP A 112 2.93 -5.71 21.61
CA ASP A 112 3.82 -6.84 21.94
C ASP A 112 5.24 -6.41 22.39
N GLY A 1 -15.04 -13.04 6.73
CA GLY A 1 -14.72 -13.38 8.14
C GLY A 1 -14.36 -12.14 8.93
N SER A 2 -14.76 -12.07 10.21
CA SER A 2 -14.62 -10.89 11.08
C SER A 2 -13.19 -10.51 11.46
N LYS A 3 -12.21 -11.41 11.23
CA LYS A 3 -10.77 -11.18 11.48
C LYS A 3 -10.06 -10.42 10.35
N ALA A 4 -10.71 -10.26 9.19
CA ALA A 4 -10.18 -9.48 8.06
C ALA A 4 -10.27 -7.96 8.30
N GLU A 5 -9.55 -7.17 7.50
CA GLU A 5 -9.55 -5.69 7.52
C GLU A 5 -9.98 -5.11 6.16
N LYS A 6 -10.63 -3.94 6.19
CA LYS A 6 -11.16 -3.24 5.01
C LYS A 6 -10.05 -2.54 4.20
N THR A 7 -10.23 -2.46 2.87
CA THR A 7 -9.45 -1.63 1.93
C THR A 7 -10.27 -0.40 1.49
N LEU A 8 -9.61 0.72 1.16
CA LEU A 8 -10.32 1.86 0.52
C LEU A 8 -10.79 1.61 -0.93
N GLY A 9 -10.28 0.56 -1.60
CA GLY A 9 -10.59 0.21 -2.99
C GLY A 9 -9.75 0.92 -4.06
N ASP A 10 -8.48 1.27 -3.76
CA ASP A 10 -7.61 2.05 -4.66
C ASP A 10 -6.14 1.60 -4.68
N PHE A 11 -5.62 0.97 -3.62
CA PHE A 11 -4.24 0.47 -3.57
C PHE A 11 -4.10 -0.89 -2.85
N ALA A 12 -3.08 -1.66 -3.21
CA ALA A 12 -2.89 -3.08 -2.88
C ALA A 12 -1.47 -3.39 -2.38
N ALA A 13 -1.31 -4.50 -1.64
CA ALA A 13 -0.06 -4.98 -1.07
C ALA A 13 0.07 -6.51 -1.13
N GLU A 14 1.23 -7.02 -1.55
CA GLU A 14 1.54 -8.46 -1.62
C GLU A 14 3.06 -8.72 -1.61
N TYR A 15 3.49 -9.98 -1.46
CA TYR A 15 4.86 -10.36 -1.83
C TYR A 15 5.05 -10.39 -3.35
N ALA A 16 6.23 -9.94 -3.80
CA ALA A 16 6.66 -10.03 -5.19
C ALA A 16 6.90 -11.49 -5.62
N LYS A 17 5.99 -12.06 -6.41
CA LYS A 17 6.05 -13.44 -6.90
C LYS A 17 7.18 -13.67 -7.92
N SER A 18 7.53 -12.62 -8.68
CA SER A 18 8.59 -12.62 -9.71
C SER A 18 9.30 -11.27 -9.77
N ASN A 19 10.58 -11.25 -10.18
CA ASN A 19 11.39 -10.05 -10.41
C ASN A 19 11.04 -9.38 -11.75
N ARG A 20 9.75 -9.12 -11.98
CA ARG A 20 9.21 -8.60 -13.26
C ARG A 20 8.31 -7.37 -13.09
N SER A 21 7.78 -7.12 -11.88
CA SER A 21 7.24 -5.81 -11.49
C SER A 21 8.37 -4.79 -11.36
N THR A 22 8.09 -3.52 -11.66
CA THR A 22 9.04 -2.40 -11.58
C THR A 22 8.41 -1.26 -10.81
N CYS A 23 9.18 -0.65 -9.91
CA CYS A 23 8.74 0.46 -9.09
C CYS A 23 8.68 1.74 -9.93
N LYS A 24 7.47 2.29 -10.11
CA LYS A 24 7.24 3.60 -10.72
C LYS A 24 7.63 4.75 -9.79
N GLY A 25 7.88 4.46 -8.51
CA GLY A 25 8.34 5.42 -7.50
C GLY A 25 9.81 5.83 -7.64
N CYS A 26 10.67 4.97 -8.22
CA CYS A 26 12.08 5.30 -8.50
C CYS A 26 12.67 4.75 -9.83
N MET A 27 11.87 4.01 -10.61
CA MET A 27 12.27 3.35 -11.86
C MET A 27 13.41 2.32 -11.68
N GLU A 28 13.22 1.40 -10.73
CA GLU A 28 14.08 0.20 -10.55
C GLU A 28 13.22 -1.05 -10.35
N LYS A 29 13.72 -2.22 -10.77
CA LYS A 29 12.95 -3.47 -10.75
C LYS A 29 12.77 -3.98 -9.32
N ILE A 30 11.54 -4.38 -8.99
CA ILE A 30 11.16 -4.86 -7.66
C ILE A 30 11.68 -6.30 -7.44
N GLU A 31 12.32 -6.54 -6.29
CA GLU A 31 12.96 -7.82 -5.97
C GLU A 31 11.93 -8.89 -5.64
N LYS A 32 12.17 -10.13 -6.07
CA LYS A 32 11.36 -11.30 -5.73
C LYS A 32 11.45 -11.63 -4.23
N GLY A 33 10.34 -12.12 -3.67
CA GLY A 33 10.27 -12.65 -2.29
C GLY A 33 10.25 -11.61 -1.18
N GLN A 34 10.07 -10.33 -1.51
CA GLN A 34 9.85 -9.21 -0.58
C GLN A 34 8.59 -8.42 -0.96
N VAL A 35 8.14 -7.49 -0.12
CA VAL A 35 6.86 -6.77 -0.30
C VAL A 35 6.87 -5.87 -1.56
N ARG A 36 5.74 -5.82 -2.27
CA ARG A 36 5.43 -4.85 -3.32
C ARG A 36 4.02 -4.27 -3.14
N LEU A 37 3.87 -2.96 -3.35
CA LEU A 37 2.60 -2.25 -3.29
C LEU A 37 2.22 -1.73 -4.68
N SER A 38 0.93 -1.50 -4.92
CA SER A 38 0.45 -0.85 -6.15
C SER A 38 -0.76 0.05 -5.91
N LYS A 39 -1.00 0.99 -6.83
CA LYS A 39 -2.23 1.80 -6.90
C LYS A 39 -2.96 1.54 -8.22
N LYS A 40 -4.28 1.40 -8.17
CA LYS A 40 -5.17 1.34 -9.33
C LYS A 40 -5.49 2.75 -9.79
N MET A 41 -5.00 3.13 -10.97
CA MET A 41 -5.25 4.45 -11.59
C MET A 41 -4.91 4.45 -13.08
N VAL A 42 -5.57 5.29 -13.87
CA VAL A 42 -5.13 5.57 -15.25
C VAL A 42 -3.68 6.03 -15.24
N ASP A 43 -2.83 5.41 -16.06
CA ASP A 43 -1.40 5.73 -16.13
C ASP A 43 -1.21 7.17 -16.65
N PRO A 44 -0.52 8.06 -15.90
CA PRO A 44 -0.37 9.48 -16.27
C PRO A 44 0.54 9.71 -17.49
N GLU A 45 1.34 8.72 -17.88
CA GLU A 45 2.23 8.73 -19.05
C GLU A 45 1.67 7.90 -20.22
N LYS A 46 0.60 7.13 -19.97
CA LYS A 46 -0.13 6.29 -20.94
C LYS A 46 -1.65 6.35 -20.71
N PRO A 47 -2.29 7.53 -20.81
CA PRO A 47 -3.73 7.68 -20.56
C PRO A 47 -4.66 6.91 -21.54
N GLN A 48 -4.10 6.33 -22.62
CA GLN A 48 -4.84 5.48 -23.57
C GLN A 48 -5.11 4.08 -23.01
N LEU A 49 -4.32 3.63 -22.03
CA LEU A 49 -4.32 2.29 -21.48
C LEU A 49 -5.49 2.01 -20.51
N GLY A 50 -6.09 3.06 -19.96
CA GLY A 50 -6.99 2.96 -18.82
C GLY A 50 -6.23 2.67 -17.52
N MET A 51 -6.98 2.25 -16.50
CA MET A 51 -6.52 2.01 -15.15
C MET A 51 -5.56 0.82 -15.10
N ILE A 52 -4.39 1.04 -14.50
CA ILE A 52 -3.40 0.00 -14.22
C ILE A 52 -3.15 -0.16 -12.73
N ASP A 53 -2.62 -1.33 -12.36
CA ASP A 53 -2.08 -1.58 -11.03
C ASP A 53 -0.58 -1.18 -11.04
N ARG A 54 -0.29 0.12 -10.86
CA ARG A 54 1.06 0.69 -10.96
C ARG A 54 1.88 0.32 -9.73
N TRP A 55 3.01 -0.37 -9.87
CA TRP A 55 3.80 -0.92 -8.76
C TRP A 55 4.84 0.05 -8.18
N TYR A 56 5.16 -0.14 -6.89
CA TYR A 56 6.06 0.65 -6.05
C TYR A 56 6.75 -0.22 -4.97
N HIS A 57 7.95 0.17 -4.53
CA HIS A 57 8.66 -0.42 -3.37
C HIS A 57 7.99 -0.04 -2.02
N PRO A 58 8.22 -0.79 -0.93
CA PRO A 58 7.80 -0.44 0.44
C PRO A 58 8.37 0.88 0.98
N GLY A 59 9.53 1.32 0.51
CA GLY A 59 10.06 2.67 0.80
C GLY A 59 9.43 3.76 -0.08
N CYS A 60 9.35 3.50 -1.38
CA CYS A 60 8.95 4.50 -2.38
C CYS A 60 7.47 4.86 -2.34
N PHE A 61 6.57 3.90 -2.10
CA PHE A 61 5.15 4.21 -2.01
C PHE A 61 4.85 5.21 -0.87
N VAL A 62 5.60 5.14 0.23
CA VAL A 62 5.58 6.16 1.31
C VAL A 62 6.17 7.50 0.83
N LYS A 63 7.27 7.48 0.06
CA LYS A 63 7.90 8.69 -0.51
C LYS A 63 6.94 9.49 -1.43
N ASN A 64 6.08 8.81 -2.18
CA ASN A 64 5.05 9.39 -3.05
C ASN A 64 3.63 9.22 -2.48
N ARG A 65 3.46 8.98 -1.17
CA ARG A 65 2.13 8.83 -0.54
C ARG A 65 1.15 9.95 -0.87
N GLU A 66 1.66 11.18 -1.01
CA GLU A 66 0.89 12.37 -1.35
C GLU A 66 0.51 12.44 -2.85
N GLU A 67 1.32 11.82 -3.72
CA GLU A 67 0.98 11.59 -5.13
C GLU A 67 -0.01 10.42 -5.28
N LEU A 68 0.15 9.37 -4.46
CA LEU A 68 -0.79 8.23 -4.39
C LEU A 68 -2.11 8.55 -3.65
N GLY A 69 -2.15 9.59 -2.81
CA GLY A 69 -3.38 10.15 -2.21
C GLY A 69 -3.71 9.64 -0.80
N PHE A 70 -2.72 9.14 -0.06
CA PHE A 70 -2.90 8.58 1.30
C PHE A 70 -3.26 9.63 2.36
N ARG A 71 -4.44 9.47 2.98
CA ARG A 71 -4.87 10.14 4.22
C ARG A 71 -4.83 9.15 5.40
N PRO A 72 -4.71 9.61 6.67
CA PRO A 72 -4.61 8.74 7.85
C PRO A 72 -5.81 7.80 8.05
N GLU A 73 -7.00 8.16 7.56
CA GLU A 73 -8.17 7.26 7.59
C GLU A 73 -8.01 6.01 6.69
N TYR A 74 -7.07 6.01 5.75
CA TYR A 74 -6.70 4.89 4.89
C TYR A 74 -5.20 4.83 4.57
N SER A 75 -4.36 4.80 5.62
CA SER A 75 -2.93 4.43 5.54
C SER A 75 -2.74 2.94 5.20
N ALA A 76 -1.54 2.39 5.37
CA ALA A 76 -1.17 1.03 4.92
C ALA A 76 -2.11 -0.11 5.37
N SER A 77 -2.87 0.07 6.45
CA SER A 77 -3.89 -0.88 6.92
C SER A 77 -5.06 -1.07 5.94
N GLN A 78 -5.30 -0.10 5.04
CA GLN A 78 -6.32 -0.13 4.00
C GLN A 78 -5.76 -0.42 2.60
N LEU A 79 -4.61 -1.09 2.50
CA LEU A 79 -4.13 -1.76 1.27
C LEU A 79 -4.75 -3.18 1.14
N LYS A 80 -5.16 -3.58 -0.07
CA LYS A 80 -5.63 -4.96 -0.34
C LYS A 80 -4.58 -5.97 0.10
N GLY A 81 -4.99 -7.06 0.76
CA GLY A 81 -4.10 -8.17 1.10
C GLY A 81 -2.99 -7.87 2.12
N PHE A 82 -2.95 -6.66 2.72
CA PHE A 82 -1.98 -6.28 3.74
C PHE A 82 -1.95 -7.27 4.91
N SER A 83 -3.12 -7.73 5.36
CA SER A 83 -3.24 -8.66 6.49
C SER A 83 -2.64 -10.06 6.19
N LEU A 84 -2.50 -10.43 4.92
CA LEU A 84 -1.93 -11.70 4.45
C LEU A 84 -0.38 -11.70 4.43
N LEU A 85 0.27 -10.54 4.63
CA LEU A 85 1.72 -10.43 4.80
C LEU A 85 2.15 -10.97 6.19
N ALA A 86 3.46 -11.19 6.39
CA ALA A 86 4.00 -11.51 7.71
C ALA A 86 3.84 -10.34 8.70
N THR A 87 3.69 -10.66 9.99
CA THR A 87 3.48 -9.67 11.07
C THR A 87 4.57 -8.60 11.12
N GLU A 88 5.83 -8.96 10.89
CA GLU A 88 6.95 -8.01 10.86
C GLU A 88 6.86 -7.01 9.70
N ASP A 89 6.30 -7.40 8.56
CA ASP A 89 6.04 -6.51 7.42
C ASP A 89 4.78 -5.65 7.64
N LYS A 90 3.73 -6.23 8.25
CA LYS A 90 2.51 -5.51 8.64
C LYS A 90 2.82 -4.39 9.63
N GLU A 91 3.68 -4.65 10.61
CA GLU A 91 4.19 -3.64 11.53
C GLU A 91 5.06 -2.60 10.79
N ALA A 92 6.03 -3.03 9.98
CA ALA A 92 6.95 -2.12 9.29
C ALA A 92 6.27 -1.17 8.28
N LEU A 93 5.20 -1.61 7.60
CA LEU A 93 4.41 -0.75 6.71
C LEU A 93 3.67 0.34 7.50
N LYS A 94 3.03 -0.02 8.61
CA LYS A 94 2.39 0.95 9.53
C LYS A 94 3.42 1.88 10.18
N LYS A 95 4.59 1.37 10.56
CA LYS A 95 5.66 2.16 11.21
C LYS A 95 6.22 3.28 10.30
N GLN A 96 6.12 3.12 8.99
CA GLN A 96 6.49 4.13 7.99
C GLN A 96 5.28 4.99 7.54
N LEU A 97 4.09 4.39 7.47
CA LEU A 97 2.83 5.05 7.10
C LEU A 97 1.65 4.54 7.95
N PRO A 98 1.43 5.08 9.16
CA PRO A 98 0.38 4.65 10.09
C PRO A 98 -0.91 5.46 9.91
N GLY A 99 -2.07 4.87 10.24
CA GLY A 99 -3.38 5.51 10.13
C GLY A 99 -3.80 6.38 11.32
N VAL A 100 -5.12 6.48 11.52
CA VAL A 100 -5.85 7.19 12.58
C VAL A 100 -5.16 7.18 13.95
N LYS A 101 -5.27 8.31 14.65
CA LYS A 101 -4.66 8.61 15.95
C LYS A 101 -5.35 7.90 17.14
N SER A 102 -5.60 6.60 17.00
CA SER A 102 -6.20 5.73 18.02
C SER A 102 -5.25 5.36 19.16
N GLU A 103 -3.96 5.67 19.03
CA GLU A 103 -2.91 5.50 20.06
C GLU A 103 -2.08 6.79 20.22
N GLY A 104 -1.66 7.10 21.45
CA GLY A 104 -0.96 8.35 21.80
C GLY A 104 0.44 8.54 21.20
N LYS A 105 0.99 7.50 20.55
CA LYS A 105 2.27 7.54 19.82
C LYS A 105 2.14 8.12 18.40
N ARG A 106 0.91 8.26 17.89
CA ARG A 106 0.60 8.71 16.51
C ARG A 106 0.43 10.24 16.36
N LYS A 107 0.52 10.99 17.45
CA LYS A 107 0.45 12.47 17.50
C LYS A 107 1.56 13.16 16.70
N GLY A 108 1.28 14.38 16.21
CA GLY A 108 2.23 15.15 15.41
C GLY A 108 1.86 16.63 15.25
N ASP A 109 2.48 17.47 16.08
CA ASP A 109 2.44 18.95 16.01
C ASP A 109 1.03 19.56 16.07
N GLU A 110 0.25 19.12 17.05
CA GLU A 110 -1.17 19.45 17.24
C GLU A 110 -1.43 20.49 18.35
N VAL A 111 -0.40 20.84 19.13
CA VAL A 111 -0.44 21.90 20.17
C VAL A 111 -0.17 23.31 19.61
N ASP A 112 0.05 23.42 18.29
CA ASP A 112 0.34 24.65 17.53
C ASP A 112 -0.87 25.60 17.40
N GLY A 1 -5.58 -16.85 -3.59
CA GLY A 1 -6.46 -15.66 -3.69
C GLY A 1 -5.96 -14.50 -2.86
N SER A 2 -6.80 -13.47 -2.67
CA SER A 2 -6.51 -12.27 -1.86
C SER A 2 -7.77 -11.73 -1.17
N LYS A 3 -7.62 -10.67 -0.37
CA LYS A 3 -8.67 -10.01 0.42
C LYS A 3 -8.69 -8.50 0.20
N ALA A 4 -9.88 -7.89 0.15
CA ALA A 4 -10.05 -6.42 0.10
C ALA A 4 -11.23 -5.91 0.95
N GLU A 5 -11.55 -6.64 2.01
CA GLU A 5 -12.63 -6.34 2.96
C GLU A 5 -12.38 -5.08 3.82
N LYS A 6 -11.10 -4.68 3.99
CA LYS A 6 -10.65 -3.54 4.82
C LYS A 6 -9.97 -2.41 4.00
N THR A 7 -9.99 -2.51 2.67
CA THR A 7 -9.29 -1.62 1.72
C THR A 7 -10.15 -0.41 1.32
N LEU A 8 -9.52 0.73 1.00
CA LEU A 8 -10.24 1.89 0.41
C LEU A 8 -10.68 1.70 -1.07
N GLY A 9 -10.11 0.71 -1.77
CA GLY A 9 -10.39 0.41 -3.18
C GLY A 9 -9.49 1.10 -4.22
N ASP A 10 -8.26 1.53 -3.86
CA ASP A 10 -7.35 2.26 -4.77
C ASP A 10 -5.88 1.83 -4.70
N PHE A 11 -5.45 1.05 -3.68
CA PHE A 11 -4.08 0.52 -3.59
C PHE A 11 -4.01 -0.87 -2.91
N ALA A 12 -2.99 -1.64 -3.25
CA ALA A 12 -2.83 -3.06 -2.90
C ALA A 12 -1.41 -3.40 -2.40
N ALA A 13 -1.27 -4.52 -1.67
CA ALA A 13 -0.01 -5.03 -1.13
C ALA A 13 0.12 -6.56 -1.29
N GLU A 14 1.31 -7.04 -1.63
CA GLU A 14 1.59 -8.46 -1.92
C GLU A 14 3.09 -8.78 -1.81
N TYR A 15 3.50 -10.00 -1.49
CA TYR A 15 4.85 -10.48 -1.80
C TYR A 15 5.11 -10.60 -3.31
N ALA A 16 6.27 -10.10 -3.75
CA ALA A 16 6.72 -10.19 -5.14
C ALA A 16 6.96 -11.65 -5.58
N LYS A 17 6.05 -12.19 -6.40
CA LYS A 17 6.10 -13.58 -6.90
C LYS A 17 7.23 -13.80 -7.93
N SER A 18 7.57 -12.76 -8.70
CA SER A 18 8.62 -12.77 -9.74
C SER A 18 9.34 -11.42 -9.79
N ASN A 19 10.61 -11.42 -10.22
CA ASN A 19 11.46 -10.22 -10.36
C ASN A 19 11.15 -9.43 -11.65
N ARG A 20 9.86 -9.29 -11.98
CA ARG A 20 9.34 -8.71 -13.24
C ARG A 20 8.50 -7.45 -13.05
N SER A 21 7.92 -7.26 -11.86
CA SER A 21 7.38 -5.96 -11.43
C SER A 21 8.50 -4.92 -11.27
N THR A 22 8.20 -3.65 -11.56
CA THR A 22 9.16 -2.53 -11.49
C THR A 22 8.53 -1.38 -10.71
N CYS A 23 9.28 -0.82 -9.78
CA CYS A 23 8.86 0.30 -8.97
C CYS A 23 8.80 1.57 -9.84
N LYS A 24 7.60 2.10 -9.98
CA LYS A 24 7.28 3.37 -10.62
C LYS A 24 7.61 4.57 -9.72
N GLY A 25 7.93 4.33 -8.44
CA GLY A 25 8.35 5.36 -7.48
C GLY A 25 9.82 5.80 -7.62
N CYS A 26 10.72 4.91 -8.05
CA CYS A 26 12.14 5.22 -8.31
C CYS A 26 12.73 4.68 -9.65
N MET A 27 11.94 3.96 -10.44
CA MET A 27 12.33 3.35 -11.72
C MET A 27 13.43 2.26 -11.59
N GLU A 28 13.25 1.33 -10.63
CA GLU A 28 14.12 0.15 -10.47
C GLU A 28 13.27 -1.11 -10.26
N LYS A 29 13.80 -2.29 -10.62
CA LYS A 29 13.04 -3.53 -10.55
C LYS A 29 12.74 -3.92 -9.10
N ILE A 30 11.55 -4.46 -8.88
CA ILE A 30 11.13 -4.99 -7.57
C ILE A 30 11.64 -6.43 -7.41
N GLU A 31 12.30 -6.70 -6.28
CA GLU A 31 12.94 -7.99 -5.99
C GLU A 31 11.92 -9.06 -5.60
N LYS A 32 12.15 -10.29 -6.10
CA LYS A 32 11.34 -11.47 -5.74
C LYS A 32 11.50 -11.83 -4.26
N GLY A 33 10.40 -12.31 -3.65
CA GLY A 33 10.40 -12.85 -2.28
C GLY A 33 10.46 -11.81 -1.16
N GLN A 34 10.23 -10.53 -1.49
CA GLN A 34 10.02 -9.43 -0.55
C GLN A 34 8.73 -8.66 -0.90
N VAL A 35 8.24 -7.80 0.00
CA VAL A 35 6.93 -7.12 -0.16
C VAL A 35 6.94 -6.05 -1.26
N ARG A 36 5.82 -5.90 -1.98
CA ARG A 36 5.57 -4.88 -3.01
C ARG A 36 4.16 -4.30 -2.88
N LEU A 37 3.99 -3.01 -3.19
CA LEU A 37 2.72 -2.29 -3.17
C LEU A 37 2.35 -1.80 -4.57
N SER A 38 1.06 -1.56 -4.84
CA SER A 38 0.61 -0.90 -6.07
C SER A 38 -0.53 0.09 -5.84
N LYS A 39 -0.68 1.06 -6.74
CA LYS A 39 -1.85 1.92 -6.89
C LYS A 39 -2.61 1.53 -8.16
N LYS A 40 -3.95 1.44 -8.07
CA LYS A 40 -4.85 1.25 -9.21
C LYS A 40 -5.44 2.59 -9.62
N MET A 41 -5.17 3.03 -10.84
CA MET A 41 -5.66 4.31 -11.40
C MET A 41 -5.61 4.34 -12.93
N VAL A 42 -6.54 5.04 -13.58
CA VAL A 42 -6.38 5.42 -15.00
C VAL A 42 -5.13 6.30 -15.20
N ASP A 43 -4.31 5.96 -16.20
CA ASP A 43 -3.08 6.71 -16.52
C ASP A 43 -3.45 8.08 -17.14
N PRO A 44 -2.90 9.19 -16.62
CA PRO A 44 -3.31 10.54 -17.01
C PRO A 44 -2.83 10.97 -18.41
N GLU A 45 -1.86 10.26 -18.99
CA GLU A 45 -1.36 10.51 -20.37
C GLU A 45 -1.93 9.49 -21.38
N LYS A 46 -2.54 8.40 -20.88
CA LYS A 46 -3.05 7.25 -21.64
C LYS A 46 -4.37 6.72 -21.08
N PRO A 47 -5.43 7.54 -20.96
CA PRO A 47 -6.72 7.09 -20.45
C PRO A 47 -7.39 6.01 -21.32
N GLN A 48 -6.91 5.80 -22.55
CA GLN A 48 -7.28 4.67 -23.42
C GLN A 48 -6.97 3.30 -22.79
N LEU A 49 -5.98 3.18 -21.89
CA LEU A 49 -5.76 1.99 -21.07
C LEU A 49 -6.94 1.64 -20.14
N GLY A 50 -7.66 2.66 -19.65
CA GLY A 50 -8.33 2.57 -18.35
C GLY A 50 -7.31 2.44 -17.21
N MET A 51 -7.77 1.87 -16.10
CA MET A 51 -7.08 1.72 -14.83
C MET A 51 -5.96 0.67 -14.91
N ILE A 52 -4.77 1.04 -14.45
CA ILE A 52 -3.57 0.20 -14.41
C ILE A 52 -2.99 0.09 -12.99
N ASP A 53 -2.16 -0.94 -12.79
CA ASP A 53 -1.47 -1.30 -11.55
C ASP A 53 -0.04 -0.74 -11.55
N ARG A 54 0.11 0.46 -10.99
CA ARG A 54 1.39 1.16 -10.78
C ARG A 54 2.10 0.56 -9.56
N TRP A 55 3.23 -0.14 -9.72
CA TRP A 55 3.93 -0.80 -8.61
C TRP A 55 4.99 0.08 -7.94
N TYR A 56 5.33 -0.23 -6.68
CA TYR A 56 6.24 0.51 -5.78
C TYR A 56 6.94 -0.42 -4.77
N HIS A 57 8.13 -0.02 -4.33
CA HIS A 57 8.83 -0.58 -3.15
C HIS A 57 8.15 -0.14 -1.83
N PRO A 58 8.37 -0.86 -0.70
CA PRO A 58 7.93 -0.45 0.65
C PRO A 58 8.48 0.90 1.14
N GLY A 59 9.64 1.35 0.64
CA GLY A 59 10.14 2.70 0.91
C GLY A 59 9.49 3.75 0.01
N CYS A 60 9.40 3.46 -1.29
CA CYS A 60 9.00 4.42 -2.32
C CYS A 60 7.51 4.77 -2.28
N PHE A 61 6.62 3.82 -1.99
CA PHE A 61 5.20 4.12 -1.89
C PHE A 61 4.92 5.16 -0.77
N VAL A 62 5.69 5.11 0.32
CA VAL A 62 5.69 6.15 1.37
C VAL A 62 6.32 7.46 0.89
N LYS A 63 7.36 7.43 0.07
CA LYS A 63 7.98 8.64 -0.52
C LYS A 63 7.01 9.45 -1.39
N ASN A 64 6.11 8.77 -2.12
CA ASN A 64 5.05 9.38 -2.93
C ASN A 64 3.65 9.28 -2.28
N ARG A 65 3.53 8.93 -1.00
CA ARG A 65 2.30 8.79 -0.21
C ARG A 65 1.21 9.78 -0.59
N GLU A 66 1.56 11.07 -0.56
CA GLU A 66 0.61 12.16 -0.81
C GLU A 66 0.36 12.43 -2.32
N GLU A 67 1.26 11.98 -3.20
CA GLU A 67 1.02 11.88 -4.65
C GLU A 67 0.11 10.69 -5.01
N LEU A 68 0.25 9.56 -4.29
CA LEU A 68 -0.66 8.40 -4.35
C LEU A 68 -2.02 8.66 -3.67
N GLY A 69 -2.14 9.73 -2.88
CA GLY A 69 -3.39 10.21 -2.28
C GLY A 69 -3.70 9.68 -0.86
N PHE A 70 -2.72 9.08 -0.16
CA PHE A 70 -2.88 8.60 1.22
C PHE A 70 -3.20 9.75 2.21
N ARG A 71 -4.15 9.49 3.10
CA ARG A 71 -4.52 10.30 4.29
C ARG A 71 -4.72 9.39 5.52
N PRO A 72 -4.73 9.94 6.76
CA PRO A 72 -4.76 9.13 7.98
C PRO A 72 -5.95 8.18 8.12
N GLU A 73 -7.11 8.48 7.53
CA GLU A 73 -8.28 7.58 7.61
C GLU A 73 -8.17 6.33 6.71
N TYR A 74 -7.16 6.26 5.84
CA TYR A 74 -6.86 5.11 4.98
C TYR A 74 -5.35 4.93 4.73
N SER A 75 -4.61 4.72 5.83
CA SER A 75 -3.20 4.32 5.89
C SER A 75 -2.87 2.99 5.20
N ALA A 76 -1.65 2.48 5.41
CA ALA A 76 -1.25 1.14 4.98
C ALA A 76 -2.21 0.00 5.38
N SER A 77 -3.03 0.19 6.44
CA SER A 77 -4.06 -0.78 6.82
C SER A 77 -5.19 -0.93 5.78
N GLN A 78 -5.35 0.04 4.87
CA GLN A 78 -6.34 0.08 3.79
C GLN A 78 -5.77 -0.37 2.43
N LEU A 79 -4.64 -1.08 2.40
CA LEU A 79 -4.13 -1.80 1.23
C LEU A 79 -4.76 -3.20 1.09
N LYS A 80 -5.10 -3.63 -0.14
CA LYS A 80 -5.55 -5.02 -0.42
C LYS A 80 -4.51 -6.02 0.03
N GLY A 81 -4.95 -7.15 0.55
CA GLY A 81 -4.11 -8.30 0.91
C GLY A 81 -3.15 -8.04 2.08
N PHE A 82 -3.18 -6.85 2.71
CA PHE A 82 -2.22 -6.44 3.74
C PHE A 82 -2.14 -7.44 4.90
N SER A 83 -3.26 -7.99 5.34
CA SER A 83 -3.29 -8.97 6.45
C SER A 83 -2.60 -10.31 6.09
N LEU A 84 -2.44 -10.62 4.80
CA LEU A 84 -1.82 -11.84 4.28
C LEU A 84 -0.28 -11.75 4.19
N LEU A 85 0.31 -10.57 4.43
CA LEU A 85 1.77 -10.36 4.52
C LEU A 85 2.36 -10.98 5.80
N ALA A 86 3.69 -11.02 5.88
CA ALA A 86 4.40 -11.34 7.12
C ALA A 86 4.15 -10.25 8.20
N THR A 87 4.07 -10.64 9.47
CA THR A 87 3.76 -9.75 10.60
C THR A 87 4.73 -8.56 10.71
N GLU A 88 6.02 -8.79 10.47
CA GLU A 88 7.04 -7.74 10.44
C GLU A 88 6.82 -6.69 9.33
N ASP A 89 6.24 -7.07 8.19
CA ASP A 89 5.86 -6.12 7.13
C ASP A 89 4.52 -5.42 7.46
N LYS A 90 3.57 -6.14 8.06
CA LYS A 90 2.30 -5.58 8.56
C LYS A 90 2.57 -4.47 9.59
N GLU A 91 3.57 -4.65 10.45
CA GLU A 91 4.07 -3.57 11.31
C GLU A 91 4.81 -2.50 10.52
N ALA A 92 5.80 -2.85 9.68
CA ALA A 92 6.71 -1.88 9.07
C ALA A 92 6.06 -0.95 8.05
N LEU A 93 5.03 -1.40 7.33
CA LEU A 93 4.27 -0.56 6.40
C LEU A 93 3.48 0.51 7.15
N LYS A 94 2.83 0.15 8.26
CA LYS A 94 2.16 1.08 9.17
C LYS A 94 3.16 1.98 9.89
N LYS A 95 4.30 1.45 10.35
CA LYS A 95 5.32 2.23 11.08
C LYS A 95 5.93 3.37 10.24
N GLN A 96 5.94 3.24 8.92
CA GLN A 96 6.37 4.26 7.97
C GLN A 96 5.19 5.12 7.45
N LEU A 97 3.99 4.54 7.33
CA LEU A 97 2.75 5.19 6.88
C LEU A 97 1.53 4.78 7.74
N PRO A 98 1.39 5.34 8.96
CA PRO A 98 0.35 4.97 9.91
C PRO A 98 -0.90 5.85 9.79
N GLY A 99 -2.04 5.36 10.28
CA GLY A 99 -3.26 6.14 10.48
C GLY A 99 -4.32 5.38 11.29
N VAL A 100 -5.50 6.00 11.40
CA VAL A 100 -6.66 5.64 12.23
C VAL A 100 -6.38 5.58 13.73
N LYS A 101 -7.38 5.95 14.55
CA LYS A 101 -7.28 6.12 16.01
C LYS A 101 -7.41 4.80 16.80
N SER A 102 -6.81 3.72 16.30
CA SER A 102 -6.87 2.37 16.92
C SER A 102 -6.20 2.28 18.31
N GLU A 103 -5.30 3.22 18.63
CA GLU A 103 -4.70 3.37 19.96
C GLU A 103 -5.71 3.88 21.01
N GLY A 104 -6.73 4.66 20.59
CA GLY A 104 -7.79 5.21 21.45
C GLY A 104 -7.33 6.36 22.37
N LYS A 105 -6.37 6.09 23.26
CA LYS A 105 -5.92 6.99 24.35
C LYS A 105 -4.76 7.94 23.99
N ARG A 106 -4.14 7.75 22.82
CA ARG A 106 -2.84 8.32 22.35
C ARG A 106 -1.63 7.89 23.21
N LYS A 107 -0.45 7.75 22.58
CA LYS A 107 0.81 7.40 23.25
C LYS A 107 1.30 8.50 24.20
N GLY A 108 2.10 8.12 25.19
CA GLY A 108 2.67 9.00 26.22
C GLY A 108 3.61 8.26 27.17
N ASP A 109 3.04 7.65 28.22
CA ASP A 109 3.77 6.86 29.22
C ASP A 109 4.43 5.58 28.65
N GLU A 110 4.04 5.17 27.44
CA GLU A 110 4.67 4.09 26.68
C GLU A 110 5.97 4.52 25.96
N VAL A 111 6.75 5.40 26.60
CA VAL A 111 8.02 5.99 26.13
C VAL A 111 7.87 6.68 24.75
N ASP A 112 6.87 7.55 24.63
CA ASP A 112 6.64 8.41 23.46
C ASP A 112 7.76 9.45 23.21
N GLY A 1 -19.16 -6.63 16.53
CA GLY A 1 -17.84 -7.31 16.52
C GLY A 1 -16.69 -6.32 16.48
N SER A 2 -15.46 -6.82 16.28
CA SER A 2 -14.22 -6.02 16.24
C SER A 2 -14.17 -5.06 15.03
N LYS A 3 -13.52 -3.92 15.20
CA LYS A 3 -13.39 -2.83 14.21
C LYS A 3 -12.12 -2.97 13.35
N ALA A 4 -11.78 -4.18 12.93
CA ALA A 4 -10.63 -4.46 12.07
C ALA A 4 -10.79 -3.77 10.69
N GLU A 5 -9.69 -3.26 10.13
CA GLU A 5 -9.70 -2.44 8.90
C GLU A 5 -9.82 -3.28 7.61
N LYS A 6 -10.34 -2.64 6.55
CA LYS A 6 -10.44 -3.16 5.17
C LYS A 6 -10.01 -2.10 4.15
N THR A 7 -9.74 -2.52 2.91
CA THR A 7 -9.20 -1.65 1.85
C THR A 7 -10.11 -0.47 1.50
N LEU A 8 -9.52 0.68 1.15
CA LEU A 8 -10.26 1.82 0.56
C LEU A 8 -10.66 1.62 -0.93
N GLY A 9 -10.09 0.62 -1.61
CA GLY A 9 -10.38 0.26 -3.01
C GLY A 9 -9.48 0.87 -4.08
N ASP A 10 -8.30 1.42 -3.74
CA ASP A 10 -7.43 2.16 -4.68
C ASP A 10 -5.94 1.74 -4.65
N PHE A 11 -5.48 0.96 -3.66
CA PHE A 11 -4.09 0.47 -3.61
C PHE A 11 -3.96 -0.92 -2.94
N ALA A 12 -2.90 -1.66 -3.28
CA ALA A 12 -2.67 -3.07 -2.93
C ALA A 12 -1.25 -3.36 -2.41
N ALA A 13 -1.10 -4.47 -1.68
CA ALA A 13 0.15 -4.94 -1.08
C ALA A 13 0.27 -6.48 -1.18
N GLU A 14 1.43 -7.00 -1.57
CA GLU A 14 1.63 -8.42 -1.88
C GLU A 14 3.13 -8.75 -1.82
N TYR A 15 3.52 -9.99 -1.59
CA TYR A 15 4.90 -10.41 -1.82
C TYR A 15 5.20 -10.58 -3.32
N ALA A 16 6.32 -10.03 -3.77
CA ALA A 16 6.71 -9.94 -5.18
C ALA A 16 6.92 -11.33 -5.80
N LYS A 17 6.11 -11.65 -6.82
CA LYS A 17 6.06 -12.98 -7.45
C LYS A 17 7.19 -13.22 -8.46
N SER A 18 7.77 -12.14 -9.00
CA SER A 18 8.91 -12.19 -9.94
C SER A 18 9.72 -10.89 -9.92
N ASN A 19 11.00 -10.99 -10.29
CA ASN A 19 11.89 -9.86 -10.56
C ASN A 19 11.45 -9.04 -11.80
N ARG A 20 10.43 -9.50 -12.55
CA ARG A 20 9.73 -8.73 -13.61
C ARG A 20 8.91 -7.56 -13.05
N SER A 21 8.59 -7.54 -11.75
CA SER A 21 7.99 -6.39 -11.07
C SER A 21 8.96 -5.19 -11.11
N THR A 22 8.48 -3.98 -11.40
CA THR A 22 9.34 -2.78 -11.48
C THR A 22 8.66 -1.58 -10.84
N CYS A 23 9.39 -0.91 -9.97
CA CYS A 23 8.91 0.22 -9.19
C CYS A 23 8.79 1.45 -10.08
N LYS A 24 7.57 1.92 -10.25
CA LYS A 24 7.22 3.17 -10.95
C LYS A 24 7.58 4.41 -10.12
N GLY A 25 7.90 4.25 -8.84
CA GLY A 25 8.29 5.33 -7.92
C GLY A 25 9.77 5.76 -8.02
N CYS A 26 10.66 4.90 -8.51
CA CYS A 26 12.06 5.24 -8.81
C CYS A 26 12.64 4.67 -10.12
N MET A 27 11.86 3.85 -10.83
CA MET A 27 12.22 3.18 -12.09
C MET A 27 13.43 2.24 -11.97
N GLU A 28 13.34 1.27 -11.04
CA GLU A 28 14.19 0.08 -11.04
C GLU A 28 13.42 -1.17 -10.58
N LYS A 29 13.96 -2.36 -10.86
CA LYS A 29 13.22 -3.61 -10.70
C LYS A 29 13.09 -4.01 -9.23
N ILE A 30 11.89 -4.42 -8.85
CA ILE A 30 11.56 -4.87 -7.48
C ILE A 30 12.06 -6.31 -7.27
N GLU A 31 12.64 -6.57 -6.10
CA GLU A 31 13.16 -7.90 -5.74
C GLU A 31 12.02 -8.90 -5.49
N LYS A 32 12.15 -10.10 -6.04
CA LYS A 32 11.27 -11.25 -5.74
C LYS A 32 11.34 -11.65 -4.26
N GLY A 33 10.22 -12.11 -3.71
CA GLY A 33 10.13 -12.69 -2.35
C GLY A 33 10.12 -11.67 -1.19
N GLN A 34 10.04 -10.37 -1.49
CA GLN A 34 9.82 -9.29 -0.52
C GLN A 34 8.60 -8.43 -0.94
N VAL A 35 8.13 -7.50 -0.11
CA VAL A 35 6.87 -6.77 -0.35
C VAL A 35 6.94 -5.87 -1.59
N ARG A 36 5.87 -5.87 -2.40
CA ARG A 36 5.56 -4.89 -3.44
C ARG A 36 4.18 -4.25 -3.17
N LEU A 37 4.07 -2.94 -3.33
CA LEU A 37 2.80 -2.21 -3.25
C LEU A 37 2.39 -1.69 -4.63
N SER A 38 1.10 -1.44 -4.87
CA SER A 38 0.64 -0.78 -6.10
C SER A 38 -0.55 0.15 -5.88
N LYS A 39 -0.74 1.12 -6.79
CA LYS A 39 -1.96 1.93 -6.90
C LYS A 39 -2.73 1.56 -8.16
N LYS A 40 -4.06 1.40 -8.04
CA LYS A 40 -4.99 1.22 -9.16
C LYS A 40 -5.52 2.59 -9.59
N MET A 41 -5.18 3.02 -10.81
CA MET A 41 -5.60 4.30 -11.38
C MET A 41 -5.49 4.30 -12.91
N VAL A 42 -6.33 5.07 -13.61
CA VAL A 42 -6.11 5.40 -15.03
C VAL A 42 -4.73 6.06 -15.18
N ASP A 43 -3.91 5.56 -16.10
CA ASP A 43 -2.56 6.08 -16.33
C ASP A 43 -2.62 7.47 -17.00
N PRO A 44 -1.92 8.48 -16.45
CA PRO A 44 -2.03 9.87 -16.92
C PRO A 44 -1.36 10.13 -18.29
N GLU A 45 -0.50 9.21 -18.76
CA GLU A 45 0.14 9.28 -20.08
C GLU A 45 -0.53 8.34 -21.10
N LYS A 46 -1.40 7.44 -20.64
CA LYS A 46 -2.08 6.39 -21.40
C LYS A 46 -3.54 6.19 -20.94
N PRO A 47 -4.39 7.24 -20.96
CA PRO A 47 -5.78 7.14 -20.52
C PRO A 47 -6.60 6.12 -21.34
N GLN A 48 -6.15 5.78 -22.56
CA GLN A 48 -6.72 4.72 -23.41
C GLN A 48 -6.75 3.33 -22.75
N LEU A 49 -5.85 3.04 -21.79
CA LEU A 49 -5.88 1.78 -21.02
C LEU A 49 -7.09 1.63 -20.09
N GLY A 50 -7.65 2.75 -19.61
CA GLY A 50 -8.30 2.75 -18.30
C GLY A 50 -7.29 2.49 -17.17
N MET A 51 -7.77 1.91 -16.08
CA MET A 51 -7.09 1.72 -14.81
C MET A 51 -6.04 0.61 -14.88
N ILE A 52 -4.85 0.88 -14.34
CA ILE A 52 -3.74 -0.07 -14.23
C ILE A 52 -3.13 -0.08 -12.81
N ASP A 53 -2.36 -1.12 -12.51
CA ASP A 53 -1.70 -1.35 -11.23
C ASP A 53 -0.25 -0.87 -11.31
N ARG A 54 -0.03 0.39 -10.92
CA ARG A 54 1.29 1.07 -10.85
C ARG A 54 2.06 0.50 -9.63
N TRP A 55 3.11 -0.29 -9.82
CA TRP A 55 3.88 -0.91 -8.71
C TRP A 55 4.94 0.02 -8.10
N TYR A 56 5.31 -0.22 -6.84
CA TYR A 56 6.24 0.55 -6.00
C TYR A 56 6.99 -0.34 -4.99
N HIS A 57 8.20 0.08 -4.60
CA HIS A 57 8.94 -0.48 -3.44
C HIS A 57 8.29 -0.10 -2.10
N PRO A 58 8.57 -0.84 -1.00
CA PRO A 58 8.22 -0.45 0.37
C PRO A 58 8.83 0.87 0.86
N GLY A 59 9.94 1.33 0.28
CA GLY A 59 10.46 2.68 0.52
C GLY A 59 9.77 3.76 -0.32
N CYS A 60 9.59 3.50 -1.62
CA CYS A 60 9.13 4.48 -2.59
C CYS A 60 7.64 4.81 -2.49
N PHE A 61 6.79 3.82 -2.18
CA PHE A 61 5.36 4.09 -2.02
C PHE A 61 5.10 5.10 -0.88
N VAL A 62 5.93 5.09 0.17
CA VAL A 62 5.96 6.13 1.23
C VAL A 62 6.40 7.49 0.68
N LYS A 63 7.45 7.53 -0.14
CA LYS A 63 8.00 8.75 -0.76
C LYS A 63 6.95 9.48 -1.62
N ASN A 64 6.08 8.74 -2.32
CA ASN A 64 4.99 9.27 -3.12
C ASN A 64 3.61 9.10 -2.45
N ARG A 65 3.47 8.71 -1.17
CA ARG A 65 2.17 8.42 -0.52
C ARG A 65 1.15 9.55 -0.68
N GLU A 66 1.64 10.79 -0.67
CA GLU A 66 0.88 12.03 -0.80
C GLU A 66 0.47 12.33 -2.26
N GLU A 67 1.19 11.77 -3.24
CA GLU A 67 0.80 11.69 -4.65
C GLU A 67 -0.14 10.48 -4.91
N LEU A 68 0.10 9.34 -4.26
CA LEU A 68 -0.76 8.15 -4.32
C LEU A 68 -2.15 8.38 -3.68
N GLY A 69 -2.23 9.27 -2.69
CA GLY A 69 -3.49 9.77 -2.09
C GLY A 69 -3.73 9.36 -0.64
N PHE A 70 -2.71 8.88 0.09
CA PHE A 70 -2.81 8.45 1.48
C PHE A 70 -3.12 9.61 2.46
N ARG A 71 -4.00 9.30 3.43
CA ARG A 71 -4.30 10.08 4.65
C ARG A 71 -4.40 9.12 5.85
N PRO A 72 -4.25 9.59 7.11
CA PRO A 72 -4.32 8.74 8.31
C PRO A 72 -5.63 7.96 8.48
N GLU A 73 -6.75 8.46 7.93
CA GLU A 73 -8.05 7.76 7.95
C GLU A 73 -8.09 6.51 7.05
N TYR A 74 -7.12 6.35 6.14
CA TYR A 74 -6.93 5.17 5.28
C TYR A 74 -5.45 4.90 4.95
N SER A 75 -4.64 4.72 6.01
CA SER A 75 -3.24 4.31 5.96
C SER A 75 -3.04 2.89 5.40
N ALA A 76 -1.79 2.43 5.34
CA ALA A 76 -1.34 1.15 4.78
C ALA A 76 -2.14 -0.10 5.20
N SER A 77 -2.82 -0.09 6.35
CA SER A 77 -3.75 -1.15 6.76
C SER A 77 -4.90 -1.37 5.77
N GLN A 78 -5.18 -0.37 4.92
CA GLN A 78 -6.21 -0.35 3.89
C GLN A 78 -5.65 -0.57 2.47
N LEU A 79 -4.51 -1.25 2.34
CA LEU A 79 -4.03 -1.86 1.09
C LEU A 79 -4.61 -3.27 0.89
N LYS A 80 -5.06 -3.62 -0.33
CA LYS A 80 -5.56 -4.97 -0.66
C LYS A 80 -4.52 -6.03 -0.32
N GLY A 81 -4.92 -7.07 0.41
CA GLY A 81 -4.02 -8.19 0.78
C GLY A 81 -2.98 -7.86 1.86
N PHE A 82 -2.99 -6.67 2.47
CA PHE A 82 -2.09 -6.29 3.57
C PHE A 82 -2.19 -7.29 4.73
N SER A 83 -3.42 -7.66 5.09
CA SER A 83 -3.73 -8.55 6.21
C SER A 83 -3.15 -9.96 6.07
N LEU A 84 -2.83 -10.38 4.84
CA LEU A 84 -2.29 -11.69 4.48
C LEU A 84 -0.74 -11.73 4.46
N LEU A 85 -0.07 -10.59 4.60
CA LEU A 85 1.39 -10.51 4.79
C LEU A 85 1.78 -10.96 6.21
N ALA A 86 3.08 -11.14 6.46
CA ALA A 86 3.61 -11.40 7.80
C ALA A 86 3.42 -10.19 8.73
N THR A 87 3.25 -10.44 10.03
CA THR A 87 3.03 -9.39 11.05
C THR A 87 4.16 -8.35 11.07
N GLU A 88 5.40 -8.78 10.88
CA GLU A 88 6.56 -7.87 10.83
C GLU A 88 6.52 -6.92 9.63
N ASP A 89 5.94 -7.32 8.49
CA ASP A 89 5.72 -6.43 7.34
C ASP A 89 4.49 -5.54 7.53
N LYS A 90 3.40 -6.08 8.09
CA LYS A 90 2.16 -5.33 8.42
C LYS A 90 2.46 -4.17 9.38
N GLU A 91 3.22 -4.44 10.44
CA GLU A 91 3.65 -3.43 11.41
C GLU A 91 4.65 -2.44 10.80
N ALA A 92 5.57 -2.88 9.93
CA ALA A 92 6.50 -1.98 9.25
C ALA A 92 5.80 -0.98 8.31
N LEU A 93 4.83 -1.43 7.51
CA LEU A 93 4.06 -0.58 6.60
C LEU A 93 3.24 0.49 7.34
N LYS A 94 2.66 0.12 8.50
CA LYS A 94 2.03 1.03 9.46
C LYS A 94 3.06 1.97 10.07
N LYS A 95 4.24 1.49 10.49
CA LYS A 95 5.27 2.34 11.13
C LYS A 95 5.80 3.44 10.20
N GLN A 96 5.76 3.23 8.88
CA GLN A 96 6.14 4.21 7.87
C GLN A 96 5.07 5.30 7.66
N LEU A 97 3.78 4.96 7.77
CA LEU A 97 2.68 5.94 7.73
C LEU A 97 1.44 5.47 8.54
N PRO A 98 1.43 5.62 9.88
CA PRO A 98 0.42 4.99 10.72
C PRO A 98 -0.89 5.79 10.73
N GLY A 99 -2.03 5.10 10.72
CA GLY A 99 -3.36 5.71 10.66
C GLY A 99 -3.99 6.00 12.02
N VAL A 100 -5.28 6.30 11.98
CA VAL A 100 -6.13 6.58 13.15
C VAL A 100 -6.38 5.31 13.96
N LYS A 101 -6.25 5.47 15.28
CA LYS A 101 -6.38 4.41 16.29
C LYS A 101 -7.85 4.13 16.65
N SER A 102 -8.63 3.70 15.65
CA SER A 102 -10.06 3.38 15.78
C SER A 102 -10.30 2.14 16.66
N GLU A 103 -9.29 1.27 16.83
CA GLU A 103 -9.31 0.13 17.76
C GLU A 103 -7.90 -0.13 18.34
N GLY A 104 -7.67 0.27 19.59
CA GLY A 104 -6.43 -0.03 20.33
C GLY A 104 -6.27 -1.52 20.70
N LYS A 105 -7.36 -2.30 20.61
CA LYS A 105 -7.39 -3.75 20.88
C LYS A 105 -6.86 -4.60 19.72
N ARG A 106 -6.50 -3.98 18.58
CA ARG A 106 -5.89 -4.67 17.42
C ARG A 106 -4.50 -5.23 17.75
N LYS A 107 -3.76 -4.57 18.66
CA LYS A 107 -2.46 -5.00 19.19
C LYS A 107 -2.60 -6.38 19.86
N GLY A 108 -1.85 -7.37 19.39
CA GLY A 108 -1.88 -8.77 19.85
C GLY A 108 -2.93 -9.64 19.15
N ASP A 109 -4.06 -9.07 18.74
CA ASP A 109 -5.17 -9.78 18.09
C ASP A 109 -4.89 -10.18 16.64
N GLU A 110 -3.79 -9.69 16.05
CA GLU A 110 -3.27 -10.18 14.78
C GLU A 110 -2.50 -11.53 14.89
N VAL A 111 -2.13 -11.96 16.11
CA VAL A 111 -1.29 -13.15 16.38
C VAL A 111 -1.88 -14.10 17.44
N ASP A 112 -3.13 -13.89 17.86
CA ASP A 112 -3.86 -14.69 18.86
C ASP A 112 -4.96 -15.60 18.25
N GLY A 1 -9.34 -15.16 9.78
CA GLY A 1 -10.17 -13.97 9.49
C GLY A 1 -11.04 -14.18 8.26
N SER A 2 -12.29 -13.74 8.30
CA SER A 2 -13.34 -14.05 7.29
C SER A 2 -13.28 -13.19 6.01
N LYS A 3 -12.08 -12.88 5.51
CA LYS A 3 -11.80 -12.09 4.29
C LYS A 3 -12.57 -10.75 4.25
N ALA A 4 -12.52 -10.00 5.36
CA ALA A 4 -13.25 -8.75 5.54
C ALA A 4 -12.85 -7.64 4.55
N GLU A 5 -13.79 -6.75 4.20
CA GLU A 5 -13.64 -5.71 3.18
C GLU A 5 -12.97 -4.43 3.74
N LYS A 6 -11.79 -4.59 4.36
CA LYS A 6 -11.02 -3.52 5.01
C LYS A 6 -10.43 -2.49 4.01
N THR A 7 -10.07 -2.93 2.81
CA THR A 7 -9.40 -2.11 1.79
C THR A 7 -10.25 -0.91 1.35
N LEU A 8 -9.61 0.23 1.07
CA LEU A 8 -10.30 1.43 0.53
C LEU A 8 -10.71 1.33 -0.97
N GLY A 9 -10.20 0.34 -1.71
CA GLY A 9 -10.47 0.11 -3.14
C GLY A 9 -9.51 0.78 -4.14
N ASP A 10 -8.31 1.23 -3.72
CA ASP A 10 -7.40 2.02 -4.56
C ASP A 10 -5.93 1.59 -4.57
N PHE A 11 -5.43 0.80 -3.60
CA PHE A 11 -4.04 0.33 -3.57
C PHE A 11 -3.86 -1.03 -2.89
N ALA A 12 -2.75 -1.71 -3.18
CA ALA A 12 -2.45 -3.11 -2.85
C ALA A 12 -1.12 -3.30 -2.10
N ALA A 13 -0.98 -4.42 -1.40
CA ALA A 13 0.22 -4.84 -0.70
C ALA A 13 0.34 -6.38 -0.66
N GLU A 14 1.43 -6.94 -1.18
CA GLU A 14 1.67 -8.40 -1.23
C GLU A 14 3.17 -8.73 -1.37
N TYR A 15 3.56 -10.01 -1.22
CA TYR A 15 4.90 -10.46 -1.60
C TYR A 15 5.06 -10.49 -3.13
N ALA A 16 6.22 -10.02 -3.61
CA ALA A 16 6.62 -10.09 -5.00
C ALA A 16 6.99 -11.53 -5.41
N LYS A 17 6.50 -11.99 -6.57
CA LYS A 17 6.56 -13.40 -7.01
C LYS A 17 7.50 -13.64 -8.20
N SER A 18 7.83 -12.59 -8.94
CA SER A 18 8.83 -12.55 -10.01
C SER A 18 9.46 -11.16 -10.10
N ASN A 19 10.66 -11.06 -10.68
CA ASN A 19 11.39 -9.79 -10.85
C ASN A 19 10.84 -8.93 -12.02
N ARG A 20 9.64 -9.26 -12.52
CA ARG A 20 8.95 -8.58 -13.64
C ARG A 20 8.23 -7.29 -13.22
N SER A 21 7.88 -7.14 -11.93
CA SER A 21 7.40 -5.88 -11.36
C SER A 21 8.50 -4.82 -11.37
N THR A 22 8.14 -3.56 -11.60
CA THR A 22 9.06 -2.42 -11.57
C THR A 22 8.43 -1.27 -10.81
N CYS A 23 9.22 -0.65 -9.93
CA CYS A 23 8.79 0.46 -9.10
C CYS A 23 8.70 1.73 -9.93
N LYS A 24 7.49 2.27 -10.07
CA LYS A 24 7.25 3.59 -10.67
C LYS A 24 7.62 4.75 -9.73
N GLY A 25 7.91 4.45 -8.47
CA GLY A 25 8.36 5.42 -7.46
C GLY A 25 9.82 5.86 -7.61
N CYS A 26 10.71 5.00 -8.15
CA CYS A 26 12.11 5.33 -8.45
C CYS A 26 12.66 4.81 -9.81
N MET A 27 11.86 4.08 -10.58
CA MET A 27 12.24 3.45 -11.86
C MET A 27 13.36 2.40 -11.73
N GLU A 28 13.21 1.46 -10.78
CA GLU A 28 14.07 0.27 -10.63
C GLU A 28 13.22 -0.99 -10.45
N LYS A 29 13.72 -2.15 -10.88
CA LYS A 29 12.93 -3.39 -10.87
C LYS A 29 12.78 -3.93 -9.44
N ILE A 30 11.57 -4.35 -9.10
CA ILE A 30 11.21 -4.89 -7.78
C ILE A 30 11.70 -6.35 -7.66
N GLU A 31 12.33 -6.66 -6.54
CA GLU A 31 12.84 -8.01 -6.25
C GLU A 31 11.72 -8.95 -5.78
N LYS A 32 11.78 -10.20 -6.22
CA LYS A 32 10.89 -11.26 -5.72
C LYS A 32 11.31 -11.75 -4.32
N GLY A 33 10.33 -12.19 -3.55
CA GLY A 33 10.51 -12.69 -2.17
C GLY A 33 10.54 -11.60 -1.08
N GLN A 34 10.28 -10.34 -1.46
CA GLN A 34 10.08 -9.20 -0.55
C GLN A 34 8.77 -8.46 -0.90
N VAL A 35 8.30 -7.53 -0.05
CA VAL A 35 6.99 -6.86 -0.23
C VAL A 35 6.99 -5.91 -1.44
N ARG A 36 5.89 -5.92 -2.21
CA ARG A 36 5.55 -4.95 -3.26
C ARG A 36 4.18 -4.32 -2.98
N LEU A 37 4.07 -3.01 -3.22
CA LEU A 37 2.80 -2.28 -3.14
C LEU A 37 2.38 -1.82 -4.55
N SER A 38 1.08 -1.65 -4.79
CA SER A 38 0.57 -1.00 -6.01
C SER A 38 -0.46 0.07 -5.71
N LYS A 39 -0.73 0.95 -6.68
CA LYS A 39 -1.95 1.78 -6.74
C LYS A 39 -2.71 1.46 -8.03
N LYS A 40 -4.03 1.28 -7.91
CA LYS A 40 -4.94 1.23 -9.06
C LYS A 40 -5.34 2.65 -9.45
N MET A 41 -5.08 3.04 -10.70
CA MET A 41 -5.51 4.31 -11.31
C MET A 41 -5.42 4.26 -12.82
N VAL A 42 -6.21 5.06 -13.54
CA VAL A 42 -5.94 5.38 -14.94
C VAL A 42 -4.51 5.92 -15.06
N ASP A 43 -3.72 5.33 -15.98
CA ASP A 43 -2.31 5.69 -16.14
C ASP A 43 -2.15 7.13 -16.66
N PRO A 44 -1.41 8.00 -15.97
CA PRO A 44 -1.32 9.41 -16.32
C PRO A 44 -0.51 9.67 -17.61
N GLU A 45 0.27 8.69 -18.07
CA GLU A 45 1.08 8.75 -19.30
C GLU A 45 0.43 7.97 -20.45
N LYS A 46 -0.59 7.15 -20.15
CA LYS A 46 -1.28 6.21 -21.05
C LYS A 46 -2.78 6.10 -20.71
N PRO A 47 -3.55 7.20 -20.70
CA PRO A 47 -4.97 7.17 -20.31
C PRO A 47 -5.84 6.26 -21.18
N GLN A 48 -5.38 5.91 -22.40
CA GLN A 48 -6.03 4.95 -23.30
C GLN A 48 -6.16 3.53 -22.70
N LEU A 49 -5.30 3.13 -21.76
CA LEU A 49 -5.46 1.87 -21.02
C LEU A 49 -6.71 1.80 -20.13
N GLY A 50 -7.20 2.95 -19.67
CA GLY A 50 -7.91 3.00 -18.39
C GLY A 50 -7.00 2.63 -17.22
N MET A 51 -7.59 2.06 -16.18
CA MET A 51 -7.02 1.75 -14.87
C MET A 51 -5.99 0.63 -14.91
N ILE A 52 -4.95 0.77 -14.09
CA ILE A 52 -3.83 -0.18 -13.98
C ILE A 52 -3.30 -0.26 -12.56
N ASP A 53 -2.77 -1.42 -12.18
CA ASP A 53 -2.10 -1.65 -10.88
C ASP A 53 -0.60 -1.32 -11.02
N ARG A 54 -0.27 -0.04 -10.78
CA ARG A 54 1.10 0.51 -10.89
C ARG A 54 1.91 0.16 -9.64
N TRP A 55 3.08 -0.48 -9.78
CA TRP A 55 3.86 -1.00 -8.65
C TRP A 55 4.92 -0.03 -8.11
N TYR A 56 5.28 -0.18 -6.84
CA TYR A 56 6.19 0.63 -6.01
C TYR A 56 6.91 -0.22 -4.94
N HIS A 57 8.12 0.18 -4.52
CA HIS A 57 8.83 -0.42 -3.35
C HIS A 57 8.19 -0.01 -2.01
N PRO A 58 8.45 -0.76 -0.91
CA PRO A 58 8.08 -0.38 0.47
C PRO A 58 8.61 0.98 0.97
N GLY A 59 9.77 1.43 0.49
CA GLY A 59 10.26 2.79 0.78
C GLY A 59 9.62 3.84 -0.12
N CYS A 60 9.53 3.56 -1.42
CA CYS A 60 9.12 4.53 -2.43
C CYS A 60 7.63 4.88 -2.38
N PHE A 61 6.75 3.91 -2.11
CA PHE A 61 5.32 4.19 -2.02
C PHE A 61 5.04 5.19 -0.87
N VAL A 62 5.78 5.11 0.23
CA VAL A 62 5.76 6.13 1.31
C VAL A 62 6.32 7.47 0.83
N LYS A 63 7.43 7.48 0.08
CA LYS A 63 8.07 8.70 -0.46
C LYS A 63 7.11 9.56 -1.31
N ASN A 64 6.18 8.94 -2.03
CA ASN A 64 5.15 9.58 -2.85
C ASN A 64 3.72 9.38 -2.32
N ARG A 65 3.51 8.94 -1.06
CA ARG A 65 2.17 8.58 -0.56
C ARG A 65 1.11 9.65 -0.80
N GLU A 66 1.45 10.91 -0.52
CA GLU A 66 0.51 12.02 -0.64
C GLU A 66 0.26 12.43 -2.09
N GLU A 67 1.23 12.16 -2.98
CA GLU A 67 1.08 12.26 -4.45
C GLU A 67 0.24 11.09 -5.01
N LEU A 68 0.40 9.88 -4.48
CA LEU A 68 -0.47 8.71 -4.73
C LEU A 68 -1.88 8.87 -4.11
N GLY A 69 -2.06 9.79 -3.16
CA GLY A 69 -3.37 10.17 -2.61
C GLY A 69 -3.71 9.54 -1.26
N PHE A 70 -2.74 8.93 -0.58
CA PHE A 70 -2.85 8.57 0.83
C PHE A 70 -3.15 9.81 1.69
N ARG A 71 -4.01 9.62 2.68
CA ARG A 71 -4.29 10.54 3.79
C ARG A 71 -4.40 9.72 5.09
N PRO A 72 -4.16 10.29 6.28
CA PRO A 72 -4.00 9.53 7.53
C PRO A 72 -5.19 8.63 7.92
N GLU A 73 -6.40 8.93 7.45
CA GLU A 73 -7.60 8.14 7.70
C GLU A 73 -7.67 6.79 6.94
N TYR A 74 -6.84 6.60 5.91
CA TYR A 74 -6.78 5.35 5.11
C TYR A 74 -5.35 5.00 4.65
N SER A 75 -4.47 4.80 5.63
CA SER A 75 -3.04 4.53 5.45
C SER A 75 -2.72 3.08 5.02
N ALA A 76 -1.45 2.65 5.13
CA ALA A 76 -0.92 1.37 4.66
C ALA A 76 -1.68 0.10 5.15
N SER A 77 -2.52 0.22 6.16
CA SER A 77 -3.43 -0.83 6.66
C SER A 77 -4.66 -1.11 5.79
N GLN A 78 -5.01 -0.24 4.82
CA GLN A 78 -6.21 -0.34 3.98
C GLN A 78 -5.89 -0.83 2.55
N LEU A 79 -4.78 -1.53 2.34
CA LEU A 79 -4.29 -2.03 1.04
C LEU A 79 -4.72 -3.48 0.77
N LYS A 80 -5.04 -3.80 -0.49
CA LYS A 80 -5.47 -5.14 -0.94
C LYS A 80 -4.42 -6.17 -0.52
N GLY A 81 -4.80 -7.19 0.26
CA GLY A 81 -3.90 -8.27 0.69
C GLY A 81 -2.88 -7.92 1.80
N PHE A 82 -2.94 -6.72 2.41
CA PHE A 82 -2.03 -6.31 3.50
C PHE A 82 -2.05 -7.31 4.66
N SER A 83 -3.24 -7.79 5.02
CA SER A 83 -3.47 -8.77 6.09
C SER A 83 -2.79 -10.13 5.85
N LEU A 84 -2.53 -10.48 4.58
CA LEU A 84 -1.92 -11.74 4.16
C LEU A 84 -0.38 -11.77 4.29
N LEU A 85 0.25 -10.62 4.53
CA LEU A 85 1.68 -10.53 4.84
C LEU A 85 2.03 -11.14 6.21
N ALA A 86 3.32 -11.38 6.47
CA ALA A 86 3.81 -11.65 7.82
C ALA A 86 3.60 -10.45 8.75
N THR A 87 3.33 -10.70 10.03
CA THR A 87 2.98 -9.67 11.02
C THR A 87 4.06 -8.58 11.15
N GLU A 88 5.34 -8.95 11.06
CA GLU A 88 6.45 -7.99 11.08
C GLU A 88 6.41 -7.00 9.89
N ASP A 89 5.90 -7.41 8.74
CA ASP A 89 5.72 -6.52 7.57
C ASP A 89 4.45 -5.68 7.69
N LYS A 90 3.35 -6.23 8.23
CA LYS A 90 2.14 -5.44 8.57
C LYS A 90 2.46 -4.34 9.59
N GLU A 91 3.28 -4.63 10.59
CA GLU A 91 3.77 -3.62 11.54
C GLU A 91 4.69 -2.61 10.83
N ALA A 92 5.67 -3.05 10.04
CA ALA A 92 6.63 -2.16 9.38
C ALA A 92 6.01 -1.19 8.35
N LEU A 93 4.97 -1.60 7.64
CA LEU A 93 4.23 -0.73 6.71
C LEU A 93 3.45 0.36 7.48
N LYS A 94 2.77 0.00 8.57
CA LYS A 94 2.11 0.96 9.46
C LYS A 94 3.12 1.87 10.16
N LYS A 95 4.28 1.36 10.58
CA LYS A 95 5.31 2.14 11.28
C LYS A 95 5.87 3.30 10.44
N GLN A 96 5.82 3.16 9.12
CA GLN A 96 6.20 4.21 8.15
C GLN A 96 5.01 5.06 7.71
N LEU A 97 3.80 4.47 7.66
CA LEU A 97 2.56 5.11 7.20
C LEU A 97 1.32 4.56 7.96
N PRO A 98 1.00 5.07 9.17
CA PRO A 98 -0.02 4.51 10.06
C PRO A 98 -1.40 5.19 9.92
N GLY A 99 -2.47 4.43 10.18
CA GLY A 99 -3.85 4.90 10.24
C GLY A 99 -4.12 5.60 11.56
N VAL A 100 -4.61 6.83 11.47
CA VAL A 100 -4.78 7.77 12.58
C VAL A 100 -5.97 7.41 13.49
N LYS A 101 -5.80 7.64 14.79
CA LYS A 101 -6.84 7.50 15.84
C LYS A 101 -7.06 8.76 16.70
N SER A 102 -6.26 9.81 16.50
CA SER A 102 -6.36 11.11 17.17
C SER A 102 -6.44 11.05 18.71
N GLU A 103 -5.76 10.07 19.31
CA GLU A 103 -5.81 9.70 20.75
C GLU A 103 -7.22 9.34 21.29
N GLY A 104 -8.22 9.20 20.42
CA GLY A 104 -9.61 8.93 20.76
C GLY A 104 -9.90 7.53 21.35
N LYS A 105 -8.88 6.68 21.50
CA LYS A 105 -8.97 5.40 22.23
C LYS A 105 -8.39 5.49 23.65
N ARG A 106 -7.33 6.28 23.87
CA ARG A 106 -6.77 6.57 25.20
C ARG A 106 -7.61 7.62 25.95
N LYS A 107 -8.17 8.60 25.25
CA LYS A 107 -8.94 9.72 25.81
C LYS A 107 -10.40 9.66 25.38
N GLY A 108 -11.32 10.04 26.27
CA GLY A 108 -12.77 10.00 26.07
C GLY A 108 -13.37 8.59 26.19
N ASP A 109 -12.84 7.62 25.45
CA ASP A 109 -13.27 6.20 25.45
C ASP A 109 -12.70 5.39 26.64
N GLU A 110 -12.67 6.01 27.82
CA GLU A 110 -12.05 5.50 29.04
C GLU A 110 -13.00 4.66 29.92
N VAL A 111 -14.30 4.65 29.58
CA VAL A 111 -15.35 3.83 30.22
C VAL A 111 -15.53 2.45 29.58
N ASP A 112 -14.73 2.14 28.55
CA ASP A 112 -14.75 0.89 27.77
C ASP A 112 -14.09 -0.31 28.48
N GLY A 1 -25.30 -3.22 -0.29
CA GLY A 1 -23.87 -3.12 -0.62
C GLY A 1 -23.05 -4.12 0.18
N SER A 2 -22.18 -4.89 -0.49
CA SER A 2 -21.44 -6.02 0.10
C SER A 2 -19.96 -5.72 0.42
N LYS A 3 -19.48 -4.49 0.17
CA LYS A 3 -18.08 -4.07 0.41
C LYS A 3 -17.74 -4.04 1.91
N ALA A 4 -16.51 -4.44 2.26
CA ALA A 4 -15.89 -4.22 3.57
C ALA A 4 -14.90 -3.04 3.53
N GLU A 5 -14.73 -2.33 4.66
CA GLU A 5 -13.90 -1.12 4.78
C GLU A 5 -12.43 -1.41 5.16
N LYS A 6 -12.00 -2.68 5.11
CA LYS A 6 -10.61 -3.11 5.38
C LYS A 6 -9.62 -2.67 4.30
N THR A 7 -10.10 -2.34 3.09
CA THR A 7 -9.40 -1.53 2.07
C THR A 7 -10.25 -0.32 1.68
N LEU A 8 -9.63 0.81 1.29
CA LEU A 8 -10.36 1.92 0.65
C LEU A 8 -10.86 1.62 -0.78
N GLY A 9 -10.32 0.60 -1.46
CA GLY A 9 -10.66 0.22 -2.85
C GLY A 9 -9.86 0.94 -3.94
N ASP A 10 -8.56 1.21 -3.72
CA ASP A 10 -7.69 1.98 -4.63
C ASP A 10 -6.22 1.52 -4.64
N PHE A 11 -5.72 0.86 -3.59
CA PHE A 11 -4.34 0.35 -3.52
C PHE A 11 -4.22 -1.01 -2.79
N ALA A 12 -3.18 -1.78 -3.10
CA ALA A 12 -2.97 -3.19 -2.74
C ALA A 12 -1.53 -3.50 -2.26
N ALA A 13 -1.35 -4.59 -1.50
CA ALA A 13 -0.08 -5.05 -0.98
C ALA A 13 0.08 -6.59 -1.11
N GLU A 14 1.29 -7.05 -1.48
CA GLU A 14 1.60 -8.42 -1.89
C GLU A 14 3.13 -8.63 -1.82
N TYR A 15 3.64 -9.85 -2.01
CA TYR A 15 5.06 -10.14 -2.20
C TYR A 15 5.41 -10.32 -3.69
N ALA A 16 6.62 -9.91 -4.06
CA ALA A 16 7.17 -10.11 -5.40
C ALA A 16 7.44 -11.60 -5.67
N LYS A 17 6.61 -12.22 -6.52
CA LYS A 17 6.67 -13.66 -6.84
C LYS A 17 7.77 -14.03 -7.85
N SER A 18 8.29 -13.03 -8.57
CA SER A 18 9.45 -13.12 -9.48
C SER A 18 10.21 -11.80 -9.50
N ASN A 19 11.49 -11.83 -9.89
CA ASN A 19 12.39 -10.66 -9.91
C ASN A 19 12.20 -9.80 -11.20
N ARG A 20 10.93 -9.62 -11.61
CA ARG A 20 10.52 -9.18 -12.96
C ARG A 20 9.51 -8.02 -13.01
N SER A 21 8.85 -7.71 -11.88
CA SER A 21 8.03 -6.49 -11.72
C SER A 21 8.91 -5.25 -11.54
N THR A 22 8.36 -4.04 -11.68
CA THR A 22 9.12 -2.78 -11.68
C THR A 22 8.38 -1.71 -10.90
N CYS A 23 9.10 -1.02 -10.03
CA CYS A 23 8.60 0.09 -9.25
C CYS A 23 8.46 1.33 -10.13
N LYS A 24 7.21 1.76 -10.29
CA LYS A 24 6.84 3.00 -10.98
C LYS A 24 7.13 4.25 -10.14
N GLY A 25 7.53 4.09 -8.87
CA GLY A 25 7.94 5.19 -7.97
C GLY A 25 9.38 5.68 -8.13
N CYS A 26 10.29 4.83 -8.63
CA CYS A 26 11.67 5.20 -8.95
C CYS A 26 12.21 4.67 -10.31
N MET A 27 11.40 3.89 -11.05
CA MET A 27 11.74 3.24 -12.32
C MET A 27 12.90 2.23 -12.20
N GLU A 28 12.83 1.34 -11.19
CA GLU A 28 13.80 0.24 -11.00
C GLU A 28 13.08 -1.08 -10.69
N LYS A 29 13.69 -2.21 -11.07
CA LYS A 29 13.05 -3.52 -10.93
C LYS A 29 12.91 -3.93 -9.47
N ILE A 30 11.75 -4.49 -9.13
CA ILE A 30 11.42 -4.98 -7.79
C ILE A 30 12.04 -6.37 -7.55
N GLU A 31 12.66 -6.56 -6.37
CA GLU A 31 13.31 -7.81 -5.96
C GLU A 31 12.28 -8.88 -5.54
N LYS A 32 12.55 -10.13 -5.89
CA LYS A 32 11.76 -11.31 -5.50
C LYS A 32 11.80 -11.54 -3.97
N GLY A 33 10.70 -12.06 -3.42
CA GLY A 33 10.63 -12.54 -2.03
C GLY A 33 10.53 -11.43 -0.96
N GLN A 34 10.35 -10.18 -1.38
CA GLN A 34 10.08 -9.02 -0.51
C GLN A 34 8.81 -8.28 -0.98
N VAL A 35 8.32 -7.33 -0.18
CA VAL A 35 7.02 -6.68 -0.39
C VAL A 35 6.96 -5.83 -1.67
N ARG A 36 5.78 -5.76 -2.28
CA ARG A 36 5.41 -4.84 -3.35
C ARG A 36 4.00 -4.28 -3.10
N LEU A 37 3.81 -2.98 -3.33
CA LEU A 37 2.51 -2.31 -3.23
C LEU A 37 2.06 -1.84 -4.62
N SER A 38 0.75 -1.71 -4.85
CA SER A 38 0.16 -1.21 -6.10
C SER A 38 -0.90 -0.14 -5.83
N LYS A 39 -1.05 0.82 -6.76
CA LYS A 39 -2.17 1.76 -6.85
C LYS A 39 -2.92 1.50 -8.16
N LYS A 40 -4.25 1.42 -8.12
CA LYS A 40 -5.11 1.49 -9.30
C LYS A 40 -5.41 2.96 -9.61
N MET A 41 -4.90 3.47 -10.73
CA MET A 41 -5.20 4.84 -11.22
C MET A 41 -4.87 5.02 -12.70
N VAL A 42 -5.57 5.92 -13.38
CA VAL A 42 -5.17 6.38 -14.73
C VAL A 42 -3.77 7.03 -14.68
N ASP A 43 -2.89 6.62 -15.59
CA ASP A 43 -1.49 7.07 -15.60
C ASP A 43 -1.39 8.55 -16.04
N PRO A 44 -0.66 9.40 -15.29
CA PRO A 44 -0.61 10.84 -15.55
C PRO A 44 0.19 11.26 -16.80
N GLU A 45 1.01 10.37 -17.36
CA GLU A 45 1.76 10.61 -18.60
C GLU A 45 1.16 9.85 -19.80
N LYS A 46 0.24 8.90 -19.55
CA LYS A 46 -0.42 8.03 -20.53
C LYS A 46 -1.89 7.76 -20.19
N PRO A 47 -2.75 8.78 -20.06
CA PRO A 47 -4.16 8.58 -19.72
C PRO A 47 -4.95 7.77 -20.75
N GLN A 48 -4.42 7.62 -21.97
CA GLN A 48 -4.94 6.74 -23.02
C GLN A 48 -5.03 5.26 -22.60
N LEU A 49 -4.23 4.82 -21.61
CA LEU A 49 -4.35 3.51 -20.97
C LEU A 49 -5.69 3.28 -20.25
N GLY A 50 -6.30 4.36 -19.73
CA GLY A 50 -7.14 4.25 -18.54
C GLY A 50 -6.31 3.84 -17.31
N MET A 51 -7.00 3.26 -16.32
CA MET A 51 -6.49 2.88 -15.01
C MET A 51 -5.55 1.68 -15.10
N ILE A 52 -4.39 1.76 -14.43
CA ILE A 52 -3.43 0.66 -14.34
C ILE A 52 -3.10 0.27 -12.91
N ASP A 53 -2.62 -0.96 -12.74
CA ASP A 53 -2.11 -1.50 -11.48
C ASP A 53 -0.62 -1.16 -11.39
N ARG A 54 -0.35 0.01 -10.82
CA ARG A 54 0.95 0.69 -10.81
C ARG A 54 1.75 0.25 -9.58
N TRP A 55 2.81 -0.55 -9.77
CA TRP A 55 3.58 -1.14 -8.67
C TRP A 55 4.67 -0.21 -8.11
N TYR A 56 5.05 -0.42 -6.85
CA TYR A 56 5.99 0.36 -6.04
C TYR A 56 6.76 -0.52 -5.04
N HIS A 57 7.97 -0.08 -4.68
CA HIS A 57 8.76 -0.59 -3.54
C HIS A 57 8.11 -0.21 -2.20
N PRO A 58 8.40 -0.95 -1.10
CA PRO A 58 7.98 -0.59 0.26
C PRO A 58 8.62 0.72 0.79
N GLY A 59 9.72 1.19 0.20
CA GLY A 59 10.25 2.54 0.45
C GLY A 59 9.57 3.62 -0.41
N CYS A 60 9.41 3.37 -1.71
CA CYS A 60 8.94 4.38 -2.67
C CYS A 60 7.45 4.71 -2.55
N PHE A 61 6.59 3.75 -2.24
CA PHE A 61 5.17 4.05 -2.05
C PHE A 61 4.96 5.06 -0.89
N VAL A 62 5.81 5.04 0.14
CA VAL A 62 5.89 6.06 1.20
C VAL A 62 6.32 7.42 0.65
N LYS A 63 7.34 7.45 -0.24
CA LYS A 63 7.88 8.67 -0.85
C LYS A 63 6.84 9.42 -1.69
N ASN A 64 5.97 8.71 -2.39
CA ASN A 64 4.86 9.24 -3.20
C ASN A 64 3.49 9.09 -2.53
N ARG A 65 3.38 8.72 -1.24
CA ARG A 65 2.09 8.49 -0.54
C ARG A 65 1.11 9.64 -0.71
N GLU A 66 1.61 10.86 -0.71
CA GLU A 66 0.83 12.10 -0.83
C GLU A 66 0.41 12.40 -2.29
N GLU A 67 1.14 11.86 -3.28
CA GLU A 67 0.73 11.80 -4.69
C GLU A 67 -0.26 10.63 -4.95
N LEU A 68 -0.04 9.48 -4.30
CA LEU A 68 -0.95 8.32 -4.29
C LEU A 68 -2.22 8.55 -3.46
N GLY A 69 -2.27 9.59 -2.61
CA GLY A 69 -3.49 10.11 -1.97
C GLY A 69 -3.77 9.58 -0.57
N PHE A 70 -2.77 9.00 0.11
CA PHE A 70 -2.88 8.47 1.47
C PHE A 70 -3.15 9.58 2.51
N ARG A 71 -4.13 9.34 3.39
CA ARG A 71 -4.45 10.10 4.62
C ARG A 71 -4.71 9.09 5.76
N PRO A 72 -4.70 9.48 7.06
CA PRO A 72 -4.88 8.54 8.18
C PRO A 72 -6.14 7.68 8.09
N GLU A 73 -7.21 8.16 7.47
CA GLU A 73 -8.46 7.40 7.27
C GLU A 73 -8.26 6.09 6.47
N TYR A 74 -7.20 6.04 5.66
CA TYR A 74 -6.86 4.94 4.77
C TYR A 74 -5.33 4.87 4.53
N SER A 75 -4.56 4.75 5.60
CA SER A 75 -3.11 4.48 5.58
C SER A 75 -2.80 3.06 5.09
N ALA A 76 -1.56 2.57 5.26
CA ALA A 76 -1.15 1.23 4.83
C ALA A 76 -2.06 0.08 5.34
N SER A 77 -2.78 0.28 6.45
CA SER A 77 -3.75 -0.69 6.96
C SER A 77 -4.94 -0.91 6.02
N GLN A 78 -5.16 -0.02 5.05
CA GLN A 78 -6.22 -0.04 4.06
C GLN A 78 -5.73 -0.40 2.64
N LEU A 79 -4.60 -1.10 2.52
CA LEU A 79 -4.17 -1.80 1.30
C LEU A 79 -4.80 -3.20 1.19
N LYS A 80 -5.25 -3.60 0.00
CA LYS A 80 -5.81 -4.94 -0.25
C LYS A 80 -4.79 -6.01 0.14
N GLY A 81 -5.23 -7.01 0.91
CA GLY A 81 -4.39 -8.13 1.34
C GLY A 81 -3.30 -7.77 2.37
N PHE A 82 -3.26 -6.54 2.92
CA PHE A 82 -2.28 -6.14 3.94
C PHE A 82 -2.31 -7.09 5.14
N SER A 83 -3.50 -7.49 5.57
CA SER A 83 -3.74 -8.41 6.69
C SER A 83 -3.13 -9.81 6.47
N LEU A 84 -2.86 -10.20 5.22
CA LEU A 84 -2.31 -11.49 4.81
C LEU A 84 -0.77 -11.50 4.67
N LEU A 85 -0.10 -10.35 4.81
CA LEU A 85 1.36 -10.26 4.89
C LEU A 85 1.88 -10.87 6.22
N ALA A 86 3.18 -11.10 6.32
CA ALA A 86 3.85 -11.47 7.56
C ALA A 86 3.78 -10.31 8.58
N THR A 87 3.73 -10.64 9.88
CA THR A 87 3.57 -9.68 10.97
C THR A 87 4.61 -8.56 10.95
N GLU A 88 5.88 -8.90 10.68
CA GLU A 88 6.98 -7.92 10.60
C GLU A 88 6.81 -6.91 9.45
N ASP A 89 6.19 -7.30 8.33
CA ASP A 89 5.86 -6.38 7.23
C ASP A 89 4.60 -5.57 7.53
N LYS A 90 3.60 -6.17 8.19
CA LYS A 90 2.40 -5.46 8.68
C LYS A 90 2.74 -4.38 9.70
N GLU A 91 3.74 -4.62 10.56
CA GLU A 91 4.32 -3.59 11.42
C GLU A 91 5.07 -2.54 10.60
N ALA A 92 5.99 -2.93 9.71
CA ALA A 92 6.87 -2.00 9.00
C ALA A 92 6.13 -1.03 8.06
N LEU A 93 5.06 -1.47 7.39
CA LEU A 93 4.25 -0.61 6.53
C LEU A 93 3.49 0.45 7.34
N LYS A 94 2.92 0.07 8.50
CA LYS A 94 2.29 1.01 9.44
C LYS A 94 3.31 1.92 10.12
N LYS A 95 4.51 1.44 10.43
CA LYS A 95 5.60 2.27 11.01
C LYS A 95 6.04 3.42 10.11
N GLN A 96 5.83 3.29 8.79
CA GLN A 96 6.11 4.30 7.77
C GLN A 96 4.91 5.23 7.51
N LEU A 97 3.68 4.70 7.44
CA LEU A 97 2.44 5.47 7.47
C LEU A 97 1.31 4.71 8.20
N PRO A 98 1.04 5.01 9.48
CA PRO A 98 -0.03 4.37 10.27
C PRO A 98 -1.34 5.18 10.14
N GLY A 99 -2.50 4.56 10.39
CA GLY A 99 -3.79 5.25 10.34
C GLY A 99 -4.91 4.56 11.14
N VAL A 100 -6.15 4.83 10.74
CA VAL A 100 -7.39 4.33 11.34
C VAL A 100 -7.48 2.81 11.22
N LYS A 101 -8.10 2.19 12.22
CA LYS A 101 -8.14 0.74 12.44
C LYS A 101 -9.50 0.15 12.07
N SER A 102 -9.85 0.16 10.78
CA SER A 102 -11.11 -0.41 10.28
C SER A 102 -11.19 -1.93 10.45
N GLU A 103 -10.04 -2.63 10.47
CA GLU A 103 -9.96 -4.05 10.83
C GLU A 103 -10.10 -4.22 12.36
N GLY A 104 -11.15 -4.92 12.81
CA GLY A 104 -11.53 -4.97 14.23
C GLY A 104 -12.44 -3.83 14.69
N LYS A 105 -12.99 -3.04 13.75
CA LYS A 105 -14.03 -2.00 13.98
C LYS A 105 -13.61 -0.97 15.05
N ARG A 106 -12.51 -0.27 14.76
CA ARG A 106 -11.84 0.79 15.54
C ARG A 106 -11.26 0.38 16.91
N LYS A 107 -11.74 -0.69 17.53
CA LYS A 107 -11.13 -1.30 18.73
C LYS A 107 -9.77 -1.95 18.43
N GLY A 108 -8.92 -2.07 19.44
CA GLY A 108 -7.64 -2.78 19.36
C GLY A 108 -7.75 -4.29 19.13
N ASP A 109 -8.94 -4.88 19.35
CA ASP A 109 -9.25 -6.32 19.22
C ASP A 109 -8.45 -7.25 20.17
N GLU A 110 -7.81 -6.67 21.19
CA GLU A 110 -7.09 -7.36 22.27
C GLU A 110 -7.32 -6.64 23.62
N VAL A 111 -7.39 -7.41 24.72
CA VAL A 111 -7.56 -6.92 26.11
C VAL A 111 -8.77 -5.98 26.27
N ASP A 112 -9.94 -6.43 25.79
CA ASP A 112 -11.24 -5.73 25.88
C ASP A 112 -12.40 -6.70 26.20
N GLY A 1 -24.88 2.84 11.38
CA GLY A 1 -23.82 2.37 10.47
C GLY A 1 -23.00 1.24 11.09
N SER A 2 -21.83 0.96 10.52
CA SER A 2 -20.91 -0.11 10.95
C SER A 2 -19.43 0.26 10.74
N LYS A 3 -18.52 -0.43 11.42
CA LYS A 3 -17.05 -0.23 11.32
C LYS A 3 -16.47 -0.83 10.04
N ALA A 4 -15.43 -0.19 9.49
CA ALA A 4 -14.71 -0.66 8.30
C ALA A 4 -13.58 -1.64 8.67
N GLU A 5 -13.39 -2.69 7.87
CA GLU A 5 -12.37 -3.75 8.03
C GLU A 5 -11.67 -4.08 6.69
N LYS A 6 -11.59 -3.09 5.79
CA LYS A 6 -11.28 -3.26 4.35
C LYS A 6 -10.35 -2.18 3.78
N THR A 7 -9.94 -2.36 2.53
CA THR A 7 -9.21 -1.43 1.66
C THR A 7 -10.04 -0.17 1.35
N LEU A 8 -9.39 0.97 1.09
CA LEU A 8 -10.05 2.19 0.58
C LEU A 8 -10.48 2.10 -0.92
N GLY A 9 -10.01 1.07 -1.64
CA GLY A 9 -10.37 0.78 -3.03
C GLY A 9 -9.44 1.38 -4.10
N ASP A 10 -8.17 1.70 -3.80
CA ASP A 10 -7.25 2.32 -4.77
C ASP A 10 -5.79 1.84 -4.75
N PHE A 11 -5.33 1.13 -3.72
CA PHE A 11 -3.96 0.59 -3.65
C PHE A 11 -3.86 -0.79 -2.96
N ALA A 12 -2.80 -1.54 -3.27
CA ALA A 12 -2.60 -2.95 -2.94
C ALA A 12 -1.19 -3.25 -2.40
N ALA A 13 -1.05 -4.37 -1.68
CA ALA A 13 0.19 -4.87 -1.08
C ALA A 13 0.27 -6.41 -1.16
N GLU A 14 1.44 -6.95 -1.52
CA GLU A 14 1.68 -8.40 -1.62
C GLU A 14 3.18 -8.68 -1.55
N TYR A 15 3.58 -9.94 -1.41
CA TYR A 15 4.95 -10.33 -1.68
C TYR A 15 5.20 -10.45 -3.19
N ALA A 16 6.36 -9.97 -3.64
CA ALA A 16 6.77 -9.98 -5.04
C ALA A 16 7.01 -11.42 -5.53
N LYS A 17 6.03 -11.99 -6.23
CA LYS A 17 6.12 -13.34 -6.84
C LYS A 17 7.10 -13.41 -8.02
N SER A 18 7.53 -12.25 -8.52
CA SER A 18 8.38 -12.07 -9.70
C SER A 18 9.25 -10.81 -9.59
N ASN A 19 10.36 -10.78 -10.35
CA ASN A 19 11.16 -9.59 -10.62
C ASN A 19 10.61 -8.78 -11.83
N ARG A 20 9.40 -9.12 -12.32
CA ARG A 20 8.73 -8.46 -13.46
C ARG A 20 8.09 -7.12 -13.09
N SER A 21 7.74 -6.93 -11.81
CA SER A 21 7.34 -5.63 -11.27
C SER A 21 8.54 -4.67 -11.23
N THR A 22 8.29 -3.40 -11.59
CA THR A 22 9.27 -2.31 -11.58
C THR A 22 8.66 -1.10 -10.89
N CYS A 23 9.42 -0.47 -10.01
CA CYS A 23 8.96 0.64 -9.20
C CYS A 23 8.82 1.92 -10.05
N LYS A 24 7.60 2.44 -10.16
CA LYS A 24 7.33 3.78 -10.70
C LYS A 24 7.76 4.91 -9.76
N GLY A 25 8.06 4.58 -8.50
CA GLY A 25 8.54 5.53 -7.49
C GLY A 25 9.99 5.98 -7.66
N CYS A 26 10.85 5.13 -8.24
CA CYS A 26 12.25 5.46 -8.56
C CYS A 26 12.80 4.94 -9.91
N MET A 27 11.98 4.22 -10.70
CA MET A 27 12.32 3.64 -12.00
C MET A 27 13.46 2.60 -11.94
N GLU A 28 13.35 1.62 -11.03
CA GLU A 28 14.19 0.40 -11.06
C GLU A 28 13.40 -0.83 -10.59
N LYS A 29 13.90 -2.03 -10.88
CA LYS A 29 13.11 -3.26 -10.76
C LYS A 29 12.92 -3.66 -9.29
N ILE A 30 11.74 -4.16 -8.98
CA ILE A 30 11.39 -4.64 -7.64
C ILE A 30 11.91 -6.07 -7.43
N GLU A 31 12.51 -6.33 -6.28
CA GLU A 31 13.10 -7.62 -5.93
C GLU A 31 12.03 -8.67 -5.61
N LYS A 32 12.24 -9.89 -6.09
CA LYS A 32 11.41 -11.06 -5.78
C LYS A 32 11.55 -11.47 -4.31
N GLY A 33 10.46 -11.97 -3.71
CA GLY A 33 10.42 -12.55 -2.37
C GLY A 33 10.38 -11.56 -1.21
N GLN A 34 10.18 -10.26 -1.49
CA GLN A 34 9.96 -9.18 -0.50
C GLN A 34 8.70 -8.38 -0.86
N VAL A 35 8.23 -7.49 0.03
CA VAL A 35 6.95 -6.76 -0.16
C VAL A 35 7.00 -5.82 -1.38
N ARG A 36 5.92 -5.80 -2.18
CA ARG A 36 5.66 -4.82 -3.24
C ARG A 36 4.26 -4.22 -3.08
N LEU A 37 4.16 -2.90 -3.25
CA LEU A 37 2.89 -2.16 -3.21
C LEU A 37 2.52 -1.66 -4.62
N SER A 38 1.23 -1.41 -4.88
CA SER A 38 0.78 -0.78 -6.12
C SER A 38 -0.42 0.13 -5.93
N LYS A 39 -0.63 1.06 -6.88
CA LYS A 39 -1.85 1.87 -7.01
C LYS A 39 -2.62 1.46 -8.26
N LYS A 40 -3.93 1.20 -8.10
CA LYS A 40 -4.86 0.92 -9.20
C LYS A 40 -5.39 2.24 -9.75
N MET A 41 -5.05 2.56 -11.00
CA MET A 41 -5.50 3.78 -11.69
C MET A 41 -5.40 3.65 -13.21
N VAL A 42 -6.26 4.35 -13.96
CA VAL A 42 -6.07 4.55 -15.41
C VAL A 42 -4.71 5.20 -15.67
N ASP A 43 -3.93 4.64 -16.60
CA ASP A 43 -2.61 5.17 -16.98
C ASP A 43 -2.75 6.53 -17.70
N PRO A 44 -2.18 7.64 -17.19
CA PRO A 44 -2.27 8.94 -17.83
C PRO A 44 -1.52 9.05 -19.18
N GLU A 45 -0.64 8.10 -19.50
CA GLU A 45 0.06 8.01 -20.80
C GLU A 45 -0.56 6.97 -21.74
N LYS A 46 -1.45 6.10 -21.21
CA LYS A 46 -2.12 5.00 -21.93
C LYS A 46 -3.58 4.80 -21.45
N PRO A 47 -4.46 5.81 -21.56
CA PRO A 47 -5.83 5.72 -21.07
C PRO A 47 -6.66 4.61 -21.75
N GLN A 48 -6.25 4.15 -22.94
CA GLN A 48 -6.86 3.03 -23.67
C GLN A 48 -6.82 1.70 -22.89
N LEU A 49 -5.87 1.52 -21.95
CA LEU A 49 -5.84 0.37 -21.03
C LEU A 49 -7.04 0.28 -20.09
N GLY A 50 -7.63 1.43 -19.72
CA GLY A 50 -8.29 1.56 -18.42
C GLY A 50 -7.26 1.44 -17.27
N MET A 51 -7.73 0.96 -16.13
CA MET A 51 -7.04 0.90 -14.85
C MET A 51 -5.97 -0.21 -14.84
N ILE A 52 -4.80 0.12 -14.30
CA ILE A 52 -3.67 -0.79 -14.08
C ILE A 52 -3.09 -0.66 -12.67
N ASP A 53 -2.34 -1.68 -12.25
CA ASP A 53 -1.67 -1.75 -10.95
C ASP A 53 -0.22 -1.27 -11.08
N ARG A 54 -0.01 0.03 -10.85
CA ARG A 54 1.30 0.71 -10.90
C ARG A 54 2.15 0.31 -9.68
N TRP A 55 3.23 -0.45 -9.84
CA TRP A 55 4.05 -0.95 -8.72
C TRP A 55 5.06 0.07 -8.17
N TYR A 56 5.41 -0.08 -6.89
CA TYR A 56 6.32 0.73 -6.07
C TYR A 56 7.04 -0.13 -5.00
N HIS A 57 8.24 0.30 -4.58
CA HIS A 57 8.96 -0.28 -3.42
C HIS A 57 8.31 0.11 -2.07
N PRO A 58 8.54 -0.66 -0.98
CA PRO A 58 8.20 -0.27 0.41
C PRO A 58 8.79 1.06 0.90
N GLY A 59 9.95 1.48 0.38
CA GLY A 59 10.52 2.81 0.66
C GLY A 59 9.85 3.91 -0.16
N CYS A 60 9.67 3.68 -1.46
CA CYS A 60 9.23 4.68 -2.43
C CYS A 60 7.75 5.01 -2.35
N PHE A 61 6.88 4.04 -2.07
CA PHE A 61 5.45 4.30 -1.94
C PHE A 61 5.15 5.30 -0.81
N VAL A 62 5.94 5.28 0.28
CA VAL A 62 5.93 6.32 1.32
C VAL A 62 6.37 7.69 0.79
N LYS A 63 7.40 7.76 -0.06
CA LYS A 63 7.93 9.00 -0.64
C LYS A 63 6.90 9.73 -1.53
N ASN A 64 6.06 8.98 -2.25
CA ASN A 64 4.98 9.49 -3.09
C ASN A 64 3.58 9.30 -2.46
N ARG A 65 3.46 8.91 -1.18
CA ARG A 65 2.17 8.59 -0.53
C ARG A 65 1.09 9.65 -0.72
N GLU A 66 1.49 10.92 -0.71
CA GLU A 66 0.61 12.07 -0.85
C GLU A 66 0.19 12.30 -2.32
N GLU A 67 1.01 11.85 -3.28
CA GLU A 67 0.68 11.73 -4.70
C GLU A 67 -0.20 10.49 -4.97
N LEU A 68 0.07 9.37 -4.31
CA LEU A 68 -0.75 8.15 -4.36
C LEU A 68 -2.14 8.35 -3.71
N GLY A 69 -2.26 9.24 -2.72
CA GLY A 69 -3.53 9.66 -2.12
C GLY A 69 -3.76 9.21 -0.67
N PHE A 70 -2.71 8.78 0.05
CA PHE A 70 -2.77 8.45 1.48
C PHE A 70 -3.10 9.69 2.34
N ARG A 71 -3.89 9.46 3.38
CA ARG A 71 -4.12 10.34 4.54
C ARG A 71 -4.26 9.45 5.80
N PRO A 72 -4.08 9.97 7.03
CA PRO A 72 -4.03 9.14 8.25
C PRO A 72 -5.25 8.25 8.50
N GLU A 73 -6.44 8.64 8.03
CA GLU A 73 -7.67 7.84 8.17
C GLU A 73 -7.68 6.54 7.33
N TYR A 74 -6.77 6.41 6.34
CA TYR A 74 -6.59 5.21 5.52
C TYR A 74 -5.10 4.95 5.20
N SER A 75 -4.33 4.75 6.26
CA SER A 75 -2.97 4.18 6.28
C SER A 75 -2.87 2.75 5.71
N ALA A 76 -1.68 2.14 5.77
CA ALA A 76 -1.34 0.85 5.15
C ALA A 76 -2.35 -0.31 5.34
N SER A 77 -3.14 -0.34 6.43
CA SER A 77 -4.16 -1.37 6.62
C SER A 77 -5.27 -1.33 5.56
N GLN A 78 -5.41 -0.19 4.86
CA GLN A 78 -6.31 0.03 3.75
C GLN A 78 -5.70 -0.31 2.37
N LEU A 79 -4.56 -1.02 2.31
CA LEU A 79 -4.05 -1.68 1.10
C LEU A 79 -4.68 -3.07 0.89
N LYS A 80 -5.07 -3.43 -0.34
CA LYS A 80 -5.57 -4.77 -0.71
C LYS A 80 -4.53 -5.83 -0.36
N GLY A 81 -4.94 -6.92 0.28
CA GLY A 81 -4.05 -8.04 0.61
C GLY A 81 -3.03 -7.78 1.74
N PHE A 82 -3.06 -6.61 2.40
CA PHE A 82 -2.19 -6.29 3.54
C PHE A 82 -2.30 -7.36 4.63
N SER A 83 -3.53 -7.78 4.95
CA SER A 83 -3.84 -8.73 6.01
C SER A 83 -3.23 -10.13 5.80
N LEU A 84 -2.90 -10.48 4.55
CA LEU A 84 -2.33 -11.79 4.15
C LEU A 84 -0.79 -11.81 4.21
N LEU A 85 -0.14 -10.67 4.43
CA LEU A 85 1.30 -10.59 4.71
C LEU A 85 1.64 -11.12 6.13
N ALA A 86 2.92 -11.29 6.43
CA ALA A 86 3.39 -11.62 7.79
C ALA A 86 3.12 -10.46 8.76
N THR A 87 2.89 -10.76 10.04
CA THR A 87 2.63 -9.77 11.10
C THR A 87 3.74 -8.72 11.20
N GLU A 88 5.00 -9.12 11.03
CA GLU A 88 6.14 -8.19 11.03
C GLU A 88 6.14 -7.22 9.84
N ASP A 89 5.61 -7.62 8.68
CA ASP A 89 5.46 -6.73 7.52
C ASP A 89 4.20 -5.84 7.64
N LYS A 90 3.12 -6.35 8.23
CA LYS A 90 1.91 -5.58 8.57
C LYS A 90 2.22 -4.48 9.59
N GLU A 91 3.07 -4.77 10.57
CA GLU A 91 3.63 -3.77 11.48
C GLU A 91 4.56 -2.79 10.73
N ALA A 92 5.50 -3.28 9.92
CA ALA A 92 6.46 -2.44 9.20
C ALA A 92 5.78 -1.44 8.24
N LEU A 93 4.74 -1.83 7.51
CA LEU A 93 4.02 -0.94 6.59
C LEU A 93 3.28 0.18 7.33
N LYS A 94 2.68 -0.09 8.51
CA LYS A 94 2.15 0.95 9.38
C LYS A 94 3.28 1.81 9.95
N LYS A 95 4.42 1.24 10.33
CA LYS A 95 5.59 2.01 10.80
C LYS A 95 6.18 2.93 9.72
N GLN A 96 6.01 2.56 8.44
CA GLN A 96 6.39 3.35 7.26
C GLN A 96 5.46 4.58 7.06
N LEU A 97 4.13 4.40 7.14
CA LEU A 97 3.16 5.51 7.13
C LEU A 97 1.94 5.23 8.05
N PRO A 98 2.02 5.55 9.36
CA PRO A 98 1.00 5.15 10.32
C PRO A 98 -0.20 6.10 10.30
N GLY A 99 -1.39 5.56 10.56
CA GLY A 99 -2.65 6.31 10.52
C GLY A 99 -3.04 7.00 11.84
N VAL A 100 -4.34 7.25 11.98
CA VAL A 100 -4.95 7.70 13.24
C VAL A 100 -4.82 6.61 14.30
N LYS A 101 -4.20 6.94 15.43
CA LYS A 101 -3.87 5.97 16.49
C LYS A 101 -4.92 5.88 17.61
N SER A 102 -5.83 6.86 17.69
CA SER A 102 -7.10 6.75 18.41
C SER A 102 -8.04 5.68 17.80
N GLU A 103 -7.80 5.28 16.54
CA GLU A 103 -8.46 4.17 15.85
C GLU A 103 -7.87 2.79 16.22
N GLY A 104 -6.73 2.77 16.91
CA GLY A 104 -6.02 1.54 17.31
C GLY A 104 -5.16 0.89 16.22
N LYS A 105 -4.70 1.66 15.20
CA LYS A 105 -3.75 1.18 14.19
C LYS A 105 -2.42 0.74 14.82
N ARG A 106 -1.94 1.49 15.82
CA ARG A 106 -0.86 1.10 16.73
C ARG A 106 -0.94 1.88 18.06
N LYS A 107 -0.40 1.29 19.13
CA LYS A 107 -0.17 1.92 20.44
C LYS A 107 1.16 1.49 21.07
N GLY A 108 1.62 2.22 22.08
CA GLY A 108 2.87 1.94 22.81
C GLY A 108 3.18 2.93 23.94
N ASP A 109 2.15 3.53 24.56
CA ASP A 109 2.28 4.66 25.51
C ASP A 109 1.29 4.56 26.69
N GLU A 110 1.05 3.34 27.17
CA GLU A 110 0.16 3.02 28.31
C GLU A 110 0.84 2.12 29.35
N VAL A 111 0.25 2.03 30.56
CA VAL A 111 0.74 1.26 31.72
C VAL A 111 2.17 1.68 32.14
N ASP A 112 2.32 2.97 32.45
CA ASP A 112 3.56 3.62 32.92
C ASP A 112 3.32 4.63 34.06
N GLY A 1 -14.27 -2.37 19.55
CA GLY A 1 -14.05 -3.39 18.52
C GLY A 1 -14.10 -2.78 17.13
N SER A 2 -13.20 -3.19 16.22
CA SER A 2 -13.20 -2.76 14.81
C SER A 2 -14.52 -3.09 14.10
N LYS A 3 -15.05 -2.16 13.29
CA LYS A 3 -16.31 -2.31 12.51
C LYS A 3 -16.09 -3.09 11.20
N ALA A 4 -15.36 -4.20 11.28
CA ALA A 4 -14.64 -4.91 10.22
C ALA A 4 -13.58 -4.05 9.49
N GLU A 5 -12.40 -4.63 9.25
CA GLU A 5 -11.28 -3.96 8.55
C GLU A 5 -11.37 -4.15 7.02
N LYS A 6 -11.02 -3.10 6.27
CA LYS A 6 -11.34 -2.93 4.83
C LYS A 6 -10.19 -2.27 4.05
N THR A 7 -10.29 -2.23 2.73
CA THR A 7 -9.46 -1.38 1.84
C THR A 7 -10.21 -0.09 1.50
N LEU A 8 -9.50 1.02 1.28
CA LEU A 8 -10.11 2.25 0.73
C LEU A 8 -10.53 2.16 -0.76
N GLY A 9 -10.06 1.13 -1.49
CA GLY A 9 -10.42 0.82 -2.87
C GLY A 9 -9.47 1.35 -3.96
N ASP A 10 -8.24 1.78 -3.63
CA ASP A 10 -7.33 2.44 -4.59
C ASP A 10 -5.88 1.92 -4.58
N PHE A 11 -5.45 1.16 -3.56
CA PHE A 11 -4.10 0.60 -3.50
C PHE A 11 -4.04 -0.78 -2.84
N ALA A 12 -3.01 -1.56 -3.18
CA ALA A 12 -2.84 -2.98 -2.84
C ALA A 12 -1.42 -3.32 -2.35
N ALA A 13 -1.28 -4.43 -1.61
CA ALA A 13 -0.03 -4.95 -1.07
C ALA A 13 0.09 -6.48 -1.27
N GLU A 14 1.28 -6.95 -1.65
CA GLU A 14 1.57 -8.35 -1.99
C GLU A 14 3.09 -8.60 -1.83
N TYR A 15 3.56 -9.84 -2.03
CA TYR A 15 4.99 -10.13 -2.22
C TYR A 15 5.35 -10.17 -3.70
N ALA A 16 6.57 -9.73 -4.03
CA ALA A 16 7.10 -9.75 -5.38
C ALA A 16 7.34 -11.19 -5.86
N LYS A 17 6.48 -11.68 -6.76
CA LYS A 17 6.54 -13.05 -7.31
C LYS A 17 7.70 -13.27 -8.27
N SER A 18 8.20 -12.19 -8.90
CA SER A 18 9.38 -12.19 -9.76
C SER A 18 10.08 -10.83 -9.74
N ASN A 19 11.40 -10.83 -10.01
CA ASN A 19 12.23 -9.63 -10.14
C ASN A 19 11.96 -8.85 -11.44
N ARG A 20 11.01 -9.31 -12.27
CA ARG A 20 10.42 -8.57 -13.40
C ARG A 20 9.45 -7.46 -12.98
N SER A 21 9.05 -7.42 -11.71
CA SER A 21 8.34 -6.27 -11.11
C SER A 21 9.26 -5.04 -11.07
N THR A 22 8.72 -3.83 -11.28
CA THR A 22 9.53 -2.59 -11.33
C THR A 22 8.76 -1.44 -10.68
N CYS A 23 9.45 -0.68 -9.85
CA CYS A 23 8.91 0.42 -9.08
C CYS A 23 8.78 1.66 -9.95
N LYS A 24 7.54 2.13 -10.14
CA LYS A 24 7.24 3.42 -10.78
C LYS A 24 7.62 4.63 -9.91
N GLY A 25 7.92 4.40 -8.63
CA GLY A 25 8.34 5.44 -7.69
C GLY A 25 9.79 5.93 -7.90
N CYS A 26 10.69 5.05 -8.35
CA CYS A 26 12.09 5.38 -8.63
C CYS A 26 12.69 4.81 -9.94
N MET A 27 11.92 4.02 -10.70
CA MET A 27 12.32 3.32 -11.92
C MET A 27 13.51 2.36 -11.70
N GLU A 28 13.38 1.49 -10.70
CA GLU A 28 14.29 0.36 -10.44
C GLU A 28 13.50 -0.91 -10.17
N LYS A 29 14.10 -2.07 -10.44
CA LYS A 29 13.43 -3.37 -10.30
C LYS A 29 13.11 -3.67 -8.83
N ILE A 30 11.92 -4.22 -8.59
CA ILE A 30 11.48 -4.67 -7.27
C ILE A 30 12.01 -6.09 -7.00
N GLU A 31 12.61 -6.30 -5.83
CA GLU A 31 13.28 -7.56 -5.47
C GLU A 31 12.29 -8.68 -5.13
N LYS A 32 12.57 -9.88 -5.64
CA LYS A 32 11.73 -11.09 -5.47
C LYS A 32 11.70 -11.53 -3.99
N GLY A 33 10.52 -11.89 -3.49
CA GLY A 33 10.31 -12.43 -2.14
C GLY A 33 10.17 -11.40 -1.01
N GLN A 34 10.34 -10.10 -1.31
CA GLN A 34 9.96 -8.97 -0.44
C GLN A 34 8.76 -8.23 -1.01
N VAL A 35 8.16 -7.36 -0.22
CA VAL A 35 6.84 -6.81 -0.52
C VAL A 35 6.85 -5.82 -1.69
N ARG A 36 5.71 -5.74 -2.39
CA ARG A 36 5.40 -4.77 -3.43
C ARG A 36 4.02 -4.17 -3.20
N LEU A 37 3.90 -2.85 -3.33
CA LEU A 37 2.63 -2.13 -3.22
C LEU A 37 2.21 -1.62 -4.60
N SER A 38 0.91 -1.57 -4.87
CA SER A 38 0.32 -1.06 -6.12
C SER A 38 -0.65 0.09 -5.86
N LYS A 39 -0.72 1.06 -6.77
CA LYS A 39 -1.85 2.00 -6.93
C LYS A 39 -2.68 1.55 -8.13
N LYS A 40 -3.99 1.39 -7.95
CA LYS A 40 -4.94 1.14 -9.04
C LYS A 40 -5.47 2.47 -9.57
N MET A 41 -5.16 2.79 -10.82
CA MET A 41 -5.60 4.03 -11.49
C MET A 41 -5.55 3.93 -13.02
N VAL A 42 -6.46 4.60 -13.72
CA VAL A 42 -6.37 4.83 -15.16
C VAL A 42 -5.10 5.63 -15.51
N ASP A 43 -4.36 5.17 -16.52
CA ASP A 43 -3.13 5.83 -16.97
C ASP A 43 -3.45 7.17 -17.69
N PRO A 44 -2.82 8.29 -17.30
CA PRO A 44 -3.15 9.62 -17.83
C PRO A 44 -2.71 9.87 -19.27
N GLU A 45 -1.82 9.06 -19.83
CA GLU A 45 -1.38 9.12 -21.23
C GLU A 45 -1.98 7.99 -22.10
N LYS A 46 -2.61 7.00 -21.45
CA LYS A 46 -3.22 5.80 -22.07
C LYS A 46 -4.55 5.42 -21.40
N PRO A 47 -5.55 6.32 -21.32
CA PRO A 47 -6.83 6.02 -20.67
C PRO A 47 -7.64 4.90 -21.37
N GLN A 48 -7.28 4.55 -22.61
CA GLN A 48 -7.83 3.39 -23.35
C GLN A 48 -7.56 2.04 -22.63
N LEU A 49 -6.51 1.95 -21.79
CA LEU A 49 -6.29 0.81 -20.88
C LEU A 49 -7.43 0.62 -19.85
N GLY A 50 -8.06 1.71 -19.43
CA GLY A 50 -8.66 1.77 -18.10
C GLY A 50 -7.58 1.71 -17.01
N MET A 51 -7.99 1.27 -15.83
CA MET A 51 -7.25 1.22 -14.58
C MET A 51 -6.18 0.12 -14.60
N ILE A 52 -4.96 0.47 -14.20
CA ILE A 52 -3.81 -0.43 -14.09
C ILE A 52 -3.21 -0.43 -12.69
N ASP A 53 -2.42 -1.47 -12.40
CA ASP A 53 -1.69 -1.67 -11.15
C ASP A 53 -0.26 -1.09 -11.28
N ARG A 54 -0.08 0.14 -10.82
CA ARG A 54 1.21 0.86 -10.78
C ARG A 54 2.02 0.37 -9.58
N TRP A 55 3.05 -0.45 -9.79
CA TRP A 55 3.87 -1.03 -8.69
C TRP A 55 4.93 -0.06 -8.14
N TYR A 56 5.25 -0.23 -6.85
CA TYR A 56 6.19 0.55 -6.04
C TYR A 56 6.92 -0.31 -4.99
N HIS A 57 8.10 0.15 -4.55
CA HIS A 57 8.82 -0.38 -3.37
C HIS A 57 8.12 0.02 -2.06
N PRO A 58 8.32 -0.73 -0.95
CA PRO A 58 7.95 -0.30 0.41
C PRO A 58 8.60 1.00 0.87
N GLY A 59 9.76 1.37 0.32
CA GLY A 59 10.42 2.66 0.55
C GLY A 59 9.92 3.82 -0.31
N CYS A 60 9.37 3.55 -1.50
CA CYS A 60 8.97 4.55 -2.49
C CYS A 60 7.48 4.90 -2.46
N PHE A 61 6.61 3.94 -2.18
CA PHE A 61 5.18 4.22 -2.03
C PHE A 61 4.93 5.25 -0.91
N VAL A 62 5.77 5.25 0.13
CA VAL A 62 5.86 6.34 1.14
C VAL A 62 6.27 7.68 0.53
N LYS A 63 7.28 7.73 -0.35
CA LYS A 63 7.77 8.98 -0.96
C LYS A 63 6.75 9.64 -1.90
N ASN A 64 5.90 8.85 -2.58
CA ASN A 64 4.79 9.33 -3.41
C ASN A 64 3.43 9.21 -2.71
N ARG A 65 3.33 8.86 -1.42
CA ARG A 65 2.06 8.62 -0.70
C ARG A 65 1.01 9.71 -0.91
N GLU A 66 1.45 10.96 -0.98
CA GLU A 66 0.60 12.13 -1.16
C GLU A 66 0.16 12.34 -2.62
N GLU A 67 0.91 11.80 -3.58
CA GLU A 67 0.51 11.61 -4.98
C GLU A 67 -0.43 10.39 -5.12
N LEU A 68 -0.14 9.28 -4.41
CA LEU A 68 -0.99 8.08 -4.37
C LEU A 68 -2.31 8.29 -3.61
N GLY A 69 -2.40 9.29 -2.73
CA GLY A 69 -3.63 9.77 -2.09
C GLY A 69 -3.81 9.38 -0.62
N PHE A 70 -2.77 8.93 0.06
CA PHE A 70 -2.79 8.60 1.49
C PHE A 70 -3.07 9.82 2.39
N ARG A 71 -3.84 9.58 3.45
CA ARG A 71 -4.08 10.47 4.61
C ARG A 71 -4.05 9.62 5.90
N PRO A 72 -3.88 10.21 7.10
CA PRO A 72 -3.87 9.47 8.37
C PRO A 72 -5.12 8.62 8.64
N GLU A 73 -6.28 9.00 8.09
CA GLU A 73 -7.52 8.21 8.21
C GLU A 73 -7.52 6.89 7.42
N TYR A 74 -6.58 6.70 6.47
CA TYR A 74 -6.43 5.46 5.70
C TYR A 74 -4.95 5.18 5.31
N SER A 75 -4.15 4.89 6.34
CA SER A 75 -2.80 4.30 6.28
C SER A 75 -2.75 2.90 5.63
N ALA A 76 -1.57 2.28 5.61
CA ALA A 76 -1.30 0.95 5.04
C ALA A 76 -2.27 -0.17 5.42
N SER A 77 -2.98 -0.08 6.56
CA SER A 77 -4.02 -1.04 6.94
C SER A 77 -5.14 -1.15 5.88
N GLN A 78 -5.30 -0.10 5.06
CA GLN A 78 -6.32 0.03 4.03
C GLN A 78 -5.82 -0.35 2.62
N LEU A 79 -4.69 -1.05 2.49
CA LEU A 79 -4.22 -1.71 1.25
C LEU A 79 -4.87 -3.09 1.04
N LYS A 80 -5.23 -3.43 -0.20
CA LYS A 80 -5.79 -4.75 -0.55
C LYS A 80 -4.80 -5.85 -0.19
N GLY A 81 -5.30 -6.91 0.46
CA GLY A 81 -4.49 -8.07 0.86
C GLY A 81 -3.51 -7.84 2.01
N PHE A 82 -3.48 -6.65 2.63
CA PHE A 82 -2.55 -6.31 3.72
C PHE A 82 -2.65 -7.33 4.86
N SER A 83 -3.87 -7.70 5.25
CA SER A 83 -4.14 -8.64 6.35
C SER A 83 -3.54 -10.04 6.12
N LEU A 84 -3.27 -10.42 4.87
CA LEU A 84 -2.74 -11.73 4.45
C LEU A 84 -1.19 -11.74 4.36
N LEU A 85 -0.51 -10.60 4.51
CA LEU A 85 0.95 -10.54 4.66
C LEU A 85 1.41 -11.17 5.99
N ALA A 86 2.70 -11.44 6.12
CA ALA A 86 3.31 -11.83 7.40
C ALA A 86 3.24 -10.68 8.42
N THR A 87 3.13 -11.01 9.71
CA THR A 87 2.93 -10.04 10.80
C THR A 87 4.03 -8.97 10.83
N GLU A 88 5.29 -9.35 10.59
CA GLU A 88 6.42 -8.41 10.55
C GLU A 88 6.31 -7.39 9.41
N ASP A 89 5.72 -7.75 8.26
CA ASP A 89 5.47 -6.83 7.14
C ASP A 89 4.22 -5.97 7.38
N LYS A 90 3.17 -6.52 8.01
CA LYS A 90 1.97 -5.77 8.43
C LYS A 90 2.32 -4.66 9.43
N GLU A 91 3.20 -4.94 10.39
CA GLU A 91 3.73 -3.95 11.31
C GLU A 91 4.66 -2.94 10.59
N ALA A 92 5.55 -3.41 9.70
CA ALA A 92 6.47 -2.55 8.98
C ALA A 92 5.77 -1.55 8.04
N LEU A 93 4.72 -1.94 7.33
CA LEU A 93 4.01 -1.05 6.40
C LEU A 93 3.24 0.06 7.13
N LYS A 94 2.68 -0.21 8.32
CA LYS A 94 2.16 0.82 9.23
C LYS A 94 3.31 1.69 9.74
N LYS A 95 4.46 1.14 10.12
CA LYS A 95 5.63 1.95 10.55
C LYS A 95 6.20 2.84 9.44
N GLN A 96 6.03 2.45 8.16
CA GLN A 96 6.44 3.21 6.98
C GLN A 96 5.55 4.44 6.72
N LEU A 97 4.23 4.32 6.88
CA LEU A 97 3.29 5.47 6.91
C LEU A 97 2.07 5.20 7.84
N PRO A 98 2.19 5.50 9.15
CA PRO A 98 1.16 5.13 10.12
C PRO A 98 -0.03 6.12 10.09
N GLY A 99 -1.19 5.69 10.58
CA GLY A 99 -2.41 6.50 10.67
C GLY A 99 -3.22 6.25 11.96
N VAL A 100 -4.54 6.49 11.88
CA VAL A 100 -5.50 6.23 12.96
C VAL A 100 -5.50 4.75 13.34
N LYS A 101 -5.55 4.51 14.65
CA LYS A 101 -5.31 3.20 15.26
C LYS A 101 -6.35 2.16 14.88
N SER A 102 -7.64 2.52 14.95
CA SER A 102 -8.80 1.70 14.53
C SER A 102 -8.82 0.25 15.05
N GLU A 103 -8.19 0.01 16.22
CA GLU A 103 -7.94 -1.32 16.79
C GLU A 103 -7.22 -2.32 15.84
N GLY A 104 -6.43 -1.81 14.89
CA GLY A 104 -5.63 -2.57 13.91
C GLY A 104 -4.33 -3.18 14.45
N LYS A 105 -4.26 -3.44 15.77
CA LYS A 105 -3.12 -4.08 16.45
C LYS A 105 -3.56 -4.83 17.72
N ARG A 106 -4.39 -4.18 18.54
CA ARG A 106 -5.04 -4.70 19.75
C ARG A 106 -6.49 -4.23 19.78
N LYS A 107 -7.44 -5.17 19.93
CA LYS A 107 -8.88 -4.92 20.05
C LYS A 107 -9.31 -4.89 21.52
N GLY A 108 -10.51 -4.36 21.80
CA GLY A 108 -11.05 -4.11 23.15
C GLY A 108 -11.47 -5.34 23.97
N ASP A 109 -10.64 -6.40 24.01
CA ASP A 109 -10.73 -7.64 24.79
C ASP A 109 -11.91 -8.58 24.47
N GLU A 110 -13.05 -8.05 24.01
CA GLU A 110 -14.24 -8.86 23.73
C GLU A 110 -14.24 -9.49 22.33
N VAL A 111 -13.44 -8.96 21.40
CA VAL A 111 -13.29 -9.42 20.00
C VAL A 111 -11.82 -9.56 19.56
N ASP A 112 -10.88 -9.57 20.51
CA ASP A 112 -9.43 -9.69 20.29
C ASP A 112 -8.94 -11.14 20.13
N GLY A 1 -19.18 -14.01 3.14
CA GLY A 1 -17.87 -14.69 3.05
C GLY A 1 -16.98 -14.36 4.24
N SER A 2 -16.11 -15.30 4.64
CA SER A 2 -15.27 -15.17 5.84
C SER A 2 -14.09 -14.18 5.69
N LYS A 3 -13.63 -13.96 4.45
CA LYS A 3 -12.56 -12.98 4.11
C LYS A 3 -13.17 -11.59 3.92
N ALA A 4 -12.74 -10.63 4.74
CA ALA A 4 -13.19 -9.24 4.73
C ALA A 4 -12.03 -8.27 5.06
N GLU A 5 -12.01 -7.10 4.41
CA GLU A 5 -10.92 -6.12 4.44
C GLU A 5 -11.45 -4.67 4.53
N LYS A 6 -10.67 -3.78 5.16
CA LYS A 6 -11.04 -2.37 5.41
C LYS A 6 -10.46 -1.38 4.37
N THR A 7 -9.93 -1.89 3.26
CA THR A 7 -9.29 -1.14 2.17
C THR A 7 -10.15 0.00 1.62
N LEU A 8 -9.51 1.11 1.22
CA LEU A 8 -10.22 2.20 0.51
C LEU A 8 -10.66 1.88 -0.94
N GLY A 9 -10.15 0.80 -1.54
CA GLY A 9 -10.46 0.36 -2.91
C GLY A 9 -9.62 1.01 -4.02
N ASP A 10 -8.37 1.44 -3.75
CA ASP A 10 -7.50 2.14 -4.71
C ASP A 10 -6.02 1.72 -4.69
N PHE A 11 -5.55 1.00 -3.65
CA PHE A 11 -4.17 0.50 -3.57
C PHE A 11 -4.06 -0.86 -2.84
N ALA A 12 -3.01 -1.62 -3.15
CA ALA A 12 -2.81 -3.03 -2.79
C ALA A 12 -1.39 -3.36 -2.30
N ALA A 13 -1.23 -4.47 -1.58
CA ALA A 13 0.01 -4.95 -0.99
C ALA A 13 0.14 -6.49 -1.09
N GLU A 14 1.31 -7.01 -1.45
CA GLU A 14 1.60 -8.45 -1.57
C GLU A 14 3.11 -8.72 -1.56
N TYR A 15 3.52 -9.98 -1.51
CA TYR A 15 4.90 -10.35 -1.84
C TYR A 15 5.13 -10.45 -3.36
N ALA A 16 6.26 -9.91 -3.82
CA ALA A 16 6.63 -9.80 -5.22
C ALA A 16 6.81 -11.17 -5.88
N LYS A 17 6.03 -11.45 -6.94
CA LYS A 17 5.99 -12.76 -7.59
C LYS A 17 7.17 -13.02 -8.53
N SER A 18 7.72 -11.97 -9.16
CA SER A 18 8.89 -12.04 -10.03
C SER A 18 9.69 -10.73 -10.02
N ASN A 19 11.01 -10.84 -10.23
CA ASN A 19 11.93 -9.70 -10.38
C ASN A 19 11.77 -8.97 -11.74
N ARG A 20 10.86 -9.41 -12.61
CA ARG A 20 10.48 -8.69 -13.84
C ARG A 20 9.76 -7.36 -13.55
N SER A 21 9.02 -7.29 -12.44
CA SER A 21 8.26 -6.08 -12.03
C SER A 21 9.16 -4.94 -11.55
N THR A 22 8.68 -3.70 -11.63
CA THR A 22 9.52 -2.49 -11.54
C THR A 22 8.78 -1.39 -10.80
N CYS A 23 9.46 -0.73 -9.87
CA CYS A 23 8.93 0.34 -9.07
C CYS A 23 8.83 1.62 -9.90
N LYS A 24 7.61 2.14 -10.05
CA LYS A 24 7.36 3.47 -10.65
C LYS A 24 7.78 4.63 -9.74
N GLY A 25 8.03 4.37 -8.46
CA GLY A 25 8.44 5.39 -7.48
C GLY A 25 9.89 5.84 -7.59
N CYS A 26 10.78 4.96 -8.08
CA CYS A 26 12.20 5.26 -8.36
C CYS A 26 12.78 4.71 -9.68
N MET A 27 12.00 3.96 -10.46
CA MET A 27 12.39 3.34 -11.74
C MET A 27 13.55 2.34 -11.62
N GLU A 28 13.43 1.36 -10.72
CA GLU A 28 14.29 0.16 -10.72
C GLU A 28 13.50 -1.10 -10.31
N LYS A 29 14.04 -2.28 -10.62
CA LYS A 29 13.28 -3.53 -10.56
C LYS A 29 13.10 -4.04 -9.13
N ILE A 30 11.88 -4.42 -8.82
CA ILE A 30 11.46 -4.89 -7.49
C ILE A 30 12.02 -6.29 -7.21
N GLU A 31 12.52 -6.53 -5.99
CA GLU A 31 13.10 -7.81 -5.60
C GLU A 31 12.00 -8.87 -5.37
N LYS A 32 12.24 -10.09 -5.85
CA LYS A 32 11.32 -11.24 -5.72
C LYS A 32 11.28 -11.75 -4.27
N GLY A 33 10.09 -12.12 -3.78
CA GLY A 33 9.91 -12.72 -2.45
C GLY A 33 9.96 -11.75 -1.26
N GLN A 34 9.90 -10.45 -1.51
CA GLN A 34 9.73 -9.39 -0.50
C GLN A 34 8.54 -8.48 -0.86
N VAL A 35 8.11 -7.58 0.03
CA VAL A 35 6.87 -6.80 -0.14
C VAL A 35 6.94 -5.86 -1.35
N ARG A 36 5.84 -5.81 -2.12
CA ARG A 36 5.56 -4.77 -3.13
C ARG A 36 4.14 -4.23 -2.97
N LEU A 37 3.96 -2.95 -3.23
CA LEU A 37 2.69 -2.24 -3.16
C LEU A 37 2.30 -1.74 -4.55
N SER A 38 1.00 -1.52 -4.80
CA SER A 38 0.53 -0.89 -6.04
C SER A 38 -0.64 0.07 -5.83
N LYS A 39 -0.77 1.03 -6.75
CA LYS A 39 -1.95 1.89 -6.93
C LYS A 39 -2.73 1.42 -8.16
N LYS A 40 -4.03 1.19 -8.01
CA LYS A 40 -4.97 1.02 -9.12
C LYS A 40 -5.51 2.39 -9.53
N MET A 41 -5.20 2.82 -10.75
CA MET A 41 -5.67 4.10 -11.31
C MET A 41 -5.66 4.09 -12.84
N VAL A 42 -6.59 4.78 -13.51
CA VAL A 42 -6.46 5.08 -14.94
C VAL A 42 -5.29 6.03 -15.18
N ASP A 43 -4.40 5.69 -16.11
CA ASP A 43 -3.17 6.42 -16.39
C ASP A 43 -3.49 7.84 -16.93
N PRO A 44 -2.99 8.92 -16.29
CA PRO A 44 -3.33 10.30 -16.68
C PRO A 44 -2.74 10.74 -18.02
N GLU A 45 -1.76 10.01 -18.57
CA GLU A 45 -1.18 10.25 -19.90
C GLU A 45 -1.65 9.22 -20.95
N LYS A 46 -2.33 8.14 -20.51
CA LYS A 46 -2.84 7.04 -21.34
C LYS A 46 -4.22 6.53 -20.86
N PRO A 47 -5.26 7.38 -20.76
CA PRO A 47 -6.56 6.95 -20.25
C PRO A 47 -7.26 5.91 -21.13
N GLN A 48 -6.81 5.71 -22.38
CA GLN A 48 -7.24 4.63 -23.27
C GLN A 48 -7.01 3.22 -22.67
N LEU A 49 -6.02 3.06 -21.77
CA LEU A 49 -5.85 1.83 -20.97
C LEU A 49 -7.04 1.50 -20.07
N GLY A 50 -7.71 2.53 -19.54
CA GLY A 50 -8.40 2.42 -18.26
C GLY A 50 -7.41 2.21 -17.10
N MET A 51 -7.93 1.67 -16.01
CA MET A 51 -7.30 1.47 -14.71
C MET A 51 -6.18 0.42 -14.79
N ILE A 52 -4.98 0.78 -14.36
CA ILE A 52 -3.79 -0.09 -14.31
C ILE A 52 -3.19 -0.16 -12.90
N ASP A 53 -2.35 -1.16 -12.66
CA ASP A 53 -1.72 -1.45 -11.37
C ASP A 53 -0.25 -0.97 -11.38
N ARG A 54 -0.03 0.26 -10.91
CA ARG A 54 1.28 0.90 -10.80
C ARG A 54 2.02 0.37 -9.58
N TRP A 55 3.09 -0.42 -9.74
CA TRP A 55 3.86 -1.02 -8.64
C TRP A 55 4.95 -0.08 -8.07
N TYR A 56 5.30 -0.26 -6.79
CA TYR A 56 6.21 0.51 -5.96
C TYR A 56 6.93 -0.36 -4.90
N HIS A 57 8.10 0.08 -4.44
CA HIS A 57 8.80 -0.47 -3.24
C HIS A 57 8.10 -0.05 -1.93
N PRO A 58 8.35 -0.74 -0.79
CA PRO A 58 7.91 -0.35 0.56
C PRO A 58 8.39 1.02 1.05
N GLY A 59 9.56 1.48 0.59
CA GLY A 59 10.03 2.85 0.85
C GLY A 59 9.37 3.86 -0.09
N CYS A 60 9.32 3.53 -1.39
CA CYS A 60 8.92 4.46 -2.44
C CYS A 60 7.43 4.79 -2.45
N PHE A 61 6.56 3.82 -2.15
CA PHE A 61 5.12 4.10 -2.11
C PHE A 61 4.80 5.16 -1.03
N VAL A 62 5.52 5.14 0.10
CA VAL A 62 5.46 6.21 1.13
C VAL A 62 6.06 7.52 0.61
N LYS A 63 7.17 7.46 -0.13
CA LYS A 63 7.87 8.63 -0.72
C LYS A 63 7.01 9.40 -1.75
N ASN A 64 5.96 8.78 -2.30
CA ASN A 64 4.93 9.39 -3.14
C ASN A 64 3.51 9.25 -2.56
N ARG A 65 3.31 8.95 -1.27
CA ARG A 65 1.94 8.80 -0.70
C ARG A 65 1.04 10.02 -0.92
N GLU A 66 1.61 11.22 -0.92
CA GLU A 66 0.90 12.47 -1.24
C GLU A 66 0.47 12.56 -2.72
N GLU A 67 1.21 11.90 -3.62
CA GLU A 67 0.87 11.78 -5.05
C GLU A 67 -0.12 10.62 -5.29
N LEU A 68 0.03 9.53 -4.53
CA LEU A 68 -0.89 8.37 -4.52
C LEU A 68 -2.20 8.64 -3.75
N GLY A 69 -2.31 9.75 -3.01
CA GLY A 69 -3.57 10.24 -2.43
C GLY A 69 -3.90 9.70 -1.04
N PHE A 70 -2.90 9.22 -0.30
CA PHE A 70 -3.05 8.73 1.08
C PHE A 70 -3.45 9.84 2.07
N ARG A 71 -4.32 9.47 3.02
CA ARG A 71 -4.70 10.22 4.23
C ARG A 71 -4.64 9.28 5.45
N PRO A 72 -4.49 9.77 6.69
CA PRO A 72 -4.39 8.95 7.89
C PRO A 72 -5.60 8.03 8.14
N GLU A 73 -6.79 8.39 7.65
CA GLU A 73 -7.99 7.53 7.69
C GLU A 73 -7.90 6.27 6.80
N TYR A 74 -6.96 6.22 5.86
CA TYR A 74 -6.66 5.07 5.01
C TYR A 74 -5.18 4.95 4.62
N SER A 75 -4.31 4.81 5.63
CA SER A 75 -2.88 4.50 5.51
C SER A 75 -2.62 3.03 5.10
N ALA A 76 -1.41 2.50 5.35
CA ALA A 76 -0.99 1.16 4.93
C ALA A 76 -1.94 0.01 5.33
N SER A 77 -2.70 0.15 6.43
CA SER A 77 -3.66 -0.86 6.89
C SER A 77 -4.88 -1.00 5.97
N GLN A 78 -5.07 -0.06 5.02
CA GLN A 78 -6.13 0.00 4.04
C GLN A 78 -5.62 -0.29 2.62
N LEU A 79 -4.52 -1.04 2.48
CA LEU A 79 -4.08 -1.68 1.24
C LEU A 79 -4.69 -3.10 1.09
N LYS A 80 -5.18 -3.45 -0.10
CA LYS A 80 -5.72 -4.80 -0.39
C LYS A 80 -4.67 -5.87 -0.09
N GLY A 81 -5.06 -6.94 0.59
CA GLY A 81 -4.20 -8.06 0.94
C GLY A 81 -3.15 -7.78 2.04
N PHE A 82 -3.12 -6.58 2.64
CA PHE A 82 -2.18 -6.22 3.71
C PHE A 82 -2.25 -7.22 4.87
N SER A 83 -3.47 -7.62 5.24
CA SER A 83 -3.74 -8.54 6.35
C SER A 83 -3.17 -9.96 6.15
N LEU A 84 -2.89 -10.36 4.90
CA LEU A 84 -2.34 -11.67 4.53
C LEU A 84 -0.79 -11.71 4.51
N LEU A 85 -0.11 -10.56 4.65
CA LEU A 85 1.36 -10.53 4.86
C LEU A 85 1.72 -11.10 6.25
N ALA A 86 3.02 -11.33 6.48
CA ALA A 86 3.55 -11.65 7.81
C ALA A 86 3.42 -10.47 8.77
N THR A 87 3.24 -10.74 10.06
CA THR A 87 3.03 -9.72 11.12
C THR A 87 4.17 -8.69 11.16
N GLU A 88 5.42 -9.13 10.98
CA GLU A 88 6.58 -8.22 10.95
C GLU A 88 6.56 -7.26 9.75
N ASP A 89 6.00 -7.66 8.61
CA ASP A 89 5.83 -6.78 7.44
C ASP A 89 4.62 -5.84 7.60
N LYS A 90 3.52 -6.33 8.18
CA LYS A 90 2.33 -5.52 8.51
C LYS A 90 2.67 -4.39 9.48
N GLU A 91 3.44 -4.70 10.52
CA GLU A 91 3.95 -3.69 11.47
C GLU A 91 4.97 -2.76 10.81
N ALA A 92 5.86 -3.25 9.95
CA ALA A 92 6.83 -2.41 9.23
C ALA A 92 6.18 -1.41 8.26
N LEU A 93 5.14 -1.82 7.53
CA LEU A 93 4.37 -0.93 6.64
C LEU A 93 3.64 0.17 7.45
N LYS A 94 3.03 -0.19 8.58
CA LYS A 94 2.44 0.77 9.53
C LYS A 94 3.51 1.72 10.10
N LYS A 95 4.69 1.20 10.45
CA LYS A 95 5.79 2.01 11.01
C LYS A 95 6.34 3.06 10.04
N GLN A 96 6.17 2.88 8.73
CA GLN A 96 6.53 3.86 7.70
C GLN A 96 5.35 4.77 7.33
N LEU A 97 4.12 4.24 7.32
CA LEU A 97 2.89 4.99 7.04
C LEU A 97 1.71 4.47 7.89
N PRO A 98 1.53 4.98 9.13
CA PRO A 98 0.49 4.53 10.05
C PRO A 98 -0.80 5.36 9.91
N GLY A 99 -1.96 4.75 10.20
CA GLY A 99 -3.26 5.43 10.20
C GLY A 99 -3.75 5.84 11.59
N VAL A 100 -5.02 6.22 11.65
CA VAL A 100 -5.73 6.62 12.89
C VAL A 100 -5.92 5.40 13.81
N LYS A 101 -5.59 5.61 15.10
CA LYS A 101 -5.66 4.59 16.15
C LYS A 101 -6.36 5.03 17.45
N SER A 102 -7.06 6.17 17.43
CA SER A 102 -7.76 6.72 18.61
C SER A 102 -8.81 5.75 19.18
N GLU A 103 -9.48 4.98 18.33
CA GLU A 103 -10.38 3.89 18.75
C GLU A 103 -9.61 2.67 19.25
N GLY A 104 -8.54 2.27 18.57
CA GLY A 104 -7.73 1.10 18.96
C GLY A 104 -7.00 1.27 20.30
N LYS A 105 -6.75 2.52 20.72
CA LYS A 105 -6.26 2.89 22.06
C LYS A 105 -7.36 3.18 23.08
N ARG A 106 -8.63 3.27 22.64
CA ARG A 106 -9.78 3.79 23.42
C ARG A 106 -9.44 5.13 24.09
N LYS A 107 -9.02 6.12 23.28
CA LYS A 107 -8.25 7.32 23.68
C LYS A 107 -8.89 8.21 24.75
N GLY A 108 -10.19 8.09 25.03
CA GLY A 108 -10.82 8.68 26.22
C GLY A 108 -10.12 8.33 27.54
N ASP A 109 -9.52 7.13 27.61
CA ASP A 109 -8.73 6.64 28.74
C ASP A 109 -7.37 7.33 28.91
N GLU A 110 -6.89 8.05 27.89
CA GLU A 110 -5.71 8.92 28.01
C GLU A 110 -6.03 10.32 28.57
N VAL A 111 -7.32 10.62 28.79
CA VAL A 111 -7.85 11.92 29.26
C VAL A 111 -8.74 11.74 30.52
N ASP A 112 -8.52 10.64 31.26
CA ASP A 112 -9.24 10.28 32.50
C ASP A 112 -8.58 10.82 33.80
N GLY A 1 -16.12 -16.03 -3.38
CA GLY A 1 -15.58 -14.87 -4.12
C GLY A 1 -14.67 -14.00 -3.27
N SER A 2 -13.70 -13.34 -3.89
CA SER A 2 -12.72 -12.47 -3.21
C SER A 2 -13.34 -11.21 -2.59
N LYS A 3 -12.72 -10.69 -1.53
CA LYS A 3 -13.14 -9.49 -0.77
C LYS A 3 -12.00 -8.50 -0.53
N ALA A 4 -12.33 -7.21 -0.45
CA ALA A 4 -11.42 -6.12 -0.07
C ALA A 4 -12.15 -5.02 0.73
N GLU A 5 -13.01 -5.45 1.66
CA GLU A 5 -13.87 -4.58 2.48
C GLU A 5 -13.11 -3.70 3.48
N LYS A 6 -11.91 -4.10 3.89
CA LYS A 6 -11.01 -3.32 4.77
C LYS A 6 -10.26 -2.21 4.01
N THR A 7 -10.04 -2.39 2.72
CA THR A 7 -9.31 -1.47 1.83
C THR A 7 -10.13 -0.22 1.52
N LEU A 8 -9.45 0.92 1.25
CA LEU A 8 -10.13 2.11 0.67
C LEU A 8 -10.55 1.94 -0.81
N GLY A 9 -10.04 0.91 -1.51
CA GLY A 9 -10.33 0.60 -2.92
C GLY A 9 -9.39 1.24 -3.96
N ASP A 10 -8.15 1.63 -3.60
CA ASP A 10 -7.26 2.39 -4.48
C ASP A 10 -5.79 1.93 -4.53
N PHE A 11 -5.33 1.05 -3.62
CA PHE A 11 -3.94 0.57 -3.58
C PHE A 11 -3.80 -0.81 -2.92
N ALA A 12 -2.82 -1.63 -3.35
CA ALA A 12 -2.61 -3.04 -2.94
C ALA A 12 -1.27 -3.30 -2.23
N ALA A 13 -1.18 -4.41 -1.49
CA ALA A 13 0.06 -4.95 -0.90
C ALA A 13 0.13 -6.48 -1.03
N GLU A 14 1.28 -7.01 -1.45
CA GLU A 14 1.56 -8.43 -1.66
C GLU A 14 3.08 -8.66 -1.79
N TYR A 15 3.56 -9.89 -1.92
CA TYR A 15 4.97 -10.18 -2.20
C TYR A 15 5.20 -10.35 -3.71
N ALA A 16 6.36 -9.89 -4.20
CA ALA A 16 6.74 -9.99 -5.60
C ALA A 16 7.09 -11.43 -6.00
N LYS A 17 6.35 -12.00 -6.95
CA LYS A 17 6.47 -13.40 -7.39
C LYS A 17 7.52 -13.62 -8.49
N SER A 18 8.05 -12.55 -9.09
CA SER A 18 9.21 -12.53 -9.99
C SER A 18 9.89 -11.16 -9.98
N ASN A 19 11.17 -11.08 -10.36
CA ASN A 19 11.95 -9.82 -10.46
C ASN A 19 11.52 -8.90 -11.64
N ARG A 20 10.41 -9.20 -12.32
CA ARG A 20 9.93 -8.51 -13.53
C ARG A 20 9.07 -7.27 -13.24
N SER A 21 8.53 -7.14 -12.02
CA SER A 21 7.90 -5.90 -11.55
C SER A 21 8.92 -4.76 -11.47
N THR A 22 8.48 -3.51 -11.66
CA THR A 22 9.34 -2.31 -11.58
C THR A 22 8.62 -1.22 -10.82
N CYS A 23 9.34 -0.57 -9.92
CA CYS A 23 8.87 0.51 -9.09
C CYS A 23 8.76 1.80 -9.90
N LYS A 24 7.54 2.30 -10.05
CA LYS A 24 7.27 3.64 -10.60
C LYS A 24 7.64 4.77 -9.64
N GLY A 25 7.93 4.43 -8.38
CA GLY A 25 8.41 5.36 -7.36
C GLY A 25 9.88 5.79 -7.51
N CYS A 26 10.75 4.95 -8.07
CA CYS A 26 12.17 5.28 -8.33
C CYS A 26 12.77 4.78 -9.67
N MET A 27 11.98 4.08 -10.50
CA MET A 27 12.41 3.47 -11.77
C MET A 27 13.51 2.41 -11.60
N GLU A 28 13.32 1.49 -10.65
CA GLU A 28 14.17 0.30 -10.45
C GLU A 28 13.33 -0.95 -10.27
N LYS A 29 13.92 -2.11 -10.57
CA LYS A 29 13.20 -3.39 -10.55
C LYS A 29 12.85 -3.81 -9.12
N ILE A 30 11.62 -4.25 -8.94
CA ILE A 30 11.11 -4.81 -7.69
C ILE A 30 11.51 -6.29 -7.60
N GLU A 31 12.17 -6.65 -6.50
CA GLU A 31 12.83 -7.96 -6.36
C GLU A 31 11.91 -9.07 -5.83
N LYS A 32 12.16 -10.29 -6.28
CA LYS A 32 11.49 -11.52 -5.84
C LYS A 32 11.54 -11.71 -4.32
N GLY A 33 10.39 -12.01 -3.72
CA GLY A 33 10.26 -12.45 -2.32
C GLY A 33 10.19 -11.33 -1.28
N GLN A 34 10.37 -10.06 -1.68
CA GLN A 34 10.08 -8.89 -0.84
C GLN A 34 8.73 -8.25 -1.24
N VAL A 35 8.19 -7.36 -0.39
CA VAL A 35 6.86 -6.75 -0.58
C VAL A 35 6.85 -5.80 -1.79
N ARG A 36 5.74 -5.80 -2.54
CA ARG A 36 5.38 -4.81 -3.57
C ARG A 36 4.02 -4.20 -3.25
N LEU A 37 3.92 -2.87 -3.33
CA LEU A 37 2.68 -2.13 -3.15
C LEU A 37 2.23 -1.50 -4.47
N SER A 38 0.92 -1.32 -4.65
CA SER A 38 0.34 -0.71 -5.86
C SER A 38 -0.29 0.67 -5.64
N LYS A 39 -0.64 1.35 -6.72
CA LYS A 39 -1.86 2.16 -6.83
C LYS A 39 -2.69 1.73 -8.05
N LYS A 40 -4.02 1.70 -7.92
CA LYS A 40 -4.96 1.53 -9.03
C LYS A 40 -5.22 2.88 -9.70
N MET A 41 -4.97 2.97 -11.00
CA MET A 41 -5.29 4.14 -11.86
C MET A 41 -5.17 3.80 -13.35
N VAL A 42 -5.90 4.51 -14.22
CA VAL A 42 -5.67 4.50 -15.68
C VAL A 42 -4.19 4.80 -16.00
N ASP A 43 -3.56 3.96 -16.81
CA ASP A 43 -2.16 4.11 -17.21
C ASP A 43 -1.98 5.38 -18.09
N PRO A 44 -1.16 6.37 -17.69
CA PRO A 44 -0.96 7.58 -18.47
C PRO A 44 -0.20 7.37 -19.80
N GLU A 45 0.45 6.22 -19.98
CA GLU A 45 1.18 5.84 -21.20
C GLU A 45 0.36 4.88 -22.07
N LYS A 46 -0.69 4.26 -21.52
CA LYS A 46 -1.57 3.24 -22.14
C LYS A 46 -3.04 3.40 -21.69
N PRO A 47 -3.68 4.58 -21.91
CA PRO A 47 -5.03 4.85 -21.41
C PRO A 47 -6.11 3.91 -21.98
N GLN A 48 -5.85 3.27 -23.13
CA GLN A 48 -6.72 2.27 -23.76
C GLN A 48 -6.97 1.03 -22.86
N LEU A 49 -6.09 0.74 -21.90
CA LEU A 49 -6.29 -0.32 -20.90
C LEU A 49 -7.42 -0.02 -19.91
N GLY A 50 -7.71 1.26 -19.66
CA GLY A 50 -8.26 1.68 -18.39
C GLY A 50 -7.24 1.46 -17.24
N MET A 51 -7.76 1.12 -16.07
CA MET A 51 -7.10 1.11 -14.78
C MET A 51 -6.18 -0.10 -14.60
N ILE A 52 -4.97 0.15 -14.08
CA ILE A 52 -3.98 -0.86 -13.72
C ILE A 52 -3.48 -0.66 -12.29
N ASP A 53 -2.87 -1.71 -11.73
CA ASP A 53 -2.08 -1.65 -10.51
C ASP A 53 -0.62 -1.29 -10.86
N ARG A 54 -0.31 0.00 -10.79
CA ARG A 54 1.06 0.57 -10.90
C ARG A 54 1.87 0.14 -9.65
N TRP A 55 3.07 -0.43 -9.79
CA TRP A 55 3.84 -0.98 -8.66
C TRP A 55 4.94 -0.04 -8.12
N TYR A 56 5.25 -0.21 -6.83
CA TYR A 56 6.17 0.58 -5.99
C TYR A 56 6.85 -0.29 -4.91
N HIS A 57 8.05 0.12 -4.46
CA HIS A 57 8.75 -0.47 -3.29
C HIS A 57 8.10 -0.07 -1.94
N PRO A 58 8.37 -0.81 -0.84
CA PRO A 58 7.98 -0.44 0.53
C PRO A 58 8.50 0.91 1.05
N GLY A 59 9.66 1.37 0.59
CA GLY A 59 10.16 2.72 0.88
C GLY A 59 9.51 3.78 -0.01
N CYS A 60 9.43 3.51 -1.32
CA CYS A 60 9.03 4.49 -2.33
C CYS A 60 7.54 4.82 -2.30
N PHE A 61 6.66 3.84 -2.05
CA PHE A 61 5.23 4.12 -1.97
C PHE A 61 4.92 5.12 -0.84
N VAL A 62 5.66 5.06 0.28
CA VAL A 62 5.63 6.07 1.34
C VAL A 62 6.21 7.41 0.88
N LYS A 63 7.32 7.42 0.13
CA LYS A 63 7.93 8.65 -0.43
C LYS A 63 6.93 9.45 -1.29
N ASN A 64 6.10 8.76 -2.09
CA ASN A 64 5.06 9.36 -2.93
C ASN A 64 3.65 9.21 -2.35
N ARG A 65 3.44 8.91 -1.05
CA ARG A 65 2.09 8.74 -0.47
C ARG A 65 1.16 9.93 -0.73
N GLU A 66 1.68 11.16 -0.76
CA GLU A 66 0.89 12.35 -1.11
C GLU A 66 0.50 12.41 -2.60
N GLU A 67 1.30 11.80 -3.48
CA GLU A 67 0.99 11.61 -4.90
C GLU A 67 0.01 10.43 -5.11
N LEU A 68 0.18 9.34 -4.34
CA LEU A 68 -0.74 8.19 -4.32
C LEU A 68 -2.08 8.49 -3.61
N GLY A 69 -2.16 9.55 -2.81
CA GLY A 69 -3.41 10.09 -2.23
C GLY A 69 -3.72 9.64 -0.80
N PHE A 70 -2.73 9.16 -0.03
CA PHE A 70 -2.89 8.74 1.37
C PHE A 70 -3.25 9.90 2.31
N ARG A 71 -4.18 9.64 3.24
CA ARG A 71 -4.50 10.44 4.44
C ARG A 71 -4.61 9.52 5.68
N PRO A 72 -4.55 10.06 6.91
CA PRO A 72 -4.49 9.26 8.14
C PRO A 72 -5.67 8.30 8.36
N GLU A 73 -6.86 8.58 7.84
CA GLU A 73 -8.02 7.69 8.02
C GLU A 73 -8.00 6.45 7.10
N TYR A 74 -7.05 6.35 6.16
CA TYR A 74 -6.84 5.21 5.26
C TYR A 74 -5.35 4.98 4.90
N SER A 75 -4.54 4.75 5.93
CA SER A 75 -3.13 4.37 5.88
C SER A 75 -2.85 3.03 5.16
N ALA A 76 -1.58 2.59 5.19
CA ALA A 76 -1.13 1.28 4.72
C ALA A 76 -1.96 0.08 5.27
N SER A 77 -2.64 0.24 6.41
CA SER A 77 -3.55 -0.78 6.94
C SER A 77 -4.75 -1.09 6.04
N GLN A 78 -5.03 -0.22 5.06
CA GLN A 78 -6.12 -0.30 4.10
C GLN A 78 -5.63 -0.51 2.66
N LEU A 79 -4.46 -1.15 2.47
CA LEU A 79 -4.01 -1.72 1.20
C LEU A 79 -4.67 -3.08 0.94
N LYS A 80 -5.05 -3.38 -0.32
CA LYS A 80 -5.64 -4.67 -0.73
C LYS A 80 -4.72 -5.82 -0.31
N GLY A 81 -5.25 -6.76 0.47
CA GLY A 81 -4.49 -7.93 0.97
C GLY A 81 -3.49 -7.66 2.10
N PHE A 82 -3.46 -6.46 2.72
CA PHE A 82 -2.52 -6.10 3.78
C PHE A 82 -2.53 -7.12 4.93
N SER A 83 -3.71 -7.54 5.38
CA SER A 83 -3.89 -8.50 6.47
C SER A 83 -3.30 -9.89 6.18
N LEU A 84 -3.10 -10.24 4.90
CA LEU A 84 -2.55 -11.52 4.44
C LEU A 84 -1.01 -11.57 4.41
N LEU A 85 -0.32 -10.43 4.60
CA LEU A 85 1.14 -10.37 4.74
C LEU A 85 1.60 -11.02 6.06
N ALA A 86 2.91 -11.26 6.20
CA ALA A 86 3.53 -11.64 7.47
C ALA A 86 3.47 -10.48 8.48
N THR A 87 3.39 -10.80 9.78
CA THR A 87 3.22 -9.82 10.86
C THR A 87 4.31 -8.76 10.88
N GLU A 88 5.57 -9.14 10.63
CA GLU A 88 6.70 -8.19 10.59
C GLU A 88 6.57 -7.16 9.45
N ASP A 89 5.98 -7.53 8.31
CA ASP A 89 5.72 -6.60 7.21
C ASP A 89 4.47 -5.74 7.47
N LYS A 90 3.41 -6.31 8.06
CA LYS A 90 2.20 -5.60 8.48
C LYS A 90 2.53 -4.48 9.49
N GLU A 91 3.39 -4.77 10.46
CA GLU A 91 3.88 -3.76 11.41
C GLU A 91 4.79 -2.74 10.69
N ALA A 92 5.72 -3.16 9.85
CA ALA A 92 6.66 -2.25 9.17
C ALA A 92 6.00 -1.27 8.18
N LEU A 93 4.92 -1.68 7.49
CA LEU A 93 4.17 -0.80 6.59
C LEU A 93 3.44 0.30 7.37
N LYS A 94 2.80 -0.04 8.50
CA LYS A 94 2.21 0.94 9.41
C LYS A 94 3.28 1.82 10.07
N LYS A 95 4.42 1.26 10.48
CA LYS A 95 5.50 2.02 11.15
C LYS A 95 6.12 3.12 10.27
N GLN A 96 6.07 2.96 8.95
CA GLN A 96 6.53 3.94 7.96
C GLN A 96 5.38 4.86 7.49
N LEU A 97 4.15 4.33 7.40
CA LEU A 97 2.95 5.08 7.00
C LEU A 97 1.72 4.68 7.85
N PRO A 98 1.59 5.22 9.09
CA PRO A 98 0.53 4.87 10.03
C PRO A 98 -0.70 5.77 9.85
N GLY A 99 -1.88 5.31 10.30
CA GLY A 99 -3.11 6.10 10.31
C GLY A 99 -3.29 7.02 11.52
N VAL A 100 -4.54 7.32 11.84
CA VAL A 100 -4.93 8.15 13.01
C VAL A 100 -4.33 7.63 14.31
N LYS A 101 -3.83 8.58 15.13
CA LYS A 101 -2.99 8.33 16.31
C LYS A 101 -3.65 8.66 17.66
N SER A 102 -4.94 9.00 17.68
CA SER A 102 -5.70 9.40 18.88
C SER A 102 -5.84 8.31 19.96
N GLU A 103 -5.56 7.04 19.62
CA GLU A 103 -5.50 5.91 20.56
C GLU A 103 -4.37 6.06 21.61
N GLY A 104 -3.24 6.69 21.24
CA GLY A 104 -2.22 7.21 22.16
C GLY A 104 -1.42 6.21 23.01
N LYS A 105 -1.57 4.90 22.81
CA LYS A 105 -1.04 3.81 23.66
C LYS A 105 -0.20 2.75 22.91
N ARG A 106 -0.29 2.70 21.57
CA ARG A 106 0.31 1.67 20.69
C ARG A 106 1.83 1.50 20.82
N LYS A 107 2.55 2.47 21.39
CA LYS A 107 3.99 2.36 21.77
C LYS A 107 4.27 1.21 22.75
N GLY A 108 3.31 0.86 23.63
CA GLY A 108 3.43 -0.27 24.55
C GLY A 108 4.60 -0.19 25.53
N ASP A 109 4.98 1.01 25.96
CA ASP A 109 6.18 1.34 26.75
C ASP A 109 7.53 0.96 26.08
N GLU A 110 7.53 0.87 24.74
CA GLU A 110 8.72 0.69 23.90
C GLU A 110 8.83 1.79 22.82
N VAL A 111 9.95 1.82 22.08
CA VAL A 111 10.24 2.82 21.02
C VAL A 111 10.12 4.26 21.55
N ASP A 112 10.84 4.55 22.63
CA ASP A 112 10.81 5.81 23.40
C ASP A 112 12.21 6.32 23.77
N GLY A 1 -23.80 -7.87 6.59
CA GLY A 1 -22.41 -8.14 6.16
C GLY A 1 -21.39 -7.69 7.20
N SER A 2 -20.14 -7.48 6.77
CA SER A 2 -19.02 -7.06 7.66
C SER A 2 -19.21 -5.65 8.23
N LYS A 3 -18.67 -5.41 9.43
CA LYS A 3 -18.76 -4.11 10.14
C LYS A 3 -17.88 -3.01 9.53
N ALA A 4 -16.84 -3.39 8.78
CA ALA A 4 -15.95 -2.51 8.02
C ALA A 4 -15.49 -3.17 6.71
N GLU A 5 -15.09 -2.37 5.72
CA GLU A 5 -14.64 -2.80 4.39
C GLU A 5 -13.12 -2.72 4.17
N LYS A 6 -12.37 -2.30 5.21
CA LYS A 6 -10.91 -2.05 5.20
C LYS A 6 -10.48 -1.10 4.07
N THR A 7 -9.85 -1.61 3.01
CA THR A 7 -9.18 -0.89 1.91
C THR A 7 -9.97 0.31 1.37
N LEU A 8 -9.25 1.39 1.03
CA LEU A 8 -9.85 2.56 0.35
C LEU A 8 -10.24 2.36 -1.13
N GLY A 9 -9.93 1.21 -1.73
CA GLY A 9 -10.38 0.80 -3.07
C GLY A 9 -9.53 1.30 -4.25
N ASP A 10 -8.27 1.70 -4.01
CA ASP A 10 -7.38 2.25 -5.04
C ASP A 10 -5.91 1.77 -4.97
N PHE A 11 -5.50 1.03 -3.93
CA PHE A 11 -4.14 0.47 -3.82
C PHE A 11 -4.08 -0.87 -3.05
N ALA A 12 -3.02 -1.64 -3.33
CA ALA A 12 -2.84 -3.04 -2.94
C ALA A 12 -1.40 -3.34 -2.46
N ALA A 13 -1.24 -4.43 -1.71
CA ALA A 13 0.02 -4.93 -1.15
C ALA A 13 0.15 -6.46 -1.28
N GLU A 14 1.34 -6.98 -1.58
CA GLU A 14 1.63 -8.42 -1.71
C GLU A 14 3.13 -8.68 -1.52
N TYR A 15 3.53 -9.95 -1.47
CA TYR A 15 4.92 -10.32 -1.71
C TYR A 15 5.22 -10.45 -3.21
N ALA A 16 6.36 -9.90 -3.62
CA ALA A 16 6.79 -9.80 -5.01
C ALA A 16 6.97 -11.17 -5.68
N LYS A 17 6.21 -11.41 -6.75
CA LYS A 17 6.16 -12.72 -7.43
C LYS A 17 7.34 -12.96 -8.38
N SER A 18 7.79 -11.93 -9.10
CA SER A 18 8.87 -11.99 -10.11
C SER A 18 9.68 -10.69 -10.16
N ASN A 19 10.98 -10.78 -10.38
CA ASN A 19 11.90 -9.63 -10.47
C ASN A 19 11.81 -8.85 -11.82
N ARG A 20 10.84 -9.21 -12.67
CA ARG A 20 10.50 -8.53 -13.94
C ARG A 20 9.81 -7.18 -13.73
N SER A 21 9.14 -6.99 -12.60
CA SER A 21 8.39 -5.77 -12.26
C SER A 21 9.29 -4.65 -11.73
N THR A 22 8.82 -3.40 -11.78
CA THR A 22 9.62 -2.20 -11.57
C THR A 22 8.81 -1.16 -10.81
N CYS A 23 9.47 -0.47 -9.89
CA CYS A 23 8.89 0.58 -9.07
C CYS A 23 8.77 1.86 -9.90
N LYS A 24 7.53 2.32 -10.09
CA LYS A 24 7.21 3.62 -10.69
C LYS A 24 7.52 4.81 -9.76
N GLY A 25 7.81 4.53 -8.49
CA GLY A 25 8.23 5.52 -7.49
C GLY A 25 9.66 6.05 -7.66
N CYS A 26 10.56 5.22 -8.22
CA CYS A 26 11.96 5.60 -8.51
C CYS A 26 12.57 5.10 -9.84
N MET A 27 11.82 4.29 -10.60
CA MET A 27 12.26 3.62 -11.85
C MET A 27 13.44 2.64 -11.63
N GLU A 28 13.31 1.73 -10.67
CA GLU A 28 14.24 0.60 -10.45
C GLU A 28 13.47 -0.70 -10.20
N LYS A 29 14.06 -1.85 -10.53
CA LYS A 29 13.41 -3.16 -10.45
C LYS A 29 13.03 -3.52 -9.01
N ILE A 30 11.84 -4.10 -8.84
CA ILE A 30 11.39 -4.60 -7.55
C ILE A 30 11.88 -6.03 -7.31
N GLU A 31 12.54 -6.25 -6.17
CA GLU A 31 13.12 -7.55 -5.77
C GLU A 31 12.04 -8.58 -5.45
N LYS A 32 12.28 -9.82 -5.84
CA LYS A 32 11.39 -10.98 -5.60
C LYS A 32 11.36 -11.37 -4.11
N GLY A 33 10.21 -11.84 -3.64
CA GLY A 33 10.00 -12.40 -2.30
C GLY A 33 9.85 -11.37 -1.15
N GLN A 34 10.22 -10.11 -1.37
CA GLN A 34 9.98 -9.01 -0.42
C GLN A 34 8.66 -8.28 -0.73
N VAL A 35 8.16 -7.44 0.17
CA VAL A 35 6.87 -6.76 0.02
C VAL A 35 6.90 -5.75 -1.15
N ARG A 36 5.84 -5.72 -1.95
CA ARG A 36 5.58 -4.69 -2.97
C ARG A 36 4.16 -4.13 -2.87
N LEU A 37 3.99 -2.85 -3.19
CA LEU A 37 2.70 -2.14 -3.18
C LEU A 37 2.33 -1.69 -4.60
N SER A 38 1.04 -1.52 -4.89
CA SER A 38 0.57 -0.94 -6.16
C SER A 38 -0.60 0.00 -6.02
N LYS A 39 -0.75 0.93 -6.98
CA LYS A 39 -1.94 1.78 -7.18
C LYS A 39 -2.70 1.31 -8.42
N LYS A 40 -4.01 1.11 -8.28
CA LYS A 40 -4.94 0.72 -9.35
C LYS A 40 -5.59 1.97 -9.92
N MET A 41 -5.32 2.30 -11.20
CA MET A 41 -5.84 3.51 -11.84
C MET A 41 -5.83 3.44 -13.38
N VAL A 42 -6.78 4.08 -14.06
CA VAL A 42 -6.71 4.31 -15.52
C VAL A 42 -5.44 5.11 -15.86
N ASP A 43 -4.65 4.61 -16.83
CA ASP A 43 -3.46 5.31 -17.33
C ASP A 43 -3.85 6.50 -18.23
N PRO A 44 -3.30 7.71 -18.02
CA PRO A 44 -3.70 8.92 -18.75
C PRO A 44 -3.22 9.01 -20.20
N GLU A 45 -2.24 8.18 -20.61
CA GLU A 45 -1.74 8.07 -21.98
C GLU A 45 -2.24 6.80 -22.69
N LYS A 46 -2.84 5.86 -21.93
CA LYS A 46 -3.44 4.60 -22.41
C LYS A 46 -4.84 4.36 -21.79
N PRO A 47 -5.78 5.33 -21.86
CA PRO A 47 -7.10 5.21 -21.24
C PRO A 47 -7.96 4.08 -21.83
N GLN A 48 -7.67 3.62 -23.05
CA GLN A 48 -8.31 2.49 -23.72
C GLN A 48 -8.17 1.17 -22.94
N LEU A 49 -7.13 1.02 -22.10
CA LEU A 49 -6.97 -0.12 -21.20
C LEU A 49 -8.00 -0.15 -20.05
N GLY A 50 -8.50 1.02 -19.65
CA GLY A 50 -8.96 1.21 -18.28
C GLY A 50 -7.78 1.12 -17.30
N MET A 51 -8.06 0.55 -16.13
CA MET A 51 -7.24 0.57 -14.93
C MET A 51 -6.06 -0.41 -15.02
N ILE A 52 -4.87 0.07 -14.65
CA ILE A 52 -3.63 -0.71 -14.51
C ILE A 52 -3.11 -0.72 -13.08
N ASP A 53 -2.17 -1.61 -12.79
CA ASP A 53 -1.54 -1.81 -11.48
C ASP A 53 -0.12 -1.23 -11.50
N ARG A 54 0.02 0.02 -11.05
CA ARG A 54 1.30 0.76 -10.94
C ARG A 54 2.06 0.26 -9.70
N TRP A 55 3.20 -0.41 -9.84
CA TRP A 55 3.96 -0.97 -8.70
C TRP A 55 5.00 0.01 -8.11
N TYR A 56 5.32 -0.17 -6.83
CA TYR A 56 6.21 0.64 -6.00
C TYR A 56 6.96 -0.21 -4.95
N HIS A 57 8.13 0.26 -4.51
CA HIS A 57 8.89 -0.29 -3.36
C HIS A 57 8.22 0.08 -2.02
N PRO A 58 8.49 -0.66 -0.92
CA PRO A 58 8.04 -0.32 0.43
C PRO A 58 8.65 0.98 1.00
N GLY A 59 9.79 1.43 0.49
CA GLY A 59 10.32 2.77 0.78
C GLY A 59 9.66 3.88 -0.05
N CYS A 60 9.52 3.66 -1.36
CA CYS A 60 9.10 4.68 -2.32
C CYS A 60 7.61 5.01 -2.25
N PHE A 61 6.74 4.04 -1.95
CA PHE A 61 5.30 4.33 -1.83
C PHE A 61 5.02 5.34 -0.71
N VAL A 62 5.82 5.31 0.37
CA VAL A 62 5.84 6.37 1.41
C VAL A 62 6.27 7.74 0.85
N LYS A 63 7.30 7.78 -0.01
CA LYS A 63 7.81 9.03 -0.62
C LYS A 63 6.75 9.76 -1.46
N ASN A 64 5.83 9.01 -2.10
CA ASN A 64 4.70 9.52 -2.89
C ASN A 64 3.34 9.30 -2.18
N ARG A 65 3.30 8.99 -0.88
CA ARG A 65 2.09 8.71 -0.08
C ARG A 65 0.90 9.59 -0.48
N GLU A 66 1.11 10.91 -0.43
CA GLU A 66 0.07 11.89 -0.70
C GLU A 66 -0.33 11.97 -2.19
N GLU A 67 0.61 11.66 -3.09
CA GLU A 67 0.39 11.55 -4.54
C GLU A 67 -0.37 10.27 -4.93
N LEU A 68 -0.11 9.15 -4.23
CA LEU A 68 -0.88 7.90 -4.34
C LEU A 68 -2.31 8.02 -3.79
N GLY A 69 -2.56 9.01 -2.92
CA GLY A 69 -3.89 9.31 -2.36
C GLY A 69 -4.09 8.91 -0.89
N PHE A 70 -3.03 8.47 -0.21
CA PHE A 70 -3.04 8.30 1.25
C PHE A 70 -3.18 9.66 1.96
N ARG A 71 -3.83 9.62 3.13
CA ARG A 71 -4.12 10.76 4.03
C ARG A 71 -3.87 10.30 5.49
N PRO A 72 -3.98 11.15 6.52
CA PRO A 72 -3.59 10.80 7.89
C PRO A 72 -4.41 9.67 8.54
N GLU A 73 -5.67 9.48 8.12
CA GLU A 73 -6.54 8.39 8.59
C GLU A 73 -6.37 7.10 7.77
N TYR A 74 -5.64 7.18 6.64
CA TYR A 74 -5.24 6.03 5.84
C TYR A 74 -3.83 5.58 6.26
N SER A 75 -3.78 4.75 7.29
CA SER A 75 -2.64 3.86 7.54
C SER A 75 -2.54 2.77 6.47
N ALA A 76 -1.47 1.98 6.49
CA ALA A 76 -1.20 0.87 5.56
C ALA A 76 -2.31 -0.20 5.51
N SER A 77 -3.16 -0.28 6.54
CA SER A 77 -4.34 -1.15 6.59
C SER A 77 -5.37 -0.87 5.48
N GLN A 78 -5.25 0.26 4.78
CA GLN A 78 -6.10 0.65 3.65
C GLN A 78 -5.65 0.06 2.30
N LEU A 79 -4.63 -0.82 2.27
CA LEU A 79 -4.16 -1.58 1.10
C LEU A 79 -4.81 -2.96 0.99
N LYS A 80 -5.24 -3.37 -0.22
CA LYS A 80 -5.77 -4.71 -0.49
C LYS A 80 -4.70 -5.77 -0.19
N GLY A 81 -5.09 -6.88 0.42
CA GLY A 81 -4.19 -8.01 0.71
C GLY A 81 -3.15 -7.75 1.81
N PHE A 82 -3.15 -6.58 2.47
CA PHE A 82 -2.28 -6.26 3.60
C PHE A 82 -2.43 -7.31 4.72
N SER A 83 -3.66 -7.69 5.03
CA SER A 83 -4.01 -8.68 6.07
C SER A 83 -3.43 -10.08 5.84
N LEU A 84 -3.11 -10.42 4.59
CA LEU A 84 -2.60 -11.74 4.17
C LEU A 84 -1.06 -11.83 4.21
N LEU A 85 -0.35 -10.72 4.47
CA LEU A 85 1.09 -10.70 4.72
C LEU A 85 1.42 -11.27 6.12
N ALA A 86 2.71 -11.48 6.41
CA ALA A 86 3.19 -11.84 7.74
C ALA A 86 2.96 -10.70 8.75
N THR A 87 2.74 -11.02 10.03
CA THR A 87 2.50 -10.04 11.10
C THR A 87 3.63 -9.00 11.21
N GLU A 88 4.89 -9.43 11.05
CA GLU A 88 6.04 -8.52 11.07
C GLU A 88 6.03 -7.50 9.91
N ASP A 89 5.48 -7.86 8.74
CA ASP A 89 5.31 -6.94 7.61
C ASP A 89 4.06 -6.07 7.76
N LYS A 90 2.98 -6.58 8.37
CA LYS A 90 1.79 -5.81 8.74
C LYS A 90 2.10 -4.74 9.79
N GLU A 91 3.03 -4.99 10.70
CA GLU A 91 3.60 -3.97 11.59
C GLU A 91 4.54 -3.02 10.82
N ALA A 92 5.51 -3.55 10.05
CA ALA A 92 6.50 -2.72 9.36
C ALA A 92 5.90 -1.78 8.29
N LEU A 93 4.80 -2.17 7.64
CA LEU A 93 4.09 -1.31 6.68
C LEU A 93 3.41 -0.13 7.37
N LYS A 94 2.80 -0.31 8.55
CA LYS A 94 2.30 0.80 9.37
C LYS A 94 3.45 1.64 9.91
N LYS A 95 4.57 1.05 10.33
CA LYS A 95 5.77 1.80 10.80
C LYS A 95 6.36 2.74 9.73
N GLN A 96 6.16 2.41 8.46
CA GLN A 96 6.61 3.18 7.28
C GLN A 96 5.51 4.11 6.74
N LEU A 97 4.25 3.67 6.75
CA LEU A 97 3.05 4.39 6.31
C LEU A 97 1.97 4.41 7.45
N PRO A 98 2.20 5.15 8.55
CA PRO A 98 1.31 5.11 9.73
C PRO A 98 0.15 6.10 9.61
N GLY A 99 -0.93 5.87 10.37
CA GLY A 99 -2.04 6.80 10.51
C GLY A 99 -1.90 7.84 11.64
N VAL A 100 -3.04 8.37 12.08
CA VAL A 100 -3.22 9.48 13.03
C VAL A 100 -2.44 9.34 14.33
N LYS A 101 -1.86 10.47 14.76
CA LYS A 101 -1.10 10.66 16.01
C LYS A 101 -1.59 11.86 16.85
N SER A 102 -2.85 12.26 16.68
CA SER A 102 -3.50 13.35 17.44
C SER A 102 -3.81 12.98 18.90
N GLU A 103 -3.92 11.68 19.20
CA GLU A 103 -4.07 11.15 20.56
C GLU A 103 -2.70 10.99 21.25
N GLY A 104 -2.58 11.42 22.51
CA GLY A 104 -1.33 11.42 23.28
C GLY A 104 -0.88 10.05 23.82
N LYS A 105 -1.29 8.95 23.19
CA LYS A 105 -0.93 7.56 23.57
C LYS A 105 0.50 7.19 23.17
N ARG A 106 1.07 7.94 22.22
CA ARG A 106 2.47 7.82 21.78
C ARG A 106 3.20 9.17 21.62
N LYS A 107 2.90 10.12 22.51
CA LYS A 107 3.57 11.44 22.63
C LYS A 107 3.98 11.72 24.07
N GLY A 108 5.02 12.54 24.26
CA GLY A 108 5.66 12.82 25.56
C GLY A 108 6.53 11.67 26.06
N ASP A 109 5.97 10.46 26.12
CA ASP A 109 6.65 9.21 26.50
C ASP A 109 7.81 8.82 25.57
N GLU A 110 7.87 9.39 24.36
CA GLU A 110 8.99 9.19 23.44
C GLU A 110 10.20 10.13 23.68
N VAL A 111 10.04 11.17 24.51
CA VAL A 111 11.04 12.22 24.78
C VAL A 111 11.33 12.48 26.26
N ASP A 112 10.66 11.76 27.17
CA ASP A 112 10.83 11.83 28.64
C ASP A 112 12.18 11.28 29.14
N GLY A 1 -11.01 3.82 10.89
CA GLY A 1 -10.52 4.01 9.52
C GLY A 1 -11.48 3.42 8.50
N SER A 2 -11.41 3.94 7.27
CA SER A 2 -12.42 3.74 6.21
C SER A 2 -12.68 2.28 5.84
N LYS A 3 -13.89 1.99 5.34
CA LYS A 3 -14.38 0.67 4.93
C LYS A 3 -14.22 -0.41 6.02
N ALA A 4 -14.46 -0.04 7.29
CA ALA A 4 -14.32 -0.90 8.47
C ALA A 4 -12.97 -1.64 8.55
N GLU A 5 -11.88 -0.91 8.26
CA GLU A 5 -10.49 -1.40 8.20
C GLU A 5 -10.20 -2.46 7.11
N LYS A 6 -11.11 -2.67 6.16
CA LYS A 6 -10.87 -3.35 4.87
C LYS A 6 -10.37 -2.33 3.83
N THR A 7 -9.88 -2.78 2.68
CA THR A 7 -9.32 -1.94 1.59
C THR A 7 -10.25 -0.79 1.18
N LEU A 8 -9.69 0.39 0.89
CA LEU A 8 -10.44 1.53 0.33
C LEU A 8 -10.83 1.38 -1.17
N GLY A 9 -10.21 0.42 -1.88
CA GLY A 9 -10.45 0.12 -3.30
C GLY A 9 -9.53 0.82 -4.31
N ASP A 10 -8.39 1.40 -3.90
CA ASP A 10 -7.50 2.20 -4.76
C ASP A 10 -6.01 1.83 -4.69
N PHE A 11 -5.59 1.00 -3.73
CA PHE A 11 -4.22 0.47 -3.65
C PHE A 11 -4.16 -0.93 -3.03
N ALA A 12 -3.12 -1.69 -3.37
CA ALA A 12 -2.94 -3.13 -3.07
C ALA A 12 -1.52 -3.46 -2.60
N ALA A 13 -1.36 -4.58 -1.88
CA ALA A 13 -0.09 -5.07 -1.35
C ALA A 13 0.06 -6.61 -1.46
N GLU A 14 1.26 -7.10 -1.75
CA GLU A 14 1.63 -8.52 -1.76
C GLU A 14 3.14 -8.72 -1.55
N TYR A 15 3.59 -9.95 -1.32
CA TYR A 15 4.97 -10.31 -1.71
C TYR A 15 5.09 -10.38 -3.23
N ALA A 16 6.18 -9.84 -3.76
CA ALA A 16 6.52 -9.89 -5.19
C ALA A 16 6.71 -11.34 -5.66
N LYS A 17 5.80 -11.85 -6.50
CA LYS A 17 5.79 -13.26 -6.95
C LYS A 17 6.77 -13.59 -8.09
N SER A 18 7.31 -12.58 -8.79
CA SER A 18 8.36 -12.74 -9.81
C SER A 18 9.33 -11.55 -9.83
N ASN A 19 10.57 -11.78 -10.25
CA ASN A 19 11.64 -10.77 -10.32
C ASN A 19 11.58 -9.94 -11.64
N ARG A 20 10.35 -9.64 -12.09
CA ARG A 20 10.02 -9.08 -13.41
C ARG A 20 9.23 -7.76 -13.37
N SER A 21 8.71 -7.38 -12.20
CA SER A 21 8.06 -6.09 -11.97
C SER A 21 9.08 -4.96 -11.79
N THR A 22 8.66 -3.70 -11.93
CA THR A 22 9.52 -2.51 -11.80
C THR A 22 8.77 -1.43 -11.05
N CYS A 23 9.45 -0.83 -10.08
CA CYS A 23 8.92 0.22 -9.23
C CYS A 23 8.86 1.54 -9.99
N LYS A 24 7.65 2.08 -10.12
CA LYS A 24 7.40 3.42 -10.69
C LYS A 24 7.86 4.55 -9.75
N GLY A 25 8.12 4.25 -8.48
CA GLY A 25 8.60 5.21 -7.47
C GLY A 25 10.07 5.62 -7.61
N CYS A 26 10.91 4.76 -8.20
CA CYS A 26 12.31 5.08 -8.52
C CYS A 26 12.83 4.59 -9.91
N MET A 27 11.99 3.89 -10.69
CA MET A 27 12.34 3.24 -11.96
C MET A 27 13.47 2.20 -11.83
N GLU A 28 13.34 1.28 -10.87
CA GLU A 28 14.24 0.13 -10.67
C GLU A 28 13.43 -1.16 -10.47
N LYS A 29 14.01 -2.30 -10.83
CA LYS A 29 13.33 -3.59 -10.80
C LYS A 29 12.97 -4.01 -9.38
N ILE A 30 11.75 -4.51 -9.20
CA ILE A 30 11.27 -5.08 -7.94
C ILE A 30 11.75 -6.53 -7.80
N GLU A 31 12.41 -6.85 -6.69
CA GLU A 31 12.94 -8.17 -6.40
C GLU A 31 11.84 -9.15 -5.93
N LYS A 32 11.97 -10.42 -6.32
CA LYS A 32 11.10 -11.51 -5.86
C LYS A 32 11.24 -11.76 -4.36
N GLY A 33 10.14 -12.14 -3.70
CA GLY A 33 10.14 -12.59 -2.30
C GLY A 33 10.26 -11.48 -1.25
N GLN A 34 10.16 -10.20 -1.63
CA GLN A 34 10.00 -9.06 -0.72
C GLN A 34 8.69 -8.32 -1.07
N VAL A 35 8.20 -7.42 -0.21
CA VAL A 35 6.90 -6.74 -0.40
C VAL A 35 6.89 -5.92 -1.69
N ARG A 36 5.74 -5.81 -2.36
CA ARG A 36 5.45 -4.76 -3.36
C ARG A 36 4.02 -4.24 -3.22
N LEU A 37 3.84 -2.95 -3.47
CA LEU A 37 2.55 -2.25 -3.41
C LEU A 37 2.14 -1.77 -4.80
N SER A 38 0.83 -1.68 -5.07
CA SER A 38 0.27 -1.11 -6.30
C SER A 38 -0.69 0.04 -5.98
N LYS A 39 -0.72 1.07 -6.82
CA LYS A 39 -1.79 2.06 -6.93
C LYS A 39 -2.64 1.74 -8.16
N LYS A 40 -3.97 1.70 -8.02
CA LYS A 40 -4.91 1.56 -9.13
C LYS A 40 -5.43 2.94 -9.55
N MET A 41 -5.14 3.37 -10.78
CA MET A 41 -5.56 4.66 -11.33
C MET A 41 -5.51 4.68 -12.86
N VAL A 42 -6.40 5.42 -13.52
CA VAL A 42 -6.28 5.74 -14.94
C VAL A 42 -5.03 6.59 -15.19
N ASP A 43 -4.22 6.23 -16.17
CA ASP A 43 -2.99 6.95 -16.53
C ASP A 43 -3.31 8.32 -17.16
N PRO A 44 -2.71 9.43 -16.70
CA PRO A 44 -3.06 10.78 -17.14
C PRO A 44 -2.59 11.15 -18.56
N GLU A 45 -1.67 10.39 -19.15
CA GLU A 45 -1.22 10.55 -20.54
C GLU A 45 -1.79 9.47 -21.48
N LYS A 46 -2.38 8.41 -20.90
CA LYS A 46 -2.95 7.23 -21.59
C LYS A 46 -4.31 6.81 -21.02
N PRO A 47 -5.31 7.71 -20.89
CA PRO A 47 -6.60 7.34 -20.29
C PRO A 47 -7.37 6.29 -21.10
N GLN A 48 -7.07 6.13 -22.39
CA GLN A 48 -7.66 5.11 -23.27
C GLN A 48 -7.43 3.66 -22.79
N LEU A 49 -6.32 3.35 -22.10
CA LEU A 49 -6.07 2.02 -21.51
C LEU A 49 -6.65 1.82 -20.10
N GLY A 50 -7.28 2.85 -19.51
CA GLY A 50 -8.04 2.75 -18.26
C GLY A 50 -7.16 2.63 -17.02
N MET A 51 -7.79 2.23 -15.91
CA MET A 51 -7.17 2.07 -14.61
C MET A 51 -6.12 0.95 -14.63
N ILE A 52 -4.88 1.31 -14.31
CA ILE A 52 -3.71 0.43 -14.33
C ILE A 52 -3.10 0.24 -12.95
N ASP A 53 -2.27 -0.79 -12.78
CA ASP A 53 -1.57 -1.15 -11.55
C ASP A 53 -0.14 -0.60 -11.58
N ARG A 54 0.05 0.54 -10.90
CA ARG A 54 1.34 1.22 -10.72
C ARG A 54 2.10 0.58 -9.56
N TRP A 55 3.07 -0.28 -9.82
CA TRP A 55 3.85 -0.99 -8.79
C TRP A 55 4.99 -0.15 -8.19
N TYR A 56 5.31 -0.41 -6.91
CA TYR A 56 6.29 0.27 -6.07
C TYR A 56 6.99 -0.69 -5.09
N HIS A 57 8.20 -0.32 -4.66
CA HIS A 57 8.94 -0.90 -3.51
C HIS A 57 8.26 -0.49 -2.17
N PRO A 58 8.49 -1.21 -1.06
CA PRO A 58 8.00 -0.85 0.28
C PRO A 58 8.64 0.41 0.86
N GLY A 59 9.81 0.84 0.35
CA GLY A 59 10.40 2.15 0.67
C GLY A 59 9.81 3.28 -0.19
N CYS A 60 9.67 3.06 -1.50
CA CYS A 60 9.32 4.10 -2.46
C CYS A 60 7.84 4.52 -2.40
N PHE A 61 6.91 3.60 -2.13
CA PHE A 61 5.50 3.96 -2.02
C PHE A 61 5.27 4.98 -0.88
N VAL A 62 6.03 4.86 0.22
CA VAL A 62 6.06 5.86 1.32
C VAL A 62 6.53 7.22 0.83
N LYS A 63 7.60 7.25 0.02
CA LYS A 63 8.18 8.48 -0.57
C LYS A 63 7.24 9.23 -1.51
N ASN A 64 6.18 8.58 -2.03
CA ASN A 64 5.09 9.19 -2.80
C ASN A 64 3.72 9.08 -2.12
N ARG A 65 3.58 8.70 -0.83
CA ARG A 65 2.27 8.33 -0.27
C ARG A 65 1.21 9.43 -0.37
N GLU A 66 1.62 10.70 -0.26
CA GLU A 66 0.75 11.86 -0.46
C GLU A 66 0.34 12.07 -1.93
N GLU A 67 1.18 11.63 -2.88
CA GLU A 67 0.86 11.56 -4.32
C GLU A 67 -0.02 10.35 -4.66
N LEU A 68 0.18 9.22 -3.98
CA LEU A 68 -0.69 8.03 -4.05
C LEU A 68 -2.05 8.24 -3.33
N GLY A 69 -2.14 9.24 -2.45
CA GLY A 69 -3.39 9.72 -1.84
C GLY A 69 -3.65 9.23 -0.41
N PHE A 70 -2.64 8.68 0.28
CA PHE A 70 -2.74 8.24 1.68
C PHE A 70 -2.97 9.43 2.64
N ARG A 71 -3.94 9.28 3.54
CA ARG A 71 -4.25 10.15 4.69
C ARG A 71 -4.59 9.27 5.93
N PRO A 72 -4.55 9.79 7.17
CA PRO A 72 -4.62 8.97 8.38
C PRO A 72 -5.86 8.07 8.53
N GLU A 73 -7.00 8.44 7.96
CA GLU A 73 -8.22 7.61 7.98
C GLU A 73 -8.13 6.34 7.11
N TYR A 74 -7.14 6.27 6.18
CA TYR A 74 -6.90 5.12 5.30
C TYR A 74 -5.40 4.86 5.05
N SER A 75 -4.69 4.58 6.15
CA SER A 75 -3.31 4.05 6.21
C SER A 75 -3.14 2.67 5.53
N ALA A 76 -1.97 2.04 5.67
CA ALA A 76 -1.61 0.76 5.08
C ALA A 76 -2.61 -0.40 5.30
N SER A 77 -3.43 -0.36 6.35
CA SER A 77 -4.50 -1.34 6.59
C SER A 77 -5.56 -1.33 5.48
N GLN A 78 -5.67 -0.24 4.72
CA GLN A 78 -6.57 -0.07 3.59
C GLN A 78 -5.95 -0.52 2.25
N LEU A 79 -4.81 -1.23 2.24
CA LEU A 79 -4.26 -1.97 1.09
C LEU A 79 -4.87 -3.39 0.99
N LYS A 80 -5.18 -3.84 -0.24
CA LYS A 80 -5.57 -5.24 -0.50
C LYS A 80 -4.46 -6.19 -0.05
N GLY A 81 -4.79 -7.33 0.54
CA GLY A 81 -3.83 -8.39 0.85
C GLY A 81 -2.72 -8.05 1.86
N PHE A 82 -2.75 -6.86 2.46
CA PHE A 82 -1.78 -6.41 3.48
C PHE A 82 -1.79 -7.37 4.69
N SER A 83 -2.97 -7.86 5.06
CA SER A 83 -3.20 -8.82 6.14
C SER A 83 -2.48 -10.17 5.95
N LEU A 84 -2.20 -10.55 4.69
CA LEU A 84 -1.55 -11.79 4.30
C LEU A 84 0.00 -11.74 4.39
N LEU A 85 0.58 -10.55 4.57
CA LEU A 85 2.03 -10.36 4.78
C LEU A 85 2.45 -10.82 6.19
N ALA A 86 3.75 -10.90 6.45
CA ALA A 86 4.30 -11.11 7.78
C ALA A 86 3.99 -9.93 8.73
N THR A 87 3.84 -10.21 10.02
CA THR A 87 3.50 -9.21 11.06
C THR A 87 4.51 -8.06 11.10
N GLU A 88 5.80 -8.34 10.92
CA GLU A 88 6.86 -7.32 10.88
C GLU A 88 6.72 -6.35 9.70
N ASP A 89 6.20 -6.81 8.55
CA ASP A 89 5.88 -5.93 7.41
C ASP A 89 4.57 -5.17 7.64
N LYS A 90 3.54 -5.81 8.17
CA LYS A 90 2.26 -5.17 8.52
C LYS A 90 2.45 -4.02 9.51
N GLU A 91 3.30 -4.18 10.51
CA GLU A 91 3.69 -3.11 11.42
C GLU A 91 4.51 -2.03 10.69
N ALA A 92 5.56 -2.40 9.93
CA ALA A 92 6.45 -1.44 9.29
C ALA A 92 5.77 -0.56 8.22
N LEU A 93 4.77 -1.08 7.48
CA LEU A 93 4.02 -0.31 6.48
C LEU A 93 3.13 0.77 7.12
N LYS A 94 2.51 0.48 8.27
CA LYS A 94 1.81 1.45 9.11
C LYS A 94 2.81 2.41 9.74
N LYS A 95 3.92 1.94 10.32
CA LYS A 95 4.89 2.78 11.07
C LYS A 95 5.47 3.94 10.24
N GLN A 96 5.51 3.79 8.92
CA GLN A 96 5.99 4.79 7.97
C GLN A 96 4.91 5.76 7.48
N LEU A 97 3.62 5.42 7.61
CA LEU A 97 2.49 6.33 7.34
C LEU A 97 1.25 6.04 8.24
N PRO A 98 1.37 6.13 9.58
CA PRO A 98 0.42 5.50 10.48
C PRO A 98 -0.90 6.26 10.56
N GLY A 99 -2.01 5.53 10.64
CA GLY A 99 -3.37 6.08 10.64
C GLY A 99 -3.92 6.45 12.02
N VAL A 100 -5.23 6.67 12.03
CA VAL A 100 -6.02 6.96 13.25
C VAL A 100 -6.08 5.72 14.15
N LYS A 101 -5.99 5.99 15.46
CA LYS A 101 -5.79 4.98 16.50
C LYS A 101 -7.09 4.31 16.95
N SER A 102 -7.60 3.42 16.09
CA SER A 102 -8.75 2.53 16.35
C SER A 102 -8.39 1.21 17.04
N GLU A 103 -7.11 1.01 17.40
CA GLU A 103 -6.57 -0.20 18.02
C GLU A 103 -5.33 0.10 18.90
N GLY A 104 -4.97 -0.83 19.80
CA GLY A 104 -3.70 -0.83 20.55
C GLY A 104 -3.70 -0.06 21.88
N LYS A 105 -4.65 0.87 22.09
CA LYS A 105 -4.90 1.55 23.38
C LYS A 105 -6.36 1.95 23.58
N ARG A 106 -7.00 2.49 22.53
CA ARG A 106 -8.39 2.99 22.52
C ARG A 106 -9.20 2.36 21.38
N LYS A 107 -10.48 2.05 21.65
CA LYS A 107 -11.47 1.56 20.69
C LYS A 107 -12.81 2.29 20.90
N GLY A 108 -12.86 3.56 20.47
CA GLY A 108 -13.96 4.50 20.76
C GLY A 108 -15.28 4.23 20.02
N ASP A 109 -15.29 3.35 19.02
CA ASP A 109 -16.46 3.03 18.17
C ASP A 109 -17.08 4.26 17.48
N GLU A 110 -16.22 5.18 17.04
CA GLU A 110 -16.59 6.40 16.33
C GLU A 110 -16.71 6.19 14.80
N VAL A 111 -17.28 7.17 14.10
CA VAL A 111 -17.60 7.11 12.65
C VAL A 111 -16.40 7.31 11.70
N ASP A 112 -15.18 7.09 12.20
CA ASP A 112 -13.91 7.16 11.44
C ASP A 112 -13.63 5.89 10.61
N GLY A 1 -23.66 5.67 1.29
CA GLY A 1 -23.83 4.20 1.38
C GLY A 1 -22.83 3.59 2.36
N SER A 2 -23.23 2.50 3.04
CA SER A 2 -22.40 1.80 4.03
C SER A 2 -21.21 1.06 3.42
N LYS A 3 -20.14 0.86 4.22
CA LYS A 3 -18.91 0.14 3.86
C LYS A 3 -18.48 -0.80 5.00
N ALA A 4 -18.07 -2.02 4.65
CA ALA A 4 -17.58 -3.05 5.58
C ALA A 4 -16.45 -3.87 4.93
N GLU A 5 -15.30 -3.21 4.73
CA GLU A 5 -14.17 -3.69 3.92
C GLU A 5 -12.82 -3.33 4.59
N LYS A 6 -11.78 -4.14 4.35
CA LYS A 6 -10.42 -3.92 4.87
C LYS A 6 -9.58 -2.97 4.01
N THR A 7 -10.03 -2.61 2.80
CA THR A 7 -9.33 -1.73 1.85
C THR A 7 -10.16 -0.50 1.51
N LEU A 8 -9.53 0.66 1.30
CA LEU A 8 -10.25 1.86 0.83
C LEU A 8 -10.78 1.76 -0.63
N GLY A 9 -10.13 0.94 -1.48
CA GLY A 9 -10.59 0.59 -2.84
C GLY A 9 -9.65 0.90 -4.01
N ASP A 10 -8.40 1.38 -3.81
CA ASP A 10 -7.53 1.79 -4.93
C ASP A 10 -6.02 1.55 -4.76
N PHE A 11 -5.57 0.84 -3.71
CA PHE A 11 -4.18 0.36 -3.63
C PHE A 11 -4.06 -1.03 -2.95
N ALA A 12 -3.00 -1.77 -3.29
CA ALA A 12 -2.80 -3.18 -2.97
C ALA A 12 -1.37 -3.50 -2.49
N ALA A 13 -1.22 -4.61 -1.77
CA ALA A 13 0.04 -5.11 -1.21
C ALA A 13 0.17 -6.64 -1.38
N GLU A 14 1.37 -7.13 -1.69
CA GLU A 14 1.70 -8.55 -1.88
C GLU A 14 3.20 -8.78 -1.60
N TYR A 15 3.68 -10.02 -1.52
CA TYR A 15 5.07 -10.31 -1.83
C TYR A 15 5.33 -10.25 -3.33
N ALA A 16 6.56 -9.89 -3.71
CA ALA A 16 7.04 -9.95 -5.08
C ALA A 16 7.21 -11.42 -5.52
N LYS A 17 6.16 -12.01 -6.11
CA LYS A 17 6.18 -13.41 -6.61
C LYS A 17 7.08 -13.58 -7.85
N SER A 18 7.46 -12.48 -8.48
CA SER A 18 8.34 -12.38 -9.65
C SER A 18 9.25 -11.15 -9.56
N ASN A 19 10.37 -11.18 -10.29
CA ASN A 19 11.27 -10.02 -10.48
C ASN A 19 10.86 -9.15 -11.70
N ARG A 20 9.63 -9.35 -12.20
CA ARG A 20 9.06 -8.71 -13.40
C ARG A 20 8.35 -7.39 -13.11
N SER A 21 7.90 -7.18 -11.87
CA SER A 21 7.40 -5.88 -11.39
C SER A 21 8.53 -4.83 -11.42
N THR A 22 8.19 -3.58 -11.71
CA THR A 22 9.11 -2.43 -11.69
C THR A 22 8.48 -1.29 -10.91
N CYS A 23 9.27 -0.67 -10.04
CA CYS A 23 8.83 0.41 -9.18
C CYS A 23 8.75 1.71 -9.98
N LYS A 24 7.54 2.25 -10.12
CA LYS A 24 7.30 3.58 -10.71
C LYS A 24 7.69 4.71 -9.75
N GLY A 25 8.01 4.39 -8.50
CA GLY A 25 8.48 5.34 -7.49
C GLY A 25 9.95 5.78 -7.65
N CYS A 26 10.80 4.94 -8.26
CA CYS A 26 12.20 5.28 -8.58
C CYS A 26 12.73 4.77 -9.95
N MET A 27 11.90 4.02 -10.69
CA MET A 27 12.24 3.38 -11.97
C MET A 27 13.39 2.36 -11.89
N GLU A 28 13.25 1.40 -10.97
CA GLU A 28 14.12 0.23 -10.84
C GLU A 28 13.27 -1.03 -10.59
N LYS A 29 13.77 -2.20 -10.97
CA LYS A 29 13.00 -3.46 -10.86
C LYS A 29 12.75 -3.82 -9.39
N ILE A 30 11.56 -4.35 -9.12
CA ILE A 30 11.19 -4.84 -7.79
C ILE A 30 11.70 -6.27 -7.59
N GLU A 31 12.41 -6.50 -6.48
CA GLU A 31 13.10 -7.76 -6.19
C GLU A 31 12.14 -8.84 -5.72
N LYS A 32 12.31 -10.06 -6.24
CA LYS A 32 11.53 -11.24 -5.83
C LYS A 32 11.72 -11.53 -4.34
N GLY A 33 10.65 -11.94 -3.67
CA GLY A 33 10.66 -12.38 -2.26
C GLY A 33 10.72 -11.26 -1.20
N GLN A 34 10.58 -9.98 -1.58
CA GLN A 34 10.30 -8.87 -0.65
C GLN A 34 8.94 -8.23 -1.01
N VAL A 35 8.36 -7.41 -0.13
CA VAL A 35 7.01 -6.83 -0.36
C VAL A 35 6.96 -5.95 -1.64
N ARG A 36 5.81 -5.93 -2.32
CA ARG A 36 5.50 -4.99 -3.41
C ARG A 36 4.10 -4.39 -3.20
N LEU A 37 3.98 -3.08 -3.40
CA LEU A 37 2.72 -2.34 -3.31
C LEU A 37 2.35 -1.77 -4.68
N SER A 38 1.05 -1.55 -4.93
CA SER A 38 0.57 -0.92 -6.16
C SER A 38 -0.64 -0.01 -5.94
N LYS A 39 -0.84 0.94 -6.85
CA LYS A 39 -2.06 1.76 -6.95
C LYS A 39 -2.82 1.46 -8.24
N LYS A 40 -4.14 1.37 -8.14
CA LYS A 40 -5.08 1.35 -9.27
C LYS A 40 -5.38 2.78 -9.71
N MET A 41 -5.00 3.12 -10.95
CA MET A 41 -5.26 4.42 -11.59
C MET A 41 -5.02 4.34 -13.11
N VAL A 42 -5.70 5.17 -13.91
CA VAL A 42 -5.34 5.37 -15.32
C VAL A 42 -3.88 5.83 -15.42
N ASP A 43 -3.11 5.19 -16.29
CA ASP A 43 -1.69 5.51 -16.49
C ASP A 43 -1.52 6.89 -17.17
N PRO A 44 -0.81 7.85 -16.57
CA PRO A 44 -0.67 9.19 -17.14
C PRO A 44 0.29 9.26 -18.34
N GLU A 45 1.11 8.23 -18.56
CA GLU A 45 2.01 8.11 -19.72
C GLU A 45 1.36 7.32 -20.86
N LYS A 46 0.32 6.52 -20.56
CA LYS A 46 -0.47 5.73 -21.51
C LYS A 46 -1.97 5.73 -21.13
N PRO A 47 -2.69 6.86 -21.25
CA PRO A 47 -4.08 6.96 -20.79
C PRO A 47 -5.05 6.02 -21.55
N GLN A 48 -4.68 5.58 -22.74
CA GLN A 48 -5.43 4.63 -23.58
C GLN A 48 -5.58 3.22 -22.95
N LEU A 49 -4.73 2.87 -21.96
CA LEU A 49 -4.90 1.64 -21.16
C LEU A 49 -6.20 1.61 -20.34
N GLY A 50 -6.71 2.77 -19.94
CA GLY A 50 -7.48 2.87 -18.70
C GLY A 50 -6.61 2.56 -17.47
N MET A 51 -7.25 2.08 -16.41
CA MET A 51 -6.70 1.85 -15.08
C MET A 51 -5.75 0.66 -15.06
N ILE A 52 -4.58 0.84 -14.43
CA ILE A 52 -3.58 -0.20 -14.21
C ILE A 52 -3.16 -0.26 -12.74
N ASP A 53 -2.60 -1.40 -12.33
CA ASP A 53 -2.02 -1.62 -11.00
C ASP A 53 -0.52 -1.25 -11.05
N ARG A 54 -0.22 0.03 -10.86
CA ARG A 54 1.14 0.60 -10.97
C ARG A 54 1.97 0.21 -9.74
N TRP A 55 3.09 -0.50 -9.91
CA TRP A 55 3.88 -1.06 -8.79
C TRP A 55 4.95 -0.09 -8.24
N TYR A 56 5.32 -0.29 -6.98
CA TYR A 56 6.26 0.46 -6.14
C TYR A 56 6.98 -0.45 -5.12
N HIS A 57 8.19 -0.09 -4.71
CA HIS A 57 8.94 -0.71 -3.58
C HIS A 57 8.30 -0.33 -2.22
N PRO A 58 8.57 -1.08 -1.13
CA PRO A 58 8.17 -0.73 0.24
C PRO A 58 8.75 0.58 0.80
N GLY A 59 9.91 1.03 0.30
CA GLY A 59 10.47 2.34 0.62
C GLY A 59 9.84 3.48 -0.19
N CYS A 60 9.65 3.26 -1.50
CA CYS A 60 9.27 4.30 -2.45
C CYS A 60 7.79 4.66 -2.40
N PHE A 61 6.90 3.69 -2.16
CA PHE A 61 5.46 3.99 -2.06
C PHE A 61 5.19 4.98 -0.91
N VAL A 62 5.94 4.90 0.20
CA VAL A 62 5.94 5.89 1.29
C VAL A 62 6.33 7.30 0.82
N LYS A 63 7.34 7.41 -0.05
CA LYS A 63 7.86 8.69 -0.58
C LYS A 63 6.84 9.46 -1.42
N ASN A 64 5.97 8.76 -2.14
CA ASN A 64 4.89 9.30 -2.97
C ASN A 64 3.51 9.10 -2.34
N ARG A 65 3.38 8.62 -1.09
CA ARG A 65 2.11 8.20 -0.47
C ARG A 65 1.02 9.27 -0.57
N GLU A 66 1.40 10.52 -0.36
CA GLU A 66 0.48 11.67 -0.37
C GLU A 66 0.06 12.06 -1.80
N GLU A 67 0.91 11.76 -2.80
CA GLU A 67 0.62 11.86 -4.24
C GLU A 67 -0.22 10.66 -4.74
N LEU A 68 0.04 9.45 -4.23
CA LEU A 68 -0.81 8.26 -4.42
C LEU A 68 -2.19 8.44 -3.76
N GLY A 69 -2.29 9.24 -2.71
CA GLY A 69 -3.56 9.67 -2.08
C GLY A 69 -3.80 9.15 -0.67
N PHE A 70 -2.79 8.58 0.00
CA PHE A 70 -2.85 8.27 1.43
C PHE A 70 -3.08 9.54 2.26
N ARG A 71 -3.94 9.41 3.28
CA ARG A 71 -4.18 10.34 4.39
C ARG A 71 -4.40 9.50 5.65
N PRO A 72 -4.21 10.02 6.89
CA PRO A 72 -4.21 9.20 8.10
C PRO A 72 -5.47 8.34 8.31
N GLU A 73 -6.65 8.83 7.90
CA GLU A 73 -7.93 8.11 8.02
C GLU A 73 -8.00 6.80 7.21
N TYR A 74 -7.10 6.59 6.25
CA TYR A 74 -6.91 5.35 5.51
C TYR A 74 -5.42 5.06 5.21
N SER A 75 -4.67 4.84 6.30
CA SER A 75 -3.26 4.45 6.32
C SER A 75 -2.99 3.09 5.64
N ALA A 76 -1.73 2.65 5.64
CA ALA A 76 -1.25 1.40 5.01
C ALA A 76 -2.06 0.12 5.33
N SER A 77 -2.78 0.08 6.45
CA SER A 77 -3.72 -1.01 6.77
C SER A 77 -4.82 -1.20 5.72
N GLN A 78 -5.11 -0.17 4.92
CA GLN A 78 -6.15 -0.11 3.90
C GLN A 78 -5.69 -0.53 2.49
N LEU A 79 -4.58 -1.26 2.37
CA LEU A 79 -4.11 -1.92 1.14
C LEU A 79 -4.73 -3.33 0.96
N LYS A 80 -5.16 -3.67 -0.26
CA LYS A 80 -5.67 -5.02 -0.58
C LYS A 80 -4.62 -6.08 -0.25
N GLY A 81 -5.03 -7.16 0.41
CA GLY A 81 -4.16 -8.29 0.76
C GLY A 81 -3.13 -8.01 1.88
N PHE A 82 -3.13 -6.83 2.50
CA PHE A 82 -2.22 -6.44 3.59
C PHE A 82 -2.25 -7.48 4.73
N SER A 83 -3.43 -7.96 5.08
CA SER A 83 -3.66 -8.95 6.15
C SER A 83 -2.91 -10.28 5.95
N LEU A 84 -2.59 -10.64 4.70
CA LEU A 84 -1.94 -11.90 4.32
C LEU A 84 -0.40 -11.84 4.35
N LEU A 85 0.20 -10.65 4.50
CA LEU A 85 1.65 -10.49 4.71
C LEU A 85 2.05 -10.99 6.11
N ALA A 86 3.36 -11.13 6.35
CA ALA A 86 3.91 -11.41 7.68
C ALA A 86 3.66 -10.25 8.65
N THR A 87 3.51 -10.56 9.94
CA THR A 87 3.21 -9.58 10.99
C THR A 87 4.24 -8.44 11.05
N GLU A 88 5.53 -8.77 10.86
CA GLU A 88 6.60 -7.77 10.84
C GLU A 88 6.49 -6.78 9.65
N ASP A 89 5.97 -7.23 8.50
CA ASP A 89 5.71 -6.33 7.35
C ASP A 89 4.42 -5.53 7.55
N LYS A 90 3.36 -6.15 8.10
CA LYS A 90 2.09 -5.47 8.43
C LYS A 90 2.32 -4.34 9.44
N GLU A 91 3.17 -4.54 10.43
CA GLU A 91 3.61 -3.48 11.34
C GLU A 91 4.47 -2.43 10.62
N ALA A 92 5.48 -2.84 9.84
CA ALA A 92 6.41 -1.92 9.19
C ALA A 92 5.76 -0.99 8.14
N LEU A 93 4.71 -1.44 7.44
CA LEU A 93 3.97 -0.62 6.46
C LEU A 93 3.19 0.50 7.16
N LYS A 94 2.53 0.22 8.29
CA LYS A 94 1.92 1.21 9.17
C LYS A 94 2.99 2.08 9.82
N LYS A 95 4.10 1.53 10.33
CA LYS A 95 5.11 2.32 11.07
C LYS A 95 5.75 3.45 10.22
N GLN A 96 5.77 3.29 8.90
CA GLN A 96 6.26 4.28 7.94
C GLN A 96 5.20 5.34 7.54
N LEU A 97 3.90 5.02 7.66
CA LEU A 97 2.79 5.99 7.50
C LEU A 97 1.56 5.64 8.38
N PRO A 98 1.65 5.80 9.72
CA PRO A 98 0.63 5.30 10.64
C PRO A 98 -0.48 6.36 10.83
N GLY A 99 -1.73 5.95 11.09
CA GLY A 99 -2.82 6.90 11.33
C GLY A 99 -4.04 6.33 12.07
N VAL A 100 -5.23 6.63 11.54
CA VAL A 100 -6.56 6.29 12.07
C VAL A 100 -6.73 6.70 13.55
N LYS A 101 -6.35 7.96 13.82
CA LYS A 101 -6.55 8.66 15.10
C LYS A 101 -7.98 9.14 15.34
N SER A 102 -8.95 8.65 14.56
CA SER A 102 -10.39 8.91 14.69
C SER A 102 -10.97 8.52 16.07
N GLU A 103 -10.31 7.61 16.79
CA GLU A 103 -10.63 7.23 18.18
C GLU A 103 -10.30 8.35 19.20
N GLY A 104 -9.31 9.20 18.91
CA GLY A 104 -9.02 10.45 19.62
C GLY A 104 -8.56 10.30 21.09
N LYS A 105 -8.05 9.13 21.49
CA LYS A 105 -7.67 8.81 22.88
C LYS A 105 -6.37 9.49 23.34
N ARG A 106 -5.66 10.16 22.42
CA ARG A 106 -4.43 10.93 22.67
C ARG A 106 -4.67 12.19 23.52
N LYS A 107 -5.87 12.77 23.49
CA LYS A 107 -6.22 14.06 24.11
C LYS A 107 -7.38 13.93 25.12
N GLY A 108 -7.69 15.02 25.82
CA GLY A 108 -8.74 15.11 26.84
C GLY A 108 -8.24 15.09 28.29
N ASP A 109 -6.93 15.02 28.52
CA ASP A 109 -6.26 15.08 29.82
C ASP A 109 -5.04 16.03 29.79
N GLU A 110 -5.22 17.19 29.14
CA GLU A 110 -4.17 18.18 28.87
C GLU A 110 -4.66 19.62 29.14
N VAL A 111 -3.72 20.55 29.33
CA VAL A 111 -3.98 22.02 29.34
C VAL A 111 -4.10 22.63 27.95
N ASP A 112 -3.79 21.83 26.91
CA ASP A 112 -3.87 22.12 25.47
C ASP A 112 -3.24 23.47 25.02
N GLY A 1 -21.31 -13.48 -2.26
CA GLY A 1 -20.01 -14.11 -1.96
C GLY A 1 -19.59 -13.90 -0.52
N SER A 2 -18.91 -14.89 0.09
CA SER A 2 -18.55 -14.89 1.52
C SER A 2 -17.30 -14.06 1.87
N LYS A 3 -16.48 -13.69 0.89
CA LYS A 3 -15.24 -12.91 1.07
C LYS A 3 -15.52 -11.42 1.33
N ALA A 4 -14.63 -10.77 2.09
CA ALA A 4 -14.67 -9.34 2.42
C ALA A 4 -13.24 -8.76 2.61
N GLU A 5 -13.11 -7.44 2.55
CA GLU A 5 -11.85 -6.71 2.74
C GLU A 5 -12.02 -5.39 3.53
N LYS A 6 -10.93 -4.90 4.10
CA LYS A 6 -10.83 -3.65 4.88
C LYS A 6 -10.27 -2.46 4.06
N THR A 7 -9.86 -2.70 2.82
CA THR A 7 -9.26 -1.71 1.90
C THR A 7 -10.14 -0.49 1.64
N LEU A 8 -9.54 0.68 1.38
CA LEU A 8 -10.26 1.85 0.85
C LEU A 8 -10.71 1.71 -0.64
N GLY A 9 -10.16 0.73 -1.38
CA GLY A 9 -10.58 0.33 -2.73
C GLY A 9 -9.67 0.69 -3.91
N ASP A 10 -8.45 1.25 -3.72
CA ASP A 10 -7.62 1.71 -4.85
C ASP A 10 -6.08 1.60 -4.65
N PHE A 11 -5.60 0.96 -3.58
CA PHE A 11 -4.20 0.53 -3.49
C PHE A 11 -4.04 -0.84 -2.81
N ALA A 12 -2.97 -1.58 -3.14
CA ALA A 12 -2.76 -3.00 -2.83
C ALA A 12 -1.34 -3.31 -2.31
N ALA A 13 -1.19 -4.42 -1.59
CA ALA A 13 0.06 -4.92 -1.03
C ALA A 13 0.19 -6.45 -1.19
N GLU A 14 1.39 -6.95 -1.50
CA GLU A 14 1.65 -8.33 -1.89
C GLU A 14 3.14 -8.61 -1.69
N TYR A 15 3.57 -9.86 -1.64
CA TYR A 15 4.98 -10.20 -1.82
C TYR A 15 5.38 -10.26 -3.31
N ALA A 16 6.59 -9.81 -3.62
CA ALA A 16 7.16 -9.84 -4.97
C ALA A 16 7.41 -11.29 -5.41
N LYS A 17 6.47 -11.87 -6.17
CA LYS A 17 6.53 -13.28 -6.63
C LYS A 17 7.62 -13.52 -7.68
N SER A 18 8.04 -12.46 -8.37
CA SER A 18 9.12 -12.45 -9.38
C SER A 18 9.81 -11.08 -9.40
N ASN A 19 11.05 -11.04 -9.90
CA ASN A 19 11.81 -9.82 -10.19
C ASN A 19 11.34 -9.09 -11.48
N ARG A 20 10.38 -9.66 -12.21
CA ARG A 20 9.82 -9.05 -13.45
C ARG A 20 9.10 -7.72 -13.21
N SER A 21 8.48 -7.50 -12.05
CA SER A 21 7.85 -6.21 -11.68
C SER A 21 8.87 -5.09 -11.45
N THR A 22 8.46 -3.84 -11.67
CA THR A 22 9.32 -2.65 -11.58
C THR A 22 8.62 -1.54 -10.83
N CYS A 23 9.36 -0.88 -9.94
CA CYS A 23 8.87 0.24 -9.15
C CYS A 23 8.71 1.47 -10.03
N LYS A 24 7.47 1.91 -10.16
CA LYS A 24 7.06 3.15 -10.80
C LYS A 24 7.28 4.38 -9.91
N GLY A 25 7.77 4.19 -8.68
CA GLY A 25 8.19 5.26 -7.76
C GLY A 25 9.64 5.75 -7.94
N CYS A 26 10.55 4.88 -8.40
CA CYS A 26 11.97 5.24 -8.66
C CYS A 26 12.59 4.68 -9.97
N MET A 27 11.82 3.90 -10.75
CA MET A 27 12.24 3.25 -12.00
C MET A 27 13.41 2.26 -11.81
N GLU A 28 13.28 1.35 -10.83
CA GLU A 28 14.20 0.23 -10.62
C GLU A 28 13.41 -1.06 -10.37
N LYS A 29 13.95 -2.22 -10.76
CA LYS A 29 13.20 -3.48 -10.71
C LYS A 29 13.05 -3.99 -9.27
N ILE A 30 11.85 -4.44 -8.94
CA ILE A 30 11.47 -4.84 -7.58
C ILE A 30 12.10 -6.19 -7.21
N GLU A 31 12.62 -6.32 -5.99
CA GLU A 31 13.34 -7.52 -5.55
C GLU A 31 12.37 -8.65 -5.19
N LYS A 32 12.61 -9.85 -5.71
CA LYS A 32 11.80 -11.06 -5.44
C LYS A 32 11.90 -11.44 -3.95
N GLY A 33 10.75 -11.75 -3.34
CA GLY A 33 10.67 -12.21 -1.95
C GLY A 33 10.63 -11.12 -0.87
N GLN A 34 10.48 -9.84 -1.23
CA GLN A 34 10.13 -8.75 -0.30
C GLN A 34 8.79 -8.11 -0.71
N VAL A 35 8.21 -7.24 0.12
CA VAL A 35 6.88 -6.65 -0.14
C VAL A 35 6.90 -5.74 -1.39
N ARG A 36 5.82 -5.73 -2.17
CA ARG A 36 5.54 -4.77 -3.25
C ARG A 36 4.12 -4.21 -3.11
N LEU A 37 3.97 -2.92 -3.33
CA LEU A 37 2.68 -2.21 -3.24
C LEU A 37 2.25 -1.72 -4.62
N SER A 38 0.95 -1.50 -4.85
CA SER A 38 0.39 -1.00 -6.10
C SER A 38 -0.67 0.06 -5.89
N LYS A 39 -0.77 1.03 -6.81
CA LYS A 39 -1.89 1.99 -6.95
C LYS A 39 -2.75 1.61 -8.15
N LYS A 40 -4.08 1.58 -8.00
CA LYS A 40 -5.05 1.42 -9.08
C LYS A 40 -5.60 2.78 -9.50
N MET A 41 -5.31 3.23 -10.72
CA MET A 41 -5.79 4.52 -11.25
C MET A 41 -5.69 4.60 -12.78
N VAL A 42 -6.63 5.27 -13.46
CA VAL A 42 -6.49 5.59 -14.89
C VAL A 42 -5.24 6.44 -15.14
N ASP A 43 -4.42 6.03 -16.11
CA ASP A 43 -3.16 6.70 -16.44
C ASP A 43 -3.43 8.06 -17.12
N PRO A 44 -2.81 9.16 -16.65
CA PRO A 44 -3.12 10.52 -17.10
C PRO A 44 -2.64 10.85 -18.52
N GLU A 45 -1.73 10.06 -19.10
CA GLU A 45 -1.27 10.19 -20.49
C GLU A 45 -1.93 9.16 -21.43
N LYS A 46 -2.57 8.13 -20.86
CA LYS A 46 -3.13 6.97 -21.56
C LYS A 46 -4.49 6.53 -20.96
N PRO A 47 -5.50 7.42 -20.90
CA PRO A 47 -6.83 7.06 -20.38
C PRO A 47 -7.59 6.03 -21.24
N GLN A 48 -7.08 5.68 -22.43
CA GLN A 48 -7.64 4.62 -23.29
C GLN A 48 -7.28 3.22 -22.75
N LEU A 49 -6.18 3.11 -22.00
CA LEU A 49 -5.73 1.91 -21.31
C LEU A 49 -6.61 1.55 -20.09
N GLY A 50 -7.29 2.55 -19.51
CA GLY A 50 -8.07 2.42 -18.28
C GLY A 50 -7.17 2.42 -17.03
N MET A 51 -7.73 1.96 -15.91
CA MET A 51 -7.07 1.90 -14.62
C MET A 51 -5.88 0.93 -14.66
N ILE A 52 -4.68 1.45 -14.39
CA ILE A 52 -3.42 0.69 -14.35
C ILE A 52 -3.09 0.21 -12.95
N ASP A 53 -2.22 -0.81 -12.88
CA ASP A 53 -1.63 -1.34 -11.65
C ASP A 53 -0.19 -0.84 -11.55
N ARG A 54 0.01 0.29 -10.87
CA ARG A 54 1.29 1.01 -10.77
C ARG A 54 2.04 0.51 -9.54
N TRP A 55 3.09 -0.30 -9.72
CA TRP A 55 3.82 -0.95 -8.61
C TRP A 55 4.92 -0.07 -8.00
N TYR A 56 5.32 -0.36 -6.75
CA TYR A 56 6.26 0.38 -5.91
C TYR A 56 7.02 -0.54 -4.92
N HIS A 57 8.21 -0.11 -4.51
CA HIS A 57 8.93 -0.63 -3.33
C HIS A 57 8.23 -0.18 -2.02
N PRO A 58 8.49 -0.82 -0.86
CA PRO A 58 8.02 -0.40 0.46
C PRO A 58 8.49 0.99 0.92
N GLY A 59 9.65 1.46 0.45
CA GLY A 59 10.11 2.84 0.69
C GLY A 59 9.42 3.85 -0.23
N CYS A 60 9.33 3.53 -1.53
CA CYS A 60 8.91 4.46 -2.56
C CYS A 60 7.41 4.77 -2.53
N PHE A 61 6.55 3.79 -2.23
CA PHE A 61 5.12 4.05 -2.13
C PHE A 61 4.82 5.10 -1.02
N VAL A 62 5.59 5.09 0.07
CA VAL A 62 5.58 6.15 1.10
C VAL A 62 6.15 7.47 0.56
N LYS A 63 7.25 7.45 -0.20
CA LYS A 63 7.83 8.65 -0.82
C LYS A 63 6.83 9.44 -1.69
N ASN A 64 5.95 8.73 -2.41
CA ASN A 64 4.89 9.30 -3.24
C ASN A 64 3.50 9.22 -2.61
N ARG A 65 3.32 8.89 -1.31
CA ARG A 65 1.98 8.73 -0.70
C ARG A 65 1.05 9.92 -0.92
N GLU A 66 1.60 11.14 -0.94
CA GLU A 66 0.84 12.37 -1.27
C GLU A 66 0.35 12.42 -2.73
N GLU A 67 1.07 11.77 -3.64
CA GLU A 67 0.69 11.56 -5.05
C GLU A 67 -0.29 10.38 -5.18
N LEU A 68 -0.07 9.31 -4.41
CA LEU A 68 -0.92 8.11 -4.38
C LEU A 68 -2.23 8.32 -3.59
N GLY A 69 -2.38 9.44 -2.87
CA GLY A 69 -3.64 9.91 -2.28
C GLY A 69 -3.89 9.48 -0.82
N PHE A 70 -2.85 9.09 -0.09
CA PHE A 70 -2.93 8.66 1.31
C PHE A 70 -3.30 9.80 2.27
N ARG A 71 -4.15 9.47 3.25
CA ARG A 71 -4.39 10.22 4.49
C ARG A 71 -4.41 9.24 5.69
N PRO A 72 -4.14 9.70 6.93
CA PRO A 72 -4.11 8.82 8.11
C PRO A 72 -5.41 8.05 8.37
N GLU A 73 -6.56 8.59 7.95
CA GLU A 73 -7.88 7.93 8.07
C GLU A 73 -8.03 6.67 7.21
N TYR A 74 -7.13 6.44 6.24
CA TYR A 74 -7.06 5.23 5.40
C TYR A 74 -5.62 4.92 4.92
N SER A 75 -4.72 4.70 5.87
CA SER A 75 -3.28 4.51 5.63
C SER A 75 -2.92 3.09 5.16
N ALA A 76 -1.65 2.68 5.23
CA ALA A 76 -1.13 1.40 4.73
C ALA A 76 -1.90 0.14 5.21
N SER A 77 -2.57 0.23 6.37
CA SER A 77 -3.41 -0.84 6.91
C SER A 77 -4.69 -1.12 6.10
N GLN A 78 -5.00 -0.27 5.10
CA GLN A 78 -6.11 -0.41 4.17
C GLN A 78 -5.65 -0.57 2.71
N LEU A 79 -4.48 -1.18 2.50
CA LEU A 79 -4.06 -1.78 1.22
C LEU A 79 -4.67 -3.19 1.04
N LYS A 80 -5.11 -3.54 -0.18
CA LYS A 80 -5.62 -4.89 -0.50
C LYS A 80 -4.57 -5.94 -0.14
N GLY A 81 -4.98 -7.01 0.52
CA GLY A 81 -4.08 -8.11 0.90
C GLY A 81 -3.07 -7.79 2.00
N PHE A 82 -3.11 -6.61 2.63
CA PHE A 82 -2.23 -6.25 3.75
C PHE A 82 -2.35 -7.27 4.89
N SER A 83 -3.57 -7.61 5.29
CA SER A 83 -3.87 -8.61 6.33
C SER A 83 -3.39 -10.03 5.97
N LEU A 84 -3.17 -10.32 4.68
CA LEU A 84 -2.73 -11.62 4.15
C LEU A 84 -1.18 -11.72 4.03
N LEU A 85 -0.44 -10.64 4.28
CA LEU A 85 1.02 -10.66 4.49
C LEU A 85 1.38 -11.33 5.83
N ALA A 86 2.66 -11.32 6.20
CA ALA A 86 3.15 -11.65 7.53
C ALA A 86 3.04 -10.42 8.44
N THR A 87 2.73 -10.62 9.72
CA THR A 87 2.45 -9.51 10.66
C THR A 87 3.66 -8.61 10.90
N GLU A 88 4.87 -9.17 10.89
CA GLU A 88 6.12 -8.39 10.92
C GLU A 88 6.23 -7.40 9.73
N ASP A 89 5.65 -7.73 8.57
CA ASP A 89 5.61 -6.83 7.41
C ASP A 89 4.42 -5.85 7.46
N LYS A 90 3.27 -6.26 8.00
CA LYS A 90 2.13 -5.36 8.29
C LYS A 90 2.56 -4.23 9.23
N GLU A 91 3.31 -4.57 10.29
CA GLU A 91 3.90 -3.60 11.20
C GLU A 91 4.95 -2.74 10.50
N ALA A 92 5.79 -3.30 9.64
CA ALA A 92 6.80 -2.53 8.89
C ALA A 92 6.20 -1.51 7.89
N LEU A 93 5.05 -1.80 7.27
CA LEU A 93 4.33 -0.85 6.43
C LEU A 93 3.74 0.28 7.28
N LYS A 94 3.12 -0.04 8.42
CA LYS A 94 2.61 0.95 9.39
C LYS A 94 3.74 1.79 9.98
N LYS A 95 4.90 1.21 10.28
CA LYS A 95 6.05 1.91 10.86
C LYS A 95 6.61 3.02 9.97
N GLN A 96 6.42 2.91 8.66
CA GLN A 96 6.80 3.91 7.65
C GLN A 96 5.63 4.83 7.28
N LEU A 97 4.40 4.30 7.25
CA LEU A 97 3.16 5.01 6.91
C LEU A 97 1.96 4.47 7.74
N PRO A 98 1.73 4.99 8.95
CA PRO A 98 0.68 4.53 9.86
C PRO A 98 -0.63 5.34 9.70
N GLY A 99 -1.77 4.76 10.10
CA GLY A 99 -3.06 5.43 10.16
C GLY A 99 -3.67 5.50 11.55
N VAL A 100 -4.94 5.92 11.59
CA VAL A 100 -5.77 6.05 12.79
C VAL A 100 -6.16 4.69 13.33
N LYS A 101 -6.06 4.55 14.66
CA LYS A 101 -6.30 3.30 15.40
C LYS A 101 -7.09 3.46 16.70
N SER A 102 -7.85 4.56 16.84
CA SER A 102 -8.56 4.94 18.07
C SER A 102 -9.70 3.98 18.45
N GLU A 103 -10.28 3.27 17.48
CA GLU A 103 -11.37 2.31 17.72
C GLU A 103 -10.88 0.93 18.18
N GLY A 104 -9.81 0.41 17.55
CA GLY A 104 -9.15 -0.85 17.92
C GLY A 104 -9.94 -2.15 17.61
N LYS A 105 -11.12 -2.07 16.99
CA LYS A 105 -12.05 -3.21 16.81
C LYS A 105 -11.84 -4.04 15.53
N ARG A 106 -10.72 -3.85 14.82
CA ARG A 106 -10.36 -4.60 13.60
C ARG A 106 -10.37 -6.13 13.79
N LYS A 107 -10.07 -6.60 15.02
CA LYS A 107 -10.03 -8.02 15.41
C LYS A 107 -11.36 -8.59 15.93
N GLY A 108 -12.46 -7.84 15.83
CA GLY A 108 -13.83 -8.33 16.09
C GLY A 108 -14.09 -8.70 17.54
N ASP A 109 -14.27 -10.00 17.82
CA ASP A 109 -14.48 -10.54 19.18
C ASP A 109 -13.23 -10.45 20.07
N GLU A 110 -12.05 -10.29 19.47
CA GLU A 110 -10.79 -10.01 20.18
C GLU A 110 -10.49 -8.49 20.26
N VAL A 111 -9.49 -8.11 21.06
CA VAL A 111 -9.11 -6.71 21.35
C VAL A 111 -10.32 -5.91 21.83
N ASP A 112 -10.76 -6.20 23.06
CA ASP A 112 -12.02 -5.74 23.66
C ASP A 112 -11.90 -5.32 25.14
N GLY A 1 -17.57 -3.72 13.66
CA GLY A 1 -18.18 -3.19 12.43
C GLY A 1 -18.63 -4.30 11.49
N SER A 2 -19.55 -3.99 10.57
CA SER A 2 -20.08 -4.91 9.54
C SER A 2 -20.49 -4.16 8.27
N LYS A 3 -20.74 -4.91 7.18
CA LYS A 3 -21.16 -4.42 5.84
C LYS A 3 -20.25 -3.33 5.25
N ALA A 4 -18.94 -3.43 5.50
CA ALA A 4 -17.90 -2.51 5.03
C ALA A 4 -16.60 -3.27 4.65
N GLU A 5 -15.80 -2.70 3.74
CA GLU A 5 -14.53 -3.28 3.28
C GLU A 5 -13.33 -2.83 4.14
N LYS A 6 -12.29 -3.67 4.22
CA LYS A 6 -11.05 -3.37 4.95
C LYS A 6 -10.12 -2.42 4.18
N THR A 7 -10.11 -2.52 2.85
CA THR A 7 -9.35 -1.63 1.94
C THR A 7 -10.12 -0.35 1.64
N LEU A 8 -9.43 0.77 1.35
CA LEU A 8 -10.08 1.96 0.75
C LEU A 8 -10.48 1.78 -0.74
N GLY A 9 -9.94 0.76 -1.43
CA GLY A 9 -10.23 0.43 -2.83
C GLY A 9 -9.29 1.04 -3.89
N ASP A 10 -8.09 1.52 -3.52
CA ASP A 10 -7.21 2.29 -4.43
C ASP A 10 -5.75 1.81 -4.49
N PHE A 11 -5.29 0.93 -3.59
CA PHE A 11 -3.90 0.47 -3.57
C PHE A 11 -3.74 -0.92 -2.90
N ALA A 12 -2.80 -1.75 -3.35
CA ALA A 12 -2.56 -3.15 -2.90
C ALA A 12 -1.23 -3.38 -2.19
N ALA A 13 -1.13 -4.47 -1.43
CA ALA A 13 0.10 -5.00 -0.84
C ALA A 13 0.18 -6.53 -0.96
N GLU A 14 1.32 -7.06 -1.38
CA GLU A 14 1.61 -8.49 -1.58
C GLU A 14 3.13 -8.69 -1.66
N TYR A 15 3.61 -9.93 -1.78
CA TYR A 15 5.04 -10.18 -2.03
C TYR A 15 5.33 -10.27 -3.54
N ALA A 16 6.51 -9.76 -3.93
CA ALA A 16 6.94 -9.66 -5.32
C ALA A 16 7.12 -11.05 -5.95
N LYS A 17 6.23 -11.42 -6.89
CA LYS A 17 6.18 -12.76 -7.52
C LYS A 17 7.34 -13.00 -8.50
N SER A 18 7.85 -11.95 -9.13
CA SER A 18 9.03 -11.98 -10.01
C SER A 18 9.80 -10.67 -10.00
N ASN A 19 11.11 -10.73 -10.26
CA ASN A 19 12.00 -9.58 -10.40
C ASN A 19 11.76 -8.79 -11.71
N ARG A 20 10.80 -9.23 -12.55
CA ARG A 20 10.22 -8.48 -13.67
C ARG A 20 9.29 -7.34 -13.24
N SER A 21 8.88 -7.30 -11.96
CA SER A 21 8.18 -6.15 -11.37
C SER A 21 9.10 -4.92 -11.30
N THR A 22 8.58 -3.71 -11.49
CA THR A 22 9.39 -2.48 -11.50
C THR A 22 8.64 -1.35 -10.78
N CYS A 23 9.38 -0.62 -9.97
CA CYS A 23 8.91 0.49 -9.16
C CYS A 23 8.75 1.75 -10.01
N LYS A 24 7.52 2.20 -10.17
CA LYS A 24 7.20 3.51 -10.74
C LYS A 24 7.52 4.68 -9.79
N GLY A 25 7.83 4.37 -8.53
CA GLY A 25 8.26 5.35 -7.52
C GLY A 25 9.71 5.84 -7.67
N CYS A 26 10.61 5.03 -8.25
CA CYS A 26 12.01 5.42 -8.53
C CYS A 26 12.61 4.92 -9.86
N MET A 27 11.84 4.20 -10.68
CA MET A 27 12.26 3.59 -11.94
C MET A 27 13.41 2.57 -11.78
N GLU A 28 13.25 1.64 -10.84
CA GLU A 28 14.16 0.50 -10.62
C GLU A 28 13.37 -0.78 -10.39
N LYS A 29 13.99 -1.93 -10.66
CA LYS A 29 13.32 -3.22 -10.53
C LYS A 29 13.00 -3.54 -9.07
N ILE A 30 11.83 -4.11 -8.83
CA ILE A 30 11.41 -4.60 -7.51
C ILE A 30 11.94 -6.02 -7.30
N GLU A 31 12.59 -6.27 -6.16
CA GLU A 31 13.24 -7.54 -5.85
C GLU A 31 12.21 -8.63 -5.51
N LYS A 32 12.40 -9.83 -6.06
CA LYS A 32 11.54 -10.99 -5.81
C LYS A 32 11.56 -11.38 -4.33
N GLY A 33 10.42 -11.82 -3.81
CA GLY A 33 10.27 -12.35 -2.44
C GLY A 33 10.31 -11.31 -1.30
N GLN A 34 10.33 -10.01 -1.60
CA GLN A 34 10.05 -8.94 -0.62
C GLN A 34 8.74 -8.23 -1.00
N VAL A 35 8.18 -7.38 -0.13
CA VAL A 35 6.86 -6.76 -0.37
C VAL A 35 6.86 -5.85 -1.61
N ARG A 36 5.78 -5.86 -2.39
CA ARG A 36 5.45 -4.87 -3.43
C ARG A 36 4.08 -4.27 -3.16
N LEU A 37 3.97 -2.95 -3.30
CA LEU A 37 2.71 -2.21 -3.14
C LEU A 37 2.26 -1.63 -4.47
N SER A 38 0.95 -1.51 -4.67
CA SER A 38 0.36 -0.90 -5.87
C SER A 38 -0.28 0.48 -5.62
N LYS A 39 -0.64 1.17 -6.70
CA LYS A 39 -1.85 2.03 -6.77
C LYS A 39 -2.66 1.67 -8.01
N LYS A 40 -3.99 1.68 -7.90
CA LYS A 40 -4.92 1.62 -9.02
C LYS A 40 -5.08 2.99 -9.68
N MET A 41 -5.02 3.04 -11.02
CA MET A 41 -5.50 4.18 -11.82
C MET A 41 -5.65 3.80 -13.28
N VAL A 42 -6.53 4.47 -14.03
CA VAL A 42 -6.41 4.56 -15.50
C VAL A 42 -5.01 5.02 -15.88
N ASP A 43 -4.33 4.26 -16.75
CA ASP A 43 -2.95 4.53 -17.13
C ASP A 43 -2.85 5.88 -17.88
N PRO A 44 -2.11 6.88 -17.39
CA PRO A 44 -2.00 8.18 -18.03
C PRO A 44 -1.26 8.16 -19.38
N GLU A 45 -0.53 7.08 -19.69
CA GLU A 45 0.15 6.87 -20.98
C GLU A 45 -0.62 5.88 -21.89
N LYS A 46 -1.61 5.15 -21.35
CA LYS A 46 -2.43 4.14 -22.04
C LYS A 46 -3.89 4.15 -21.57
N PRO A 47 -4.62 5.28 -21.68
CA PRO A 47 -6.00 5.40 -21.18
C PRO A 47 -6.98 4.40 -21.82
N GLN A 48 -6.65 3.86 -23.00
CA GLN A 48 -7.41 2.81 -23.70
C GLN A 48 -7.54 1.51 -22.87
N LEU A 49 -6.62 1.21 -21.95
CA LEU A 49 -6.73 0.09 -21.01
C LEU A 49 -7.86 0.25 -19.98
N GLY A 50 -8.23 1.50 -19.66
CA GLY A 50 -8.77 1.80 -18.34
C GLY A 50 -7.72 1.57 -17.24
N MET A 51 -8.18 1.13 -16.08
CA MET A 51 -7.48 1.02 -14.82
C MET A 51 -6.44 -0.10 -14.81
N ILE A 52 -5.31 0.16 -14.14
CA ILE A 52 -4.21 -0.77 -13.91
C ILE A 52 -3.67 -0.63 -12.48
N ASP A 53 -2.91 -1.64 -12.02
CA ASP A 53 -2.17 -1.61 -10.76
C ASP A 53 -0.70 -1.29 -11.05
N ARG A 54 -0.33 -0.03 -10.83
CA ARG A 54 1.04 0.49 -10.88
C ARG A 54 1.83 0.03 -9.65
N TRP A 55 3.05 -0.51 -9.79
CA TRP A 55 3.83 -1.07 -8.66
C TRP A 55 4.94 -0.14 -8.15
N TYR A 56 5.28 -0.31 -6.87
CA TYR A 56 6.21 0.48 -6.05
C TYR A 56 6.94 -0.40 -4.99
N HIS A 57 8.15 0.02 -4.59
CA HIS A 57 8.90 -0.56 -3.44
C HIS A 57 8.23 -0.18 -2.09
N PRO A 58 8.51 -0.90 -0.98
CA PRO A 58 8.10 -0.54 0.39
C PRO A 58 8.62 0.81 0.90
N GLY A 59 9.75 1.29 0.42
CA GLY A 59 10.24 2.64 0.72
C GLY A 59 9.54 3.71 -0.13
N CYS A 60 9.41 3.46 -1.43
CA CYS A 60 8.99 4.46 -2.41
C CYS A 60 7.50 4.78 -2.35
N PHE A 61 6.64 3.79 -2.11
CA PHE A 61 5.20 4.04 -2.00
C PHE A 61 4.91 5.04 -0.85
N VAL A 62 5.68 4.98 0.25
CA VAL A 62 5.66 5.99 1.32
C VAL A 62 6.24 7.33 0.86
N LYS A 63 7.32 7.34 0.08
CA LYS A 63 7.95 8.57 -0.46
C LYS A 63 7.00 9.38 -1.36
N ASN A 64 6.20 8.72 -2.19
CA ASN A 64 5.18 9.33 -3.06
C ASN A 64 3.76 9.21 -2.51
N ARG A 65 3.54 8.81 -1.25
CA ARG A 65 2.20 8.63 -0.64
C ARG A 65 1.25 9.80 -0.89
N GLU A 66 1.78 11.02 -0.84
CA GLU A 66 1.03 12.26 -1.02
C GLU A 66 0.72 12.56 -2.51
N GLU A 67 1.53 12.03 -3.43
CA GLU A 67 1.25 11.99 -4.87
C GLU A 67 0.28 10.84 -5.23
N LEU A 68 0.39 9.68 -4.57
CA LEU A 68 -0.55 8.55 -4.71
C LEU A 68 -1.94 8.89 -4.11
N GLY A 69 -2.01 9.71 -3.06
CA GLY A 69 -3.27 10.25 -2.50
C GLY A 69 -3.62 9.76 -1.09
N PHE A 70 -2.66 9.21 -0.34
CA PHE A 70 -2.82 8.81 1.07
C PHE A 70 -3.15 10.00 1.98
N ARG A 71 -4.01 9.76 2.97
CA ARG A 71 -4.17 10.58 4.19
C ARG A 71 -4.27 9.62 5.39
N PRO A 72 -4.02 10.06 6.64
CA PRO A 72 -4.09 9.24 7.86
C PRO A 72 -5.39 8.46 8.02
N GLU A 73 -6.49 8.95 7.46
CA GLU A 73 -7.81 8.29 7.52
C GLU A 73 -7.82 6.89 6.86
N TYR A 74 -6.86 6.61 5.98
CA TYR A 74 -6.75 5.36 5.22
C TYR A 74 -5.29 5.05 4.80
N SER A 75 -4.41 4.91 5.81
CA SER A 75 -2.99 4.56 5.63
C SER A 75 -2.78 3.08 5.24
N ALA A 76 -1.53 2.59 5.28
CA ALA A 76 -1.12 1.26 4.79
C ALA A 76 -1.93 0.07 5.33
N SER A 77 -2.58 0.21 6.48
CA SER A 77 -3.52 -0.79 7.02
C SER A 77 -4.72 -1.08 6.11
N GLN A 78 -5.01 -0.21 5.13
CA GLN A 78 -6.09 -0.31 4.16
C GLN A 78 -5.61 -0.56 2.72
N LEU A 79 -4.43 -1.17 2.53
CA LEU A 79 -3.98 -1.77 1.25
C LEU A 79 -4.65 -3.13 0.99
N LYS A 80 -5.00 -3.43 -0.28
CA LYS A 80 -5.61 -4.71 -0.70
C LYS A 80 -4.71 -5.87 -0.29
N GLY A 81 -5.24 -6.81 0.49
CA GLY A 81 -4.50 -7.98 0.97
C GLY A 81 -3.49 -7.72 2.10
N PHE A 82 -3.45 -6.53 2.71
CA PHE A 82 -2.54 -6.18 3.82
C PHE A 82 -2.61 -7.22 4.94
N SER A 83 -3.82 -7.61 5.34
CA SER A 83 -4.08 -8.59 6.41
C SER A 83 -3.46 -9.98 6.15
N LEU A 84 -3.16 -10.32 4.89
CA LEU A 84 -2.62 -11.60 4.45
C LEU A 84 -1.07 -11.64 4.42
N LEU A 85 -0.40 -10.51 4.63
CA LEU A 85 1.07 -10.46 4.79
C LEU A 85 1.51 -11.11 6.12
N ALA A 86 2.81 -11.35 6.27
CA ALA A 86 3.40 -11.76 7.55
C ALA A 86 3.30 -10.62 8.59
N THR A 87 3.17 -10.97 9.87
CA THR A 87 2.96 -10.02 10.98
C THR A 87 4.04 -8.93 11.04
N GLU A 88 5.30 -9.30 10.80
CA GLU A 88 6.42 -8.35 10.79
C GLU A 88 6.33 -7.31 9.65
N ASP A 89 5.77 -7.68 8.49
CA ASP A 89 5.53 -6.74 7.39
C ASP A 89 4.27 -5.90 7.60
N LYS A 90 3.21 -6.48 8.19
CA LYS A 90 2.00 -5.75 8.60
C LYS A 90 2.32 -4.67 9.63
N GLU A 91 3.19 -4.96 10.59
CA GLU A 91 3.72 -3.97 11.53
C GLU A 91 4.60 -2.94 10.81
N ALA A 92 5.55 -3.36 9.97
CA ALA A 92 6.49 -2.46 9.29
C ALA A 92 5.80 -1.44 8.37
N LEU A 93 4.76 -1.84 7.61
CA LEU A 93 4.03 -0.95 6.72
C LEU A 93 3.30 0.16 7.50
N LYS A 94 2.68 -0.18 8.64
CA LYS A 94 2.12 0.81 9.58
C LYS A 94 3.21 1.67 10.21
N LYS A 95 4.34 1.07 10.61
CA LYS A 95 5.45 1.79 11.27
C LYS A 95 6.14 2.82 10.35
N GLN A 96 6.08 2.63 9.03
CA GLN A 96 6.50 3.62 8.03
C GLN A 96 5.39 4.62 7.72
N LEU A 97 4.14 4.14 7.58
CA LEU A 97 2.97 4.90 7.18
C LEU A 97 1.72 4.50 8.00
N PRO A 98 1.56 5.05 9.22
CA PRO A 98 0.47 4.72 10.14
C PRO A 98 -0.73 5.67 9.93
N GLY A 99 -1.93 5.27 10.35
CA GLY A 99 -3.14 6.08 10.24
C GLY A 99 -4.11 5.93 11.40
N VAL A 100 -5.19 6.70 11.31
CA VAL A 100 -6.37 6.78 12.19
C VAL A 100 -6.09 7.25 13.62
N LYS A 101 -7.02 8.03 14.20
CA LYS A 101 -6.88 8.64 15.54
C LYS A 101 -6.88 7.58 16.65
N SER A 102 -7.78 6.60 16.55
CA SER A 102 -7.95 5.47 17.49
C SER A 102 -8.12 5.89 18.97
N GLU A 103 -8.65 7.09 19.20
CA GLU A 103 -8.85 7.71 20.53
C GLU A 103 -10.02 8.70 20.52
N GLY A 104 -9.99 9.70 19.62
CA GLY A 104 -11.12 10.59 19.35
C GLY A 104 -11.48 11.59 20.45
N LYS A 105 -10.58 11.82 21.42
CA LYS A 105 -10.84 12.60 22.66
C LYS A 105 -10.69 14.11 22.47
N ARG A 106 -10.25 14.56 21.28
CA ARG A 106 -10.18 15.98 20.91
C ARG A 106 -11.57 16.64 20.85
N LYS A 107 -12.61 15.84 20.56
CA LYS A 107 -14.04 16.21 20.63
C LYS A 107 -14.68 15.69 21.93
N GLY A 108 -15.82 16.27 22.32
CA GLY A 108 -16.53 15.93 23.56
C GLY A 108 -15.85 16.42 24.85
N ASP A 109 -14.89 17.34 24.75
CA ASP A 109 -14.13 17.96 25.85
C ASP A 109 -13.36 16.96 26.74
N GLU A 110 -12.95 15.81 26.19
CA GLU A 110 -12.12 14.83 26.92
C GLU A 110 -10.61 15.16 26.92
N VAL A 111 -10.18 16.09 26.07
CA VAL A 111 -8.80 16.64 26.02
C VAL A 111 -8.57 17.81 27.00
N ASP A 112 -9.62 18.28 27.68
CA ASP A 112 -9.61 19.41 28.62
C ASP A 112 -8.87 19.13 29.94
#